data_8T4A
#
_entry.id   8T4A
#
_cell.length_a   1.00
_cell.length_b   1.00
_cell.length_c   1.00
_cell.angle_alpha   90.00
_cell.angle_beta   90.00
_cell.angle_gamma   90.00
#
_symmetry.space_group_name_H-M   'P 1'
#
loop_
_entity.id
_entity.type
_entity.pdbx_description
1 polymer 'MD65 N332-GT5 SOSIP gp120'
2 polymer 'RM20A3 heavy chain Fv'
3 polymer 'RM20A3 light chain Fv'
4 polymer 'MD65 N332-GT5 SOSIP gp41'
5 polymer 'RM_N332_36 heavy chain Fv'
6 polymer 'RM_N332_36 light chain Fv'
7 branched alpha-D-mannopyranose-(1-3)-beta-D-mannopyranose-(1-4)-2-acetamido-2-deoxy-beta-D-glucopyranose-(1-4)-2-acetamido-2-deoxy-beta-D-glucopyranose
8 branched 2-acetamido-2-deoxy-beta-D-glucopyranose-(1-4)-2-acetamido-2-deoxy-beta-D-glucopyranose
9 non-polymer 2-acetamido-2-deoxy-beta-D-glucopyranose
#
loop_
_entity_poly.entity_id
_entity_poly.type
_entity_poly.pdbx_seq_one_letter_code
_entity_poly.pdbx_strand_id
1 'polypeptide(L)'
;AENLWVTVYYGVPVWKDAETTLFCASDAKAYETEKHNVWATHACVPTDPNPQEIHLENVTEEFNMWKNNMVEQMHEDIIS
LWDQSLKPCVKLTPLCVTLQCTNYAPKLRSMMRGEIKNCSFNMTTELRDKKQKVYSLFYRLDVVQINENQGNRSNNSNKE
YRLINCNTSAITQACPKVSFEPIPIHYCAPAGFAILKCKDKKFNGTGPCQNVSTVQCTHGIKPVVSTQLLLNGSLAEEEV
IIRSENITNNAKNILVQLNTSVQINCTRPSNNTVKSIRIGPGQAFYYFGDVLGHVRMAHCNISKATWNETLGKVVKQLRK
HFGNNTIIRFAQSSGGDLEVTTHSFNCGGEFFYCNTSGLFNSTWISNTSVQGSNSTGSNDSLILPCWIKQIINMWQRIGQ
AMYAPPIQGVIRCVSNITGLILTRDGGSTNSTTETFRPGGGDMRDNWRSELYKYKVVKIEPLGVAPTRCKRRTVGRRRRR
R
;
A,E,F
2 'polypeptide(L)'
;EVQLVETGGGLVQPGGSLKLSCRASGYTFSSFAMSWVRQAPGKGLEWVSLINDRGGLTFYVDSVKGRFTISRDNSKNTLS
LQMHSLRDGDTAVYYCATGGMSSALQSSKYYFDFWGQGALVTVSS
;
C,J,K
3 'polypeptide(L)'
;ALTQPPSVSGSPGQSVTISCTGTSSDIGSYNYVSWYQQHPGKAPKLMIYDVTQRPSGVSDRFSGSKSGNTASLTISGLQA
DDEADYYCSAYAGRQTFYIFGGGTRLTVLGQPKASPTVTLFPPSSEEL
;
D,M,N
4 'polypeptide(L)'
;AAGIGASSDGFLGAAGSTMGAASMTLTVQARNLLSGIVQQQSNLLRAPEPQQHLLKDTHWGIKQLQARVLAVEHYLRDQQ
LLGIWGCSGKLICCTNVPWNSSWSNRNLSEIWDNMTWLQWDKEISNYTQIIYGLLEESQNQQEKNEQDLLALD
;
B,G,I
5 'polypeptide(L)'
;QVTLKESGPALVKPTQTLTLTCTFSGFSLSTNYMGVDWIRQPPGKALEWLARIYWNDDKYYSTSLKSRLTISKDTSKNQV
VLTMSNMDPVDTATYYCARVKLSVWGVLQFFEWSDYGLDSWGQGVVVTVSS
;
H,O,P
6 'polypeptide(L)'
;SYVLTQPPSVSVSPGQTARITCGADNIGSQSVHWYQQKSPQAPVLVISADTERPSGIPERFSGSNSGNTATLTISGVEAG
DEADYYCQVWDSDSKYALFGGGTRLTVL
;
L,Q,R
#
# COMPACT_ATOMS: atom_id res chain seq x y z
N ASN A 3 34.94 -39.45 -1.74
CA ASN A 3 35.97 -38.66 -2.42
C ASN A 3 35.53 -37.22 -2.57
N LEU A 4 34.32 -37.00 -3.05
CA LEU A 4 33.79 -35.67 -3.31
C LEU A 4 32.83 -35.25 -2.20
N TRP A 5 32.76 -33.95 -1.96
CA TRP A 5 31.95 -33.37 -0.91
C TRP A 5 30.99 -32.33 -1.50
N VAL A 6 29.87 -32.11 -0.82
CA VAL A 6 28.91 -31.11 -1.27
C VAL A 6 29.46 -29.72 -1.00
N THR A 7 29.51 -28.87 -2.03
CA THR A 7 29.95 -27.49 -1.90
C THR A 7 28.83 -26.57 -2.35
N VAL A 8 28.54 -25.56 -1.54
CA VAL A 8 27.46 -24.61 -1.76
C VAL A 8 27.99 -23.40 -2.51
N TYR A 9 27.30 -23.01 -3.58
CA TYR A 9 27.62 -21.83 -4.37
C TYR A 9 26.41 -20.92 -4.39
N TYR A 10 26.65 -19.62 -4.19
CA TYR A 10 25.62 -18.59 -4.22
C TYR A 10 26.02 -17.56 -5.25
N GLY A 11 25.10 -17.24 -6.14
CA GLY A 11 25.34 -16.34 -7.25
C GLY A 11 25.41 -17.11 -8.55
N VAL A 12 24.83 -18.30 -8.60
CA VAL A 12 24.85 -19.18 -9.76
C VAL A 12 23.94 -18.64 -10.86
N PRO A 13 24.40 -18.53 -12.15
CA PRO A 13 23.56 -17.98 -13.23
C PRO A 13 22.51 -18.96 -13.74
N VAL A 14 21.54 -19.27 -12.87
CA VAL A 14 20.46 -20.21 -13.14
C VAL A 14 19.13 -19.52 -12.90
N TRP A 15 18.13 -19.85 -13.73
CA TRP A 15 16.82 -19.25 -13.61
C TRP A 15 15.71 -20.23 -13.95
N LYS A 16 14.49 -19.87 -13.53
CA LYS A 16 13.28 -20.61 -13.80
C LYS A 16 12.19 -19.68 -14.31
N ASP A 17 11.24 -20.25 -15.06
CA ASP A 17 10.11 -19.47 -15.55
C ASP A 17 9.37 -18.88 -14.36
N ALA A 18 8.95 -17.61 -14.47
CA ALA A 18 8.23 -16.98 -13.38
C ALA A 18 7.28 -15.91 -13.91
N GLU A 19 6.27 -15.61 -13.10
CA GLU A 19 5.29 -14.56 -13.36
C GLU A 19 5.35 -13.56 -12.21
N THR A 20 5.72 -12.32 -12.50
CA THR A 20 5.82 -11.30 -11.46
C THR A 20 5.29 -9.96 -11.96
N THR A 21 5.26 -8.99 -11.05
CA THR A 21 4.84 -7.63 -11.34
C THR A 21 5.99 -6.86 -11.97
N LEU A 22 5.71 -6.18 -13.08
CA LEU A 22 6.69 -5.38 -13.79
C LEU A 22 6.49 -3.88 -13.58
N PHE A 23 7.61 -3.17 -13.73
CA PHE A 23 7.79 -1.73 -13.64
C PHE A 23 7.74 -1.03 -14.99
N CYS A 24 7.31 0.22 -14.95
CA CYS A 24 7.29 1.06 -16.13
C CYS A 24 8.59 1.81 -16.27
N ALA A 25 8.86 2.23 -17.50
CA ALA A 25 9.91 3.18 -17.76
C ALA A 25 9.35 4.01 -18.91
N SER A 26 9.74 5.27 -18.97
CA SER A 26 9.27 6.16 -20.02
C SER A 26 10.33 7.21 -20.29
N ASP A 27 10.15 7.95 -21.38
CA ASP A 27 11.09 9.01 -21.72
C ASP A 27 10.96 10.15 -20.73
N HIS A 36 -1.93 17.26 -21.56
CA HIS A 36 -1.43 16.04 -20.95
C HIS A 36 -1.88 14.82 -21.75
N ASN A 37 -0.98 13.86 -21.93
CA ASN A 37 -1.30 12.64 -22.64
C ASN A 37 -2.01 11.62 -21.76
N VAL A 38 -3.01 10.94 -22.35
CA VAL A 38 -3.79 9.95 -21.62
C VAL A 38 -2.90 8.83 -21.10
N TRP A 39 -1.78 8.55 -21.78
CA TRP A 39 -0.88 7.48 -21.43
C TRP A 39 0.30 7.94 -20.57
N ALA A 40 0.37 9.21 -20.20
CA ALA A 40 1.49 9.74 -19.43
C ALA A 40 1.19 9.55 -17.95
N THR A 41 1.92 8.62 -17.34
CA THR A 41 1.75 8.24 -15.94
C THR A 41 2.73 9.02 -15.08
N HIS A 42 2.25 9.69 -14.05
CA HIS A 42 3.20 10.40 -13.20
C HIS A 42 3.98 9.42 -12.33
N ALA A 43 3.29 8.41 -11.79
CA ALA A 43 3.94 7.38 -10.97
C ALA A 43 4.51 6.29 -11.87
N CYS A 44 5.49 6.67 -12.67
CA CYS A 44 6.11 5.75 -13.62
C CYS A 44 7.51 6.32 -13.78
N VAL A 45 8.53 5.54 -13.41
CA VAL A 45 9.93 5.98 -13.36
C VAL A 45 10.49 6.35 -14.74
N PRO A 46 11.36 7.36 -14.86
CA PRO A 46 12.06 7.61 -16.13
C PRO A 46 12.91 6.41 -16.56
N THR A 47 13.05 6.23 -17.86
CA THR A 47 13.86 5.14 -18.40
C THR A 47 15.36 5.38 -18.25
N ASP A 48 16.11 4.30 -18.43
CA ASP A 48 17.55 4.33 -18.47
C ASP A 48 18.01 4.86 -19.83
N PRO A 49 18.70 6.00 -19.90
CA PRO A 49 19.15 6.50 -21.21
C PRO A 49 20.07 5.56 -21.98
N ASN A 50 20.73 4.62 -21.31
CA ASN A 50 21.66 3.69 -21.95
C ASN A 50 21.45 2.28 -21.41
N PRO A 51 20.32 1.64 -21.77
CA PRO A 51 19.99 0.36 -21.17
C PRO A 51 20.99 -0.70 -21.60
N GLN A 52 21.20 -1.67 -20.73
CA GLN A 52 22.15 -2.75 -21.01
C GLN A 52 21.48 -3.96 -21.61
N GLU A 53 22.22 -4.65 -22.47
CA GLU A 53 21.83 -5.90 -23.09
C GLU A 53 23.07 -6.77 -23.06
N ILE A 54 22.96 -7.97 -22.48
CA ILE A 54 24.09 -8.89 -22.37
C ILE A 54 23.76 -10.14 -23.16
N HIS A 55 24.49 -10.35 -24.25
CA HIS A 55 24.24 -11.51 -25.09
C HIS A 55 24.63 -12.76 -24.32
N LEU A 56 23.79 -13.79 -24.37
CA LEU A 56 24.08 -15.04 -23.70
C LEU A 56 24.58 -16.05 -24.73
N GLU A 57 25.87 -16.35 -24.68
CA GLU A 57 26.44 -17.29 -25.63
C GLU A 57 26.08 -18.71 -25.23
N ASN A 58 25.85 -19.57 -26.22
CA ASN A 58 25.58 -20.98 -25.98
C ASN A 58 24.40 -21.21 -25.04
N VAL A 59 23.35 -20.40 -25.17
CA VAL A 59 22.12 -20.52 -24.39
C VAL A 59 20.96 -20.67 -25.36
N THR A 60 20.14 -21.71 -25.17
CA THR A 60 18.98 -21.97 -26.01
C THR A 60 17.72 -22.04 -25.15
N GLU A 61 17.15 -20.87 -24.86
CA GLU A 61 15.97 -20.77 -24.00
C GLU A 61 14.72 -21.05 -24.83
N GLU A 62 13.79 -21.80 -24.25
CA GLU A 62 12.53 -22.08 -24.91
C GLU A 62 11.49 -21.02 -24.59
N PHE A 63 10.90 -20.43 -25.63
CA PHE A 63 9.92 -19.37 -25.53
C PHE A 63 8.55 -19.90 -25.95
N ASN A 64 7.50 -19.29 -25.42
CA ASN A 64 6.14 -19.62 -25.84
C ASN A 64 5.29 -18.35 -25.68
N MET A 65 5.07 -17.64 -26.79
CA MET A 65 4.38 -16.35 -26.74
C MET A 65 2.93 -16.46 -26.30
N TRP A 66 2.31 -17.64 -26.41
CA TRP A 66 0.90 -17.78 -26.08
C TRP A 66 0.64 -17.95 -24.59
N LYS A 67 1.70 -18.15 -23.79
CA LYS A 67 1.63 -18.33 -22.35
C LYS A 67 2.41 -17.23 -21.63
N ASN A 68 2.70 -16.14 -22.33
CA ASN A 68 3.53 -15.06 -21.80
C ASN A 68 2.69 -14.17 -20.91
N ASN A 69 2.95 -14.22 -19.61
CA ASN A 69 2.18 -13.46 -18.64
C ASN A 69 2.32 -11.96 -18.83
N MET A 70 3.33 -11.50 -19.57
CA MET A 70 3.52 -10.07 -19.79
C MET A 70 2.36 -9.45 -20.57
N VAL A 71 1.63 -10.24 -21.35
CA VAL A 71 0.54 -9.69 -22.13
C VAL A 71 -0.61 -9.32 -21.21
N GLU A 72 -0.94 -10.19 -20.25
CA GLU A 72 -2.01 -9.90 -19.32
C GLU A 72 -1.63 -8.71 -18.42
N GLN A 73 -0.37 -8.63 -18.03
CA GLN A 73 0.06 -7.51 -17.20
C GLN A 73 -0.05 -6.20 -17.96
N MET A 74 0.35 -6.21 -19.23
CA MET A 74 0.27 -4.99 -20.01
C MET A 74 -1.20 -4.62 -20.21
N HIS A 75 -2.05 -5.63 -20.43
CA HIS A 75 -3.47 -5.39 -20.64
C HIS A 75 -4.07 -4.70 -19.43
N GLU A 76 -3.82 -5.25 -18.24
CA GLU A 76 -4.38 -4.67 -17.02
C GLU A 76 -3.83 -3.27 -16.81
N ASP A 77 -2.55 -3.05 -17.09
CA ASP A 77 -1.99 -1.71 -16.90
C ASP A 77 -2.68 -0.71 -17.82
N ILE A 78 -2.97 -1.11 -19.06
CA ILE A 78 -3.65 -0.21 -20.00
C ILE A 78 -5.06 0.08 -19.52
N ILE A 79 -5.79 -0.92 -19.04
CA ILE A 79 -7.17 -0.67 -18.61
C ILE A 79 -7.18 0.24 -17.40
N SER A 80 -6.31 -0.04 -16.42
CA SER A 80 -6.27 0.76 -15.21
C SER A 80 -5.88 2.19 -15.52
N LEU A 81 -4.87 2.38 -16.37
CA LEU A 81 -4.44 3.73 -16.70
C LEU A 81 -5.53 4.49 -17.42
N TRP A 82 -6.21 3.83 -18.36
CA TRP A 82 -7.30 4.45 -19.09
C TRP A 82 -8.36 4.96 -18.13
N ASP A 83 -8.79 4.10 -17.19
CA ASP A 83 -9.84 4.51 -16.27
C ASP A 83 -9.36 5.59 -15.32
N GLN A 84 -8.11 5.52 -14.85
CA GLN A 84 -7.62 6.54 -13.93
C GLN A 84 -7.56 7.89 -14.62
N SER A 85 -7.16 7.89 -15.88
CA SER A 85 -7.03 9.12 -16.66
C SER A 85 -8.37 9.74 -17.00
N LEU A 86 -9.39 8.92 -17.28
CA LEU A 86 -10.69 9.46 -17.67
C LEU A 86 -11.70 9.55 -16.52
N LYS A 87 -11.36 9.06 -15.33
CA LYS A 87 -12.27 9.17 -14.20
C LYS A 87 -12.55 10.61 -13.79
N PRO A 88 -11.55 11.48 -13.53
CA PRO A 88 -11.85 12.83 -13.04
C PRO A 88 -12.25 13.82 -14.13
N CYS A 89 -13.36 13.55 -14.83
CA CYS A 89 -13.83 14.43 -15.90
C CYS A 89 -15.29 14.77 -15.68
N VAL A 90 -16.15 14.72 -16.71
CA VAL A 90 -17.54 15.15 -16.59
C VAL A 90 -18.48 14.00 -16.92
N LYS A 91 -19.39 13.70 -15.99
CA LYS A 91 -20.37 12.64 -16.18
C LYS A 91 -21.61 13.28 -16.79
N LEU A 92 -21.95 12.89 -18.02
CA LEU A 92 -23.03 13.55 -18.76
C LEU A 92 -24.37 12.88 -18.47
N THR A 93 -24.73 12.83 -17.18
CA THR A 93 -26.00 12.22 -16.81
C THR A 93 -27.20 13.04 -17.30
N PRO A 94 -27.17 14.38 -17.32
CA PRO A 94 -28.34 15.11 -17.84
C PRO A 94 -28.42 15.18 -19.35
N LEU A 95 -27.53 14.50 -20.07
CA LEU A 95 -27.59 14.41 -21.52
C LEU A 95 -28.49 13.30 -22.01
N CYS A 96 -28.80 12.32 -21.15
CA CYS A 96 -29.64 11.20 -21.56
C CYS A 96 -31.09 11.65 -21.45
N VAL A 97 -31.49 12.41 -22.48
CA VAL A 97 -32.79 13.05 -22.57
C VAL A 97 -33.37 12.73 -23.94
N THR A 98 -34.65 13.04 -24.12
CA THR A 98 -35.26 12.87 -25.42
C THR A 98 -34.74 13.98 -26.33
N LEU A 99 -34.38 13.62 -27.56
CA LEU A 99 -33.91 14.58 -28.55
C LEU A 99 -34.85 14.61 -29.73
N GLN A 100 -35.03 15.79 -30.31
CA GLN A 100 -35.83 15.97 -31.52
C GLN A 100 -34.85 16.23 -32.66
N CYS A 101 -34.81 15.34 -33.65
CA CYS A 101 -33.77 15.39 -34.67
C CYS A 101 -34.33 15.37 -36.07
N THR A 102 -33.64 16.12 -36.94
CA THR A 102 -33.85 16.16 -38.39
C THR A 102 -32.50 15.96 -39.05
N ASN A 103 -32.48 15.73 -40.36
CA ASN A 103 -31.20 15.52 -41.03
C ASN A 103 -30.45 16.85 -41.15
N TYR A 104 -29.14 16.80 -40.93
CA TYR A 104 -28.32 18.01 -41.02
C TYR A 104 -28.34 18.65 -42.41
N ALA A 105 -28.19 17.86 -43.46
CA ALA A 105 -28.29 18.38 -44.83
C ALA A 105 -29.29 17.60 -45.67
N PRO A 106 -30.52 18.11 -45.83
CA PRO A 106 -31.46 17.41 -46.73
C PRO A 106 -31.00 17.38 -48.17
N LYS A 107 -30.39 18.47 -48.63
CA LYS A 107 -29.97 18.58 -50.04
C LYS A 107 -28.95 17.53 -50.43
N LEU A 108 -28.01 17.23 -49.52
CA LEU A 108 -26.87 16.40 -49.90
C LEU A 108 -27.29 15.01 -50.38
N ARG A 109 -26.72 14.61 -51.52
CA ARG A 109 -26.96 13.28 -52.10
C ARG A 109 -25.73 12.39 -52.01
N SER A 110 -24.70 12.83 -51.29
CA SER A 110 -23.46 12.10 -51.18
C SER A 110 -23.68 10.89 -50.28
N MET A 111 -22.65 10.04 -50.18
CA MET A 111 -22.78 8.84 -49.37
C MET A 111 -23.09 9.23 -47.92
N MET A 112 -22.56 10.37 -47.46
CA MET A 112 -22.89 10.88 -46.13
C MET A 112 -24.22 11.61 -46.18
N ARG A 113 -25.30 10.83 -46.35
CA ARG A 113 -26.66 11.36 -46.31
C ARG A 113 -27.34 10.76 -45.09
N GLY A 114 -27.77 11.62 -44.17
CA GLY A 114 -28.46 11.16 -42.99
C GLY A 114 -27.54 10.66 -41.89
N GLU A 115 -26.23 10.61 -42.13
CA GLU A 115 -25.29 10.24 -41.08
C GLU A 115 -25.22 11.30 -39.99
N ILE A 116 -25.23 12.58 -40.35
CA ILE A 116 -25.21 13.67 -39.37
C ILE A 116 -26.64 14.19 -39.20
N LYS A 117 -27.11 14.21 -37.96
CA LYS A 117 -28.44 14.68 -37.61
C LYS A 117 -28.33 15.91 -36.71
N ASN A 118 -29.23 16.86 -36.94
CA ASN A 118 -29.35 18.10 -36.18
C ASN A 118 -30.42 17.90 -35.13
N CYS A 119 -29.98 17.74 -33.87
CA CYS A 119 -30.84 17.39 -32.75
C CYS A 119 -30.96 18.56 -31.78
N SER A 120 -32.16 18.69 -31.21
CA SER A 120 -32.47 19.70 -30.21
C SER A 120 -32.90 19.03 -28.91
N PHE A 121 -32.41 19.55 -27.79
CA PHE A 121 -32.73 19.01 -26.48
C PHE A 121 -32.62 20.11 -25.42
N ASN A 122 -33.20 19.87 -24.23
CA ASN A 122 -33.22 20.89 -23.18
C ASN A 122 -31.96 20.92 -22.31
N MET A 123 -31.34 19.79 -22.06
CA MET A 123 -30.16 19.60 -21.23
C MET A 123 -30.37 20.36 -19.89
N THR A 124 -29.32 20.86 -19.22
CA THR A 124 -29.42 21.60 -17.95
C THR A 124 -28.55 22.86 -18.00
N THR A 125 -28.67 23.68 -16.95
CA THR A 125 -27.91 24.91 -16.81
C THR A 125 -27.23 24.88 -15.46
N GLU A 126 -26.42 25.92 -15.15
CA GLU A 126 -25.72 25.96 -13.88
C GLU A 126 -26.69 25.91 -12.72
N LEU A 127 -27.79 26.64 -12.80
CA LEU A 127 -28.76 26.67 -11.73
C LEU A 127 -29.76 25.54 -11.93
N ARG A 128 -30.13 24.89 -10.82
CA ARG A 128 -31.09 23.81 -10.87
C ARG A 128 -32.41 24.26 -11.49
N ASP A 129 -32.82 25.50 -11.20
CA ASP A 129 -34.15 25.97 -11.57
C ASP A 129 -34.30 26.41 -13.02
N LYS A 130 -33.23 26.44 -13.81
CA LYS A 130 -33.33 26.90 -15.20
C LYS A 130 -32.98 25.80 -16.17
N LYS A 131 -33.52 25.96 -17.38
CA LYS A 131 -33.30 25.10 -18.53
C LYS A 131 -32.99 25.98 -19.73
N GLN A 132 -32.34 25.40 -20.72
CA GLN A 132 -31.99 26.09 -21.95
C GLN A 132 -32.35 25.17 -23.11
N LYS A 133 -32.18 25.66 -24.33
CA LYS A 133 -32.39 24.85 -25.53
C LYS A 133 -31.06 24.76 -26.24
N VAL A 134 -30.62 23.52 -26.48
CA VAL A 134 -29.33 23.24 -27.07
C VAL A 134 -29.56 22.55 -28.41
N TYR A 135 -28.89 23.04 -29.44
CA TYR A 135 -28.89 22.43 -30.77
C TYR A 135 -27.49 21.89 -30.98
N SER A 136 -27.38 20.66 -31.45
CA SER A 136 -26.08 20.08 -31.71
C SER A 136 -26.22 19.03 -32.79
N LEU A 137 -25.10 18.67 -33.39
CA LEU A 137 -25.08 17.63 -34.40
C LEU A 137 -24.55 16.34 -33.79
N PHE A 138 -25.17 15.23 -34.17
CA PHE A 138 -24.75 13.90 -33.76
C PHE A 138 -24.63 13.02 -34.98
N TYR A 139 -23.77 12.00 -34.89
CA TYR A 139 -23.66 11.05 -35.97
C TYR A 139 -24.75 10.00 -35.79
N ARG A 140 -25.22 9.45 -36.92
CA ARG A 140 -26.27 8.43 -36.87
C ARG A 140 -25.89 7.27 -35.96
N LEU A 141 -24.61 6.90 -35.93
CA LEU A 141 -24.19 5.75 -35.15
C LEU A 141 -24.39 5.96 -33.65
N ASP A 142 -24.49 7.21 -33.18
CA ASP A 142 -24.66 7.49 -31.76
C ASP A 142 -26.11 7.68 -31.34
N VAL A 143 -27.04 7.76 -32.28
CA VAL A 143 -28.42 8.14 -32.01
C VAL A 143 -29.34 7.03 -32.49
N VAL A 144 -30.24 6.57 -31.60
CA VAL A 144 -31.17 5.49 -31.90
C VAL A 144 -32.60 6.00 -31.75
N GLN A 145 -33.44 5.68 -32.74
CA GLN A 145 -34.83 6.14 -32.79
C GLN A 145 -35.67 5.51 -31.69
N ILE A 146 -36.55 6.31 -31.10
CA ILE A 146 -37.46 5.84 -30.04
C ILE A 146 -38.76 5.31 -30.63
N ASN A 147 -39.39 6.08 -31.53
CA ASN A 147 -40.68 5.70 -32.11
C ASN A 147 -41.73 5.50 -31.02
N ASN A 158 -39.02 15.70 -38.17
CA ASN A 158 -38.66 15.77 -36.76
C ASN A 158 -39.08 14.51 -36.03
N LYS A 159 -38.13 13.65 -35.68
CA LYS A 159 -38.44 12.42 -34.95
C LYS A 159 -37.72 12.42 -33.62
N GLU A 160 -38.26 11.65 -32.66
CA GLU A 160 -37.63 11.53 -31.35
C GLU A 160 -36.59 10.43 -31.33
N TYR A 161 -35.44 10.76 -30.75
CA TYR A 161 -34.30 9.87 -30.63
C TYR A 161 -33.72 9.93 -29.22
N ARG A 162 -32.95 8.92 -28.87
CA ARG A 162 -32.17 8.88 -27.64
C ARG A 162 -30.74 8.48 -27.99
N LEU A 163 -29.80 8.75 -27.10
CA LEU A 163 -28.44 8.31 -27.35
C LEU A 163 -28.36 6.82 -27.10
N ILE A 164 -27.47 6.16 -27.85
CA ILE A 164 -27.34 4.71 -27.76
C ILE A 164 -26.96 4.26 -26.34
N ASN A 165 -26.19 5.06 -25.61
CA ASN A 165 -25.79 4.65 -24.27
C ASN A 165 -26.90 4.70 -23.24
N CYS A 166 -28.04 5.32 -23.55
CA CYS A 166 -29.12 5.42 -22.55
C CYS A 166 -29.71 4.07 -22.19
N ASN A 167 -29.53 3.07 -23.04
CA ASN A 167 -30.06 1.74 -22.83
C ASN A 167 -29.01 0.80 -22.24
N THR A 168 -27.81 1.31 -21.91
CA THR A 168 -26.76 0.50 -21.32
C THR A 168 -26.22 1.13 -20.04
N SER A 169 -25.69 2.36 -20.10
CA SER A 169 -25.08 2.95 -18.91
C SER A 169 -24.91 4.45 -19.09
N ALA A 170 -24.64 5.12 -17.96
CA ALA A 170 -24.29 6.53 -18.00
C ALA A 170 -22.95 6.69 -18.70
N ILE A 171 -22.79 7.81 -19.40
CA ILE A 171 -21.60 8.10 -20.20
C ILE A 171 -20.80 9.22 -19.58
N THR A 172 -19.47 9.04 -19.53
CA THR A 172 -18.54 10.01 -18.99
C THR A 172 -17.83 10.72 -20.14
N GLN A 173 -17.78 12.05 -20.07
CA GLN A 173 -17.09 12.84 -21.09
C GLN A 173 -15.60 12.87 -20.82
N ALA A 174 -14.80 12.57 -21.84
CA ALA A 174 -13.36 12.65 -21.70
C ALA A 174 -12.95 14.10 -21.57
N CYS A 175 -11.93 14.37 -20.78
CA CYS A 175 -11.46 15.74 -20.62
C CYS A 175 -10.83 16.22 -21.93
N PRO A 176 -11.26 17.37 -22.49
CA PRO A 176 -10.67 17.83 -23.76
C PRO A 176 -9.17 18.05 -23.74
N LYS A 177 -8.58 18.25 -22.57
CA LYS A 177 -7.14 18.49 -22.46
C LYS A 177 -6.33 17.21 -22.61
N VAL A 178 -6.97 16.05 -22.57
CA VAL A 178 -6.27 14.77 -22.58
C VAL A 178 -6.09 14.32 -24.03
N SER A 179 -4.84 14.06 -24.40
CA SER A 179 -4.44 13.56 -25.71
C SER A 179 -4.42 12.05 -25.68
N PHE A 180 -4.77 11.44 -26.82
CA PHE A 180 -4.78 9.98 -26.95
C PHE A 180 -3.60 9.44 -27.75
N GLU A 181 -2.63 10.26 -28.10
CA GLU A 181 -1.50 9.81 -28.90
C GLU A 181 -0.68 8.78 -28.14
N PRO A 182 -0.45 7.57 -28.68
CA PRO A 182 0.35 6.57 -27.95
C PRO A 182 1.75 7.05 -27.60
N ILE A 183 2.18 6.70 -26.38
CA ILE A 183 3.52 6.98 -25.89
C ILE A 183 4.18 5.64 -25.62
N PRO A 184 5.38 5.37 -26.15
CA PRO A 184 6.00 4.06 -25.89
C PRO A 184 6.25 3.85 -24.40
N ILE A 185 5.89 2.65 -23.94
CA ILE A 185 6.05 2.25 -22.55
C ILE A 185 7.08 1.13 -22.53
N HIS A 186 8.08 1.25 -21.67
CA HIS A 186 9.13 0.25 -21.52
C HIS A 186 8.81 -0.55 -20.26
N TYR A 187 8.87 -1.87 -20.34
CA TYR A 187 8.68 -2.69 -19.14
C TYR A 187 10.01 -3.16 -18.60
N CYS A 188 10.16 -3.07 -17.27
CA CYS A 188 11.39 -3.38 -16.57
C CYS A 188 11.12 -4.40 -15.47
N ALA A 189 12.05 -5.35 -15.35
CA ALA A 189 11.96 -6.38 -14.33
C ALA A 189 12.26 -5.82 -12.94
N PRO A 190 11.61 -6.33 -11.89
CA PRO A 190 12.03 -6.00 -10.53
C PRO A 190 13.31 -6.76 -10.23
N ALA A 191 14.05 -6.26 -9.23
CA ALA A 191 15.29 -6.96 -8.86
C ALA A 191 14.97 -8.39 -8.47
N GLY A 192 15.85 -9.30 -8.90
CA GLY A 192 15.70 -10.72 -8.67
C GLY A 192 15.17 -11.44 -9.90
N PHE A 193 14.71 -10.70 -10.91
CA PHE A 193 14.16 -11.20 -12.16
C PHE A 193 14.94 -10.58 -13.32
N ALA A 194 14.82 -11.21 -14.49
CA ALA A 194 15.48 -10.73 -15.70
C ALA A 194 14.55 -10.98 -16.88
N ILE A 195 14.71 -10.20 -17.96
CA ILE A 195 13.92 -10.39 -19.17
C ILE A 195 14.84 -10.93 -20.25
N LEU A 196 14.44 -12.04 -20.86
CA LEU A 196 15.21 -12.66 -21.94
C LEU A 196 14.53 -12.29 -23.26
N LYS A 197 15.33 -11.82 -24.21
CA LYS A 197 14.89 -11.42 -25.52
C LYS A 197 15.37 -12.45 -26.53
N CYS A 198 14.42 -12.96 -27.34
CA CYS A 198 14.71 -14.03 -28.29
C CYS A 198 15.82 -13.66 -29.27
N LYS A 199 15.64 -12.58 -30.02
CA LYS A 199 16.58 -12.09 -31.03
C LYS A 199 16.84 -13.09 -32.16
N ASP A 200 16.05 -14.17 -32.25
CA ASP A 200 16.26 -15.19 -33.26
C ASP A 200 15.42 -14.86 -34.49
N LYS A 201 16.08 -14.50 -35.58
CA LYS A 201 15.39 -14.06 -36.79
C LYS A 201 14.43 -15.15 -37.26
N LYS A 202 13.23 -14.75 -37.65
CA LYS A 202 12.19 -15.65 -38.15
C LYS A 202 11.63 -16.55 -37.05
N PHE A 203 11.80 -16.18 -35.79
CA PHE A 203 11.18 -16.92 -34.70
C PHE A 203 9.66 -16.82 -34.82
N ASN A 204 8.98 -17.97 -34.75
CA ASN A 204 7.55 -18.04 -34.99
C ASN A 204 6.71 -18.00 -33.70
N GLY A 205 7.30 -17.62 -32.56
CA GLY A 205 6.56 -17.47 -31.33
C GLY A 205 6.65 -18.62 -30.34
N THR A 206 7.07 -19.80 -30.78
CA THR A 206 7.22 -20.93 -29.88
C THR A 206 8.52 -21.64 -30.18
N GLY A 207 9.05 -22.34 -29.17
CA GLY A 207 10.22 -23.16 -29.36
C GLY A 207 11.50 -22.45 -28.94
N PRO A 208 12.62 -23.12 -29.09
CA PRO A 208 13.90 -22.54 -28.67
C PRO A 208 14.35 -21.38 -29.54
N CYS A 209 15.00 -20.41 -28.90
CA CYS A 209 15.67 -19.31 -29.57
C CYS A 209 17.16 -19.52 -29.41
N GLN A 210 17.92 -19.36 -30.50
CA GLN A 210 19.35 -19.60 -30.48
C GLN A 210 20.19 -18.36 -30.22
N ASN A 211 19.59 -17.16 -30.16
CA ASN A 211 20.33 -15.91 -30.03
C ASN A 211 19.86 -15.13 -28.80
N VAL A 212 19.46 -15.85 -27.75
CA VAL A 212 18.86 -15.26 -26.55
C VAL A 212 19.81 -14.30 -25.85
N SER A 213 19.30 -13.14 -25.47
CA SER A 213 20.06 -12.11 -24.77
C SER A 213 19.29 -11.65 -23.54
N THR A 214 19.99 -11.26 -22.48
CA THR A 214 19.35 -10.77 -21.26
C THR A 214 19.30 -9.26 -21.21
N VAL A 215 18.12 -8.71 -20.91
CA VAL A 215 17.92 -7.28 -20.77
C VAL A 215 17.24 -6.96 -19.45
N GLN A 216 17.53 -5.76 -18.96
CA GLN A 216 16.83 -5.22 -17.79
C GLN A 216 15.43 -4.77 -18.14
N CYS A 217 15.26 -4.19 -19.33
CA CYS A 217 13.98 -3.64 -19.77
C CYS A 217 13.77 -3.95 -21.23
N THR A 218 12.51 -3.90 -21.65
CA THR A 218 12.14 -4.08 -23.04
C THR A 218 12.31 -2.76 -23.80
N HIS A 219 12.21 -2.83 -25.12
CA HIS A 219 12.21 -1.62 -25.91
C HIS A 219 10.86 -0.95 -25.71
N GLY A 220 10.68 0.25 -26.23
CA GLY A 220 9.40 0.89 -26.03
C GLY A 220 8.37 0.24 -26.92
N ILE A 221 7.18 0.04 -26.37
CA ILE A 221 6.03 -0.50 -27.09
C ILE A 221 4.96 0.58 -27.06
N LYS A 222 4.49 0.97 -28.22
CA LYS A 222 3.45 1.99 -28.25
C LYS A 222 2.10 1.32 -27.98
N PRO A 223 1.30 1.83 -27.03
CA PRO A 223 -0.01 1.21 -26.81
C PRO A 223 -1.02 1.63 -27.88
N VAL A 224 -0.77 1.18 -29.09
CA VAL A 224 -1.63 1.52 -30.22
C VAL A 224 -2.84 0.59 -30.15
N VAL A 225 -4.02 1.18 -30.23
CA VAL A 225 -5.27 0.43 -30.17
C VAL A 225 -5.85 0.39 -31.57
N SER A 226 -5.98 -0.82 -32.10
CA SER A 226 -6.54 -1.02 -33.43
C SER A 226 -7.04 -2.45 -33.52
N THR A 227 -7.66 -2.78 -34.65
CA THR A 227 -8.13 -4.13 -34.91
C THR A 227 -7.95 -4.44 -36.39
N GLN A 228 -7.80 -5.72 -36.69
CA GLN A 228 -7.69 -6.26 -38.05
C GLN A 228 -6.35 -5.92 -38.70
N LEU A 229 -6.02 -4.63 -38.77
CA LEU A 229 -4.73 -4.14 -39.25
C LEU A 229 -3.99 -3.53 -38.07
N LEU A 230 -2.78 -4.00 -37.80
CA LEU A 230 -2.00 -3.51 -36.68
C LEU A 230 -1.11 -2.38 -37.18
N LEU A 231 -1.27 -1.20 -36.59
CA LEU A 231 -0.58 0.00 -37.02
C LEU A 231 0.60 0.35 -36.12
N ASN A 232 1.60 0.99 -36.73
CA ASN A 232 2.76 1.56 -36.03
C ASN A 232 3.45 0.53 -35.13
N GLY A 233 3.55 -0.71 -35.61
CA GLY A 233 4.22 -1.78 -34.90
C GLY A 233 5.60 -2.08 -35.44
N SER A 234 6.11 -3.26 -35.05
CA SER A 234 7.42 -3.70 -35.50
C SER A 234 7.29 -4.49 -36.79
N LEU A 235 8.34 -4.49 -37.59
CA LEU A 235 8.40 -5.28 -38.82
C LEU A 235 9.22 -6.56 -38.64
N ALA A 236 8.88 -7.57 -39.46
CA ALA A 236 9.60 -8.83 -39.47
C ALA A 236 11.03 -8.62 -39.95
N GLU A 237 11.94 -9.44 -39.45
CA GLU A 237 13.36 -9.23 -39.75
C GLU A 237 13.68 -9.51 -41.22
N GLU A 238 13.15 -10.59 -41.80
CA GLU A 238 13.50 -10.96 -43.17
C GLU A 238 12.31 -11.25 -44.09
N GLU A 239 11.24 -11.82 -43.54
CA GLU A 239 10.09 -12.24 -44.34
C GLU A 239 8.87 -12.20 -43.47
N VAL A 240 7.69 -12.23 -44.10
CA VAL A 240 6.44 -12.22 -43.34
C VAL A 240 6.42 -13.44 -42.45
N ILE A 241 6.10 -13.24 -41.16
CA ILE A 241 6.06 -14.32 -40.18
C ILE A 241 4.61 -14.53 -39.76
N ILE A 242 4.12 -15.76 -39.91
CA ILE A 242 2.76 -16.11 -39.55
C ILE A 242 2.81 -16.91 -38.24
N ARG A 243 2.17 -16.39 -37.20
CA ARG A 243 2.21 -16.98 -35.87
C ARG A 243 0.79 -17.34 -35.44
N SER A 244 0.63 -18.54 -34.88
CA SER A 244 -0.67 -18.96 -34.37
C SER A 244 -0.46 -19.96 -33.25
N GLU A 245 -1.38 -19.95 -32.28
CA GLU A 245 -1.35 -20.96 -31.24
C GLU A 245 -1.55 -22.35 -31.82
N ASN A 246 -2.42 -22.46 -32.82
CA ASN A 246 -2.72 -23.75 -33.45
C ASN A 246 -3.27 -23.44 -34.84
N ILE A 247 -2.51 -23.79 -35.88
CA ILE A 247 -2.94 -23.54 -37.25
C ILE A 247 -4.18 -24.36 -37.57
N THR A 248 -4.20 -25.63 -37.14
CA THR A 248 -5.31 -26.52 -37.45
C THR A 248 -6.61 -26.02 -36.84
N ASN A 249 -6.58 -25.50 -35.61
CA ASN A 249 -7.79 -25.09 -34.90
C ASN A 249 -8.27 -23.75 -35.44
N ASN A 250 -9.44 -23.76 -36.10
CA ASN A 250 -9.99 -22.58 -36.73
C ASN A 250 -10.47 -21.52 -35.73
N ALA A 251 -10.54 -21.85 -34.43
CA ALA A 251 -10.96 -20.91 -33.42
C ALA A 251 -9.88 -19.94 -32.98
N LYS A 252 -8.63 -20.17 -33.38
CA LYS A 252 -7.52 -19.32 -32.98
C LYS A 252 -7.28 -18.25 -34.03
N ASN A 253 -6.78 -17.10 -33.57
CA ASN A 253 -6.45 -16.03 -34.50
C ASN A 253 -5.03 -16.24 -35.01
N ILE A 254 -4.78 -15.77 -36.22
CA ILE A 254 -3.47 -15.83 -36.86
C ILE A 254 -2.92 -14.41 -36.89
N LEU A 255 -1.73 -14.23 -36.34
CA LEU A 255 -1.07 -12.93 -36.31
C LEU A 255 0.00 -12.94 -37.39
N VAL A 256 -0.12 -12.06 -38.37
CA VAL A 256 0.82 -12.01 -39.49
C VAL A 256 1.64 -10.75 -39.32
N GLN A 257 2.96 -10.91 -39.17
CA GLN A 257 3.87 -9.79 -39.01
C GLN A 257 4.54 -9.54 -40.36
N LEU A 258 4.37 -8.33 -40.89
CA LEU A 258 4.91 -8.01 -42.20
C LEU A 258 6.37 -7.62 -42.07
N ASN A 259 7.15 -7.87 -43.12
CA ASN A 259 8.54 -7.45 -43.13
C ASN A 259 8.70 -6.04 -43.69
N THR A 260 7.69 -5.54 -44.41
CA THR A 260 7.68 -4.19 -44.93
C THR A 260 6.35 -3.57 -44.50
N SER A 261 6.36 -2.25 -44.28
CA SER A 261 5.14 -1.56 -43.89
C SER A 261 4.36 -1.13 -45.12
N VAL A 262 3.06 -0.93 -44.92
CA VAL A 262 2.17 -0.38 -45.95
C VAL A 262 1.65 0.95 -45.42
N GLN A 263 1.86 2.03 -46.15
CA GLN A 263 1.44 3.34 -45.65
C GLN A 263 -0.03 3.55 -45.92
N ILE A 264 -0.78 3.94 -44.88
CA ILE A 264 -2.23 4.17 -44.95
C ILE A 264 -2.52 5.60 -44.54
N ASN A 265 -3.28 6.34 -45.36
CA ASN A 265 -3.56 7.75 -45.10
C ASN A 265 -5.06 8.00 -44.91
N CYS A 266 -5.50 8.27 -43.68
CA CYS A 266 -6.89 8.69 -43.42
C CYS A 266 -7.04 10.18 -43.21
N THR A 267 -8.13 10.70 -43.77
CA THR A 267 -8.53 12.10 -43.65
C THR A 267 -9.99 12.18 -43.24
N ARG A 268 -10.28 13.28 -42.51
CA ARG A 268 -11.63 13.69 -42.11
C ARG A 268 -11.79 15.10 -42.70
N PRO A 269 -12.07 15.22 -44.00
CA PRO A 269 -11.98 16.50 -44.69
C PRO A 269 -13.18 17.44 -44.50
N SER A 270 -13.51 17.71 -43.24
CA SER A 270 -14.60 18.62 -42.89
C SER A 270 -14.11 19.57 -41.81
N ASN A 271 -14.28 20.86 -42.04
CA ASN A 271 -13.81 21.90 -41.12
C ASN A 271 -14.90 22.05 -40.06
N ASN A 272 -14.93 21.08 -39.17
CA ASN A 272 -15.95 20.99 -38.14
C ASN A 272 -15.72 21.95 -36.99
N THR A 273 -16.76 22.72 -36.63
CA THR A 273 -16.73 23.65 -35.52
C THR A 273 -17.11 22.93 -34.24
N VAL A 274 -16.50 23.34 -33.12
CA VAL A 274 -16.79 22.81 -31.80
C VAL A 274 -17.32 23.92 -30.91
N LYS A 275 -18.46 23.67 -30.27
CA LYS A 275 -19.12 24.62 -29.37
C LYS A 275 -19.20 23.98 -28.00
N SER A 276 -19.39 24.80 -26.96
CA SER A 276 -19.56 24.24 -25.62
C SER A 276 -20.54 25.06 -24.80
N ILE A 277 -21.16 24.38 -23.83
CA ILE A 277 -22.07 24.96 -22.87
C ILE A 277 -21.70 24.46 -21.48
N ARG A 278 -22.14 25.19 -20.45
CA ARG A 278 -21.99 24.69 -19.08
C ARG A 278 -23.24 23.89 -18.77
N ILE A 279 -23.07 22.81 -18.01
CA ILE A 279 -24.18 21.94 -17.62
C ILE A 279 -24.41 21.90 -16.12
N GLY A 280 -23.49 22.43 -15.33
CA GLY A 280 -23.63 22.48 -13.90
C GLY A 280 -22.43 23.21 -13.35
N PRO A 281 -22.40 23.49 -12.04
CA PRO A 281 -21.22 24.17 -11.49
C PRO A 281 -20.00 23.29 -11.69
N GLY A 282 -19.00 23.85 -12.37
CA GLY A 282 -17.77 23.10 -12.58
C GLY A 282 -17.84 22.05 -13.67
N GLN A 283 -18.91 22.00 -14.45
CA GLN A 283 -19.10 21.00 -15.49
C GLN A 283 -19.52 21.68 -16.78
N ALA A 284 -18.96 21.19 -17.89
CA ALA A 284 -19.31 21.72 -19.20
C ALA A 284 -19.31 20.59 -20.21
N PHE A 285 -20.18 20.75 -21.20
CA PHE A 285 -20.38 19.79 -22.27
C PHE A 285 -19.92 20.42 -23.57
N TYR A 286 -19.11 19.67 -24.32
CA TYR A 286 -18.58 20.08 -25.61
C TYR A 286 -19.33 19.29 -26.66
N TYR A 287 -19.69 19.96 -27.76
CA TYR A 287 -20.43 19.26 -28.79
C TYR A 287 -20.10 19.79 -30.18
N PHE A 288 -20.43 18.93 -31.13
CA PHE A 288 -20.21 19.16 -32.54
C PHE A 288 -21.17 20.23 -33.05
N GLY A 289 -20.61 21.32 -33.56
CA GLY A 289 -21.33 22.48 -34.05
C GLY A 289 -21.43 22.51 -35.56
N ASP A 290 -21.44 23.71 -36.11
CA ASP A 290 -21.63 23.90 -37.55
C ASP A 290 -20.52 23.20 -38.32
N VAL A 291 -20.87 22.68 -39.49
CA VAL A 291 -19.92 22.11 -40.44
C VAL A 291 -19.71 23.14 -41.53
N LEU A 292 -18.48 23.63 -41.68
CA LEU A 292 -18.22 24.65 -42.67
C LEU A 292 -17.83 23.97 -43.97
N GLY A 293 -18.18 24.59 -45.09
CA GLY A 293 -17.87 23.99 -46.37
C GLY A 293 -18.84 22.84 -46.62
N HIS A 294 -18.41 21.89 -47.44
CA HIS A 294 -19.26 20.76 -47.78
C HIS A 294 -19.07 19.66 -46.74
N VAL A 295 -20.11 18.85 -46.55
CA VAL A 295 -20.02 17.68 -45.70
C VAL A 295 -19.35 16.58 -46.51
N ARG A 296 -18.27 16.00 -45.98
CA ARG A 296 -17.53 14.96 -46.69
C ARG A 296 -17.31 13.73 -45.83
N MET A 297 -17.16 12.61 -46.52
CA MET A 297 -16.97 11.30 -45.90
C MET A 297 -15.51 11.09 -45.51
N ALA A 298 -15.30 10.61 -44.29
CA ALA A 298 -13.95 10.30 -43.83
C ALA A 298 -13.49 9.04 -44.56
N HIS A 299 -12.19 8.96 -44.85
CA HIS A 299 -11.73 7.76 -45.56
C HIS A 299 -10.21 7.60 -45.50
N CYS A 300 -9.76 6.37 -45.78
CA CYS A 300 -8.34 6.04 -45.97
C CYS A 300 -7.98 5.68 -47.41
N ASN A 301 -6.80 6.14 -47.82
CA ASN A 301 -6.21 5.82 -49.12
C ASN A 301 -5.03 4.88 -48.87
N ILE A 302 -5.07 3.71 -49.51
CA ILE A 302 -4.01 2.69 -49.46
C ILE A 302 -3.59 2.40 -50.89
N SER A 303 -2.28 2.47 -51.17
CA SER A 303 -1.83 2.20 -52.54
C SER A 303 -2.17 0.77 -52.94
N LYS A 304 -2.70 0.61 -54.16
CA LYS A 304 -3.10 -0.73 -54.61
C LYS A 304 -1.92 -1.67 -54.84
N ALA A 305 -0.83 -1.18 -55.45
CA ALA A 305 0.28 -2.07 -55.77
C ALA A 305 0.97 -2.59 -54.52
N THR A 306 1.14 -1.71 -53.52
CA THR A 306 1.85 -2.11 -52.31
C THR A 306 1.02 -3.16 -51.57
N TRP A 307 -0.28 -2.92 -51.45
CA TRP A 307 -1.16 -3.87 -50.78
C TRP A 307 -1.16 -5.20 -51.52
N ASN A 308 -1.25 -5.18 -52.84
CA ASN A 308 -1.30 -6.42 -53.61
C ASN A 308 -0.02 -7.23 -53.42
N GLU A 309 1.14 -6.58 -53.38
CA GLU A 309 2.39 -7.29 -53.14
C GLU A 309 2.45 -7.85 -51.73
N THR A 310 1.99 -7.06 -50.75
CA THR A 310 2.01 -7.50 -49.37
C THR A 310 1.11 -8.71 -49.18
N LEU A 311 -0.07 -8.66 -49.79
CA LEU A 311 -1.00 -9.76 -49.64
C LEU A 311 -0.45 -11.00 -50.32
N GLY A 312 0.20 -10.83 -51.47
CA GLY A 312 0.79 -11.98 -52.13
C GLY A 312 1.84 -12.66 -51.26
N LYS A 313 2.64 -11.85 -50.55
CA LYS A 313 3.63 -12.43 -49.65
C LYS A 313 2.95 -13.21 -48.53
N VAL A 314 1.84 -12.68 -48.04
CA VAL A 314 1.09 -13.37 -46.97
C VAL A 314 0.58 -14.70 -47.51
N VAL A 315 0.08 -14.69 -48.74
CA VAL A 315 -0.44 -15.93 -49.34
C VAL A 315 0.66 -16.96 -49.44
N LYS A 316 1.85 -16.57 -49.89
CA LYS A 316 2.95 -17.53 -50.00
C LYS A 316 3.27 -18.15 -48.65
N GLN A 317 3.31 -17.33 -47.60
CA GLN A 317 3.63 -17.89 -46.30
C GLN A 317 2.50 -18.78 -45.79
N LEU A 318 1.25 -18.46 -46.10
CA LEU A 318 0.16 -19.35 -45.71
C LEU A 318 0.26 -20.68 -46.45
N ARG A 319 0.64 -20.63 -47.74
CA ARG A 319 0.77 -21.86 -48.50
C ARG A 319 1.78 -22.78 -47.84
N LYS A 320 2.82 -22.20 -47.22
CA LYS A 320 3.80 -23.06 -46.55
C LYS A 320 3.15 -23.94 -45.46
N HIS A 321 1.99 -23.54 -44.93
CA HIS A 321 1.29 -24.32 -43.91
C HIS A 321 0.11 -25.12 -44.46
N PHE A 322 -0.39 -24.76 -45.65
CA PHE A 322 -1.59 -25.41 -46.20
C PHE A 322 -1.33 -26.22 -47.46
N GLY A 323 -0.22 -26.00 -48.16
CA GLY A 323 0.08 -26.75 -49.38
C GLY A 323 0.31 -25.89 -50.60
N ASN A 324 1.00 -26.45 -51.58
CA ASN A 324 1.29 -25.75 -52.83
C ASN A 324 0.19 -25.93 -53.87
N ASN A 325 -0.84 -26.74 -53.59
CA ASN A 325 -1.92 -27.01 -54.52
C ASN A 325 -3.28 -26.60 -53.95
N THR A 326 -3.30 -25.70 -52.98
CA THR A 326 -4.53 -25.22 -52.36
C THR A 326 -4.87 -23.86 -52.96
N ILE A 327 -6.02 -23.31 -52.56
CA ILE A 327 -6.45 -21.99 -52.99
C ILE A 327 -6.67 -21.17 -51.74
N ILE A 328 -6.11 -19.96 -51.72
CA ILE A 328 -6.24 -19.07 -50.58
C ILE A 328 -7.12 -17.90 -50.99
N ARG A 329 -8.24 -17.72 -50.31
CA ARG A 329 -9.18 -16.65 -50.63
C ARG A 329 -9.38 -15.74 -49.42
N PHE A 330 -9.38 -14.44 -49.68
CA PHE A 330 -9.65 -13.44 -48.67
C PHE A 330 -11.05 -12.89 -48.93
N ALA A 331 -11.77 -12.65 -47.83
CA ALA A 331 -13.15 -12.20 -47.87
C ALA A 331 -13.41 -11.22 -46.75
N GLN A 332 -14.54 -10.54 -46.85
CA GLN A 332 -14.94 -9.55 -45.85
C GLN A 332 -15.34 -10.24 -44.55
N SER A 333 -15.19 -9.50 -43.45
CA SER A 333 -15.60 -9.98 -42.15
C SER A 333 -17.10 -10.22 -42.10
N SER A 334 -17.50 -11.21 -41.31
CA SER A 334 -18.91 -11.53 -41.16
C SER A 334 -19.61 -10.47 -40.32
N GLY A 335 -20.94 -10.48 -40.37
CA GLY A 335 -21.72 -9.48 -39.67
C GLY A 335 -21.57 -9.57 -38.16
N GLY A 336 -21.65 -8.39 -37.54
CA GLY A 336 -21.53 -8.27 -36.11
C GLY A 336 -21.48 -6.79 -35.74
N ASP A 337 -21.09 -6.52 -34.50
CA ASP A 337 -21.02 -5.13 -34.07
C ASP A 337 -19.98 -4.39 -34.91
N LEU A 338 -20.22 -3.09 -35.10
CA LEU A 338 -19.29 -2.27 -35.88
C LEU A 338 -17.89 -2.32 -35.28
N GLU A 339 -17.79 -2.35 -33.96
CA GLU A 339 -16.50 -2.35 -33.28
C GLU A 339 -15.64 -3.57 -33.61
N VAL A 340 -16.24 -4.66 -34.07
CA VAL A 340 -15.50 -5.86 -34.42
C VAL A 340 -15.57 -6.19 -35.91
N THR A 341 -16.62 -5.75 -36.61
CA THR A 341 -16.74 -6.06 -38.02
C THR A 341 -15.69 -5.34 -38.85
N THR A 342 -15.44 -4.07 -38.56
CA THR A 342 -14.53 -3.25 -39.34
C THR A 342 -13.34 -2.76 -38.52
N HIS A 343 -12.38 -2.20 -39.27
CA HIS A 343 -11.18 -1.61 -38.70
C HIS A 343 -11.57 -0.43 -37.82
N SER A 344 -10.84 -0.24 -36.72
CA SER A 344 -11.13 0.81 -35.75
C SER A 344 -9.85 1.41 -35.20
N PHE A 345 -9.76 2.75 -35.16
CA PHE A 345 -8.54 3.36 -34.62
C PHE A 345 -8.81 4.79 -34.16
N ASN A 346 -7.90 5.29 -33.32
CA ASN A 346 -7.92 6.68 -32.85
C ASN A 346 -6.99 7.55 -33.70
N CYS A 347 -7.57 8.51 -34.41
CA CYS A 347 -6.88 9.43 -35.31
C CYS A 347 -7.13 10.88 -34.92
N GLY A 348 -6.15 11.50 -34.26
CA GLY A 348 -6.28 12.91 -33.91
C GLY A 348 -7.30 13.21 -32.86
N GLY A 349 -7.68 12.22 -32.06
CA GLY A 349 -8.73 12.38 -31.07
C GLY A 349 -10.08 11.87 -31.52
N GLU A 350 -10.26 11.59 -32.80
CA GLU A 350 -11.51 11.03 -33.31
C GLU A 350 -11.36 9.53 -33.42
N PHE A 351 -12.47 8.82 -33.24
CA PHE A 351 -12.47 7.37 -33.34
C PHE A 351 -13.09 6.99 -34.68
N PHE A 352 -12.26 6.41 -35.55
CA PHE A 352 -12.65 6.05 -36.89
C PHE A 352 -13.00 4.57 -36.94
N TYR A 353 -14.06 4.27 -37.67
CA TYR A 353 -14.46 2.91 -38.00
C TYR A 353 -14.50 2.89 -39.53
N CYS A 354 -13.82 1.93 -40.14
CA CYS A 354 -13.70 1.89 -41.60
C CYS A 354 -14.45 0.65 -42.13
N ASN A 355 -13.92 -0.08 -43.11
CA ASN A 355 -14.67 -1.14 -43.75
C ASN A 355 -13.80 -2.35 -44.06
N THR A 356 -12.72 -2.14 -44.81
CA THR A 356 -11.75 -3.15 -45.24
C THR A 356 -12.26 -4.12 -46.31
N SER A 357 -13.49 -4.01 -46.78
CA SER A 357 -14.00 -4.98 -47.75
C SER A 357 -13.21 -4.95 -49.05
N GLY A 358 -12.55 -3.83 -49.36
CA GLY A 358 -11.76 -3.72 -50.57
C GLY A 358 -10.36 -4.22 -50.42
N LEU A 359 -9.95 -4.63 -49.22
CA LEU A 359 -8.63 -5.15 -48.94
C LEU A 359 -8.57 -6.67 -48.93
N PHE A 360 -9.65 -7.31 -48.50
CA PHE A 360 -9.72 -8.77 -48.37
C PHE A 360 -10.83 -9.27 -49.28
N ASN A 361 -10.59 -9.19 -50.58
CA ASN A 361 -11.56 -9.57 -51.62
C ASN A 361 -10.74 -10.13 -52.77
N SER A 362 -10.27 -11.38 -52.63
CA SER A 362 -9.41 -11.90 -53.68
C SER A 362 -9.24 -13.40 -53.56
N THR A 363 -9.20 -14.10 -54.70
CA THR A 363 -8.94 -15.55 -54.71
C THR A 363 -7.58 -15.77 -55.37
N TRP A 364 -6.68 -16.41 -54.62
CA TRP A 364 -5.30 -16.67 -55.02
C TRP A 364 -5.13 -18.15 -55.39
N ILE A 365 -4.83 -18.37 -56.67
CA ILE A 365 -4.66 -19.69 -57.27
C ILE A 365 -3.23 -19.77 -57.80
N SER A 366 -2.52 -20.83 -57.43
CA SER A 366 -1.13 -21.05 -57.85
C SER A 366 -0.96 -20.94 -59.36
N ASP A 380 -4.83 4.51 -59.01
CA ASP A 380 -3.75 3.75 -58.40
C ASP A 380 -3.96 3.48 -56.91
N SER A 381 -4.91 4.18 -56.29
CA SER A 381 -5.17 4.04 -54.86
C SER A 381 -6.53 3.43 -54.60
N LEU A 382 -6.60 2.67 -53.51
CA LEU A 382 -7.82 2.06 -53.00
C LEU A 382 -8.33 2.98 -51.89
N ILE A 383 -9.61 3.32 -51.96
CA ILE A 383 -10.24 4.22 -50.99
C ILE A 383 -11.21 3.40 -50.15
N LEU A 384 -11.01 3.43 -48.83
CA LEU A 384 -11.86 2.74 -47.87
C LEU A 384 -12.74 3.76 -47.16
N PRO A 385 -14.07 3.64 -47.19
CA PRO A 385 -14.92 4.59 -46.47
C PRO A 385 -14.80 4.37 -44.98
N CYS A 386 -14.96 5.45 -44.20
CA CYS A 386 -14.96 5.33 -42.76
C CYS A 386 -16.05 6.18 -42.14
N TRP A 387 -16.55 5.70 -41.00
CA TRP A 387 -17.54 6.41 -40.19
C TRP A 387 -16.86 6.78 -38.88
N ILE A 388 -17.30 7.89 -38.29
CA ILE A 388 -16.79 8.35 -37.01
C ILE A 388 -17.92 8.27 -36.00
N LYS A 389 -17.62 7.71 -34.84
CA LYS A 389 -18.60 7.51 -33.78
C LYS A 389 -18.09 8.22 -32.53
N GLN A 390 -19.00 8.90 -31.84
CA GLN A 390 -18.66 9.62 -30.61
C GLN A 390 -18.93 8.85 -29.33
N ILE A 391 -19.80 7.85 -29.36
CA ILE A 391 -20.12 7.07 -28.16
C ILE A 391 -19.23 5.84 -28.24
N ILE A 392 -18.26 5.78 -27.33
CA ILE A 392 -17.18 4.81 -27.35
C ILE A 392 -17.34 3.77 -26.25
N ASN A 393 -17.23 2.47 -26.62
CA ASN A 393 -17.29 1.33 -25.69
C ASN A 393 -16.05 0.46 -25.95
N MET A 394 -14.92 0.83 -25.36
CA MET A 394 -13.65 0.15 -25.58
C MET A 394 -13.46 -1.07 -24.69
N TRP A 395 -12.50 -1.90 -25.11
CA TRP A 395 -12.01 -3.06 -24.39
C TRP A 395 -13.07 -4.14 -24.23
N GLN A 396 -14.13 -4.09 -25.05
CA GLN A 396 -15.24 -5.03 -24.99
C GLN A 396 -15.92 -5.05 -23.63
N ARG A 397 -15.95 -3.92 -22.92
CA ARG A 397 -16.63 -3.85 -21.65
C ARG A 397 -18.05 -3.39 -21.87
N ILE A 398 -18.95 -3.80 -20.99
CA ILE A 398 -20.36 -3.40 -21.03
C ILE A 398 -20.61 -2.45 -19.88
N GLY A 399 -21.20 -1.30 -20.20
CA GLY A 399 -21.50 -0.31 -19.19
C GLY A 399 -20.38 0.64 -18.86
N GLN A 400 -19.43 0.84 -19.77
CA GLN A 400 -18.28 1.71 -19.60
C GLN A 400 -18.23 2.74 -20.73
N ALA A 401 -19.39 3.23 -21.13
CA ALA A 401 -19.47 4.14 -22.26
C ALA A 401 -18.71 5.43 -21.98
N MET A 402 -18.03 5.91 -23.03
CA MET A 402 -17.26 7.15 -23.01
C MET A 402 -17.71 8.05 -24.14
N TYR A 403 -17.78 9.35 -23.88
CA TYR A 403 -18.13 10.33 -24.90
C TYR A 403 -16.86 11.02 -25.36
N ALA A 404 -16.51 10.84 -26.63
CA ALA A 404 -15.30 11.46 -27.15
C ALA A 404 -15.66 12.86 -27.60
N PRO A 405 -14.99 13.92 -27.12
CA PRO A 405 -15.36 15.26 -27.58
C PRO A 405 -14.99 15.43 -29.04
N PRO A 406 -15.67 16.30 -29.77
CA PRO A 406 -15.27 16.53 -31.16
C PRO A 406 -13.96 17.29 -31.21
N ILE A 407 -13.21 17.05 -32.27
CA ILE A 407 -11.94 17.74 -32.53
C ILE A 407 -12.15 18.73 -33.65
N GLN A 408 -11.77 19.98 -33.40
CA GLN A 408 -11.95 21.06 -34.35
C GLN A 408 -11.04 20.93 -35.57
N GLY A 409 -11.59 21.19 -36.74
CA GLY A 409 -10.84 21.23 -37.98
C GLY A 409 -10.67 19.90 -38.68
N VAL A 410 -9.80 19.92 -39.69
CA VAL A 410 -9.52 18.76 -40.53
C VAL A 410 -8.44 17.92 -39.90
N ILE A 411 -8.68 16.60 -39.84
CA ILE A 411 -7.79 15.64 -39.23
C ILE A 411 -7.19 14.77 -40.31
N ARG A 412 -5.86 14.61 -40.28
CA ARG A 412 -5.17 13.70 -41.18
C ARG A 412 -4.20 12.86 -40.37
N CYS A 413 -4.15 11.56 -40.67
CA CYS A 413 -3.22 10.63 -40.05
C CYS A 413 -2.61 9.77 -41.14
N VAL A 414 -1.29 9.59 -41.06
CA VAL A 414 -0.56 8.67 -41.93
C VAL A 414 0.09 7.65 -41.01
N SER A 415 -0.27 6.38 -41.18
CA SER A 415 0.20 5.31 -40.32
C SER A 415 0.86 4.22 -41.14
N ASN A 416 1.64 3.39 -40.45
CA ASN A 416 2.29 2.24 -41.04
C ASN A 416 1.51 0.99 -40.66
N ILE A 417 1.08 0.21 -41.64
CA ILE A 417 0.47 -1.09 -41.39
C ILE A 417 1.63 -2.07 -41.31
N THR A 418 1.81 -2.67 -40.13
CA THR A 418 2.92 -3.56 -39.85
C THR A 418 2.50 -5.00 -39.64
N GLY A 419 1.21 -5.26 -39.42
CA GLY A 419 0.75 -6.63 -39.24
C GLY A 419 -0.74 -6.72 -39.42
N LEU A 420 -1.19 -7.95 -39.62
CA LEU A 420 -2.58 -8.29 -39.84
C LEU A 420 -3.05 -9.32 -38.83
N ILE A 421 -4.35 -9.31 -38.55
CA ILE A 421 -5.02 -10.38 -37.82
C ILE A 421 -5.92 -11.06 -38.84
N LEU A 422 -5.81 -12.39 -38.91
CA LEU A 422 -6.65 -13.19 -39.80
C LEU A 422 -7.28 -14.33 -39.01
N THR A 423 -8.47 -14.73 -39.44
CA THR A 423 -9.13 -15.93 -38.95
C THR A 423 -9.41 -16.77 -40.16
N ARG A 424 -9.65 -18.06 -39.97
CA ARG A 424 -9.90 -18.98 -41.08
C ARG A 424 -11.27 -19.62 -40.92
N ASP A 425 -12.01 -19.66 -42.02
CA ASP A 425 -13.34 -20.25 -42.05
C ASP A 425 -13.28 -21.74 -41.74
N SER A 431 -12.05 -29.60 -48.49
CA SER A 431 -12.23 -28.29 -49.12
C SER A 431 -10.94 -27.82 -49.76
N THR A 432 -10.99 -27.58 -51.08
CA THR A 432 -9.82 -27.08 -51.81
C THR A 432 -9.50 -25.64 -51.42
N THR A 433 -10.51 -24.81 -51.20
CA THR A 433 -10.32 -23.39 -50.94
C THR A 433 -10.49 -23.06 -49.46
N GLU A 434 -9.47 -22.39 -48.90
CA GLU A 434 -9.50 -21.87 -47.55
C GLU A 434 -9.90 -20.41 -47.63
N THR A 435 -10.75 -19.96 -46.70
CA THR A 435 -11.20 -18.57 -46.67
C THR A 435 -10.74 -17.91 -45.38
N PHE A 436 -10.13 -16.74 -45.53
CA PHE A 436 -9.59 -15.94 -44.43
C PHE A 436 -10.35 -14.63 -44.30
N ARG A 437 -10.57 -14.20 -43.05
CA ARG A 437 -11.26 -12.95 -42.75
C ARG A 437 -10.47 -12.17 -41.71
N PRO A 438 -10.56 -10.83 -41.72
CA PRO A 438 -9.86 -10.03 -40.71
C PRO A 438 -10.05 -10.41 -39.25
N GLY A 439 -11.26 -10.78 -38.84
CA GLY A 439 -11.49 -11.17 -37.45
C GLY A 439 -11.06 -10.07 -36.49
N GLY A 440 -10.25 -10.43 -35.49
CA GLY A 440 -9.76 -9.47 -34.52
C GLY A 440 -10.77 -9.14 -33.44
N GLY A 441 -10.51 -8.02 -32.75
CA GLY A 441 -11.34 -7.53 -31.68
C GLY A 441 -10.83 -7.79 -30.28
N ASP A 442 -9.91 -8.74 -30.07
CA ASP A 442 -9.36 -9.03 -28.75
C ASP A 442 -8.04 -8.28 -28.66
N MET A 443 -8.01 -7.24 -27.83
CA MET A 443 -6.85 -6.37 -27.79
C MET A 443 -5.57 -7.05 -27.34
N ARG A 444 -5.63 -8.17 -26.62
CA ARG A 444 -4.39 -8.78 -26.18
C ARG A 444 -3.58 -9.32 -27.34
N ASP A 445 -4.25 -9.53 -28.48
CA ASP A 445 -3.54 -10.05 -29.65
C ASP A 445 -2.63 -8.98 -30.19
N ASN A 446 -2.98 -7.71 -30.02
CA ASN A 446 -2.09 -6.72 -30.58
C ASN A 446 -0.86 -6.59 -29.70
N TRP A 447 -1.05 -6.65 -28.38
CA TRP A 447 0.09 -6.47 -27.50
C TRP A 447 0.99 -7.69 -27.51
N ARG A 448 0.40 -8.86 -27.71
CA ARG A 448 1.20 -10.07 -27.80
C ARG A 448 2.13 -9.97 -29.00
N SER A 449 1.68 -9.30 -30.08
CA SER A 449 2.47 -9.22 -31.29
C SER A 449 3.76 -8.44 -31.08
N GLU A 450 3.88 -7.72 -29.96
CA GLU A 450 5.10 -7.00 -29.61
C GLU A 450 5.85 -7.69 -28.50
N LEU A 451 5.13 -8.31 -27.55
CA LEU A 451 5.75 -8.97 -26.40
C LEU A 451 6.20 -10.39 -26.67
N TYR A 452 5.90 -10.95 -27.84
CA TYR A 452 6.26 -12.34 -28.13
C TYR A 452 7.75 -12.62 -27.99
N LYS A 453 8.61 -11.61 -28.17
CA LYS A 453 10.04 -11.84 -28.10
C LYS A 453 10.60 -11.84 -26.67
N TYR A 454 9.81 -11.48 -25.67
CA TYR A 454 10.30 -11.37 -24.30
C TYR A 454 9.72 -12.46 -23.40
N LYS A 455 10.56 -12.89 -22.46
CA LYS A 455 10.19 -13.84 -21.42
C LYS A 455 10.72 -13.32 -20.09
N VAL A 456 9.97 -13.50 -19.01
CA VAL A 456 10.41 -13.11 -17.67
C VAL A 456 10.87 -14.35 -16.93
N VAL A 457 12.07 -14.30 -16.34
CA VAL A 457 12.59 -15.43 -15.56
C VAL A 457 13.05 -14.94 -14.20
N LYS A 458 12.94 -15.84 -13.22
CA LYS A 458 13.38 -15.62 -11.85
C LYS A 458 14.75 -16.24 -11.66
N ILE A 459 15.61 -15.55 -10.94
CA ILE A 459 16.96 -16.00 -10.66
C ILE A 459 16.95 -16.83 -9.39
N GLU A 460 17.59 -18.00 -9.43
CA GLU A 460 17.68 -18.93 -8.30
C GLU A 460 19.18 -19.11 -8.05
N PRO A 461 19.79 -18.17 -7.31
CA PRO A 461 21.26 -18.08 -7.25
C PRO A 461 21.93 -19.16 -6.42
N LEU A 462 21.20 -19.95 -5.65
CA LEU A 462 21.78 -20.92 -4.73
C LEU A 462 21.76 -22.31 -5.33
N GLY A 463 22.88 -23.01 -5.21
CA GLY A 463 22.96 -24.38 -5.69
C GLY A 463 24.16 -25.07 -5.08
N VAL A 464 24.27 -26.37 -5.36
CA VAL A 464 25.33 -27.21 -4.79
C VAL A 464 26.00 -27.99 -5.92
N ALA A 465 27.22 -28.45 -5.65
CA ALA A 465 27.90 -29.29 -6.62
C ALA A 465 29.00 -30.11 -5.95
N PRO A 466 29.37 -31.26 -6.50
CA PRO A 466 30.52 -31.99 -5.97
C PRO A 466 31.81 -31.18 -6.11
N THR A 467 32.59 -31.14 -5.05
CA THR A 467 33.90 -30.51 -5.09
C THR A 467 34.82 -31.34 -4.21
N ARG A 468 36.09 -31.40 -4.58
CA ARG A 468 37.08 -32.10 -3.77
C ARG A 468 37.59 -31.11 -2.73
N CYS A 469 36.71 -30.78 -1.79
CA CYS A 469 36.99 -29.76 -0.78
C CYS A 469 36.21 -30.09 0.49
N LYS A 470 36.91 -30.49 1.55
CA LYS A 470 36.27 -30.83 2.81
C LYS A 470 36.45 -29.69 3.79
N ARG A 471 35.38 -29.36 4.51
CA ARG A 471 35.46 -28.34 5.55
C ARG A 471 36.39 -28.82 6.65
N ARG A 472 37.14 -27.89 7.24
CA ARG A 472 38.02 -28.25 8.34
C ARG A 472 37.18 -28.82 9.47
N THR A 473 37.62 -29.93 10.05
CA THR A 473 36.88 -30.58 11.11
C THR A 473 37.23 -29.98 12.46
N VAL A 474 36.37 -30.27 13.44
CA VAL A 474 36.55 -29.81 14.80
C VAL A 474 37.57 -30.71 15.50
N GLU B 1 55.81 -33.71 -27.86
CA GLU B 1 54.57 -32.89 -27.79
C GLU B 1 54.66 -31.92 -26.62
N VAL B 2 54.75 -32.46 -25.41
CA VAL B 2 54.84 -31.66 -24.20
C VAL B 2 56.33 -31.49 -23.89
N GLN B 3 56.75 -30.25 -23.62
CA GLN B 3 58.16 -30.01 -23.36
C GLN B 3 58.31 -28.99 -22.25
N LEU B 4 59.37 -29.17 -21.46
CA LEU B 4 59.79 -28.26 -20.39
C LEU B 4 61.29 -28.11 -20.45
N VAL B 5 61.80 -26.89 -20.60
CA VAL B 5 63.24 -26.67 -20.71
C VAL B 5 63.70 -25.66 -19.64
N GLU B 6 64.61 -26.11 -18.77
CA GLU B 6 65.20 -25.29 -17.71
C GLU B 6 66.37 -24.47 -18.26
N THR B 7 66.40 -23.18 -17.93
CA THR B 7 67.49 -22.27 -18.28
C THR B 7 67.90 -21.53 -17.02
N GLY B 8 69.19 -21.45 -16.75
CA GLY B 8 69.63 -20.76 -15.55
C GLY B 8 71.14 -20.62 -15.51
N GLY B 9 71.63 -20.17 -14.35
CA GLY B 9 73.04 -19.91 -14.17
C GLY B 9 73.86 -21.16 -13.89
N GLY B 10 75.17 -20.93 -13.76
CA GLY B 10 76.13 -22.00 -13.52
C GLY B 10 76.71 -22.06 -12.12
N LEU B 11 77.92 -21.52 -11.95
CA LEU B 11 78.62 -21.55 -10.67
C LEU B 11 78.37 -20.26 -9.89
N VAL B 12 77.92 -20.42 -8.65
CA VAL B 12 77.61 -19.33 -7.74
C VAL B 12 78.40 -19.55 -6.45
N GLN B 13 78.87 -18.42 -5.82
CA GLN B 13 79.57 -18.55 -4.55
C GLN B 13 78.60 -18.42 -3.38
N PRO B 14 78.91 -19.00 -2.22
CA PRO B 14 78.01 -18.86 -1.06
C PRO B 14 77.71 -17.41 -0.73
N GLY B 15 76.44 -17.13 -0.42
CA GLY B 15 76.00 -15.80 -0.10
C GLY B 15 75.40 -15.03 -1.26
N GLY B 16 75.47 -15.57 -2.48
CA GLY B 16 74.94 -14.94 -3.66
C GLY B 16 73.52 -15.37 -3.94
N SER B 17 73.14 -15.26 -5.21
CA SER B 17 71.79 -15.61 -5.64
C SER B 17 71.83 -16.09 -7.07
N LEU B 18 70.83 -16.87 -7.44
CA LEU B 18 70.71 -17.40 -8.80
C LEU B 18 69.26 -17.64 -9.16
N LYS B 19 68.83 -17.14 -10.31
CA LYS B 19 67.46 -17.34 -10.78
C LYS B 19 67.47 -18.43 -11.86
N LEU B 20 66.57 -19.40 -11.71
CA LEU B 20 66.40 -20.52 -12.62
C LEU B 20 64.98 -20.48 -13.18
N SER B 21 64.82 -20.48 -14.51
CA SER B 21 63.50 -20.40 -15.11
C SER B 21 63.25 -21.57 -16.06
N CYS B 22 62.05 -22.12 -15.97
CA CYS B 22 61.57 -23.23 -16.77
C CYS B 22 60.54 -22.72 -17.78
N ARG B 23 60.81 -22.97 -19.06
CA ARG B 23 59.92 -22.59 -20.15
C ARG B 23 59.11 -23.81 -20.54
N ALA B 24 57.80 -23.64 -20.65
CA ALA B 24 56.87 -24.73 -20.96
C ALA B 24 56.24 -24.56 -22.34
N SER B 25 55.97 -25.70 -22.98
CA SER B 25 55.25 -25.68 -24.25
C SER B 25 54.55 -27.03 -24.44
N GLY B 26 53.56 -27.03 -25.34
CA GLY B 26 52.85 -28.23 -25.71
C GLY B 26 51.61 -28.53 -24.90
N TYR B 27 51.27 -27.70 -23.92
CA TYR B 27 50.11 -27.91 -23.08
C TYR B 27 49.69 -26.54 -22.56
N THR B 28 48.50 -26.48 -21.97
CA THR B 28 48.06 -25.21 -21.40
C THR B 28 48.77 -25.05 -20.06
N PHE B 29 49.65 -24.06 -19.98
CA PHE B 29 50.46 -23.86 -18.79
C PHE B 29 49.59 -23.54 -17.58
N SER B 30 48.63 -22.63 -17.76
CA SER B 30 47.77 -22.17 -16.68
C SER B 30 46.82 -23.24 -16.14
N SER B 31 46.71 -24.40 -16.78
CA SER B 31 45.83 -25.47 -16.30
C SER B 31 46.48 -26.42 -15.32
N PHE B 32 47.80 -26.35 -15.11
CA PHE B 32 48.50 -27.28 -14.24
C PHE B 32 49.32 -26.59 -13.17
N ALA B 33 49.41 -27.26 -12.02
CA ALA B 33 50.32 -26.86 -10.96
C ALA B 33 51.74 -27.20 -11.38
N MET B 34 52.71 -26.42 -10.87
CA MET B 34 54.11 -26.64 -11.20
C MET B 34 54.91 -26.76 -9.92
N SER B 35 56.03 -27.47 -9.99
CA SER B 35 56.88 -27.65 -8.82
C SER B 35 58.33 -27.78 -9.25
N TRP B 36 59.23 -27.62 -8.27
CA TRP B 36 60.65 -27.85 -8.48
C TRP B 36 61.10 -28.99 -7.58
N VAL B 37 61.92 -29.87 -8.17
CA VAL B 37 62.53 -31.04 -7.54
C VAL B 37 64.01 -30.99 -7.82
N ARG B 38 64.86 -31.35 -6.84
CA ARG B 38 66.30 -31.33 -7.08
C ARG B 38 66.92 -32.67 -6.71
N GLN B 39 68.03 -32.97 -7.38
CA GLN B 39 68.82 -34.19 -7.16
C GLN B 39 70.28 -33.83 -6.93
N ALA B 40 70.79 -34.07 -5.73
CA ALA B 40 72.19 -33.80 -5.48
C ALA B 40 73.00 -34.76 -6.36
N PRO B 41 74.23 -34.38 -6.77
CA PRO B 41 74.99 -35.28 -7.68
C PRO B 41 75.12 -36.74 -7.25
N GLY B 42 75.22 -37.06 -5.95
CA GLY B 42 75.34 -38.44 -5.51
C GLY B 42 74.16 -39.05 -4.80
N LYS B 43 73.01 -38.40 -4.80
CA LYS B 43 71.80 -38.80 -4.07
C LYS B 43 70.61 -38.97 -5.02
N GLY B 44 69.46 -39.24 -4.42
CA GLY B 44 68.20 -39.41 -5.11
C GLY B 44 67.51 -38.07 -5.22
N LEU B 45 66.19 -38.13 -5.40
CA LEU B 45 65.38 -36.94 -5.64
C LEU B 45 64.78 -36.44 -4.34
N GLU B 46 64.62 -35.12 -4.25
CA GLU B 46 63.87 -34.53 -3.15
C GLU B 46 63.05 -33.35 -3.67
N TRP B 47 61.87 -33.17 -3.08
CA TRP B 47 60.99 -32.07 -3.45
C TRP B 47 61.52 -30.77 -2.85
N VAL B 48 61.44 -29.69 -3.63
CA VAL B 48 61.90 -28.38 -3.21
C VAL B 48 60.76 -27.40 -3.03
N SER B 49 59.91 -27.23 -4.04
CA SER B 49 58.86 -26.22 -3.92
C SER B 49 57.68 -26.57 -4.80
N LEU B 50 56.51 -26.00 -4.47
CA LEU B 50 55.28 -26.23 -5.22
C LEU B 50 54.48 -24.94 -5.35
N ILE B 51 54.01 -24.65 -6.57
CA ILE B 51 53.16 -23.51 -6.85
C ILE B 51 51.92 -24.03 -7.56
N ASN B 52 50.76 -23.47 -7.22
CA ASN B 52 49.51 -23.91 -7.84
C ASN B 52 49.38 -23.35 -9.25
N ASP B 53 48.23 -23.64 -9.89
CA ASP B 53 48.06 -23.25 -11.29
C ASP B 53 47.89 -21.74 -11.43
N ARG B 54 47.19 -21.10 -10.50
CA ARG B 54 47.01 -19.66 -10.58
C ARG B 54 48.30 -18.92 -10.25
N GLY B 55 49.08 -19.43 -9.29
CA GLY B 55 50.33 -18.85 -8.89
C GLY B 55 50.29 -18.06 -7.59
N GLY B 56 49.09 -17.80 -7.06
CA GLY B 56 48.94 -17.05 -5.82
C GLY B 56 49.25 -17.81 -4.55
N LEU B 57 49.20 -19.13 -4.56
CA LEU B 57 49.38 -19.95 -3.37
C LEU B 57 50.60 -20.84 -3.59
N THR B 58 51.58 -20.75 -2.69
CA THR B 58 52.84 -21.50 -2.81
C THR B 58 53.17 -22.23 -1.51
N PHE B 59 53.97 -23.30 -1.67
CA PHE B 59 54.45 -24.12 -0.57
C PHE B 59 55.93 -24.39 -0.79
N TYR B 60 56.68 -24.54 0.30
CA TYR B 60 58.10 -24.85 0.24
C TYR B 60 58.48 -25.92 1.25
N VAL B 61 59.59 -26.61 0.95
CA VAL B 61 60.19 -27.48 1.95
C VAL B 61 60.89 -26.58 2.96
N ASP B 62 60.84 -26.96 4.23
CA ASP B 62 61.39 -26.13 5.31
C ASP B 62 62.83 -25.68 5.08
N SER B 63 63.67 -26.53 4.48
CA SER B 63 65.07 -26.16 4.33
C SER B 63 65.30 -24.95 3.42
N VAL B 64 64.33 -24.56 2.61
CA VAL B 64 64.45 -23.40 1.71
C VAL B 64 63.39 -22.33 1.95
N LYS B 65 62.60 -22.45 3.01
CA LYS B 65 61.46 -21.53 3.20
C LYS B 65 61.87 -20.05 3.28
N GLY B 66 63.00 -19.73 3.87
CA GLY B 66 63.45 -18.36 3.99
C GLY B 66 64.43 -17.91 2.92
N ARG B 67 64.67 -18.74 1.91
CA ARG B 67 65.69 -18.50 0.91
C ARG B 67 65.20 -18.49 -0.53
N PHE B 68 64.22 -19.32 -0.89
CA PHE B 68 63.80 -19.48 -2.26
C PHE B 68 62.43 -18.84 -2.45
N THR B 69 62.23 -18.21 -3.60
CA THR B 69 60.94 -17.66 -4.01
C THR B 69 60.52 -18.35 -5.30
N ILE B 70 59.30 -18.88 -5.34
CA ILE B 70 58.74 -19.53 -6.53
C ILE B 70 57.62 -18.66 -7.05
N SER B 71 57.61 -18.44 -8.36
CA SER B 71 56.57 -17.64 -8.97
C SER B 71 56.37 -18.14 -10.39
N ARG B 72 55.23 -17.78 -10.98
CA ARG B 72 54.95 -18.15 -12.35
C ARG B 72 54.23 -17.01 -13.03
N ASP B 73 54.36 -16.97 -14.35
CA ASP B 73 53.67 -16.02 -15.20
C ASP B 73 52.95 -16.86 -16.25
N ASN B 74 51.62 -16.91 -16.14
CA ASN B 74 50.83 -17.78 -17.00
C ASN B 74 50.65 -17.20 -18.40
N SER B 75 51.00 -15.93 -18.61
CA SER B 75 50.89 -15.33 -19.93
C SER B 75 52.17 -15.57 -20.71
N LYS B 76 53.29 -15.72 -20.01
CA LYS B 76 54.60 -15.96 -20.59
C LYS B 76 54.94 -17.43 -20.59
N ASN B 77 54.06 -18.29 -20.05
CA ASN B 77 54.31 -19.71 -19.92
C ASN B 77 55.65 -19.96 -19.22
N THR B 78 55.94 -19.17 -18.17
CA THR B 78 57.23 -19.28 -17.51
C THR B 78 57.12 -19.50 -16.01
N LEU B 79 57.89 -20.48 -15.52
CA LEU B 79 58.00 -20.80 -14.10
C LEU B 79 59.36 -20.33 -13.64
N SER B 80 59.44 -19.52 -12.57
CA SER B 80 60.75 -19.04 -12.11
C SER B 80 60.96 -19.34 -10.63
N LEU B 81 62.18 -19.77 -10.30
CA LEU B 81 62.63 -20.01 -8.94
C LEU B 81 63.82 -19.10 -8.72
N GLN B 82 63.71 -18.16 -7.80
CA GLN B 82 64.80 -17.23 -7.49
C GLN B 82 65.37 -17.71 -6.15
N MET B 83 66.63 -18.14 -6.15
CA MET B 83 67.28 -18.71 -4.96
C MET B 83 68.30 -17.74 -4.38
N HIS B 84 68.30 -17.62 -3.05
CA HIS B 84 69.25 -16.81 -2.29
C HIS B 84 70.06 -17.70 -1.35
N SER B 85 71.23 -17.16 -0.98
CA SER B 85 72.18 -17.72 -0.03
C SER B 85 72.99 -18.87 -0.64
N LEU B 86 72.29 -19.89 -1.16
CA LEU B 86 72.90 -20.96 -1.95
C LEU B 86 74.13 -21.57 -1.27
N ARG B 87 73.89 -22.43 -0.29
CA ARG B 87 74.89 -23.10 0.53
C ARG B 87 75.46 -24.27 -0.24
N ASP B 88 76.60 -24.77 0.22
CA ASP B 88 77.25 -25.89 -0.48
C ASP B 88 76.31 -27.07 -0.63
N GLY B 89 75.39 -27.27 0.31
CA GLY B 89 74.46 -28.38 0.23
C GLY B 89 73.39 -28.23 -0.84
N ASP B 90 73.31 -27.07 -1.49
CA ASP B 90 72.33 -26.80 -2.53
C ASP B 90 72.83 -27.15 -3.92
N THR B 91 74.03 -27.69 -4.07
CA THR B 91 74.47 -28.10 -5.39
C THR B 91 73.65 -29.29 -5.83
N ALA B 92 73.00 -29.15 -6.98
CA ALA B 92 72.12 -30.22 -7.44
C ALA B 92 71.66 -29.92 -8.85
N VAL B 93 71.14 -30.94 -9.51
CA VAL B 93 70.42 -30.74 -10.76
C VAL B 93 68.98 -30.43 -10.37
N TYR B 94 68.48 -29.27 -10.80
CA TYR B 94 67.13 -28.82 -10.53
C TYR B 94 66.25 -29.10 -11.73
N TYR B 95 65.06 -29.64 -11.48
CA TYR B 95 64.08 -29.94 -12.50
C TYR B 95 62.80 -29.20 -12.18
N CYS B 96 62.12 -28.77 -13.22
CA CYS B 96 60.76 -28.25 -13.11
C CYS B 96 59.85 -29.39 -13.53
N ALA B 97 58.68 -29.47 -12.91
CA ALA B 97 57.76 -30.52 -13.31
C ALA B 97 56.31 -30.08 -13.18
N THR B 98 55.50 -30.66 -14.06
CA THR B 98 54.07 -30.44 -14.09
C THR B 98 53.43 -31.51 -13.23
N GLY B 99 52.58 -31.08 -12.30
CA GLY B 99 51.86 -31.93 -11.38
C GLY B 99 52.14 -31.53 -9.95
N GLY B 100 51.71 -32.40 -9.03
CA GLY B 100 51.87 -32.16 -7.62
C GLY B 100 50.69 -31.52 -6.92
N MET B 101 49.72 -31.00 -7.66
CA MET B 101 48.57 -30.36 -7.02
C MET B 101 47.45 -30.23 -8.05
N SER B 102 46.22 -30.06 -7.56
CA SER B 102 45.08 -29.85 -8.42
C SER B 102 44.10 -28.94 -7.69
N SER B 103 43.53 -27.99 -8.43
CA SER B 103 42.75 -26.90 -7.85
C SER B 103 41.28 -27.26 -7.58
N ALA B 104 41.06 -28.23 -6.69
CA ALA B 104 39.74 -28.57 -6.17
C ALA B 104 38.67 -29.03 -7.18
N LEU B 105 38.61 -28.43 -8.38
CA LEU B 105 37.63 -28.78 -9.40
C LEU B 105 38.19 -29.76 -10.41
N GLN B 106 39.43 -30.20 -10.22
CA GLN B 106 40.16 -31.10 -11.09
C GLN B 106 40.38 -32.41 -10.36
N SER B 107 40.60 -33.49 -11.11
CA SER B 107 40.88 -34.76 -10.46
C SER B 107 42.21 -34.67 -9.72
N SER B 108 42.31 -35.45 -8.65
CA SER B 108 43.52 -35.45 -7.83
C SER B 108 44.75 -35.89 -8.61
N LYS B 109 45.88 -35.27 -8.27
CA LYS B 109 47.17 -35.67 -8.80
C LYS B 109 48.02 -36.22 -7.66
N TYR B 110 48.73 -35.38 -6.92
CA TYR B 110 49.63 -35.83 -5.86
C TYR B 110 50.75 -36.70 -6.45
N TYR B 111 51.14 -36.37 -7.67
CA TYR B 111 52.25 -36.99 -8.37
C TYR B 111 52.77 -35.93 -9.34
N PHE B 112 53.99 -36.16 -9.84
CA PHE B 112 54.62 -35.23 -10.77
C PHE B 112 54.45 -35.84 -12.16
N ASP B 113 53.56 -35.24 -12.96
CA ASP B 113 53.15 -35.83 -14.23
C ASP B 113 54.18 -35.71 -15.35
N PHE B 114 54.89 -34.60 -15.46
CA PHE B 114 55.81 -34.39 -16.58
C PHE B 114 57.07 -33.68 -16.10
N TRP B 115 58.23 -34.17 -16.53
CA TRP B 115 59.52 -33.64 -16.09
C TRP B 115 60.29 -33.05 -17.26
N GLY B 116 61.05 -32.00 -16.95
CA GLY B 116 61.96 -31.39 -17.90
C GLY B 116 63.29 -32.11 -17.88
N GLN B 117 64.27 -31.53 -18.59
CA GLN B 117 65.58 -32.17 -18.67
C GLN B 117 66.44 -31.86 -17.46
N GLY B 118 66.27 -30.69 -16.85
CA GLY B 118 67.02 -30.29 -15.69
C GLY B 118 68.21 -29.41 -16.03
N ALA B 119 68.66 -28.66 -15.03
CA ALA B 119 69.81 -27.79 -15.15
C ALA B 119 70.61 -27.92 -13.86
N LEU B 120 71.94 -27.94 -13.98
CA LEU B 120 72.80 -28.11 -12.81
C LEU B 120 73.20 -26.78 -12.20
N VAL B 121 72.88 -26.60 -10.92
CA VAL B 121 73.25 -25.42 -10.14
C VAL B 121 74.37 -25.84 -9.20
N THR B 122 75.53 -25.20 -9.34
CA THR B 122 76.72 -25.53 -8.59
C THR B 122 77.09 -24.36 -7.70
N VAL B 123 77.32 -24.63 -6.42
CA VAL B 123 77.67 -23.60 -5.47
C VAL B 123 79.20 -23.54 -5.35
N ALA C 1 62.51 -39.66 4.89
CA ALA C 1 62.74 -40.38 3.65
C ALA C 1 62.18 -41.79 3.72
N LEU C 2 61.95 -42.39 2.56
CA LEU C 2 61.46 -43.76 2.45
C LEU C 2 62.63 -44.70 2.19
N THR C 3 62.49 -45.93 2.69
CA THR C 3 63.52 -46.94 2.56
C THR C 3 63.28 -47.81 1.33
N GLN C 4 64.33 -47.97 0.52
CA GLN C 4 64.31 -48.80 -0.67
C GLN C 4 65.56 -49.68 -0.65
N PRO C 5 65.54 -50.86 -1.27
CA PRO C 5 66.76 -51.68 -1.34
C PRO C 5 67.81 -50.98 -2.17
N PRO C 6 69.08 -50.95 -1.74
CA PRO C 6 70.12 -50.35 -2.59
C PRO C 6 70.24 -50.94 -3.98
N SER C 7 69.99 -52.24 -4.16
CA SER C 7 70.13 -52.86 -5.47
C SER C 7 69.20 -54.05 -5.58
N VAL C 8 68.58 -54.18 -6.75
CA VAL C 8 67.66 -55.26 -7.08
C VAL C 8 68.03 -55.76 -8.47
N SER C 9 67.92 -57.07 -8.69
CA SER C 9 68.25 -57.63 -10.00
C SER C 9 67.54 -58.96 -10.17
N GLY C 10 67.61 -59.48 -11.40
CA GLY C 10 67.05 -60.78 -11.71
C GLY C 10 67.33 -61.14 -13.16
N SER C 11 66.96 -62.37 -13.51
CA SER C 11 67.17 -62.86 -14.86
C SER C 11 66.23 -62.15 -15.84
N PRO C 12 66.64 -61.95 -17.10
CA PRO C 12 65.70 -61.40 -18.09
C PRO C 12 64.45 -62.26 -18.21
N GLY C 13 63.31 -61.59 -18.24
CA GLY C 13 62.02 -62.24 -18.33
C GLY C 13 61.39 -62.55 -16.99
N GLN C 14 62.17 -62.46 -15.92
CA GLN C 14 61.71 -62.75 -14.57
C GLN C 14 60.92 -61.55 -14.06
N SER C 15 59.93 -61.81 -13.20
CA SER C 15 59.22 -60.74 -12.52
C SER C 15 60.00 -60.35 -11.27
N VAL C 16 60.39 -59.08 -11.22
CA VAL C 16 61.21 -58.54 -10.14
C VAL C 16 60.47 -57.43 -9.41
N THR C 17 60.42 -57.51 -8.08
CA THR C 17 59.70 -56.56 -7.24
C THR C 17 60.67 -55.64 -6.49
N ILE C 18 60.41 -54.34 -6.56
CA ILE C 18 61.14 -53.30 -5.83
C ILE C 18 60.19 -52.76 -4.77
N SER C 19 60.54 -52.94 -3.50
CA SER C 19 59.67 -52.45 -2.43
C SER C 19 60.08 -51.05 -1.98
N CYS C 20 59.15 -50.38 -1.28
CA CYS C 20 59.35 -49.07 -0.67
C CYS C 20 58.60 -49.08 0.65
N THR C 21 59.28 -48.82 1.77
CA THR C 21 58.66 -48.87 3.09
C THR C 21 58.73 -47.51 3.79
N GLY C 22 57.57 -47.03 4.25
CA GLY C 22 57.43 -45.78 4.97
C GLY C 22 56.82 -46.01 6.34
N THR C 23 56.02 -45.06 6.82
CA THR C 23 55.36 -45.13 8.13
C THR C 23 53.89 -44.79 7.96
N SER C 24 53.14 -44.83 9.07
CA SER C 24 51.69 -44.60 9.01
C SER C 24 51.33 -43.18 8.59
N SER C 25 52.16 -42.19 8.89
CA SER C 25 51.82 -40.81 8.54
C SER C 25 51.97 -40.49 7.05
N ASP C 26 52.54 -41.40 6.26
CA ASP C 26 52.75 -41.19 4.83
C ASP C 26 52.17 -42.30 3.93
N ILE C 27 52.85 -43.44 3.80
CA ILE C 27 52.36 -44.47 2.88
C ILE C 27 51.03 -45.02 3.39
N GLY C 28 50.93 -45.23 4.69
CA GLY C 28 49.74 -45.76 5.34
C GLY C 28 48.47 -44.95 5.20
N SER C 29 48.56 -43.68 5.62
CA SER C 29 47.39 -42.79 5.61
C SER C 29 46.96 -42.36 4.21
N TYR C 30 47.89 -42.16 3.28
CA TYR C 30 47.54 -41.67 1.95
C TYR C 30 47.89 -42.65 0.85
N ASN C 31 46.90 -42.94 0.00
CA ASN C 31 47.06 -43.85 -1.13
C ASN C 31 47.56 -43.09 -2.37
N TYR C 32 48.70 -42.41 -2.21
CA TYR C 32 49.34 -41.63 -3.29
C TYR C 32 50.82 -41.97 -3.23
N VAL C 33 51.21 -43.09 -3.83
CA VAL C 33 52.59 -43.54 -3.82
C VAL C 33 53.00 -43.79 -5.28
N SER C 34 53.59 -42.79 -5.90
CA SER C 34 53.95 -42.90 -7.31
C SER C 34 55.34 -43.55 -7.43
N TRP C 35 55.64 -44.04 -8.63
CA TRP C 35 56.96 -44.59 -8.95
C TRP C 35 57.51 -43.95 -10.20
N TYR C 36 58.82 -43.68 -10.18
CA TYR C 36 59.56 -43.08 -11.29
C TYR C 36 60.74 -43.95 -11.70
N GLN C 37 61.04 -43.91 -13.00
CA GLN C 37 62.19 -44.60 -13.58
C GLN C 37 63.15 -43.56 -14.12
N GLN C 38 64.36 -43.52 -13.60
CA GLN C 38 65.38 -42.56 -14.01
C GLN C 38 66.53 -43.28 -14.70
N HIS C 39 66.62 -43.15 -16.02
CA HIS C 39 67.71 -43.74 -16.76
C HIS C 39 68.95 -42.89 -16.49
N PRO C 40 70.15 -43.49 -16.40
CA PRO C 40 71.34 -42.65 -16.20
C PRO C 40 71.44 -41.59 -17.27
N GLY C 41 71.69 -40.35 -16.84
CA GLY C 41 71.83 -39.24 -17.76
C GLY C 41 70.51 -38.62 -18.19
N LYS C 42 69.38 -39.15 -17.74
CA LYS C 42 68.05 -38.68 -18.12
C LYS C 42 67.26 -38.22 -16.90
N ALA C 43 66.28 -37.37 -17.18
CA ALA C 43 65.32 -36.96 -16.16
C ALA C 43 64.37 -38.12 -15.82
N PRO C 44 63.89 -38.20 -14.57
CA PRO C 44 62.90 -39.23 -14.25
C PRO C 44 61.62 -39.04 -15.05
N LYS C 45 60.98 -40.16 -15.38
CA LYS C 45 59.67 -40.16 -16.02
C LYS C 45 58.71 -40.92 -15.12
N LEU C 46 57.43 -40.57 -15.19
CA LEU C 46 56.42 -41.21 -14.35
C LEU C 46 56.06 -42.59 -14.87
N MET C 47 56.10 -43.58 -13.97
CA MET C 47 55.75 -44.96 -14.29
C MET C 47 54.45 -45.38 -13.64
N ILE C 48 54.26 -45.03 -12.36
CA ILE C 48 53.06 -45.40 -11.62
C ILE C 48 52.61 -44.17 -10.84
N TYR C 49 51.30 -43.98 -10.72
CA TYR C 49 50.79 -42.88 -9.90
C TYR C 49 49.60 -43.42 -9.11
N ASP C 50 49.16 -42.62 -8.14
CA ASP C 50 48.18 -43.04 -7.15
C ASP C 50 48.80 -44.29 -6.54
N VAL C 51 48.13 -45.45 -6.54
CA VAL C 51 48.70 -46.70 -6.05
C VAL C 51 48.81 -47.75 -7.16
N THR C 52 47.74 -47.95 -7.94
CA THR C 52 47.69 -48.98 -8.98
C THR C 52 47.55 -48.40 -10.40
N GLN C 53 47.64 -47.08 -10.57
CA GLN C 53 47.39 -46.49 -11.87
C GLN C 53 48.66 -46.37 -12.70
N ARG C 54 48.51 -46.54 -14.01
CA ARG C 54 49.60 -46.51 -14.96
C ARG C 54 49.38 -45.40 -16.00
N PRO C 55 50.34 -44.50 -16.23
CA PRO C 55 50.15 -43.46 -17.25
C PRO C 55 50.01 -44.06 -18.65
N SER C 56 49.26 -43.37 -19.51
CA SER C 56 49.14 -43.82 -20.88
C SER C 56 50.51 -43.82 -21.54
N GLY C 57 50.79 -44.84 -22.34
CA GLY C 57 52.07 -44.95 -23.02
C GLY C 57 53.06 -45.85 -22.31
N VAL C 58 52.75 -46.24 -21.07
CA VAL C 58 53.59 -47.12 -20.26
C VAL C 58 53.19 -48.57 -20.46
N SER C 59 54.19 -49.42 -20.64
CA SER C 59 54.00 -50.84 -20.87
C SER C 59 53.29 -51.48 -19.67
N ASP C 60 52.48 -52.49 -19.96
CA ASP C 60 51.65 -53.17 -18.95
C ASP C 60 52.49 -54.12 -18.08
N ARG C 61 53.80 -54.15 -18.26
CA ARG C 61 54.69 -54.94 -17.41
C ARG C 61 54.94 -54.30 -16.06
N PHE C 62 54.65 -53.00 -15.92
CA PHE C 62 54.89 -52.24 -14.69
C PHE C 62 53.59 -52.10 -13.91
N SER C 63 53.56 -52.65 -12.70
CA SER C 63 52.35 -52.61 -11.87
C SER C 63 52.78 -52.58 -10.42
N GLY C 64 51.85 -52.30 -9.52
CA GLY C 64 52.25 -52.27 -8.13
C GLY C 64 51.06 -52.30 -7.19
N SER C 65 51.37 -52.16 -5.91
CA SER C 65 50.33 -52.22 -4.88
C SER C 65 50.84 -51.60 -3.59
N LYS C 66 49.97 -51.63 -2.57
CA LYS C 66 50.25 -51.12 -1.24
C LYS C 66 49.57 -51.99 -0.19
N SER C 67 50.30 -52.29 0.88
CA SER C 67 49.79 -53.04 2.02
C SER C 67 50.46 -52.50 3.27
N GLY C 68 49.64 -52.11 4.26
CA GLY C 68 50.20 -51.53 5.48
C GLY C 68 50.95 -50.28 5.10
N ASN C 69 52.21 -50.20 5.51
CA ASN C 69 53.06 -49.05 5.21
C ASN C 69 54.07 -49.38 4.12
N THR C 70 53.88 -50.49 3.41
CA THR C 70 54.80 -50.93 2.36
C THR C 70 54.11 -50.89 1.01
N ALA C 71 54.76 -50.25 0.05
CA ALA C 71 54.32 -50.14 -1.33
C ALA C 71 55.31 -50.93 -2.17
N SER C 72 54.87 -51.44 -3.31
CA SER C 72 55.82 -52.15 -4.16
C SER C 72 55.48 -51.97 -5.63
N LEU C 73 56.53 -52.03 -6.44
CA LEU C 73 56.48 -52.01 -7.89
C LEU C 73 57.00 -53.35 -8.40
N THR C 74 56.20 -54.03 -9.21
CA THR C 74 56.56 -55.31 -9.79
C THR C 74 56.71 -55.10 -11.29
N ILE C 75 57.84 -55.52 -11.82
CA ILE C 75 58.15 -55.41 -13.24
C ILE C 75 58.22 -56.83 -13.79
N SER C 76 57.20 -57.23 -14.55
CA SER C 76 57.19 -58.57 -15.10
C SER C 76 58.00 -58.55 -16.38
N GLY C 77 58.48 -59.71 -16.81
CA GLY C 77 59.10 -59.76 -18.13
C GLY C 77 60.34 -58.89 -18.27
N LEU C 78 61.19 -58.85 -17.24
CA LEU C 78 62.35 -57.95 -17.19
C LEU C 78 63.16 -57.94 -18.49
N GLN C 79 63.40 -56.73 -18.99
CA GLN C 79 64.17 -56.47 -20.20
C GLN C 79 65.51 -55.83 -19.84
N ALA C 80 66.45 -55.96 -20.78
CA ALA C 80 67.76 -55.33 -20.59
C ALA C 80 67.64 -53.81 -20.46
N ASP C 81 66.66 -53.20 -21.11
CA ASP C 81 66.52 -51.74 -21.08
C ASP C 81 65.75 -51.23 -19.87
N ASP C 82 65.33 -52.11 -18.96
CA ASP C 82 64.61 -51.70 -17.77
C ASP C 82 65.52 -51.37 -16.60
N GLU C 83 66.83 -51.58 -16.72
CA GLU C 83 67.73 -51.33 -15.60
C GLU C 83 67.99 -49.83 -15.54
N ALA C 84 67.50 -49.21 -14.46
CA ALA C 84 67.51 -47.77 -14.26
C ALA C 84 67.33 -47.57 -12.76
N ASP C 85 67.54 -46.35 -12.30
CA ASP C 85 67.32 -46.06 -10.88
C ASP C 85 65.84 -45.76 -10.67
N TYR C 86 65.18 -46.57 -9.86
CA TYR C 86 63.76 -46.42 -9.57
C TYR C 86 63.56 -45.74 -8.23
N TYR C 87 62.57 -44.85 -8.18
CA TYR C 87 62.26 -44.12 -6.96
C TYR C 87 60.78 -44.22 -6.65
N CYS C 88 60.47 -44.27 -5.37
CA CYS C 88 59.10 -44.16 -4.88
C CYS C 88 58.93 -42.75 -4.35
N SER C 89 57.72 -42.21 -4.47
CA SER C 89 57.41 -40.88 -3.94
C SER C 89 56.05 -40.90 -3.31
N ALA C 90 55.97 -40.63 -2.00
CA ALA C 90 54.72 -40.67 -1.27
C ALA C 90 54.28 -39.29 -0.82
N TYR C 91 52.99 -39.05 -0.91
CA TYR C 91 52.39 -37.85 -0.35
C TYR C 91 52.38 -38.01 1.17
N ALA C 92 52.75 -36.95 1.89
CA ALA C 92 52.79 -37.00 3.35
C ALA C 92 51.99 -35.89 4.00
N GLY C 93 50.94 -35.42 3.33
CA GLY C 93 50.07 -34.41 3.91
C GLY C 93 50.45 -33.00 3.52
N ARG C 94 49.90 -32.05 4.26
CA ARG C 94 50.06 -30.63 3.98
C ARG C 94 51.33 -30.07 4.57
N GLN C 95 51.82 -30.67 5.66
CA GLN C 95 53.01 -30.13 6.32
C GLN C 95 54.26 -30.55 5.55
N THR C 96 54.30 -31.81 5.11
CA THR C 96 55.37 -32.35 4.27
C THR C 96 54.64 -32.78 3.01
N PHE C 97 54.91 -32.14 1.88
CA PHE C 97 54.14 -32.49 0.70
C PHE C 97 54.58 -33.81 0.08
N TYR C 98 55.86 -33.99 -0.23
CA TYR C 98 56.31 -35.23 -0.84
C TYR C 98 57.58 -35.72 -0.17
N ILE C 99 57.68 -37.03 -0.03
CA ILE C 99 58.88 -37.69 0.47
C ILE C 99 59.33 -38.70 -0.57
N PHE C 100 60.59 -38.62 -0.97
CA PHE C 100 61.15 -39.56 -1.92
C PHE C 100 62.01 -40.57 -1.16
N GLY C 101 62.05 -41.79 -1.68
CA GLY C 101 62.93 -42.80 -1.14
C GLY C 101 64.29 -42.77 -1.80
N GLY C 102 65.21 -43.54 -1.23
CA GLY C 102 66.51 -43.68 -1.85
C GLY C 102 66.32 -44.45 -3.14
N GLY C 103 67.21 -44.24 -4.12
CA GLY C 103 67.05 -44.95 -5.38
C GLY C 103 67.50 -46.40 -5.30
N THR C 104 66.83 -47.23 -6.11
CA THR C 104 67.16 -48.64 -6.27
C THR C 104 67.79 -48.84 -7.64
N ARG C 105 68.99 -49.39 -7.67
CA ARG C 105 69.66 -49.68 -8.94
C ARG C 105 69.16 -51.04 -9.40
N LEU C 106 68.33 -51.08 -10.43
CA LEU C 106 67.79 -52.35 -10.89
C LEU C 106 68.86 -53.07 -11.72
N ASP D 9 32.21 -10.41 -18.96
CA ASP D 9 30.82 -10.12 -19.26
C ASP D 9 30.10 -9.63 -18.01
N GLY D 10 28.82 -9.29 -18.16
CA GLY D 10 27.97 -8.79 -17.09
C GLY D 10 27.02 -9.84 -16.57
N PHE D 11 25.86 -9.38 -16.10
CA PHE D 11 24.86 -10.22 -15.47
C PHE D 11 24.43 -11.37 -16.39
N LEU D 12 24.57 -12.59 -15.88
CA LEU D 12 24.26 -13.85 -16.56
C LEU D 12 25.11 -14.10 -17.79
N GLY D 13 26.22 -13.36 -17.97
CA GLY D 13 27.05 -13.58 -19.14
C GLY D 13 27.62 -14.99 -19.18
N ALA D 14 27.86 -15.58 -18.02
CA ALA D 14 28.42 -16.92 -17.89
C ALA D 14 27.38 -18.02 -17.93
N ALA D 15 26.10 -17.70 -18.17
CA ALA D 15 25.04 -18.70 -18.11
C ALA D 15 25.30 -19.87 -19.04
N GLY D 16 25.91 -19.64 -20.21
CA GLY D 16 26.20 -20.71 -21.14
C GLY D 16 27.59 -21.28 -21.01
N SER D 17 28.37 -20.80 -20.04
CA SER D 17 29.74 -21.23 -19.82
C SER D 17 29.75 -22.49 -18.97
N THR D 18 30.92 -23.10 -18.87
CA THR D 18 31.01 -24.31 -18.09
C THR D 18 30.88 -23.97 -16.61
N MET D 19 30.59 -24.97 -15.79
CA MET D 19 30.43 -24.74 -14.36
C MET D 19 31.67 -24.13 -13.74
N GLY D 20 32.86 -24.56 -14.18
CA GLY D 20 34.08 -24.02 -13.63
C GLY D 20 34.24 -22.53 -13.91
N ALA D 21 34.13 -22.13 -15.19
CA ALA D 21 34.33 -20.72 -15.54
C ALA D 21 33.31 -19.81 -14.86
N ALA D 22 32.07 -20.29 -14.72
CA ALA D 22 31.05 -19.42 -14.18
C ALA D 22 31.25 -19.15 -12.69
N SER D 23 32.11 -19.93 -12.02
CA SER D 23 32.27 -19.67 -10.60
C SER D 23 33.02 -18.37 -10.37
N MET D 24 33.68 -17.83 -11.41
CA MET D 24 34.41 -16.59 -11.22
C MET D 24 33.51 -15.37 -11.37
N THR D 25 32.21 -15.54 -11.66
CA THR D 25 31.30 -14.41 -11.80
C THR D 25 30.19 -14.46 -10.75
N LEU D 26 30.39 -15.19 -9.66
CA LEU D 26 29.36 -15.33 -8.64
C LEU D 26 28.97 -13.99 -8.04
N THR D 27 29.90 -13.05 -7.95
CA THR D 27 29.55 -11.76 -7.36
C THR D 27 28.67 -10.93 -8.26
N VAL D 28 28.71 -11.15 -9.58
CA VAL D 28 27.94 -10.29 -10.47
C VAL D 28 26.47 -10.59 -10.32
N GLN D 29 26.12 -11.87 -10.30
CA GLN D 29 24.72 -12.20 -10.16
C GLN D 29 24.26 -11.84 -8.77
N ALA D 30 25.15 -12.00 -7.77
CA ALA D 30 24.75 -11.69 -6.41
C ALA D 30 24.37 -10.22 -6.30
N ARG D 31 25.13 -9.33 -6.97
CA ARG D 31 24.82 -7.91 -6.88
C ARG D 31 23.47 -7.61 -7.49
N ASN D 32 23.07 -8.37 -8.50
CA ASN D 32 21.82 -8.13 -9.20
C ASN D 32 20.64 -8.84 -8.56
N LEU D 33 20.84 -9.48 -7.41
CA LEU D 33 19.71 -10.13 -6.75
C LEU D 33 18.89 -9.14 -5.94
N LEU D 34 19.54 -8.10 -5.40
CA LEU D 34 18.90 -7.14 -4.53
C LEU D 34 18.61 -5.82 -5.24
N SER D 35 19.54 -5.36 -6.08
CA SER D 35 19.51 -4.12 -6.88
C SER D 35 18.31 -3.19 -6.73
N GLY D 61 -0.30 0.95 -7.61
CA GLY D 61 1.05 0.94 -7.08
C GLY D 61 1.28 -0.08 -5.97
N ILE D 62 0.19 -0.61 -5.41
CA ILE D 62 0.31 -1.55 -4.30
C ILE D 62 0.96 -2.86 -4.76
N LYS D 63 0.69 -3.29 -6.00
CA LYS D 63 1.28 -4.54 -6.48
C LYS D 63 2.79 -4.43 -6.61
N GLN D 64 3.28 -3.25 -7.00
CA GLN D 64 4.72 -3.07 -7.13
C GLN D 64 5.39 -3.09 -5.77
N LEU D 65 4.73 -2.54 -4.76
CA LEU D 65 5.30 -2.56 -3.43
C LEU D 65 5.29 -3.99 -2.90
N GLN D 66 4.24 -4.75 -3.21
CA GLN D 66 4.21 -6.14 -2.79
C GLN D 66 5.34 -6.92 -3.45
N ALA D 67 5.62 -6.62 -4.72
CA ALA D 67 6.70 -7.30 -5.41
C ALA D 67 8.04 -7.00 -4.77
N ARG D 68 8.26 -5.75 -4.36
CA ARG D 68 9.53 -5.43 -3.70
C ARG D 68 9.64 -6.14 -2.36
N VAL D 69 8.52 -6.23 -1.62
CA VAL D 69 8.55 -6.90 -0.33
C VAL D 69 8.85 -8.38 -0.52
N LEU D 70 8.23 -9.00 -1.52
CA LEU D 70 8.48 -10.42 -1.75
C LEU D 70 9.92 -10.66 -2.18
N ALA D 71 10.49 -9.74 -2.98
CA ALA D 71 11.88 -9.90 -3.36
C ALA D 71 12.78 -9.86 -2.13
N VAL D 72 12.46 -8.98 -1.18
CA VAL D 72 13.24 -8.90 0.05
C VAL D 72 13.08 -10.18 0.85
N GLU D 73 11.86 -10.71 0.96
CA GLU D 73 11.68 -11.94 1.72
C GLU D 73 12.44 -13.09 1.09
N HIS D 74 12.44 -13.18 -0.24
CA HIS D 74 13.17 -14.26 -0.92
C HIS D 74 14.65 -14.16 -0.59
N TYR D 75 15.20 -12.96 -0.74
CA TYR D 75 16.62 -12.75 -0.47
C TYR D 75 16.95 -13.18 0.95
N LEU D 76 16.13 -12.76 1.91
CA LEU D 76 16.40 -13.12 3.29
C LEU D 76 16.26 -14.62 3.51
N ARG D 77 15.34 -15.29 2.81
CA ARG D 77 15.23 -16.73 2.99
C ARG D 77 16.51 -17.42 2.53
N ASP D 78 17.08 -16.95 1.43
CA ASP D 78 18.33 -17.55 0.97
C ASP D 78 19.47 -17.25 1.94
N GLN D 79 19.50 -16.05 2.51
CA GLN D 79 20.57 -15.73 3.44
C GLN D 79 20.42 -16.53 4.72
N GLN D 80 19.18 -16.73 5.18
CA GLN D 80 18.95 -17.51 6.38
C GLN D 80 19.39 -18.94 6.15
N LEU D 81 19.11 -19.46 4.95
CA LEU D 81 19.47 -20.84 4.68
C LEU D 81 20.98 -20.99 4.67
N LEU D 82 21.70 -20.02 4.08
CA LEU D 82 23.15 -20.09 4.13
C LEU D 82 23.67 -19.98 5.56
N GLY D 83 22.99 -19.19 6.39
CA GLY D 83 23.38 -19.07 7.78
C GLY D 83 23.25 -20.38 8.53
N ILE D 84 22.12 -21.06 8.34
CA ILE D 84 21.85 -22.33 9.02
C ILE D 84 22.92 -23.36 8.66
N TRP D 85 23.35 -23.38 7.41
CA TRP D 85 24.35 -24.35 6.96
C TRP D 85 25.75 -24.04 7.47
N GLY D 86 25.97 -22.89 8.12
CA GLY D 86 27.29 -22.53 8.57
C GLY D 86 28.17 -21.84 7.57
N CYS D 87 27.59 -21.27 6.51
CA CYS D 87 28.34 -20.59 5.46
C CYS D 87 28.37 -19.09 5.68
N SER D 88 27.23 -18.50 6.04
CA SER D 88 27.08 -17.06 6.30
C SER D 88 27.57 -16.26 5.09
N GLY D 89 28.41 -15.24 5.27
CA GLY D 89 28.84 -14.38 4.20
C GLY D 89 29.89 -14.92 3.27
N LYS D 90 29.60 -16.04 2.60
CA LYS D 90 30.53 -16.65 1.66
C LYS D 90 29.77 -17.01 0.39
N LEU D 91 30.46 -16.90 -0.74
CA LEU D 91 29.89 -17.31 -2.02
C LEU D 91 30.28 -18.73 -2.38
N ILE D 92 31.42 -19.20 -1.89
CA ILE D 92 31.89 -20.56 -2.09
C ILE D 92 32.06 -21.10 -0.68
N CYS D 93 31.36 -22.19 -0.36
CA CYS D 93 31.39 -22.74 0.98
C CYS D 93 31.54 -24.25 0.93
N CYS D 94 32.65 -24.76 1.47
CA CYS D 94 32.89 -26.19 1.51
C CYS D 94 32.23 -26.74 2.76
N THR D 95 31.74 -27.98 2.68
CA THR D 95 31.04 -28.59 3.81
C THR D 95 31.61 -29.98 4.11
N ASN D 96 31.04 -30.61 5.13
CA ASN D 96 31.39 -31.95 5.58
C ASN D 96 30.40 -33.02 5.14
N VAL D 97 29.49 -32.73 4.21
CA VAL D 97 28.53 -33.73 3.75
C VAL D 97 29.13 -34.47 2.56
N PRO D 98 29.29 -35.80 2.62
CA PRO D 98 29.87 -36.52 1.49
C PRO D 98 28.89 -36.59 0.34
N TRP D 99 29.41 -36.75 -0.87
CA TRP D 99 28.55 -36.93 -2.03
C TRP D 99 28.08 -38.38 -2.03
N ASN D 100 26.77 -38.56 -2.21
CA ASN D 100 26.14 -39.89 -2.12
C ASN D 100 26.52 -40.79 -3.29
N SER D 101 26.79 -40.21 -4.45
CA SER D 101 27.10 -40.88 -5.72
C SER D 101 25.83 -41.35 -6.42
N SER D 102 24.69 -41.42 -5.71
CA SER D 102 23.43 -41.77 -6.34
C SER D 102 22.78 -40.52 -6.92
N TRP D 103 23.09 -39.37 -6.33
CA TRP D 103 22.54 -38.09 -6.79
C TRP D 103 23.04 -37.77 -8.19
N SER D 104 24.32 -38.05 -8.43
CA SER D 104 24.97 -37.90 -9.71
C SER D 104 26.22 -38.75 -9.67
N ASN D 105 26.47 -39.51 -10.74
CA ASN D 105 27.64 -40.37 -10.83
C ASN D 105 28.61 -39.93 -11.92
N ARG D 106 28.60 -38.66 -12.27
CA ARG D 106 29.51 -38.14 -13.28
C ARG D 106 30.90 -37.92 -12.69
N ASN D 107 31.89 -37.87 -13.57
CA ASN D 107 33.25 -37.59 -13.14
C ASN D 107 33.34 -36.12 -12.71
N LEU D 108 34.30 -35.83 -11.83
CA LEU D 108 34.45 -34.46 -11.36
C LEU D 108 34.83 -33.52 -12.50
N SER D 109 35.73 -33.96 -13.38
CA SER D 109 36.10 -33.11 -14.49
C SER D 109 34.97 -33.03 -15.50
N GLU D 110 34.18 -34.09 -15.64
CA GLU D 110 33.07 -34.04 -16.58
C GLU D 110 32.06 -32.97 -16.16
N ILE D 111 31.75 -32.93 -14.86
CA ILE D 111 30.77 -31.98 -14.36
C ILE D 111 31.30 -30.56 -14.50
N TRP D 112 32.54 -30.33 -14.07
CA TRP D 112 33.02 -28.95 -14.07
C TRP D 112 33.46 -28.44 -15.43
N ASP D 113 33.93 -29.28 -16.34
CA ASP D 113 34.37 -28.83 -17.65
C ASP D 113 33.37 -28.99 -18.80
N ASN D 114 32.42 -29.94 -18.75
CA ASN D 114 31.53 -30.18 -19.88
C ASN D 114 30.05 -29.93 -19.61
N MET D 115 29.69 -29.20 -18.55
CA MET D 115 28.30 -28.90 -18.27
C MET D 115 28.12 -27.45 -17.85
N THR D 116 26.93 -26.92 -18.11
CA THR D 116 26.55 -25.60 -17.64
C THR D 116 25.76 -25.76 -16.35
N TRP D 117 25.55 -24.64 -15.65
CA TRP D 117 24.80 -24.71 -14.40
C TRP D 117 23.33 -25.01 -14.63
N LEU D 118 22.76 -24.63 -15.78
CA LEU D 118 21.36 -24.92 -16.04
C LEU D 118 21.14 -26.42 -16.18
N GLN D 119 22.07 -27.08 -16.86
CA GLN D 119 21.97 -28.52 -17.05
C GLN D 119 22.15 -29.23 -15.73
N TRP D 120 23.10 -28.77 -14.92
CA TRP D 120 23.33 -29.38 -13.64
C TRP D 120 22.12 -29.24 -12.74
N ASP D 121 21.53 -28.04 -12.70
CA ASP D 121 20.37 -27.84 -11.85
C ASP D 121 19.25 -28.79 -12.25
N LYS D 122 19.04 -28.99 -13.55
CA LYS D 122 18.01 -29.96 -13.94
C LYS D 122 18.41 -31.37 -13.52
N GLU D 123 19.68 -31.73 -13.72
CA GLU D 123 20.15 -33.08 -13.45
C GLU D 123 19.93 -33.53 -12.01
N ILE D 124 20.11 -32.64 -11.02
CA ILE D 124 19.95 -33.03 -9.61
C ILE D 124 18.76 -32.36 -8.94
N SER D 125 17.76 -31.91 -9.70
CA SER D 125 16.62 -31.24 -9.08
C SER D 125 15.93 -32.12 -8.02
N ASN D 126 15.78 -33.42 -8.32
CA ASN D 126 15.04 -34.30 -7.43
C ASN D 126 15.74 -34.55 -6.10
N TYR D 127 17.01 -34.19 -5.96
CA TYR D 127 17.74 -34.46 -4.73
C TYR D 127 18.02 -33.19 -3.95
N THR D 128 17.48 -32.04 -4.39
CA THR D 128 17.81 -30.77 -3.74
C THR D 128 17.42 -30.77 -2.26
N GLN D 129 16.23 -31.26 -1.94
CA GLN D 129 15.80 -31.17 -0.56
C GLN D 129 16.57 -32.15 0.31
N ILE D 130 17.00 -33.26 -0.27
CA ILE D 130 17.76 -34.22 0.51
C ILE D 130 19.08 -33.59 0.91
N ILE D 131 19.73 -32.93 -0.06
CA ILE D 131 21.02 -32.34 0.23
C ILE D 131 20.85 -31.26 1.28
N TYR D 132 19.80 -30.44 1.15
CA TYR D 132 19.62 -29.38 2.12
C TYR D 132 19.43 -29.93 3.52
N GLY D 133 18.66 -31.01 3.65
CA GLY D 133 18.47 -31.57 4.97
C GLY D 133 19.77 -32.04 5.59
N LEU D 134 20.62 -32.67 4.78
CA LEU D 134 21.88 -33.17 5.32
C LEU D 134 22.77 -32.01 5.75
N LEU D 135 22.75 -30.92 4.98
CA LEU D 135 23.60 -29.79 5.34
C LEU D 135 23.19 -29.22 6.69
N GLU D 136 21.88 -29.12 6.93
CA GLU D 136 21.44 -28.59 8.21
C GLU D 136 21.90 -29.46 9.35
N GLU D 137 21.79 -30.79 9.18
CA GLU D 137 22.17 -31.66 10.28
C GLU D 137 23.66 -31.57 10.54
N SER D 138 24.45 -31.45 9.48
CA SER D 138 25.89 -31.39 9.67
C SER D 138 26.27 -30.19 10.50
N GLN D 139 25.67 -29.03 10.21
CA GLN D 139 26.05 -27.85 10.98
C GLN D 139 25.63 -27.98 12.43
N ASN D 140 24.47 -28.61 12.69
CA ASN D 140 24.07 -28.73 14.09
C ASN D 140 25.07 -29.53 14.89
N GLN D 141 25.61 -30.60 14.29
CA GLN D 141 26.58 -31.38 15.05
C GLN D 141 27.86 -30.59 15.25
N GLN D 142 28.25 -29.84 14.22
CA GLN D 142 29.46 -29.05 14.33
C GLN D 142 29.33 -28.03 15.45
N GLU D 143 28.16 -27.38 15.54
CA GLU D 143 28.02 -26.36 16.58
C GLU D 143 28.14 -26.97 17.95
N LYS D 144 27.54 -28.15 18.16
CA LYS D 144 27.65 -28.74 19.48
C LYS D 144 29.08 -29.14 19.77
N ASN D 145 29.78 -29.67 18.76
CA ASN D 145 31.15 -30.07 19.04
C ASN D 145 32.01 -28.87 19.34
N GLU D 146 31.75 -27.75 18.65
CA GLU D 146 32.57 -26.57 18.93
C GLU D 146 32.31 -26.09 20.34
N GLN D 147 31.04 -26.12 20.76
CA GLN D 147 30.73 -25.65 22.10
C GLN D 147 31.41 -26.53 23.12
N ASP D 148 31.42 -27.84 22.87
CA ASP D 148 32.02 -28.71 23.86
C ASP D 148 33.52 -28.59 23.81
N LEU D 149 34.07 -28.28 22.64
CA LEU D 149 35.51 -28.10 22.60
C LEU D 149 35.89 -26.85 23.37
N LEU D 150 35.09 -25.79 23.22
CA LEU D 150 35.34 -24.54 23.95
C LEU D 150 35.20 -24.71 25.45
N ALA D 151 34.31 -25.60 25.90
CA ALA D 151 34.11 -25.83 27.33
C ALA D 151 35.33 -26.41 28.04
N LEU D 152 36.29 -27.00 27.31
CA LEU D 152 37.44 -27.55 27.99
C LEU D 152 38.30 -26.43 28.56
N ASP D 153 38.65 -26.54 29.83
CA ASP D 153 39.47 -25.53 30.48
C ASP D 153 40.87 -25.49 29.89
N VAL E 2 -17.14 25.10 -74.78
CA VAL E 2 -18.13 24.03 -74.68
C VAL E 2 -19.20 24.23 -75.76
N THR E 3 -19.04 23.52 -76.87
CA THR E 3 -19.96 23.55 -77.99
C THR E 3 -20.52 22.17 -78.25
N LEU E 4 -21.83 22.10 -78.48
CA LEU E 4 -22.55 20.87 -78.81
C LEU E 4 -23.29 21.13 -80.11
N LYS E 5 -23.29 20.14 -81.02
CA LYS E 5 -24.00 20.28 -82.29
C LYS E 5 -24.80 19.04 -82.65
N GLU E 6 -26.12 19.23 -82.79
CA GLU E 6 -27.06 18.18 -83.15
C GLU E 6 -27.13 17.99 -84.67
N SER E 7 -27.45 16.77 -85.07
CA SER E 7 -27.73 16.46 -86.46
C SER E 7 -28.73 15.33 -86.54
N GLY E 8 -29.65 15.41 -87.50
CA GLY E 8 -30.65 14.39 -87.70
C GLY E 8 -31.60 14.73 -88.83
N PRO E 9 -32.54 13.83 -89.11
CA PRO E 9 -33.49 14.07 -90.20
C PRO E 9 -34.47 15.19 -89.87
N ALA E 10 -34.85 15.96 -90.89
CA ALA E 10 -35.87 16.98 -90.73
C ALA E 10 -37.28 16.42 -90.88
N LEU E 11 -37.47 15.40 -91.71
CA LEU E 11 -38.77 14.82 -91.99
C LEU E 11 -38.76 13.35 -91.58
N VAL E 12 -39.72 12.98 -90.75
CA VAL E 12 -39.86 11.63 -90.23
C VAL E 12 -41.23 11.08 -90.61
N LYS E 13 -41.27 9.86 -91.12
CA LYS E 13 -42.53 9.23 -91.48
C LYS E 13 -43.14 8.59 -90.23
N PRO E 14 -44.47 8.48 -90.14
CA PRO E 14 -45.07 7.76 -89.00
C PRO E 14 -44.49 6.35 -88.89
N THR E 15 -44.21 5.94 -87.65
CA THR E 15 -43.64 4.65 -87.25
C THR E 15 -42.13 4.60 -87.51
N GLN E 16 -41.54 5.60 -88.16
CA GLN E 16 -40.11 5.61 -88.42
C GLN E 16 -39.34 5.86 -87.13
N THR E 17 -38.17 5.23 -87.05
CA THR E 17 -37.27 5.51 -85.93
C THR E 17 -36.49 6.79 -86.21
N LEU E 18 -36.45 7.68 -85.23
CA LEU E 18 -35.68 8.92 -85.30
C LEU E 18 -34.29 8.64 -84.73
N THR E 19 -33.25 9.11 -85.42
CA THR E 19 -31.88 9.04 -84.91
C THR E 19 -31.30 10.45 -84.89
N LEU E 20 -30.81 10.86 -83.72
CA LEU E 20 -30.16 12.15 -83.50
C LEU E 20 -28.75 11.94 -82.99
N THR E 21 -27.78 12.62 -83.59
CA THR E 21 -26.38 12.53 -83.19
C THR E 21 -25.92 13.90 -82.72
N CYS E 22 -25.31 13.95 -81.54
CA CYS E 22 -24.75 15.19 -80.98
C CYS E 22 -23.23 15.06 -80.86
N THR E 23 -22.53 15.98 -81.52
CA THR E 23 -21.07 16.04 -81.54
C THR E 23 -20.60 17.05 -80.49
N PHE E 24 -19.56 16.70 -79.74
CA PHE E 24 -19.04 17.54 -78.68
C PHE E 24 -17.76 18.23 -79.16
N SER E 25 -17.55 19.46 -78.68
CA SER E 25 -16.31 20.18 -78.91
C SER E 25 -15.99 20.95 -77.64
N GLY E 26 -14.75 20.80 -77.16
CA GLY E 26 -14.31 21.45 -75.95
C GLY E 26 -14.35 20.56 -74.72
N PHE E 27 -14.96 19.38 -74.81
CA PHE E 27 -15.05 18.45 -73.71
C PHE E 27 -15.18 17.06 -74.29
N SER E 28 -14.95 16.05 -73.46
CA SER E 28 -15.12 14.67 -73.89
C SER E 28 -15.54 13.82 -72.70
N LEU E 29 -16.24 12.74 -73.01
CA LEU E 29 -16.75 11.82 -72.01
C LEU E 29 -15.69 10.75 -71.73
N SER E 30 -15.74 10.21 -70.51
CA SER E 30 -14.83 9.19 -70.01
C SER E 30 -13.42 9.74 -69.81
N THR E 31 -13.25 11.06 -69.84
CA THR E 31 -11.98 11.73 -69.58
C THR E 31 -12.25 12.72 -68.46
N ASN E 32 -13.17 13.65 -68.71
CA ASN E 32 -13.63 14.60 -67.71
C ASN E 32 -14.83 13.98 -67.01
N TYR E 33 -15.44 14.69 -66.06
CA TYR E 33 -16.55 14.17 -65.28
C TYR E 33 -17.90 14.74 -65.71
N MET E 34 -17.99 15.29 -66.92
CA MET E 34 -19.19 15.91 -67.44
C MET E 34 -20.04 14.86 -68.15
N GLY E 35 -21.36 15.02 -68.09
CA GLY E 35 -22.27 14.16 -68.82
C GLY E 35 -22.98 14.92 -69.92
N VAL E 36 -23.88 14.22 -70.61
CA VAL E 36 -24.69 14.80 -71.69
C VAL E 36 -26.08 14.20 -71.63
N ASP E 37 -27.09 15.02 -71.92
CA ASP E 37 -28.45 14.51 -72.01
C ASP E 37 -29.16 15.12 -73.21
N TRP E 38 -30.40 14.67 -73.40
CA TRP E 38 -31.28 15.12 -74.46
C TRP E 38 -32.61 15.56 -73.88
N ILE E 39 -33.10 16.66 -74.46
CA ILE E 39 -34.36 17.32 -74.11
C ILE E 39 -35.09 17.62 -75.41
N ARG E 40 -36.41 17.56 -75.39
CA ARG E 40 -37.22 17.96 -76.55
C ARG E 40 -38.21 19.02 -76.12
N GLN E 41 -38.59 19.87 -77.07
CA GLN E 41 -39.59 20.92 -76.86
C GLN E 41 -40.60 20.98 -78.00
N PRO E 42 -41.77 20.36 -77.87
CA PRO E 42 -42.76 20.45 -78.95
C PRO E 42 -43.12 21.91 -79.17
N PRO E 43 -43.49 22.30 -80.40
CA PRO E 43 -43.82 23.72 -80.65
C PRO E 43 -44.90 24.27 -79.73
N GLY E 44 -44.59 25.40 -79.08
CA GLY E 44 -45.49 26.11 -78.21
C GLY E 44 -45.64 25.51 -76.83
N LYS E 45 -44.90 24.46 -76.50
CA LYS E 45 -44.98 23.72 -75.26
C LYS E 45 -43.70 23.87 -74.46
N ALA E 46 -43.79 23.51 -73.18
CA ALA E 46 -42.64 23.51 -72.28
C ALA E 46 -41.68 22.37 -72.62
N LEU E 47 -40.45 22.51 -72.12
CA LEU E 47 -39.41 21.53 -72.39
C LEU E 47 -39.72 20.21 -71.71
N GLU E 48 -39.49 19.11 -72.44
CA GLU E 48 -39.65 17.75 -71.94
C GLU E 48 -38.30 17.06 -71.92
N TRP E 49 -37.90 16.58 -70.74
CA TRP E 49 -36.64 15.87 -70.62
C TRP E 49 -36.76 14.48 -71.21
N LEU E 50 -35.76 14.06 -71.98
CA LEU E 50 -35.79 12.73 -72.57
C LEU E 50 -34.90 11.76 -71.82
N ALA E 51 -33.59 11.99 -71.83
CA ALA E 51 -32.73 11.01 -71.16
C ALA E 51 -31.31 11.55 -70.99
N ARG E 52 -30.55 10.94 -70.08
CA ARG E 52 -29.19 11.38 -69.76
C ARG E 52 -28.19 10.24 -69.69
N ILE E 53 -26.95 10.53 -70.12
CA ILE E 53 -25.78 9.66 -69.99
C ILE E 53 -24.71 10.40 -69.21
N TYR E 54 -24.15 9.74 -68.20
CA TYR E 54 -23.08 10.30 -67.39
C TYR E 54 -21.72 9.81 -67.88
N TRP E 55 -20.69 10.55 -67.45
CA TRP E 55 -19.29 10.27 -67.76
C TRP E 55 -18.85 8.85 -67.40
N ASN E 56 -19.58 8.18 -66.50
CA ASN E 56 -19.26 6.85 -66.00
C ASN E 56 -20.13 5.75 -66.60
N ASP E 57 -20.71 6.00 -67.77
CA ASP E 57 -21.54 5.07 -68.56
C ASP E 57 -22.90 4.81 -67.88
N ASP E 58 -23.24 5.55 -66.83
CA ASP E 58 -24.60 5.42 -66.31
C ASP E 58 -25.57 5.98 -67.35
N LYS E 59 -26.73 5.34 -67.47
CA LYS E 59 -27.78 5.76 -68.39
C LYS E 59 -29.14 5.84 -67.69
N TYR E 60 -29.84 6.96 -67.89
CA TYR E 60 -31.17 7.15 -67.30
C TYR E 60 -32.13 7.64 -68.37
N TYR E 61 -33.39 7.22 -68.24
CA TYR E 61 -34.44 7.56 -69.20
C TYR E 61 -35.66 8.11 -68.50
N SER E 62 -36.41 8.94 -69.22
CA SER E 62 -37.70 9.40 -68.74
C SER E 62 -38.65 8.21 -68.62
N THR E 63 -39.51 8.24 -67.60
CA THR E 63 -40.43 7.13 -67.40
C THR E 63 -41.50 7.04 -68.47
N SER E 64 -41.71 8.11 -69.23
CA SER E 64 -42.71 8.13 -70.30
C SER E 64 -42.20 7.50 -71.59
N LEU E 65 -40.88 7.35 -71.76
CA LEU E 65 -40.29 6.87 -73.01
C LEU E 65 -39.40 5.65 -72.83
N LYS E 66 -39.51 4.94 -71.69
CA LYS E 66 -38.64 3.80 -71.45
C LYS E 66 -38.75 2.72 -72.52
N SER E 67 -39.95 2.51 -73.07
CA SER E 67 -40.16 1.49 -74.09
C SER E 67 -39.76 1.92 -75.50
N ARG E 68 -39.50 3.21 -75.73
CA ARG E 68 -39.20 3.75 -77.04
C ARG E 68 -37.81 4.37 -77.20
N LEU E 69 -37.22 4.92 -76.14
CA LEU E 69 -35.99 5.69 -76.25
C LEU E 69 -34.76 4.87 -75.87
N THR E 70 -33.74 4.93 -76.73
CA THR E 70 -32.44 4.28 -76.50
C THR E 70 -31.32 5.30 -76.76
N ILE E 71 -30.30 5.32 -75.91
CA ILE E 71 -29.14 6.18 -76.10
C ILE E 71 -27.86 5.35 -76.00
N SER E 72 -26.82 5.82 -76.70
CA SER E 72 -25.52 5.19 -76.68
C SER E 72 -24.46 6.28 -76.83
N LYS E 73 -23.23 5.93 -76.47
CA LYS E 73 -22.10 6.86 -76.50
C LYS E 73 -20.94 6.23 -77.24
N ASP E 74 -20.18 7.03 -77.98
CA ASP E 74 -18.95 6.56 -78.61
C ASP E 74 -17.90 7.65 -78.40
N THR E 75 -16.92 7.37 -77.55
CA THR E 75 -15.91 8.33 -77.13
C THR E 75 -14.75 8.44 -78.11
N SER E 76 -14.69 7.59 -79.14
CA SER E 76 -13.65 7.69 -80.14
C SER E 76 -14.03 8.71 -81.21
N LYS E 77 -15.33 8.89 -81.39
CA LYS E 77 -15.96 9.84 -82.32
C LYS E 77 -16.30 11.14 -81.61
N ASN E 78 -16.37 11.13 -80.26
CA ASN E 78 -16.82 12.28 -79.50
C ASN E 78 -18.25 12.56 -79.92
N GLN E 79 -19.03 11.48 -79.92
CA GLN E 79 -20.45 11.52 -80.28
C GLN E 79 -21.36 10.78 -79.30
N VAL E 80 -22.60 11.28 -79.20
CA VAL E 80 -23.70 10.62 -78.49
C VAL E 80 -24.88 10.44 -79.46
N VAL E 81 -25.53 9.26 -79.43
CA VAL E 81 -26.67 8.95 -80.30
C VAL E 81 -27.91 8.67 -79.47
N LEU E 82 -28.99 9.33 -79.85
CA LEU E 82 -30.33 9.17 -79.30
C LEU E 82 -31.15 8.55 -80.40
N THR E 83 -31.93 7.53 -80.07
CA THR E 83 -32.87 6.95 -81.02
C THR E 83 -34.21 6.85 -80.34
N MET E 84 -35.26 7.00 -81.15
CA MET E 84 -36.63 6.81 -80.68
C MET E 84 -37.46 6.02 -81.67
N SER E 85 -38.04 4.92 -81.21
CA SER E 85 -38.89 4.09 -82.05
C SER E 85 -40.30 4.68 -82.13
N ASN E 86 -41.06 4.22 -83.13
CA ASN E 86 -42.48 4.52 -83.27
C ASN E 86 -42.77 6.04 -83.24
N MET E 87 -42.04 6.80 -84.05
CA MET E 87 -42.29 8.24 -84.04
C MET E 87 -43.73 8.52 -84.46
N ASP E 88 -44.39 9.41 -83.72
CA ASP E 88 -45.78 9.83 -83.90
C ASP E 88 -45.88 11.32 -84.25
N PRO E 89 -46.93 11.75 -84.95
CA PRO E 89 -47.13 13.20 -85.14
C PRO E 89 -47.07 14.02 -83.87
N VAL E 90 -47.44 13.45 -82.73
CA VAL E 90 -47.36 14.17 -81.46
C VAL E 90 -45.93 14.42 -81.03
N ASP E 91 -44.95 13.75 -81.66
CA ASP E 91 -43.56 13.87 -81.31
C ASP E 91 -42.83 14.96 -82.10
N THR E 92 -43.56 15.79 -82.85
CA THR E 92 -42.91 16.91 -83.54
C THR E 92 -42.33 17.82 -82.47
N ALA E 93 -41.04 18.14 -82.59
CA ALA E 93 -40.44 18.98 -81.58
C ALA E 93 -39.06 19.44 -82.03
N THR E 94 -38.57 20.48 -81.36
CA THR E 94 -37.17 20.84 -81.50
C THR E 94 -36.43 19.96 -80.49
N TYR E 95 -35.41 19.26 -80.96
CA TYR E 95 -34.61 18.37 -80.13
C TYR E 95 -33.26 19.00 -79.86
N TYR E 96 -32.84 18.95 -78.59
CA TYR E 96 -31.59 19.53 -78.15
C TYR E 96 -30.79 18.52 -77.36
N CYS E 97 -29.48 18.62 -77.46
CA CYS E 97 -28.54 17.92 -76.59
C CYS E 97 -27.92 18.99 -75.72
N ALA E 98 -27.55 18.62 -74.49
CA ALA E 98 -26.90 19.59 -73.62
C ALA E 98 -25.94 18.89 -72.67
N ARG E 99 -24.95 19.65 -72.22
CA ARG E 99 -23.93 19.15 -71.32
C ARG E 99 -24.42 19.25 -69.89
N VAL E 100 -24.29 18.15 -69.15
CA VAL E 100 -24.67 18.09 -67.75
C VAL E 100 -23.38 18.33 -66.98
N LYS E 101 -23.23 19.52 -66.43
CA LYS E 101 -22.00 19.88 -65.74
C LYS E 101 -22.18 19.53 -64.27
N LEU E 102 -21.20 18.83 -63.70
CA LEU E 102 -21.23 18.44 -62.30
C LEU E 102 -20.11 19.13 -61.54
N SER E 103 -20.44 19.68 -60.38
CA SER E 103 -19.46 20.32 -59.51
C SER E 103 -18.99 19.26 -58.52
N VAL E 104 -17.72 18.91 -58.60
CA VAL E 104 -17.13 17.85 -57.80
C VAL E 104 -16.25 18.48 -56.73
N TRP E 105 -16.51 18.15 -55.46
CA TRP E 105 -15.74 18.69 -54.34
C TRP E 105 -14.98 17.62 -53.58
N GLY E 106 -15.43 16.36 -53.59
CA GLY E 106 -14.82 15.30 -52.82
C GLY E 106 -14.47 14.09 -53.68
N VAL E 107 -14.61 12.92 -53.06
CA VAL E 107 -14.25 11.66 -53.68
C VAL E 107 -15.37 11.20 -54.60
N LEU E 108 -15.02 10.89 -55.85
CA LEU E 108 -16.03 10.43 -56.81
C LEU E 108 -16.64 9.10 -56.40
N GLN E 109 -15.84 8.25 -55.76
CA GLN E 109 -16.32 6.93 -55.31
C GLN E 109 -17.48 7.07 -54.34
N PHE E 110 -17.58 8.21 -53.65
CA PHE E 110 -18.61 8.46 -52.64
C PHE E 110 -19.71 9.38 -53.16
N PHE E 111 -19.77 9.62 -54.46
CA PHE E 111 -20.79 10.49 -55.07
C PHE E 111 -20.73 11.90 -54.51
N GLU E 112 -19.52 12.38 -54.25
CA GLU E 112 -19.34 13.71 -53.68
C GLU E 112 -19.34 14.78 -54.78
N TRP E 113 -20.53 14.99 -55.36
CA TRP E 113 -20.71 15.99 -56.41
C TRP E 113 -22.14 16.50 -56.36
N SER E 114 -22.37 17.58 -57.10
CA SER E 114 -23.68 18.20 -57.23
C SER E 114 -23.97 18.47 -58.69
N ASP E 115 -25.24 18.36 -59.03
CA ASP E 115 -25.72 18.63 -60.39
C ASP E 115 -25.84 20.13 -60.56
N TYR E 116 -24.98 20.71 -61.39
CA TYR E 116 -24.88 22.15 -61.55
C TYR E 116 -25.92 22.69 -62.52
N GLY E 117 -26.56 21.83 -63.31
CA GLY E 117 -27.51 22.22 -64.34
C GLY E 117 -26.89 22.19 -65.71
N LEU E 118 -27.67 22.64 -66.70
CA LEU E 118 -27.27 22.60 -68.10
C LEU E 118 -26.82 24.01 -68.50
N ASP E 119 -25.52 24.26 -68.39
CA ASP E 119 -25.00 25.59 -68.66
C ASP E 119 -24.79 25.84 -70.15
N SER E 120 -24.43 24.79 -70.90
CA SER E 120 -24.15 24.89 -72.33
C SER E 120 -25.05 23.93 -73.10
N TRP E 121 -25.83 24.49 -74.03
CA TRP E 121 -26.80 23.78 -74.84
C TRP E 121 -26.38 23.89 -76.29
N GLY E 122 -26.81 22.93 -77.10
CA GLY E 122 -26.61 23.01 -78.53
C GLY E 122 -27.71 23.87 -79.13
N GLN E 123 -27.73 23.92 -80.46
CA GLN E 123 -28.74 24.74 -81.14
C GLN E 123 -29.99 23.94 -81.45
N GLY E 124 -29.86 22.63 -81.59
CA GLY E 124 -30.98 21.75 -81.82
C GLY E 124 -31.35 21.62 -83.28
N VAL E 125 -32.24 20.66 -83.53
CA VAL E 125 -32.79 20.38 -84.85
C VAL E 125 -34.30 20.35 -84.66
N VAL E 126 -35.04 20.54 -85.75
CA VAL E 126 -36.50 20.49 -85.70
C VAL E 126 -36.91 19.22 -86.42
N VAL E 127 -37.65 18.36 -85.72
CA VAL E 127 -38.11 17.08 -86.27
C VAL E 127 -39.62 17.14 -86.40
N THR E 128 -40.11 16.93 -87.61
CA THR E 128 -41.54 16.87 -87.89
C THR E 128 -41.85 15.45 -88.36
N VAL E 129 -42.88 14.85 -87.77
CA VAL E 129 -43.22 13.47 -88.08
C VAL E 129 -44.33 13.48 -89.13
N TYR F 2 -44.48 13.63 -57.44
CA TYR F 2 -43.66 14.83 -57.51
C TYR F 2 -43.95 15.54 -58.82
N VAL F 3 -44.54 16.74 -58.74
CA VAL F 3 -44.87 17.56 -59.89
C VAL F 3 -44.40 18.99 -59.63
N LEU F 4 -43.78 19.62 -60.61
CA LEU F 4 -43.35 21.02 -60.51
C LEU F 4 -44.42 21.90 -61.13
N THR F 5 -45.01 22.77 -60.32
CA THR F 5 -46.11 23.63 -60.74
C THR F 5 -45.60 25.06 -60.76
N GLN F 6 -45.76 25.71 -61.91
CA GLN F 6 -45.35 27.08 -62.16
C GLN F 6 -46.58 27.90 -62.54
N PRO F 7 -46.60 29.20 -62.27
CA PRO F 7 -47.71 30.01 -62.78
C PRO F 7 -47.62 30.13 -64.29
N PRO F 8 -48.75 30.30 -64.98
CA PRO F 8 -48.65 30.49 -66.44
C PRO F 8 -48.00 31.79 -66.85
N SER F 9 -48.05 32.82 -66.01
CA SER F 9 -47.41 34.08 -66.38
C SER F 9 -47.26 34.96 -65.16
N VAL F 10 -46.32 35.90 -65.27
CA VAL F 10 -46.14 37.00 -64.32
C VAL F 10 -46.05 38.25 -65.18
N SER F 11 -46.91 39.23 -64.89
CA SER F 11 -46.95 40.48 -65.64
C SER F 11 -46.45 41.59 -64.73
N VAL F 12 -45.41 42.31 -65.18
CA VAL F 12 -44.83 43.38 -64.38
C VAL F 12 -44.64 44.65 -65.18
N SER F 13 -44.50 45.75 -64.45
CA SER F 13 -44.18 47.04 -65.01
C SER F 13 -42.68 47.08 -65.29
N PRO F 14 -42.22 47.97 -66.16
CA PRO F 14 -40.77 48.11 -66.32
C PRO F 14 -40.14 48.48 -64.99
N GLY F 15 -39.08 47.77 -64.63
CA GLY F 15 -38.32 48.05 -63.42
C GLY F 15 -38.86 47.41 -62.15
N GLN F 16 -40.02 46.78 -62.20
CA GLN F 16 -40.61 46.16 -61.03
C GLN F 16 -40.07 44.74 -60.93
N THR F 17 -39.96 44.24 -59.70
CA THR F 17 -39.48 42.89 -59.48
C THR F 17 -40.58 41.86 -59.72
N ALA F 18 -40.23 40.84 -60.51
CA ALA F 18 -41.10 39.70 -60.79
C ALA F 18 -40.70 38.54 -59.91
N ARG F 19 -41.70 37.76 -59.48
CA ARG F 19 -41.51 36.59 -58.65
C ARG F 19 -42.09 35.37 -59.37
N ILE F 20 -41.22 34.50 -59.89
CA ILE F 20 -41.63 33.32 -60.62
C ILE F 20 -41.43 32.14 -59.66
N THR F 21 -42.51 31.44 -59.33
CA THR F 21 -42.40 30.35 -58.36
C THR F 21 -42.40 28.99 -59.03
N CYS F 22 -41.97 27.99 -58.28
CA CYS F 22 -41.97 26.60 -58.72
C CYS F 22 -42.24 25.74 -57.47
N GLY F 23 -43.47 25.26 -57.35
CA GLY F 23 -43.86 24.48 -56.18
C GLY F 23 -43.88 22.99 -56.48
N ALA F 24 -43.60 22.21 -55.45
CA ALA F 24 -43.68 20.75 -55.48
C ALA F 24 -43.53 20.30 -54.04
N ASP F 25 -44.05 19.12 -53.73
CA ASP F 25 -43.89 18.58 -52.40
C ASP F 25 -42.42 18.39 -52.08
N ASN F 26 -41.99 18.99 -50.97
CA ASN F 26 -40.61 18.93 -50.49
C ASN F 26 -39.60 19.43 -51.54
N ILE F 27 -39.96 20.50 -52.26
CA ILE F 27 -39.02 21.09 -53.23
C ILE F 27 -37.80 21.67 -52.53
N GLY F 28 -37.95 22.08 -51.28
CA GLY F 28 -36.81 22.62 -50.55
C GLY F 28 -35.71 21.63 -50.24
N SER F 29 -35.96 20.33 -50.43
CA SER F 29 -34.98 19.30 -50.19
C SER F 29 -34.16 18.95 -51.43
N GLN F 30 -34.47 19.57 -52.58
CA GLN F 30 -33.77 19.30 -53.83
C GLN F 30 -33.33 20.64 -54.44
N SER F 31 -32.26 20.58 -55.22
CA SER F 31 -31.77 21.78 -55.89
C SER F 31 -32.64 22.08 -57.11
N VAL F 32 -33.04 23.34 -57.26
CA VAL F 32 -33.87 23.78 -58.38
C VAL F 32 -33.03 24.68 -59.27
N HIS F 33 -32.98 24.33 -60.56
CA HIS F 33 -32.26 25.11 -61.57
C HIS F 33 -33.30 25.95 -62.30
N TRP F 34 -32.90 27.15 -62.74
CA TRP F 34 -33.79 27.99 -63.54
C TRP F 34 -33.13 28.35 -64.86
N TYR F 35 -33.95 28.33 -65.91
CA TYR F 35 -33.55 28.60 -67.28
C TYR F 35 -34.43 29.70 -67.89
N GLN F 36 -33.82 30.50 -68.78
CA GLN F 36 -34.48 31.60 -69.49
C GLN F 36 -34.52 31.36 -71.00
N GLN F 37 -35.72 31.24 -71.58
CA GLN F 37 -35.88 31.03 -73.02
C GLN F 37 -36.56 32.23 -73.66
N LYS F 38 -35.90 32.84 -74.66
CA LYS F 38 -36.44 34.00 -75.35
C LYS F 38 -36.90 33.59 -76.74
N SER F 39 -36.03 33.58 -77.73
CA SER F 39 -36.29 33.11 -79.08
C SER F 39 -36.43 31.59 -79.04
N PRO F 40 -36.96 30.96 -80.10
CA PRO F 40 -37.08 29.49 -80.06
C PRO F 40 -35.72 28.80 -80.26
N GLN F 41 -34.84 29.04 -79.28
CA GLN F 41 -33.47 28.58 -79.20
C GLN F 41 -33.33 27.93 -77.83
N ALA F 42 -32.30 27.10 -77.67
CA ALA F 42 -32.08 26.47 -76.38
C ALA F 42 -31.97 27.54 -75.28
N PRO F 43 -32.51 27.31 -74.10
CA PRO F 43 -32.42 28.30 -73.04
C PRO F 43 -31.03 28.42 -72.44
N VAL F 44 -30.81 29.52 -71.73
CA VAL F 44 -29.59 29.78 -70.98
C VAL F 44 -29.89 29.57 -69.50
N LEU F 45 -28.95 28.95 -68.80
CA LEU F 45 -29.11 28.75 -67.36
C LEU F 45 -28.98 30.09 -66.65
N VAL F 46 -29.98 30.45 -65.84
CA VAL F 46 -29.96 31.70 -65.09
C VAL F 46 -29.70 31.48 -63.61
N ILE F 47 -30.21 30.40 -63.01
CA ILE F 47 -29.92 30.12 -61.60
C ILE F 47 -29.47 28.67 -61.48
N SER F 48 -28.34 28.47 -60.81
CA SER F 48 -27.79 27.15 -60.54
C SER F 48 -27.90 26.83 -59.06
N ALA F 49 -28.57 25.73 -58.74
CA ALA F 49 -28.76 25.25 -57.37
C ALA F 49 -29.30 26.33 -56.45
N ASP F 50 -30.39 26.96 -56.89
CA ASP F 50 -31.16 27.96 -56.15
C ASP F 50 -30.48 29.32 -55.92
N THR F 51 -29.23 29.34 -55.44
CA THR F 51 -28.56 30.58 -55.06
C THR F 51 -27.38 30.99 -55.94
N GLU F 52 -26.84 30.14 -56.80
CA GLU F 52 -25.65 30.50 -57.58
C GLU F 52 -26.05 31.13 -58.91
N ARG F 53 -25.48 32.30 -59.17
CA ARG F 53 -25.68 33.01 -60.43
C ARG F 53 -24.57 32.65 -61.39
N PRO F 54 -24.85 32.01 -62.53
CA PRO F 54 -23.76 31.67 -63.45
C PRO F 54 -23.08 32.93 -63.97
N SER F 55 -21.79 32.82 -64.27
CA SER F 55 -21.08 33.99 -64.80
C SER F 55 -21.72 34.43 -66.10
N GLY F 56 -21.82 35.76 -66.28
CA GLY F 56 -22.39 36.32 -67.47
C GLY F 56 -23.85 36.73 -67.32
N ILE F 57 -24.50 36.32 -66.24
CA ILE F 57 -25.90 36.64 -65.96
C ILE F 57 -26.03 37.91 -65.14
N PRO F 58 -26.88 38.87 -65.54
CA PRO F 58 -27.03 40.12 -64.76
C PRO F 58 -27.41 39.88 -63.30
N GLU F 59 -26.97 40.81 -62.45
CA GLU F 59 -27.19 40.77 -61.00
C GLU F 59 -28.68 40.86 -60.66
N ARG F 60 -29.53 41.17 -61.64
CA ARG F 60 -30.97 41.22 -61.45
C ARG F 60 -31.55 39.86 -61.06
N PHE F 61 -30.86 38.77 -61.41
CA PHE F 61 -31.31 37.41 -61.16
C PHE F 61 -30.86 36.90 -59.80
N SER F 62 -31.81 36.42 -59.01
CA SER F 62 -31.52 35.86 -57.68
C SER F 62 -32.65 34.89 -57.36
N GLY F 63 -32.51 34.18 -56.25
CA GLY F 63 -33.56 33.25 -55.90
C GLY F 63 -33.31 32.56 -54.58
N SER F 64 -34.29 31.73 -54.20
CA SER F 64 -34.25 30.99 -52.95
C SER F 64 -35.16 29.77 -53.09
N ASN F 65 -35.06 28.87 -52.12
CA ASN F 65 -35.85 27.64 -52.15
C ASN F 65 -36.08 27.14 -50.74
N SER F 66 -37.33 27.09 -50.30
CA SER F 66 -37.63 26.64 -48.95
C SER F 66 -39.02 26.02 -48.89
N GLY F 67 -39.12 24.97 -48.08
CA GLY F 67 -40.42 24.34 -47.88
C GLY F 67 -40.98 23.78 -49.16
N ASN F 68 -42.19 24.22 -49.46
CA ASN F 68 -42.96 23.80 -50.61
C ASN F 68 -42.84 24.76 -51.79
N THR F 69 -42.01 25.81 -51.68
CA THR F 69 -41.86 26.78 -52.76
C THR F 69 -40.42 27.14 -53.10
N ALA F 70 -40.07 27.09 -54.39
CA ALA F 70 -38.81 27.61 -54.89
C ALA F 70 -39.20 28.92 -55.57
N THR F 71 -38.37 29.96 -55.45
CA THR F 71 -38.68 31.23 -56.10
C THR F 71 -37.48 31.83 -56.82
N LEU F 72 -37.75 32.28 -58.05
CA LEU F 72 -36.84 33.08 -58.86
C LEU F 72 -37.27 34.53 -58.78
N THR F 73 -36.40 35.40 -58.26
CA THR F 73 -36.70 36.80 -58.11
C THR F 73 -35.87 37.54 -59.15
N ILE F 74 -36.53 38.32 -60.01
CA ILE F 74 -35.84 39.11 -61.02
C ILE F 74 -36.24 40.58 -60.85
N SER F 75 -35.32 41.36 -60.32
CA SER F 75 -35.52 42.77 -60.05
C SER F 75 -35.21 43.53 -61.33
N GLY F 76 -35.69 44.78 -61.41
CA GLY F 76 -35.25 45.62 -62.52
C GLY F 76 -35.65 45.12 -63.90
N VAL F 77 -36.85 44.55 -64.03
CA VAL F 77 -37.25 43.93 -65.30
C VAL F 77 -37.38 44.99 -66.38
N GLU F 78 -36.74 44.74 -67.52
CA GLU F 78 -36.78 45.58 -68.71
C GLU F 78 -37.35 44.77 -69.87
N ALA F 79 -37.49 45.43 -71.02
CA ALA F 79 -37.99 44.76 -72.22
C ALA F 79 -37.09 43.60 -72.63
N GLY F 80 -35.80 43.70 -72.35
CA GLY F 80 -34.81 42.69 -72.68
C GLY F 80 -34.79 41.47 -71.78
N ASP F 81 -35.53 41.49 -70.66
CA ASP F 81 -35.54 40.38 -69.72
C ASP F 81 -36.72 39.44 -69.89
N GLU F 82 -37.89 39.94 -70.29
CA GLU F 82 -39.08 39.10 -70.40
C GLU F 82 -38.81 37.86 -71.24
N ALA F 83 -39.20 36.71 -70.72
CA ALA F 83 -38.90 35.42 -71.33
C ALA F 83 -39.77 34.37 -70.68
N ASP F 84 -39.76 33.18 -71.28
CA ASP F 84 -40.39 32.02 -70.67
C ASP F 84 -39.35 31.37 -69.77
N TYR F 85 -39.60 31.35 -68.46
CA TYR F 85 -38.66 30.81 -67.51
C TYR F 85 -39.13 29.44 -67.05
N TYR F 86 -38.19 28.50 -66.92
CA TYR F 86 -38.50 27.14 -66.51
C TYR F 86 -37.68 26.74 -65.30
N CYS F 87 -38.28 25.92 -64.45
CA CYS F 87 -37.61 25.27 -63.33
C CYS F 87 -37.34 23.80 -63.69
N GLN F 88 -36.17 23.29 -63.29
CA GLN F 88 -35.79 21.90 -63.51
C GLN F 88 -35.16 21.33 -62.25
N VAL F 89 -35.51 20.09 -61.90
CA VAL F 89 -34.93 19.41 -60.74
C VAL F 89 -34.52 18.00 -61.12
N TRP F 90 -33.31 17.60 -60.73
CA TRP F 90 -32.85 16.23 -60.90
C TRP F 90 -33.15 15.49 -59.62
N ASP F 91 -34.02 14.48 -59.70
CA ASP F 91 -34.45 13.69 -58.55
C ASP F 91 -33.62 12.41 -58.48
N SER F 92 -32.61 12.44 -57.60
CA SER F 92 -31.70 11.32 -57.42
C SER F 92 -32.46 10.08 -56.93
N ASP F 93 -33.56 10.28 -56.19
CA ASP F 93 -34.28 9.15 -55.63
C ASP F 93 -34.81 8.26 -56.75
N SER F 94 -35.32 8.88 -57.81
CA SER F 94 -35.85 8.18 -58.95
C SER F 94 -34.90 8.26 -60.15
N LYS F 95 -33.79 9.00 -60.00
CA LYS F 95 -32.72 9.10 -60.99
C LYS F 95 -33.22 9.66 -62.33
N TYR F 96 -34.01 10.74 -62.28
CA TYR F 96 -34.42 11.38 -63.54
C TYR F 96 -34.63 12.88 -63.32
N ALA F 97 -34.62 13.64 -64.42
CA ALA F 97 -34.89 15.08 -64.33
C ALA F 97 -36.37 15.34 -64.61
N LEU F 98 -36.98 16.12 -63.74
CA LEU F 98 -38.37 16.54 -63.82
C LEU F 98 -38.42 18.04 -64.14
N PHE F 99 -39.20 18.41 -65.15
CA PHE F 99 -39.36 19.78 -65.63
C PHE F 99 -40.75 20.35 -65.36
N GLY F 100 -40.78 21.66 -65.09
CA GLY F 100 -42.02 22.39 -64.91
C GLY F 100 -42.65 22.81 -66.23
N GLY F 101 -43.81 23.49 -66.13
CA GLY F 101 -44.53 23.91 -67.32
C GLY F 101 -44.14 25.25 -67.92
N GLY F 102 -43.27 26.02 -67.27
CA GLY F 102 -42.86 27.32 -67.80
C GLY F 102 -43.73 28.47 -67.30
N THR F 103 -43.11 29.63 -67.12
CA THR F 103 -43.78 30.86 -66.75
C THR F 103 -43.35 31.94 -67.72
N ARG F 104 -44.32 32.62 -68.34
CA ARG F 104 -44.02 33.71 -69.27
C ARG F 104 -44.05 35.05 -68.56
N LEU F 105 -42.96 35.81 -68.66
CA LEU F 105 -42.95 37.16 -68.15
C LEU F 105 -43.53 38.13 -69.18
N THR F 106 -44.27 39.13 -68.69
CA THR F 106 -44.77 40.22 -69.53
C THR F 106 -44.41 41.56 -68.89
N VAL F 107 -43.83 42.45 -69.68
CA VAL F 107 -43.51 43.80 -69.21
C VAL F 107 -44.79 44.62 -69.28
N ASN G 3 32.77 -18.75 36.80
CA ASN G 3 32.68 -20.13 36.35
C ASN G 3 31.86 -20.23 35.07
N LEU G 4 30.70 -19.61 35.07
CA LEU G 4 29.77 -19.67 33.94
C LEU G 4 29.83 -18.38 33.14
N TRP G 5 29.56 -18.50 31.83
CA TRP G 5 29.62 -17.39 30.90
C TRP G 5 28.28 -17.25 30.18
N VAL G 6 28.00 -16.03 29.72
CA VAL G 6 26.77 -15.78 28.98
C VAL G 6 26.89 -16.38 27.59
N THR G 7 25.92 -17.23 27.21
CA THR G 7 25.87 -17.82 25.88
C THR G 7 24.55 -17.44 25.22
N VAL G 8 24.65 -16.98 23.97
CA VAL G 8 23.52 -16.50 23.19
C VAL G 8 22.95 -17.63 22.36
N TYR G 9 21.62 -17.81 22.42
CA TYR G 9 20.89 -18.80 21.64
C TYR G 9 19.84 -18.09 20.82
N TYR G 10 19.74 -18.47 19.54
CA TYR G 10 18.76 -17.93 18.61
C TYR G 10 17.96 -19.09 18.06
N GLY G 11 16.64 -18.97 18.11
CA GLY G 11 15.73 -20.00 17.71
C GLY G 11 15.08 -20.64 18.92
N VAL G 12 15.04 -19.94 20.05
CA VAL G 12 14.49 -20.41 21.32
C VAL G 12 12.96 -20.47 21.24
N PRO G 13 12.31 -21.60 21.64
CA PRO G 13 10.83 -21.71 21.56
C PRO G 13 10.11 -20.95 22.67
N VAL G 14 10.22 -19.61 22.63
CA VAL G 14 9.63 -18.71 23.61
C VAL G 14 8.75 -17.70 22.88
N TRP G 15 7.64 -17.33 23.51
CA TRP G 15 6.71 -16.38 22.91
C TRP G 15 6.08 -15.48 23.97
N LYS G 16 5.51 -14.37 23.47
CA LYS G 16 4.78 -13.40 24.27
C LYS G 16 3.44 -13.08 23.61
N ASP G 17 2.48 -12.65 24.44
CA ASP G 17 1.18 -12.23 23.91
C ASP G 17 1.38 -11.11 22.92
N ALA G 18 0.65 -11.15 21.79
CA ALA G 18 0.78 -10.11 20.80
C ALA G 18 -0.51 -9.93 20.01
N GLU G 19 -0.66 -8.75 19.43
CA GLU G 19 -1.78 -8.39 18.57
C GLU G 19 -1.23 -8.00 17.21
N THR G 20 -1.57 -8.76 16.17
CA THR G 20 -1.09 -8.48 14.83
C THR G 20 -2.18 -8.68 13.79
N THR G 21 -1.85 -8.35 12.54
CA THR G 21 -2.74 -8.52 11.41
C THR G 21 -2.70 -9.97 10.94
N LEU G 22 -3.88 -10.56 10.74
CA LEU G 22 -4.02 -11.93 10.27
C LEU G 22 -4.45 -12.00 8.80
N PHE G 23 -4.08 -13.13 8.21
CA PHE G 23 -4.34 -13.58 6.83
C PHE G 23 -5.55 -14.48 6.73
N CYS G 24 -6.17 -14.42 5.56
CA CYS G 24 -7.29 -15.30 5.24
C CYS G 24 -6.80 -16.57 4.60
N ALA G 25 -7.64 -17.59 4.70
CA ALA G 25 -7.46 -18.78 3.91
C ALA G 25 -8.89 -19.22 3.60
N SER G 26 -9.07 -19.86 2.45
CA SER G 26 -10.39 -20.31 2.04
C SER G 26 -10.24 -21.55 1.18
N ASP G 27 -11.35 -22.22 0.91
CA ASP G 27 -11.33 -23.39 0.07
C ASP G 27 -11.05 -23.00 -1.38
N HIS G 36 -21.93 -15.15 -7.51
CA HIS G 36 -20.80 -14.90 -6.64
C HIS G 36 -21.28 -14.72 -5.19
N ASN G 37 -20.55 -15.28 -4.24
CA ASN G 37 -20.89 -15.16 -2.83
C ASN G 37 -20.39 -13.86 -2.24
N VAL G 38 -21.23 -13.26 -1.38
CA VAL G 38 -20.89 -11.99 -0.75
C VAL G 38 -19.62 -12.11 0.08
N TRP G 39 -19.32 -13.31 0.59
CA TRP G 39 -18.17 -13.55 1.44
C TRP G 39 -16.96 -14.07 0.67
N ALA G 40 -17.04 -14.22 -0.64
CA ALA G 40 -15.95 -14.77 -1.44
C ALA G 40 -15.02 -13.64 -1.83
N THR G 41 -13.84 -13.62 -1.22
CA THR G 41 -12.83 -12.59 -1.41
C THR G 41 -11.83 -13.04 -2.47
N HIS G 42 -11.60 -12.23 -3.49
CA HIS G 42 -10.61 -12.64 -4.48
C HIS G 42 -9.21 -12.51 -3.91
N ALA G 43 -8.95 -11.42 -3.18
CA ALA G 43 -7.63 -11.20 -2.56
C ALA G 43 -7.59 -11.91 -1.21
N CYS G 44 -7.66 -13.23 -1.25
CA CYS G 44 -7.67 -14.04 -0.05
C CYS G 44 -7.08 -15.36 -0.52
N VAL G 45 -5.94 -15.75 0.06
CA VAL G 45 -5.16 -16.92 -0.39
C VAL G 45 -5.90 -18.24 -0.19
N PRO G 46 -5.75 -19.23 -1.08
CA PRO G 46 -6.30 -20.57 -0.81
C PRO G 46 -5.70 -21.19 0.45
N THR G 47 -6.49 -22.03 1.11
CA THR G 47 -6.03 -22.71 2.32
C THR G 47 -5.06 -23.85 2.03
N ASP G 48 -4.39 -24.27 3.10
CA ASP G 48 -3.51 -25.43 3.07
C ASP G 48 -4.36 -26.69 3.12
N PRO G 49 -4.33 -27.55 2.08
CA PRO G 49 -5.14 -28.78 2.13
C PRO G 49 -4.82 -29.71 3.29
N ASN G 50 -3.64 -29.61 3.89
CA ASN G 50 -3.23 -30.48 4.99
C ASN G 50 -2.55 -29.67 6.08
N PRO G 51 -3.32 -28.86 6.81
CA PRO G 51 -2.70 -27.93 7.77
C PRO G 51 -2.06 -28.70 8.90
N GLN G 52 -1.00 -28.13 9.47
CA GLN G 52 -0.28 -28.77 10.55
C GLN G 52 -0.76 -28.31 11.92
N GLU G 53 -0.70 -29.23 12.87
CA GLU G 53 -1.01 -28.98 14.27
C GLU G 53 0.06 -29.72 15.06
N ILE G 54 0.77 -29.01 15.93
CA ILE G 54 1.84 -29.60 16.73
C ILE G 54 1.45 -29.51 18.19
N HIS G 55 1.20 -30.66 18.80
CA HIS G 55 0.79 -30.67 20.20
C HIS G 55 1.97 -30.23 21.05
N LEU G 56 1.73 -29.36 22.02
CA LEU G 56 2.77 -28.89 22.92
C LEU G 56 2.66 -29.64 24.25
N GLU G 57 3.59 -30.54 24.50
CA GLU G 57 3.56 -31.31 25.72
C GLU G 57 4.05 -30.46 26.87
N ASN G 58 3.46 -30.65 28.06
CA ASN G 58 3.89 -29.96 29.27
C ASN G 58 3.90 -28.45 29.13
N VAL G 59 2.89 -27.90 28.43
CA VAL G 59 2.72 -26.46 28.25
C VAL G 59 1.34 -26.08 28.76
N THR G 60 1.29 -25.08 29.66
CA THR G 60 0.03 -24.60 30.23
C THR G 60 -0.12 -23.11 29.97
N GLU G 61 -0.63 -22.77 28.79
CA GLU G 61 -0.79 -21.39 28.36
C GLU G 61 -2.08 -20.83 28.95
N GLU G 62 -2.02 -19.59 29.42
CA GLU G 62 -3.20 -18.92 29.95
C GLU G 62 -3.94 -18.18 28.85
N PHE G 63 -5.24 -18.47 28.72
CA PHE G 63 -6.12 -17.91 27.71
C PHE G 63 -7.11 -16.96 28.37
N ASN G 64 -7.57 -15.97 27.60
CA ASN G 64 -8.63 -15.08 28.08
C ASN G 64 -9.44 -14.63 26.85
N MET G 65 -10.59 -15.27 26.64
CA MET G 65 -11.38 -15.01 25.43
C MET G 65 -11.94 -13.60 25.37
N TRP G 66 -12.05 -12.91 26.49
CA TRP G 66 -12.66 -11.58 26.50
C TRP G 66 -11.70 -10.48 26.09
N LYS G 67 -10.40 -10.80 25.95
CA LYS G 67 -9.36 -9.86 25.56
C LYS G 67 -8.69 -10.30 24.27
N ASN G 68 -9.34 -11.21 23.53
CA ASN G 68 -8.78 -11.80 22.33
C ASN G 68 -8.94 -10.84 21.16
N ASN G 69 -7.83 -10.28 20.70
CA ASN G 69 -7.85 -9.29 19.63
C ASN G 69 -8.35 -9.87 18.32
N MET G 70 -8.40 -11.20 18.18
CA MET G 70 -8.87 -11.81 16.95
C MET G 70 -10.34 -11.52 16.69
N VAL G 71 -11.12 -11.22 17.72
CA VAL G 71 -12.53 -10.95 17.53
C VAL G 71 -12.70 -9.60 16.83
N GLU G 72 -11.96 -8.58 17.27
CA GLU G 72 -12.06 -7.28 16.64
C GLU G 72 -11.54 -7.34 15.20
N GLN G 73 -10.49 -8.12 14.95
CA GLN G 73 -9.97 -8.24 13.60
C GLN G 73 -10.99 -8.90 12.70
N MET G 74 -11.64 -9.96 13.20
CA MET G 74 -12.63 -10.63 12.37
C MET G 74 -13.80 -9.69 12.12
N HIS G 75 -14.18 -8.92 13.14
CA HIS G 75 -15.30 -7.99 13.02
C HIS G 75 -15.02 -6.99 11.90
N GLU G 76 -13.84 -6.35 11.95
CA GLU G 76 -13.50 -5.36 10.95
C GLU G 76 -13.44 -6.00 9.57
N ASP G 77 -12.90 -7.22 9.46
CA ASP G 77 -12.82 -7.86 8.16
C ASP G 77 -14.22 -8.09 7.60
N ILE G 78 -15.16 -8.48 8.46
CA ILE G 78 -16.53 -8.71 7.98
C ILE G 78 -17.17 -7.41 7.53
N ILE G 79 -16.97 -6.33 8.28
CA ILE G 79 -17.61 -5.06 7.90
C ILE G 79 -17.02 -4.57 6.58
N SER G 80 -15.70 -4.62 6.46
CA SER G 80 -15.05 -4.14 5.25
C SER G 80 -15.47 -4.96 4.04
N LEU G 81 -15.50 -6.28 4.20
CA LEU G 81 -15.88 -7.14 3.08
C LEU G 81 -17.31 -6.89 2.66
N TRP G 82 -18.21 -6.75 3.64
CA TRP G 82 -19.61 -6.47 3.37
C TRP G 82 -19.74 -5.21 2.53
N ASP G 83 -19.08 -4.13 2.96
CA ASP G 83 -19.20 -2.87 2.23
C ASP G 83 -18.55 -2.94 0.86
N GLN G 84 -17.40 -3.63 0.73
CA GLN G 84 -16.75 -3.73 -0.57
C GLN G 84 -17.62 -4.49 -1.54
N SER G 85 -18.28 -5.55 -1.06
CA SER G 85 -19.13 -6.39 -1.88
C SER G 85 -20.40 -5.69 -2.32
N LEU G 86 -20.99 -4.86 -1.46
CA LEU G 86 -22.25 -4.20 -1.78
C LEU G 86 -22.09 -2.78 -2.31
N LYS G 87 -20.88 -2.24 -2.31
CA LYS G 87 -20.68 -0.89 -2.86
C LYS G 87 -21.00 -0.78 -4.34
N PRO G 88 -20.44 -1.61 -5.25
CA PRO G 88 -20.70 -1.43 -6.69
C PRO G 88 -22.03 -1.99 -7.17
N CYS G 89 -23.15 -1.45 -6.64
CA CYS G 89 -24.47 -1.93 -7.04
C CYS G 89 -25.34 -0.74 -7.42
N VAL G 90 -26.60 -0.65 -6.97
CA VAL G 90 -27.52 0.38 -7.41
C VAL G 90 -27.99 1.20 -6.21
N LYS G 91 -27.81 2.51 -6.29
CA LYS G 91 -28.24 3.44 -5.23
C LYS G 91 -29.65 3.89 -5.58
N LEU G 92 -30.62 3.53 -4.74
CA LEU G 92 -32.03 3.78 -5.04
C LEU G 92 -32.46 5.16 -4.53
N THR G 93 -31.76 6.19 -4.99
CA THR G 93 -32.09 7.54 -4.56
C THR G 93 -33.45 7.99 -5.13
N PRO G 94 -33.85 7.65 -6.35
CA PRO G 94 -35.19 8.08 -6.81
C PRO G 94 -36.34 7.24 -6.30
N LEU G 95 -36.09 6.30 -5.39
CA LEU G 95 -37.13 5.52 -4.75
C LEU G 95 -37.71 6.20 -3.52
N CYS G 96 -36.99 7.18 -2.95
CA CYS G 96 -37.46 7.87 -1.76
C CYS G 96 -38.45 8.94 -2.20
N VAL G 97 -39.66 8.48 -2.50
CA VAL G 97 -40.73 9.28 -3.06
C VAL G 97 -41.98 9.02 -2.23
N THR G 98 -43.01 9.83 -2.43
CA THR G 98 -44.28 9.58 -1.76
C THR G 98 -44.93 8.39 -2.43
N LEU G 99 -45.48 7.49 -1.63
CA LEU G 99 -46.19 6.32 -2.12
C LEU G 99 -47.64 6.35 -1.68
N GLN G 100 -48.52 5.88 -2.55
CA GLN G 100 -49.94 5.75 -2.24
C GLN G 100 -50.22 4.27 -2.04
N CYS G 101 -50.64 3.87 -0.84
CA CYS G 101 -50.72 2.46 -0.50
C CYS G 101 -52.07 2.08 0.07
N THR G 102 -52.49 0.87 -0.28
CA THR G 102 -53.67 0.18 0.23
C THR G 102 -53.24 -1.21 0.68
N ASN G 103 -54.09 -1.93 1.39
CA ASN G 103 -53.70 -3.26 1.84
C ASN G 103 -53.72 -4.23 0.65
N TYR G 104 -52.73 -5.12 0.61
CA TYR G 104 -52.64 -6.09 -0.48
C TYR G 104 -53.84 -7.03 -0.53
N ALA G 105 -54.26 -7.57 0.61
CA ALA G 105 -55.46 -8.42 0.67
C ALA G 105 -56.46 -7.94 1.71
N PRO G 106 -57.50 -7.20 1.32
CA PRO G 106 -58.52 -6.82 2.31
C PRO G 106 -59.25 -8.01 2.90
N LYS G 107 -59.54 -9.02 2.06
CA LYS G 107 -60.31 -10.18 2.51
C LYS G 107 -59.62 -10.95 3.62
N LEU G 108 -58.30 -11.09 3.55
CA LEU G 108 -57.59 -12.00 4.44
C LEU G 108 -57.78 -11.62 5.91
N ARG G 109 -58.12 -12.61 6.73
CA ARG G 109 -58.27 -12.45 8.17
C ARG G 109 -57.17 -13.15 8.95
N SER G 110 -56.13 -13.63 8.26
CA SER G 110 -55.05 -14.36 8.89
C SER G 110 -54.18 -13.38 9.65
N MET G 111 -53.20 -13.91 10.39
CA MET G 111 -52.33 -13.05 11.17
C MET G 111 -51.62 -12.07 10.26
N MET G 112 -51.30 -12.48 9.03
CA MET G 112 -50.71 -11.58 8.04
C MET G 112 -51.81 -10.74 7.39
N ARG G 113 -52.37 -9.83 8.18
CA ARG G 113 -53.35 -8.86 7.70
C ARG G 113 -52.73 -7.49 7.78
N GLY G 114 -52.60 -6.81 6.63
CA GLY G 114 -52.04 -5.48 6.60
C GLY G 114 -50.53 -5.44 6.63
N GLU G 115 -49.87 -6.59 6.75
CA GLU G 115 -48.41 -6.63 6.68
C GLU G 115 -47.91 -6.31 5.28
N ILE G 116 -48.57 -6.80 4.24
CA ILE G 116 -48.19 -6.52 2.86
C ILE G 116 -49.12 -5.44 2.33
N LYS G 117 -48.53 -4.35 1.83
CA LYS G 117 -49.27 -3.23 1.26
C LYS G 117 -48.93 -3.08 -0.22
N ASN G 118 -49.95 -2.74 -1.00
CA ASN G 118 -49.86 -2.51 -2.44
C ASN G 118 -49.72 -1.01 -2.66
N CYS G 119 -48.50 -0.59 -3.00
CA CYS G 119 -48.12 0.81 -3.11
C CYS G 119 -47.86 1.19 -4.56
N SER G 120 -48.24 2.43 -4.91
CA SER G 120 -48.04 3.01 -6.22
C SER G 120 -47.17 4.26 -6.10
N PHE G 121 -46.22 4.40 -7.01
CA PHE G 121 -45.32 5.55 -7.03
C PHE G 121 -44.83 5.81 -8.45
N ASN G 122 -44.27 7.01 -8.68
CA ASN G 122 -43.84 7.39 -10.04
C ASN G 122 -42.44 6.90 -10.41
N MET G 123 -41.52 6.84 -9.47
CA MET G 123 -40.13 6.44 -9.63
C MET G 123 -39.53 7.20 -10.84
N THR G 124 -38.55 6.66 -11.56
CA THR G 124 -37.93 7.29 -12.74
C THR G 124 -37.80 6.28 -13.89
N THR G 125 -37.38 6.79 -15.05
CA THR G 125 -37.18 5.99 -16.25
C THR G 125 -35.77 6.25 -16.76
N GLU G 126 -35.37 5.55 -17.83
CA GLU G 126 -34.03 5.74 -18.37
C GLU G 126 -33.78 7.19 -18.77
N LEU G 127 -34.76 7.81 -19.40
CA LEU G 127 -34.62 9.18 -19.84
C LEU G 127 -35.03 10.12 -18.72
N ARG G 128 -34.28 11.20 -18.55
CA ARG G 128 -34.59 12.18 -17.52
C ARG G 128 -35.99 12.74 -17.69
N ASP G 129 -36.42 12.93 -18.94
CA ASP G 129 -37.67 13.63 -19.23
C ASP G 129 -38.94 12.81 -19.05
N LYS G 130 -38.84 11.50 -18.79
CA LYS G 130 -40.04 10.67 -18.68
C LYS G 130 -40.18 10.08 -17.29
N LYS G 131 -41.43 9.77 -16.96
CA LYS G 131 -41.85 9.15 -15.72
C LYS G 131 -42.79 8.00 -16.07
N GLN G 132 -42.91 7.05 -15.15
CA GLN G 132 -43.78 5.89 -15.31
C GLN G 132 -44.56 5.73 -14.01
N LYS G 133 -45.48 4.77 -13.99
CA LYS G 133 -46.21 4.43 -12.78
C LYS G 133 -45.86 3.00 -12.42
N VAL G 134 -45.38 2.82 -11.19
CA VAL G 134 -44.90 1.53 -10.71
C VAL G 134 -45.79 1.11 -9.56
N TYR G 135 -46.26 -0.14 -9.62
CA TYR G 135 -47.02 -0.76 -8.53
C TYR G 135 -46.13 -1.85 -7.96
N SER G 136 -46.02 -1.91 -6.64
CA SER G 136 -45.21 -2.93 -6.02
C SER G 136 -45.75 -3.20 -4.63
N LEU G 137 -45.37 -4.34 -4.07
CA LEU G 137 -45.76 -4.68 -2.72
C LEU G 137 -44.59 -4.43 -1.77
N PHE G 138 -44.92 -3.91 -0.60
CA PHE G 138 -43.95 -3.67 0.47
C PHE G 138 -44.48 -4.27 1.75
N TYR G 139 -43.57 -4.64 2.64
CA TYR G 139 -43.98 -5.12 3.95
C TYR G 139 -44.21 -3.91 4.85
N ARG G 140 -45.15 -4.07 5.79
CA ARG G 140 -45.46 -2.99 6.73
C ARG G 140 -44.21 -2.47 7.43
N LEU G 141 -43.28 -3.37 7.75
CA LEU G 141 -42.10 -2.96 8.51
C LEU G 141 -41.22 -1.98 7.73
N ASP G 142 -41.33 -1.93 6.41
CA ASP G 142 -40.51 -1.05 5.59
C ASP G 142 -41.17 0.28 5.26
N VAL G 143 -42.46 0.44 5.56
CA VAL G 143 -43.25 1.57 5.11
C VAL G 143 -43.83 2.29 6.33
N VAL G 144 -43.61 3.61 6.42
CA VAL G 144 -44.08 4.42 7.54
C VAL G 144 -45.03 5.49 7.02
N GLN G 145 -46.16 5.65 7.70
CA GLN G 145 -47.21 6.59 7.30
C GLN G 145 -46.76 8.04 7.46
N ILE G 146 -47.14 8.87 6.50
CA ILE G 146 -46.81 10.30 6.52
C ILE G 146 -47.89 11.10 7.25
N ASN G 147 -49.16 10.89 6.90
CA ASN G 147 -50.27 11.65 7.48
C ASN G 147 -50.09 13.14 7.25
N ASN G 158 -56.62 4.44 0.62
CA ASN G 158 -55.41 4.96 0.00
C ASN G 158 -54.76 6.01 0.87
N LYS G 159 -53.65 5.69 1.53
CA LYS G 159 -52.95 6.64 2.38
C LYS G 159 -51.54 6.86 1.85
N GLU G 160 -50.96 8.01 2.19
CA GLU G 160 -49.60 8.32 1.79
C GLU G 160 -48.59 7.77 2.79
N TYR G 161 -47.55 7.13 2.26
CA TYR G 161 -46.48 6.54 3.02
C TYR G 161 -45.12 6.90 2.41
N ARG G 162 -44.08 6.74 3.21
CA ARG G 162 -42.70 6.86 2.76
C ARG G 162 -41.93 5.64 3.26
N LEU G 163 -40.78 5.37 2.65
CA LEU G 163 -39.98 4.26 3.15
C LEU G 163 -39.28 4.70 4.43
N ILE G 164 -39.06 3.73 5.32
CA ILE G 164 -38.47 4.03 6.62
C ILE G 164 -37.08 4.68 6.48
N ASN G 165 -36.32 4.30 5.45
CA ASN G 165 -34.99 4.85 5.30
C ASN G 165 -34.96 6.32 4.86
N CYS G 166 -36.09 6.87 4.42
CA CYS G 166 -36.08 8.26 3.95
C CYS G 166 -35.78 9.25 5.06
N ASN G 167 -35.97 8.87 6.31
CA ASN G 167 -35.75 9.71 7.46
C ASN G 167 -34.37 9.48 8.08
N THR G 168 -33.55 8.60 7.48
CA THR G 168 -32.21 8.33 7.99
C THR G 168 -31.15 8.49 6.91
N SER G 169 -31.24 7.76 5.80
CA SER G 169 -30.18 7.84 4.78
C SER G 169 -30.66 7.23 3.47
N ALA G 170 -29.89 7.52 2.42
CA ALA G 170 -30.13 6.89 1.13
C ALA G 170 -29.84 5.40 1.24
N ILE G 171 -30.58 4.60 0.49
CA ILE G 171 -30.50 3.14 0.52
C ILE G 171 -29.90 2.60 -0.77
N THR G 172 -28.97 1.65 -0.62
CA THR G 172 -28.29 1.01 -1.74
C THR G 172 -28.89 -0.39 -1.94
N GLN G 173 -29.22 -0.70 -3.19
CA GLN G 173 -29.75 -2.03 -3.53
C GLN G 173 -28.63 -3.03 -3.68
N ALA G 174 -28.77 -4.17 -3.01
CA ALA G 174 -27.78 -5.23 -3.14
C ALA G 174 -27.88 -5.83 -4.53
N CYS G 175 -26.75 -6.22 -5.10
CA CYS G 175 -26.77 -6.83 -6.42
C CYS G 175 -27.45 -8.19 -6.36
N PRO G 176 -28.48 -8.46 -7.19
CA PRO G 176 -29.16 -9.76 -7.13
C PRO G 176 -28.27 -10.97 -7.35
N LYS G 177 -27.12 -10.80 -8.00
CA LYS G 177 -26.21 -11.91 -8.26
C LYS G 177 -25.42 -12.32 -7.04
N VAL G 178 -25.44 -11.53 -5.98
CA VAL G 178 -24.61 -11.78 -4.80
C VAL G 178 -25.40 -12.64 -3.82
N SER G 179 -24.80 -13.77 -3.45
CA SER G 179 -25.34 -14.72 -2.48
C SER G 179 -24.84 -14.36 -1.09
N PHE G 180 -25.68 -14.59 -0.09
CA PHE G 180 -25.33 -14.32 1.31
C PHE G 180 -25.00 -15.57 2.11
N GLU G 181 -24.90 -16.73 1.48
CA GLU G 181 -24.62 -17.96 2.20
C GLU G 181 -23.24 -17.91 2.85
N PRO G 182 -23.12 -18.12 4.17
CA PRO G 182 -21.79 -18.07 4.80
C PRO G 182 -20.81 -19.07 4.22
N ILE G 183 -19.56 -18.62 4.06
CA ILE G 183 -18.45 -19.44 3.60
C ILE G 183 -17.43 -19.48 4.74
N PRO G 184 -16.97 -20.66 5.17
CA PRO G 184 -16.00 -20.68 6.28
C PRO G 184 -14.71 -19.95 5.90
N ILE G 185 -14.24 -19.11 6.82
CA ILE G 185 -13.02 -18.34 6.65
C ILE G 185 -12.02 -18.86 7.67
N HIS G 186 -10.82 -19.16 7.21
CA HIS G 186 -9.74 -19.66 8.08
C HIS G 186 -8.80 -18.49 8.32
N TYR G 187 -8.41 -18.25 9.57
CA TYR G 187 -7.42 -17.22 9.86
C TYR G 187 -6.05 -17.84 10.07
N CYS G 188 -5.04 -17.21 9.48
CA CYS G 188 -3.67 -17.68 9.48
C CYS G 188 -2.74 -16.59 10.00
N ALA G 189 -1.77 -17.00 10.81
CA ALA G 189 -0.79 -16.09 11.37
C ALA G 189 0.23 -15.66 10.31
N PRO G 190 0.72 -14.42 10.38
CA PRO G 190 1.86 -14.03 9.55
C PRO G 190 3.11 -14.68 10.11
N ALA G 191 4.14 -14.80 9.27
CA ALA G 191 5.39 -15.38 9.76
C ALA G 191 5.91 -14.56 10.93
N GLY G 192 6.43 -15.27 11.93
CA GLY G 192 6.93 -14.68 13.15
C GLY G 192 5.94 -14.81 14.30
N PHE G 193 4.71 -15.21 14.01
CA PHE G 193 3.62 -15.40 14.96
C PHE G 193 3.09 -16.83 14.84
N ALA G 194 2.37 -17.26 15.87
CA ALA G 194 1.77 -18.59 15.89
C ALA G 194 0.42 -18.50 16.59
N ILE G 195 -0.49 -19.44 16.29
CA ILE G 195 -1.80 -19.48 16.94
C ILE G 195 -1.83 -20.68 17.86
N LEU G 196 -2.18 -20.47 19.12
CA LEU G 196 -2.27 -21.53 20.10
C LEU G 196 -3.75 -21.87 20.26
N LYS G 197 -4.07 -23.15 20.20
CA LYS G 197 -5.42 -23.68 20.34
C LYS G 197 -5.52 -24.38 21.69
N CYS G 198 -6.54 -23.99 22.47
CA CYS G 198 -6.71 -24.51 23.83
C CYS G 198 -6.82 -26.03 23.86
N LYS G 199 -7.80 -26.59 23.15
CA LYS G 199 -8.09 -28.02 23.09
C LYS G 199 -8.42 -28.63 24.45
N ASP G 200 -8.66 -27.83 25.48
CA ASP G 200 -8.94 -28.33 26.81
C ASP G 200 -10.44 -28.46 26.99
N LYS G 201 -10.92 -29.70 27.09
CA LYS G 201 -12.36 -29.97 27.15
C LYS G 201 -12.96 -29.24 28.35
N LYS G 202 -14.12 -28.63 28.13
CA LYS G 202 -14.85 -27.88 29.16
C LYS G 202 -14.14 -26.60 29.57
N PHE G 203 -13.25 -26.08 28.73
CA PHE G 203 -12.63 -24.79 29.00
C PHE G 203 -13.70 -23.70 28.96
N ASN G 204 -13.72 -22.86 30.00
CA ASN G 204 -14.77 -21.86 30.16
C ASN G 204 -14.39 -20.48 29.64
N GLY G 205 -13.33 -20.36 28.85
CA GLY G 205 -12.96 -19.11 28.23
C GLY G 205 -11.84 -18.33 28.90
N THR G 206 -11.52 -18.63 30.16
CA THR G 206 -10.43 -17.95 30.85
C THR G 206 -9.62 -18.97 31.61
N GLY G 207 -8.36 -18.63 31.86
CA GLY G 207 -7.50 -19.45 32.67
C GLY G 207 -6.62 -20.37 31.86
N PRO G 208 -5.81 -21.18 32.53
CA PRO G 208 -4.88 -22.06 31.82
C PRO G 208 -5.58 -23.20 31.09
N CYS G 209 -5.01 -23.56 29.94
CA CYS G 209 -5.41 -24.74 29.18
C CYS G 209 -4.29 -25.75 29.30
N GLN G 210 -4.64 -27.01 29.57
CA GLN G 210 -3.65 -28.05 29.78
C GLN G 210 -3.32 -28.86 28.53
N ASN G 211 -4.02 -28.64 27.41
CA ASN G 211 -3.85 -29.44 26.20
C ASN G 211 -3.50 -28.55 25.00
N VAL G 212 -2.79 -27.46 25.27
CA VAL G 212 -2.49 -26.44 24.25
C VAL G 212 -1.68 -27.00 23.11
N SER G 213 -2.09 -26.66 21.87
CA SER G 213 -1.42 -27.10 20.65
C SER G 213 -1.17 -25.89 19.76
N THR G 214 -0.09 -25.90 18.98
CA THR G 214 0.24 -24.81 18.06
C THR G 214 -0.23 -25.13 16.65
N VAL G 215 -0.92 -24.16 16.04
CA VAL G 215 -1.38 -24.27 14.67
C VAL G 215 -0.96 -23.04 13.87
N GLN G 216 -0.79 -23.26 12.56
CA GLN G 216 -0.56 -22.17 11.62
C GLN G 216 -1.83 -21.39 11.35
N CYS G 217 -2.96 -22.09 11.28
CA CYS G 217 -4.25 -21.48 10.94
C CYS G 217 -5.33 -22.11 11.80
N THR G 218 -6.44 -21.37 11.94
CA THR G 218 -7.61 -21.85 12.62
C THR G 218 -8.45 -22.73 11.71
N HIS G 219 -9.44 -23.41 12.30
CA HIS G 219 -10.37 -24.17 11.47
C HIS G 219 -11.28 -23.14 10.79
N GLY G 220 -12.14 -23.60 9.89
CA GLY G 220 -12.99 -22.64 9.23
C GLY G 220 -14.08 -22.20 10.19
N ILE G 221 -14.37 -20.90 10.16
CA ILE G 221 -15.44 -20.30 10.94
C ILE G 221 -16.43 -19.71 9.95
N LYS G 222 -17.67 -20.11 10.05
CA LYS G 222 -18.65 -19.56 9.12
C LYS G 222 -19.10 -18.20 9.63
N PRO G 223 -19.08 -17.14 8.80
CA PRO G 223 -19.56 -15.85 9.30
C PRO G 223 -21.09 -15.78 9.34
N VAL G 224 -21.66 -16.58 10.23
CA VAL G 224 -23.11 -16.64 10.35
C VAL G 224 -23.54 -15.45 11.18
N VAL G 225 -24.52 -14.71 10.69
CA VAL G 225 -25.03 -13.52 11.35
C VAL G 225 -26.38 -13.86 11.95
N SER G 226 -26.48 -13.79 13.27
CA SER G 226 -27.71 -14.07 13.97
C SER G 226 -27.65 -13.39 15.33
N THR G 227 -28.75 -13.49 16.08
CA THR G 227 -28.82 -12.95 17.41
C THR G 227 -29.67 -13.87 18.27
N GLN G 228 -29.41 -13.87 19.57
CA GLN G 228 -30.13 -14.61 20.59
C GLN G 228 -29.86 -16.11 20.53
N LEU G 229 -30.10 -16.72 19.36
CA LEU G 229 -29.79 -18.12 19.10
C LEU G 229 -28.67 -18.16 18.07
N LEU G 230 -27.57 -18.83 18.39
CA LEU G 230 -26.42 -18.90 17.50
C LEU G 230 -26.57 -20.15 16.65
N LEU G 231 -26.61 -19.96 15.33
CA LEU G 231 -26.85 -21.04 14.38
C LEU G 231 -25.58 -21.52 13.71
N ASN G 232 -25.58 -22.81 13.35
CA ASN G 232 -24.52 -23.44 12.55
C ASN G 232 -23.13 -23.21 13.14
N GLY G 233 -23.04 -23.27 14.47
CA GLY G 233 -21.78 -23.12 15.17
C GLY G 233 -21.20 -24.44 15.65
N SER G 234 -20.25 -24.33 16.58
CA SER G 234 -19.60 -25.50 17.15
C SER G 234 -20.37 -25.95 18.39
N LEU G 235 -20.29 -27.24 18.69
CA LEU G 235 -20.88 -27.81 19.90
C LEU G 235 -19.85 -28.03 21.01
N ALA G 236 -20.34 -28.00 22.24
CA ALA G 236 -19.51 -28.27 23.41
C ALA G 236 -19.02 -29.72 23.39
N GLU G 237 -17.84 -29.93 23.94
CA GLU G 237 -17.23 -31.26 23.87
C GLU G 237 -17.99 -32.30 24.70
N GLU G 238 -18.41 -31.96 25.92
CA GLU G 238 -19.06 -32.94 26.79
C GLU G 238 -20.37 -32.48 27.42
N GLU G 239 -20.48 -31.19 27.74
CA GLU G 239 -21.65 -30.68 28.44
C GLU G 239 -21.80 -29.21 28.07
N VAL G 240 -22.98 -28.65 28.35
CA VAL G 240 -23.23 -27.25 28.05
C VAL G 240 -22.23 -26.42 28.84
N ILE G 241 -21.57 -25.48 28.15
CA ILE G 241 -20.56 -24.61 28.76
C ILE G 241 -21.11 -23.20 28.81
N ILE G 242 -21.15 -22.61 30.00
CA ILE G 242 -21.63 -21.24 30.19
C ILE G 242 -20.43 -20.34 30.41
N ARG G 243 -20.23 -19.36 29.53
CA ARG G 243 -19.08 -18.48 29.57
C ARG G 243 -19.55 -17.04 29.74
N SER G 244 -18.89 -16.30 30.63
CA SER G 244 -19.21 -14.90 30.82
C SER G 244 -17.98 -14.17 31.32
N GLU G 245 -17.86 -12.89 30.93
CA GLU G 245 -16.79 -12.07 31.45
C GLU G 245 -16.91 -11.92 32.97
N ASN G 246 -18.13 -11.79 33.46
CA ASN G 246 -18.38 -11.61 34.90
C ASN G 246 -19.81 -12.07 35.15
N ILE G 247 -19.97 -13.17 35.88
CA ILE G 247 -21.30 -13.70 36.18
C ILE G 247 -22.06 -12.73 37.08
N THR G 248 -21.37 -12.16 38.07
CA THR G 248 -22.02 -11.26 39.02
C THR G 248 -22.55 -10.01 38.33
N ASN G 249 -21.81 -9.45 37.38
CA ASN G 249 -22.19 -8.19 36.73
C ASN G 249 -23.28 -8.45 35.71
N ASN G 250 -24.49 -7.92 35.97
CA ASN G 250 -25.64 -8.14 35.13
C ASN G 250 -25.55 -7.44 33.78
N ALA G 251 -24.57 -6.56 33.59
CA ALA G 251 -24.40 -5.86 32.32
C ALA G 251 -23.70 -6.69 31.25
N LYS G 252 -23.13 -7.84 31.61
CA LYS G 252 -22.41 -8.67 30.67
C LYS G 252 -23.34 -9.72 30.08
N ASN G 253 -23.05 -10.12 28.85
CA ASN G 253 -23.83 -11.18 28.22
C ASN G 253 -23.24 -12.52 28.60
N ILE G 254 -24.09 -13.53 28.63
CA ILE G 254 -23.71 -14.90 28.92
C ILE G 254 -23.83 -15.70 27.63
N LEU G 255 -22.73 -16.34 27.24
CA LEU G 255 -22.70 -17.16 26.03
C LEU G 255 -22.79 -18.61 26.45
N VAL G 256 -23.84 -19.30 26.02
CA VAL G 256 -24.06 -20.69 26.41
C VAL G 256 -23.82 -21.54 25.17
N GLN G 257 -22.83 -22.43 25.25
CA GLN G 257 -22.48 -23.32 24.15
C GLN G 257 -23.10 -24.68 24.43
N LEU G 258 -23.96 -25.14 23.54
CA LEU G 258 -24.66 -26.40 23.75
C LEU G 258 -23.76 -27.55 23.33
N ASN G 259 -23.96 -28.72 23.96
CA ASN G 259 -23.22 -29.91 23.57
C ASN G 259 -23.95 -30.69 22.48
N THR G 260 -25.25 -30.44 22.31
CA THR G 260 -26.05 -31.06 21.27
C THR G 260 -26.76 -29.92 20.53
N SER G 261 -27.00 -30.12 19.25
CA SER G 261 -27.70 -29.11 18.47
C SER G 261 -29.20 -29.32 18.54
N VAL G 262 -29.94 -28.24 18.30
CA VAL G 262 -31.40 -28.28 18.18
C VAL G 262 -31.75 -27.88 16.76
N GLN G 263 -32.47 -28.73 16.04
CA GLN G 263 -32.78 -28.43 14.65
C GLN G 263 -33.96 -27.49 14.57
N ILE G 264 -33.82 -26.40 13.81
CA ILE G 264 -34.84 -25.37 13.63
C ILE G 264 -35.16 -25.24 12.16
N ASN G 265 -36.46 -25.30 11.80
CA ASN G 265 -36.88 -25.27 10.39
C ASN G 265 -37.76 -24.06 10.11
N CYS G 266 -37.24 -23.06 9.38
CA CYS G 266 -38.05 -21.93 8.91
C CYS G 266 -38.46 -22.06 7.45
N THR G 267 -39.69 -21.65 7.20
CA THR G 267 -40.29 -21.61 5.86
C THR G 267 -40.94 -20.25 5.63
N ARG G 268 -40.93 -19.86 4.35
CA ARG G 268 -41.62 -18.69 3.82
C ARG G 268 -42.57 -19.23 2.75
N PRO G 269 -43.72 -19.80 3.15
CA PRO G 269 -44.55 -20.59 2.23
C PRO G 269 -45.46 -19.77 1.30
N SER G 270 -44.85 -18.84 0.57
CA SER G 270 -45.55 -18.00 -0.40
C SER G 270 -44.76 -17.98 -1.70
N ASN G 271 -45.43 -18.30 -2.80
CA ASN G 271 -44.79 -18.38 -4.11
C ASN G 271 -44.77 -16.96 -4.66
N ASN G 272 -43.85 -16.17 -4.11
CA ASN G 272 -43.73 -14.76 -4.41
C ASN G 272 -43.06 -14.50 -5.76
N THR G 273 -43.69 -13.67 -6.59
CA THR G 273 -43.16 -13.27 -7.89
C THR G 273 -42.26 -12.06 -7.71
N VAL G 274 -41.21 -11.98 -8.53
CA VAL G 274 -40.28 -10.86 -8.56
C VAL G 274 -40.31 -10.20 -9.93
N LYS G 275 -40.49 -8.88 -9.94
CA LYS G 275 -40.56 -8.07 -11.15
C LYS G 275 -39.43 -7.05 -11.09
N SER G 276 -39.05 -6.50 -12.25
CA SER G 276 -38.03 -5.47 -12.26
C SER G 276 -38.31 -4.42 -13.33
N ILE G 277 -37.80 -3.22 -13.07
CA ILE G 277 -37.86 -2.08 -13.97
C ILE G 277 -36.48 -1.44 -14.05
N ARG G 278 -36.24 -0.68 -15.12
CA ARG G 278 -35.02 0.11 -15.20
C ARG G 278 -35.34 1.47 -14.56
N ILE G 279 -34.35 2.03 -13.87
CA ILE G 279 -34.51 3.33 -13.22
C ILE G 279 -33.56 4.39 -13.76
N GLY G 280 -32.58 4.01 -14.56
CA GLY G 280 -31.66 4.93 -15.16
C GLY G 280 -30.74 4.14 -16.07
N PRO G 281 -29.87 4.81 -16.83
CA PRO G 281 -28.94 4.06 -17.68
C PRO G 281 -28.05 3.19 -16.80
N GLY G 282 -28.08 1.89 -17.04
CA GLY G 282 -27.23 0.99 -16.28
C GLY G 282 -27.73 0.66 -14.89
N GLN G 283 -28.95 1.06 -14.54
CA GLN G 283 -29.50 0.84 -13.21
C GLN G 283 -30.90 0.25 -13.33
N ALA G 284 -31.19 -0.72 -12.46
CA ALA G 284 -32.51 -1.32 -12.44
C ALA G 284 -32.89 -1.64 -11.00
N PHE G 285 -34.19 -1.57 -10.76
CA PHE G 285 -34.79 -1.82 -9.45
C PHE G 285 -35.62 -3.08 -9.53
N TYR G 286 -35.42 -3.96 -8.56
CA TYR G 286 -36.13 -5.22 -8.43
C TYR G 286 -37.12 -5.06 -7.29
N TYR G 287 -38.33 -5.57 -7.47
CA TYR G 287 -39.33 -5.43 -6.44
C TYR G 287 -40.27 -6.62 -6.39
N PHE G 288 -40.89 -6.72 -5.23
CA PHE G 288 -41.83 -7.76 -4.89
C PHE G 288 -43.13 -7.57 -5.68
N GLY G 289 -43.48 -8.56 -6.48
CA GLY G 289 -44.64 -8.55 -7.35
C GLY G 289 -45.79 -9.36 -6.78
N ASP G 290 -46.56 -9.97 -7.69
CA ASP G 290 -47.76 -10.70 -7.30
C ASP G 290 -47.40 -11.85 -6.37
N VAL G 291 -48.30 -12.12 -5.43
CA VAL G 291 -48.20 -13.28 -4.53
C VAL G 291 -49.18 -14.32 -5.06
N LEU G 292 -48.66 -15.48 -5.46
CA LEU G 292 -49.52 -16.51 -6.02
C LEU G 292 -49.99 -17.40 -4.89
N GLY G 293 -51.21 -17.92 -5.02
CA GLY G 293 -51.74 -18.76 -3.98
C GLY G 293 -52.18 -17.88 -2.82
N HIS G 294 -52.20 -18.46 -1.62
CA HIS G 294 -52.63 -17.73 -0.45
C HIS G 294 -51.44 -17.00 0.17
N VAL G 295 -51.71 -15.90 0.84
CA VAL G 295 -50.68 -15.18 1.59
C VAL G 295 -50.50 -15.92 2.91
N ARG G 296 -49.27 -16.31 3.23
CA ARG G 296 -48.99 -17.05 4.46
C ARG G 296 -47.86 -16.43 5.26
N MET G 297 -47.92 -16.67 6.57
CA MET G 297 -46.96 -16.16 7.53
C MET G 297 -45.70 -17.01 7.56
N ALA G 298 -44.53 -16.35 7.52
CA ALA G 298 -43.27 -17.06 7.64
C ALA G 298 -43.12 -17.54 9.08
N HIS G 299 -42.49 -18.70 9.26
CA HIS G 299 -42.34 -19.19 10.63
C HIS G 299 -41.29 -20.29 10.74
N CYS G 300 -40.83 -20.51 11.98
CA CYS G 300 -39.98 -21.65 12.34
C CYS G 300 -40.68 -22.68 13.23
N ASN G 301 -40.37 -23.95 12.96
CA ASN G 301 -40.82 -25.08 13.76
C ASN G 301 -39.62 -25.63 14.52
N ILE G 302 -39.74 -25.69 15.85
CA ILE G 302 -38.73 -26.23 16.76
C ILE G 302 -39.41 -27.34 17.58
N SER G 303 -38.80 -28.52 17.63
CA SER G 303 -39.41 -29.61 18.39
C SER G 303 -39.48 -29.23 19.87
N LYS G 304 -40.63 -29.49 20.51
CA LYS G 304 -40.79 -29.12 21.91
C LYS G 304 -39.93 -29.95 22.86
N ALA G 305 -39.83 -31.26 22.63
CA ALA G 305 -39.09 -32.10 23.57
C ALA G 305 -37.61 -31.78 23.56
N THR G 306 -37.06 -31.56 22.37
CA THR G 306 -35.62 -31.31 22.26
C THR G 306 -35.29 -29.98 22.95
N TRP G 307 -36.10 -28.96 22.68
CA TRP G 307 -35.88 -27.66 23.30
C TRP G 307 -36.00 -27.76 24.81
N ASN G 308 -37.01 -28.47 25.31
CA ASN G 308 -37.21 -28.58 26.74
C ASN G 308 -36.02 -29.26 27.42
N GLU G 309 -35.47 -30.30 26.79
CA GLU G 309 -34.29 -30.96 27.35
C GLU G 309 -33.07 -30.06 27.31
N THR G 310 -32.90 -29.32 26.21
CA THR G 310 -31.76 -28.43 26.07
C THR G 310 -31.83 -27.34 27.13
N LEU G 311 -33.02 -26.78 27.32
CA LEU G 311 -33.15 -25.69 28.28
C LEU G 311 -32.92 -26.23 29.68
N GLY G 312 -33.39 -27.44 29.97
CA GLY G 312 -33.14 -28.01 31.30
C GLY G 312 -31.65 -28.16 31.56
N LYS G 313 -30.89 -28.56 30.55
CA LYS G 313 -29.44 -28.68 30.71
C LYS G 313 -28.83 -27.31 31.01
N VAL G 314 -29.33 -26.28 30.33
CA VAL G 314 -28.83 -24.93 30.56
C VAL G 314 -29.13 -24.51 31.99
N VAL G 315 -30.33 -24.84 32.48
CA VAL G 315 -30.71 -24.49 33.84
C VAL G 315 -29.77 -25.16 34.84
N LYS G 316 -29.47 -26.44 34.64
CA LYS G 316 -28.56 -27.14 35.55
C LYS G 316 -27.21 -26.44 35.61
N GLN G 317 -26.68 -26.06 34.44
CA GLN G 317 -25.37 -25.42 34.45
C GLN G 317 -25.44 -24.04 35.08
N LEU G 318 -26.56 -23.31 34.91
CA LEU G 318 -26.68 -22.02 35.58
C LEU G 318 -26.74 -22.23 37.10
N ARG G 319 -27.44 -23.27 37.55
CA ARG G 319 -27.53 -23.52 38.98
C ARG G 319 -26.14 -23.71 39.56
N LYS G 320 -25.22 -24.29 38.79
CA LYS G 320 -23.87 -24.46 39.32
C LYS G 320 -23.23 -23.12 39.70
N HIS G 321 -23.69 -22.00 39.13
CA HIS G 321 -23.17 -20.67 39.47
C HIS G 321 -24.06 -19.89 40.42
N PHE G 322 -25.33 -20.27 40.55
CA PHE G 322 -26.28 -19.51 41.37
C PHE G 322 -26.77 -20.24 42.61
N GLY G 323 -26.64 -21.56 42.68
CA GLY G 323 -27.09 -22.32 43.82
C GLY G 323 -28.09 -23.42 43.51
N ASN G 324 -28.19 -24.40 44.40
CA ASN G 324 -29.11 -25.50 44.25
C ASN G 324 -30.49 -25.22 44.82
N ASN G 325 -30.69 -24.06 45.46
CA ASN G 325 -31.95 -23.69 46.08
C ASN G 325 -32.52 -22.40 45.49
N THR G 326 -32.12 -22.04 44.28
CA THR G 326 -32.59 -20.83 43.60
C THR G 326 -33.65 -21.24 42.59
N ILE G 327 -34.26 -20.25 41.95
CA ILE G 327 -35.24 -20.48 40.90
C ILE G 327 -34.73 -19.78 39.66
N ILE G 328 -34.73 -20.49 38.52
CA ILE G 328 -34.27 -19.94 37.26
C ILE G 328 -35.48 -19.78 36.35
N ARG G 329 -35.74 -18.55 35.92
CA ARG G 329 -36.90 -18.26 35.07
C ARG G 329 -36.44 -17.64 33.76
N PHE G 330 -37.02 -18.09 32.66
CA PHE G 330 -36.77 -17.53 31.35
C PHE G 330 -38.00 -16.72 30.96
N ALA G 331 -37.75 -15.59 30.31
CA ALA G 331 -38.77 -14.64 29.93
C ALA G 331 -38.44 -14.03 28.58
N GLN G 332 -39.43 -13.37 28.00
CA GLN G 332 -39.27 -12.70 26.71
C GLN G 332 -38.37 -11.48 26.84
N SER G 333 -37.72 -11.14 25.73
CA SER G 333 -36.89 -9.94 25.67
C SER G 333 -37.74 -8.69 25.88
N SER G 334 -37.12 -7.68 26.49
CA SER G 334 -37.80 -6.42 26.74
C SER G 334 -37.96 -5.65 25.43
N GLY G 335 -38.83 -4.63 25.48
CA GLY G 335 -39.12 -3.86 24.28
C GLY G 335 -37.92 -3.08 23.78
N GLY G 336 -37.89 -2.95 22.45
CA GLY G 336 -36.82 -2.23 21.78
C GLY G 336 -36.99 -2.41 20.29
N ASP G 337 -35.94 -2.07 19.55
CA ASP G 337 -36.01 -2.20 18.09
C ASP G 337 -36.18 -3.66 17.73
N LEU G 338 -36.87 -3.91 16.61
CA LEU G 338 -37.09 -5.27 16.15
C LEU G 338 -35.77 -6.01 15.95
N GLU G 339 -34.75 -5.31 15.46
CA GLU G 339 -33.45 -5.92 15.20
C GLU G 339 -32.78 -6.49 16.44
N VAL G 340 -33.15 -6.03 17.64
CA VAL G 340 -32.57 -6.52 18.88
C VAL G 340 -33.58 -7.25 19.76
N THR G 341 -34.87 -6.94 19.63
CA THR G 341 -35.86 -7.59 20.46
C THR G 341 -36.01 -9.07 20.12
N THR G 342 -36.04 -9.40 18.83
CA THR G 342 -36.27 -10.75 18.36
C THR G 342 -35.09 -11.33 17.59
N HIS G 343 -35.20 -12.64 17.36
CA HIS G 343 -34.22 -13.39 16.59
C HIS G 343 -34.20 -12.85 15.16
N SER G 344 -33.00 -12.82 14.55
CA SER G 344 -32.82 -12.29 13.21
C SER G 344 -31.80 -13.10 12.44
N PHE G 345 -32.12 -13.47 11.19
CA PHE G 345 -31.16 -14.25 10.40
C PHE G 345 -31.44 -14.12 8.91
N ASN G 346 -30.42 -14.47 8.11
CA ASN G 346 -30.52 -14.51 6.66
C ASN G 346 -30.81 -15.93 6.18
N CYS G 347 -31.98 -16.12 5.58
CA CYS G 347 -32.48 -17.41 5.07
C CYS G 347 -32.79 -17.34 3.58
N GLY G 348 -31.89 -17.86 2.75
CA GLY G 348 -32.15 -17.89 1.33
C GLY G 348 -32.14 -16.56 0.64
N GLY G 349 -31.50 -15.56 1.24
CA GLY G 349 -31.50 -14.22 0.71
C GLY G 349 -32.51 -13.30 1.37
N GLU G 350 -33.46 -13.84 2.14
CA GLU G 350 -34.44 -13.03 2.85
C GLU G 350 -33.97 -12.84 4.28
N PHE G 351 -34.31 -11.71 4.87
CA PHE G 351 -33.95 -11.42 6.25
C PHE G 351 -35.17 -11.62 7.12
N PHE G 352 -35.10 -12.63 7.98
CA PHE G 352 -36.20 -13.03 8.85
C PHE G 352 -35.99 -12.43 10.22
N TYR G 353 -37.09 -11.96 10.80
CA TYR G 353 -37.17 -11.51 12.17
C TYR G 353 -38.27 -12.35 12.79
N CYS G 354 -38.00 -13.01 13.91
CA CYS G 354 -38.95 -13.95 14.51
C CYS G 354 -39.42 -13.38 15.86
N ASN G 355 -39.56 -14.18 16.91
CA ASN G 355 -40.17 -13.71 18.14
C ASN G 355 -39.47 -14.28 19.37
N THR G 356 -39.40 -15.60 19.47
CA THR G 356 -38.78 -16.38 20.55
C THR G 356 -39.57 -16.36 21.86
N SER G 357 -40.72 -15.70 21.95
CA SER G 357 -41.43 -15.64 23.23
C SER G 357 -41.88 -17.01 23.70
N GLY G 358 -42.03 -17.98 22.79
CA GLY G 358 -42.43 -19.31 23.16
C GLY G 358 -41.29 -20.21 23.55
N LEU G 359 -40.05 -19.73 23.45
CA LEU G 359 -38.86 -20.47 23.82
C LEU G 359 -38.36 -20.15 25.21
N PHE G 360 -38.53 -18.90 25.64
CA PHE G 360 -38.03 -18.41 26.93
C PHE G 360 -39.23 -17.96 27.76
N ASN G 361 -40.04 -18.93 28.19
CA ASN G 361 -41.26 -18.68 28.95
C ASN G 361 -41.41 -19.86 29.91
N SER G 362 -40.63 -19.84 31.00
CA SER G 362 -40.68 -21.00 31.88
C SER G 362 -40.02 -20.69 33.22
N THR G 363 -40.60 -21.21 34.31
CA THR G 363 -40.00 -21.09 35.64
C THR G 363 -39.55 -22.47 36.09
N TRP G 364 -38.26 -22.58 36.38
CA TRP G 364 -37.59 -23.82 36.77
C TRP G 364 -37.30 -23.82 38.27
N ILE G 365 -37.95 -24.74 38.98
CA ILE G 365 -37.88 -24.91 40.42
C ILE G 365 -37.34 -26.32 40.70
N SER G 366 -36.30 -26.40 41.52
CA SER G 366 -35.66 -27.67 41.88
C SER G 366 -36.67 -28.70 42.36
N ASP G 380 -46.64 -31.59 18.80
CA ASP G 380 -45.29 -31.90 19.26
C ASP G 380 -44.27 -30.80 18.92
N SER G 381 -44.64 -29.86 18.05
CA SER G 381 -43.73 -28.80 17.63
C SER G 381 -44.21 -27.43 18.10
N LEU G 382 -43.25 -26.57 18.37
CA LEU G 382 -43.46 -25.18 18.73
C LEU G 382 -43.28 -24.36 17.47
N ILE G 383 -44.23 -23.48 17.19
CA ILE G 383 -44.20 -22.64 15.99
C ILE G 383 -43.96 -21.21 16.43
N LEU G 384 -42.90 -20.61 15.88
CA LEU G 384 -42.54 -19.22 16.15
C LEU G 384 -42.89 -18.37 14.94
N PRO G 385 -43.72 -17.32 15.07
CA PRO G 385 -44.02 -16.48 13.91
C PRO G 385 -42.81 -15.64 13.54
N CYS G 386 -42.69 -15.33 12.25
CA CYS G 386 -41.61 -14.46 11.79
C CYS G 386 -42.12 -13.45 10.78
N TRP G 387 -41.47 -12.30 10.77
CA TRP G 387 -41.74 -11.23 9.82
C TRP G 387 -40.48 -11.07 8.96
N ILE G 388 -40.68 -10.67 7.72
CA ILE G 388 -39.58 -10.42 6.79
C ILE G 388 -39.55 -8.94 6.47
N LYS G 389 -38.35 -8.36 6.54
CA LYS G 389 -38.15 -6.94 6.33
C LYS G 389 -37.15 -6.78 5.19
N GLN G 390 -37.44 -5.84 4.28
CA GLN G 390 -36.57 -5.57 3.14
C GLN G 390 -35.58 -4.42 3.36
N ILE G 391 -35.85 -3.52 4.30
CA ILE G 391 -34.95 -2.40 4.55
C ILE G 391 -34.07 -2.84 5.70
N ILE G 392 -32.79 -3.04 5.40
CA ILE G 392 -31.83 -3.66 6.31
C ILE G 392 -30.83 -2.65 6.84
N ASN G 393 -30.62 -2.65 8.17
CA ASN G 393 -29.65 -1.78 8.86
C ASN G 393 -28.79 -2.68 9.76
N MET G 394 -27.77 -3.31 9.18
CA MET G 394 -26.93 -4.27 9.88
C MET G 394 -25.79 -3.61 10.66
N TRP G 395 -25.24 -4.40 11.58
CA TRP G 395 -24.06 -4.08 12.38
C TRP G 395 -24.28 -2.90 13.32
N GLN G 396 -25.55 -2.57 13.59
CA GLN G 396 -25.92 -1.44 14.44
C GLN G 396 -25.36 -0.12 13.93
N ARG G 397 -25.22 0.04 12.62
CA ARG G 397 -24.75 1.30 12.07
C ARG G 397 -25.95 2.15 11.73
N ILE G 398 -25.76 3.47 11.77
CA ILE G 398 -26.79 4.45 11.44
C ILE G 398 -26.42 5.08 10.11
N GLY G 399 -27.37 5.08 9.17
CA GLY G 399 -27.14 5.66 7.88
C GLY G 399 -26.48 4.76 6.86
N GLN G 400 -26.60 3.44 7.03
CA GLN G 400 -26.02 2.44 6.15
C GLN G 400 -27.11 1.50 5.65
N ALA G 401 -28.29 2.05 5.35
CA ALA G 401 -29.42 1.23 4.95
C ALA G 401 -29.14 0.49 3.65
N MET G 402 -29.61 -0.76 3.61
CA MET G 402 -29.49 -1.64 2.46
C MET G 402 -30.86 -2.16 2.08
N TYR G 403 -31.11 -2.27 0.77
CA TYR G 403 -32.36 -2.82 0.26
C TYR G 403 -32.11 -4.24 -0.19
N ALA G 404 -32.74 -5.20 0.46
CA ALA G 404 -32.54 -6.60 0.09
C ALA G 404 -33.52 -6.93 -1.03
N PRO G 405 -33.09 -7.42 -2.19
CA PRO G 405 -34.05 -7.72 -3.25
C PRO G 405 -34.91 -8.89 -2.84
N PRO G 406 -36.13 -8.99 -3.35
CA PRO G 406 -36.95 -10.17 -3.03
C PRO G 406 -36.38 -11.39 -3.73
N ILE G 407 -36.60 -12.55 -3.10
CA ILE G 407 -36.20 -13.83 -3.63
C ILE G 407 -37.44 -14.57 -4.11
N GLN G 408 -37.40 -15.02 -5.35
CA GLN G 408 -38.53 -15.69 -5.98
C GLN G 408 -38.78 -17.08 -5.41
N GLY G 409 -40.05 -17.39 -5.18
CA GLY G 409 -40.48 -18.71 -4.74
C GLY G 409 -40.46 -18.92 -3.24
N VAL G 410 -40.64 -20.19 -2.87
CA VAL G 410 -40.73 -20.62 -1.48
C VAL G 410 -39.32 -20.89 -0.95
N ILE G 411 -39.04 -20.36 0.23
CA ILE G 411 -37.74 -20.45 0.88
C ILE G 411 -37.87 -21.35 2.10
N ARG G 412 -36.96 -22.32 2.22
CA ARG G 412 -36.90 -23.16 3.41
C ARG G 412 -35.45 -23.25 3.86
N CYS G 413 -35.24 -23.15 5.17
CA CYS G 413 -33.93 -23.29 5.79
C CYS G 413 -34.06 -24.20 7.00
N VAL G 414 -33.12 -25.13 7.13
CA VAL G 414 -33.00 -25.99 8.30
C VAL G 414 -31.63 -25.72 8.88
N SER G 415 -31.59 -25.23 10.12
CA SER G 415 -30.34 -24.84 10.78
C SER G 415 -30.19 -25.57 12.09
N ASN G 416 -28.95 -25.58 12.59
CA ASN G 416 -28.62 -26.15 13.87
C ASN G 416 -28.45 -25.02 14.88
N ILE G 417 -29.18 -25.08 15.98
CA ILE G 417 -28.98 -24.14 17.08
C ILE G 417 -27.90 -24.76 17.93
N THR G 418 -26.76 -24.07 18.04
CA THR G 418 -25.59 -24.56 18.75
C THR G 418 -25.26 -23.75 19.99
N GLY G 419 -25.84 -22.57 20.15
CA GLY G 419 -25.58 -21.78 21.34
C GLY G 419 -26.61 -20.69 21.52
N LEU G 420 -26.66 -20.17 22.73
CA LEU G 420 -27.59 -19.14 23.14
C LEU G 420 -26.85 -17.94 23.70
N ILE G 421 -27.47 -16.77 23.58
CA ILE G 421 -27.04 -15.57 24.29
C ILE G 421 -28.12 -15.30 25.33
N LEU G 422 -27.71 -15.11 26.58
CA LEU G 422 -28.61 -14.78 27.65
C LEU G 422 -28.10 -13.56 28.41
N THR G 423 -29.03 -12.78 28.95
CA THR G 423 -28.73 -11.69 29.87
C THR G 423 -29.51 -11.98 31.12
N ARG G 424 -29.13 -11.37 32.24
CA ARG G 424 -29.80 -11.60 33.51
C ARG G 424 -30.36 -10.29 34.04
N ASP G 425 -31.59 -10.35 34.52
CA ASP G 425 -32.27 -9.18 35.08
C ASP G 425 -31.56 -8.69 36.33
N SER G 431 -33.21 -11.69 46.19
CA SER G 431 -34.17 -12.23 45.24
C SER G 431 -33.96 -13.72 45.04
N THR G 432 -35.01 -14.50 45.32
CA THR G 432 -34.95 -15.95 45.14
C THR G 432 -34.91 -16.32 43.66
N THR G 433 -35.65 -15.61 42.81
CA THR G 433 -35.77 -15.95 41.41
C THR G 433 -34.92 -15.04 40.53
N GLU G 434 -34.09 -15.66 39.70
CA GLU G 434 -33.30 -14.98 38.68
C GLU G 434 -34.05 -15.06 37.37
N THR G 435 -34.06 -13.97 36.61
CA THR G 435 -34.75 -13.93 35.32
C THR G 435 -33.73 -13.71 34.21
N PHE G 436 -33.82 -14.55 33.18
CA PHE G 436 -32.94 -14.52 32.02
C PHE G 436 -33.72 -14.15 30.76
N ARG G 437 -33.10 -13.37 29.88
CA ARG G 437 -33.69 -12.96 28.62
C ARG G 437 -32.69 -13.15 27.48
N PRO G 438 -33.17 -13.41 26.26
CA PRO G 438 -32.25 -13.57 25.11
C PRO G 438 -31.21 -12.48 24.91
N GLY G 439 -31.56 -11.21 25.10
CA GLY G 439 -30.59 -10.13 24.91
C GLY G 439 -29.98 -10.16 23.53
N GLY G 440 -28.64 -10.13 23.47
CA GLY G 440 -27.93 -10.19 22.19
C GLY G 440 -27.90 -8.85 21.48
N GLY G 441 -27.58 -8.92 20.18
CA GLY G 441 -27.48 -7.77 19.32
C GLY G 441 -26.08 -7.28 19.01
N ASP G 442 -25.07 -7.66 19.81
CA ASP G 442 -23.69 -7.24 19.55
C ASP G 442 -23.02 -8.40 18.81
N MET G 443 -22.73 -8.19 17.53
CA MET G 443 -22.24 -9.27 16.70
C MET G 443 -20.91 -9.86 17.15
N ARG G 444 -20.09 -9.11 17.91
CA ARG G 444 -18.80 -9.68 18.29
C ARG G 444 -18.96 -10.86 19.23
N ASP G 445 -20.13 -10.95 19.87
CA ASP G 445 -20.36 -12.05 20.80
C ASP G 445 -20.50 -13.33 20.02
N ASN G 446 -20.99 -13.26 18.79
CA ASN G 446 -21.14 -14.53 18.08
C ASN G 446 -19.78 -15.00 17.62
N TRP G 447 -18.94 -14.07 17.16
CA TRP G 447 -17.64 -14.49 16.65
C TRP G 447 -16.71 -14.90 17.76
N ARG G 448 -16.86 -14.27 18.93
CA ARG G 448 -16.06 -14.67 20.07
C ARG G 448 -16.36 -16.10 20.43
N SER G 449 -17.62 -16.54 20.25
CA SER G 449 -18.02 -17.89 20.63
C SER G 449 -17.29 -18.94 19.82
N GLU G 450 -16.64 -18.56 18.72
CA GLU G 450 -15.84 -19.49 17.93
C GLU G 450 -14.36 -19.25 18.12
N LEU G 451 -13.95 -18.00 18.33
CA LEU G 451 -12.54 -17.66 18.48
C LEU G 451 -12.01 -17.81 19.90
N TYR G 452 -12.87 -18.14 20.88
CA TYR G 452 -12.42 -18.25 22.26
C TYR G 452 -11.29 -19.25 22.46
N LYS G 453 -11.20 -20.27 21.59
CA LYS G 453 -10.17 -21.29 21.76
C LYS G 453 -8.81 -20.90 21.22
N TYR G 454 -8.69 -19.78 20.49
CA TYR G 454 -7.44 -19.40 19.86
C TYR G 454 -6.83 -18.17 20.51
N LYS G 455 -5.50 -18.17 20.54
CA LYS G 455 -4.69 -17.05 21.01
C LYS G 455 -3.57 -16.82 20.01
N VAL G 456 -3.20 -15.56 19.76
CA VAL G 456 -2.09 -15.22 18.87
C VAL G 456 -0.89 -14.85 19.73
N VAL G 457 0.26 -15.45 19.46
CA VAL G 457 1.49 -15.14 20.18
C VAL G 457 2.61 -14.82 19.21
N LYS G 458 3.52 -13.95 19.65
CA LYS G 458 4.71 -13.55 18.91
C LYS G 458 5.89 -14.36 19.41
N ILE G 459 6.73 -14.78 18.47
CA ILE G 459 7.92 -15.56 18.78
C ILE G 459 9.08 -14.60 19.05
N GLU G 460 9.80 -14.85 20.15
CA GLU G 460 10.96 -14.05 20.56
C GLU G 460 12.14 -15.02 20.61
N PRO G 461 12.75 -15.30 19.46
CA PRO G 461 13.70 -16.42 19.34
C PRO G 461 15.04 -16.21 20.00
N LEU G 462 15.37 -15.00 20.44
CA LEU G 462 16.69 -14.69 20.98
C LEU G 462 16.67 -14.69 22.50
N GLY G 463 17.69 -15.31 23.09
CA GLY G 463 17.81 -15.33 24.53
C GLY G 463 19.21 -15.74 24.92
N VAL G 464 19.48 -15.68 26.23
CA VAL G 464 20.80 -15.98 26.78
C VAL G 464 20.65 -16.96 27.93
N ALA G 465 21.76 -17.65 28.24
CA ALA G 465 21.74 -18.54 29.39
C ALA G 465 23.17 -18.81 29.86
N PRO G 466 23.36 -19.14 31.14
CA PRO G 466 24.69 -19.56 31.60
C PRO G 466 25.15 -20.83 30.91
N THR G 467 26.38 -20.83 30.45
CA THR G 467 26.98 -22.02 29.88
C THR G 467 28.44 -22.04 30.29
N ARG G 468 28.99 -23.23 30.49
CA ARG G 468 30.41 -23.35 30.82
C ARG G 468 31.18 -23.39 29.50
N CYS G 469 31.19 -22.24 28.83
CA CYS G 469 31.78 -22.10 27.49
C CYS G 469 32.30 -20.68 27.31
N LYS G 470 33.62 -20.52 27.26
CA LYS G 470 34.22 -19.21 27.09
C LYS G 470 34.69 -19.06 25.64
N ARG G 471 34.43 -17.88 25.08
CA ARG G 471 34.91 -17.58 23.73
C ARG G 471 36.44 -17.55 23.74
N ARG G 472 37.04 -18.02 22.65
CA ARG G 472 38.49 -17.97 22.54
C ARG G 472 38.95 -16.53 22.64
N THR G 473 39.97 -16.27 23.43
CA THR G 473 40.46 -14.93 23.63
C THR G 473 41.47 -14.55 22.55
N VAL G 474 41.72 -13.25 22.45
CA VAL G 474 42.67 -12.71 21.48
C VAL G 474 44.08 -12.89 22.04
N GLU H 1 25.44 -51.52 41.54
CA GLU H 1 24.45 -50.71 40.77
C GLU H 1 25.04 -50.35 39.41
N VAL H 2 26.13 -49.58 39.44
CA VAL H 2 26.81 -49.14 38.23
C VAL H 2 27.91 -50.16 37.95
N GLN H 3 28.00 -50.63 36.70
CA GLN H 3 28.99 -51.64 36.36
C GLN H 3 29.58 -51.34 34.99
N LEU H 4 30.86 -51.67 34.83
CA LEU H 4 31.61 -51.59 33.59
C LEU H 4 32.47 -52.83 33.47
N VAL H 5 32.30 -53.61 32.39
CA VAL H 5 33.06 -54.86 32.21
C VAL H 5 33.81 -54.83 30.88
N GLU H 6 35.14 -54.91 30.94
CA GLU H 6 36.01 -54.96 29.78
C GLU H 6 36.10 -56.39 29.22
N THR H 7 35.97 -56.52 27.91
CA THR H 7 36.12 -57.79 27.20
C THR H 7 37.06 -57.56 26.02
N GLY H 8 38.04 -58.42 25.84
CA GLY H 8 38.95 -58.25 24.74
C GLY H 8 39.89 -59.42 24.58
N GLY H 9 40.89 -59.24 23.72
CA GLY H 9 41.82 -60.30 23.39
C GLY H 9 42.92 -60.48 24.43
N GLY H 10 43.78 -61.47 24.16
CA GLY H 10 44.88 -61.81 25.05
C GLY H 10 46.26 -61.45 24.56
N LEU H 11 46.97 -62.41 23.99
CA LEU H 11 48.34 -62.21 23.51
C LEU H 11 48.35 -61.87 22.02
N VAL H 12 48.99 -60.76 21.70
CA VAL H 12 49.13 -60.26 20.33
C VAL H 12 50.61 -60.06 20.03
N GLN H 13 51.01 -60.33 18.74
CA GLN H 13 52.39 -60.13 18.35
C GLN H 13 52.58 -58.71 17.80
N PRO H 14 53.79 -58.14 17.87
CA PRO H 14 54.01 -56.80 17.30
C PRO H 14 53.61 -56.72 15.83
N GLY H 15 52.95 -55.63 15.47
CA GLY H 15 52.49 -55.41 14.12
C GLY H 15 51.05 -55.81 13.87
N GLY H 16 50.40 -56.43 14.84
CA GLY H 16 49.02 -56.86 14.72
C GLY H 16 48.05 -55.81 15.24
N SER H 17 46.87 -56.28 15.64
CA SER H 17 45.83 -55.40 16.12
C SER H 17 44.97 -56.15 17.13
N LEU H 18 44.32 -55.39 17.99
CA LEU H 18 43.44 -55.97 19.01
C LEU H 18 42.34 -54.98 19.38
N LYS H 19 41.10 -55.44 19.38
CA LYS H 19 39.96 -54.60 19.75
C LYS H 19 39.52 -54.97 21.16
N LEU H 20 39.37 -53.95 22.00
CA LEU H 20 38.95 -54.08 23.39
C LEU H 20 37.65 -53.31 23.58
N SER H 21 36.60 -53.96 24.10
CA SER H 21 35.31 -53.30 24.27
C SER H 21 34.84 -53.38 25.71
N CYS H 22 34.32 -52.25 26.19
CA CYS H 22 33.78 -52.09 27.53
C CYS H 22 32.25 -51.99 27.47
N ARG H 23 31.58 -52.88 28.20
CA ARG H 23 30.13 -52.91 28.27
C ARG H 23 29.71 -52.21 29.56
N ALA H 24 28.75 -51.31 29.45
CA ALA H 24 28.28 -50.50 30.56
C ALA H 24 26.85 -50.85 30.96
N SER H 25 26.57 -50.74 32.26
CA SER H 25 25.21 -50.92 32.74
C SER H 25 25.04 -50.16 34.06
N GLY H 26 23.78 -49.92 34.41
CA GLY H 26 23.43 -49.30 35.67
C GLY H 26 23.32 -47.78 35.64
N TYR H 27 23.56 -47.15 34.50
CA TYR H 27 23.50 -45.70 34.37
C TYR H 27 23.19 -45.41 32.92
N THR H 28 22.84 -44.15 32.63
CA THR H 28 22.58 -43.79 31.24
C THR H 28 23.94 -43.59 30.58
N PHE H 29 24.24 -44.47 29.62
CA PHE H 29 25.55 -44.46 28.97
C PHE H 29 25.77 -43.15 28.21
N SER H 30 24.76 -42.73 27.44
CA SER H 30 24.85 -41.54 26.61
C SER H 30 24.97 -40.24 27.40
N SER H 31 24.80 -40.25 28.71
CA SER H 31 24.91 -39.04 29.50
C SER H 31 26.31 -38.74 30.01
N PHE H 32 27.28 -39.65 29.84
CA PHE H 32 28.61 -39.47 30.37
C PHE H 32 29.69 -39.66 29.31
N ALA H 33 30.77 -38.90 29.48
CA ALA H 33 31.98 -39.09 28.69
C ALA H 33 32.68 -40.35 29.15
N MET H 34 33.41 -40.99 28.24
CA MET H 34 34.12 -42.23 28.55
C MET H 34 35.58 -42.08 28.15
N SER H 35 36.45 -42.81 28.84
CA SER H 35 37.87 -42.76 28.55
C SER H 35 38.52 -44.10 28.83
N TRP H 36 39.73 -44.28 28.29
CA TRP H 36 40.55 -45.45 28.58
C TRP H 36 41.83 -45.00 29.27
N VAL H 37 42.18 -45.76 30.31
CA VAL H 37 43.38 -45.59 31.13
C VAL H 37 44.09 -46.93 31.20
N ARG H 38 45.43 -46.94 31.14
CA ARG H 38 46.16 -48.20 31.21
C ARG H 38 47.23 -48.14 32.30
N GLN H 39 47.53 -49.33 32.83
CA GLN H 39 48.55 -49.53 33.85
C GLN H 39 49.53 -50.61 33.43
N ALA H 40 50.78 -50.25 33.18
CA ALA H 40 51.76 -51.26 32.82
C ALA H 40 51.94 -52.17 34.04
N PRO H 41 52.29 -53.45 33.85
CA PRO H 41 52.41 -54.35 35.02
C PRO H 41 53.23 -53.86 36.20
N GLY H 42 54.32 -53.11 35.99
CA GLY H 42 55.13 -52.63 37.09
C GLY H 42 55.08 -51.14 37.38
N LYS H 43 54.17 -50.39 36.78
CA LYS H 43 54.06 -48.94 36.88
C LYS H 43 52.67 -48.53 37.42
N GLY H 44 52.47 -47.21 37.44
CA GLY H 44 51.23 -46.60 37.87
C GLY H 44 50.31 -46.44 36.68
N LEU H 45 49.37 -45.51 36.81
CA LEU H 45 48.32 -45.31 35.82
C LEU H 45 48.73 -44.21 34.86
N GLU H 46 48.29 -44.34 33.61
CA GLU H 46 48.42 -43.25 32.64
C GLU H 46 47.18 -43.20 31.76
N TRP H 47 46.80 -41.98 31.37
CA TRP H 47 45.65 -41.78 30.50
C TRP H 47 46.01 -42.15 29.07
N VAL H 48 45.07 -42.81 28.39
CA VAL H 48 45.27 -43.24 26.99
C VAL H 48 44.38 -42.47 26.03
N SER H 49 43.07 -42.45 26.28
CA SER H 49 42.18 -41.80 25.32
C SER H 49 40.92 -41.31 25.99
N LEU H 50 40.25 -40.34 25.34
CA LEU H 50 39.01 -39.76 25.85
C LEU H 50 38.02 -39.53 24.71
N ILE H 51 36.77 -39.93 24.93
CA ILE H 51 35.68 -39.71 23.99
C ILE H 51 34.56 -39.03 24.76
N ASN H 52 33.90 -38.07 24.12
CA ASN H 52 32.80 -37.35 24.77
C ASN H 52 31.54 -38.21 24.80
N ASP H 53 30.45 -37.62 25.33
CA ASP H 53 29.23 -38.38 25.50
C ASP H 53 28.55 -38.69 24.18
N ARG H 54 28.58 -37.75 23.23
CA ARG H 54 27.97 -38.01 21.93
C ARG H 54 28.79 -39.00 21.11
N GLY H 55 30.12 -38.93 21.21
CA GLY H 55 31.01 -39.81 20.50
C GLY H 55 31.67 -39.21 19.28
N GLY H 56 31.23 -38.03 18.84
CA GLY H 56 31.79 -37.38 17.67
C GLY H 56 33.13 -36.70 17.87
N LEU H 57 33.49 -36.35 19.09
CA LEU H 57 34.71 -35.61 19.38
C LEU H 57 35.58 -36.46 20.29
N THR H 58 36.82 -36.73 19.85
CA THR H 58 37.75 -37.59 20.57
C THR H 58 39.11 -36.93 20.74
N PHE H 59 39.83 -37.38 21.78
CA PHE H 59 41.17 -36.92 22.10
C PHE H 59 42.03 -38.13 22.44
N TYR H 60 43.33 -38.04 22.14
CA TYR H 60 44.26 -39.12 22.43
C TYR H 60 45.55 -38.58 23.02
N VAL H 61 46.25 -39.44 23.78
CA VAL H 61 47.61 -39.12 24.19
C VAL H 61 48.49 -39.30 22.96
N ASP H 62 49.48 -38.42 22.82
CA ASP H 62 50.35 -38.43 21.63
C ASP H 62 50.96 -39.79 21.29
N SER H 63 51.32 -40.58 22.31
CA SER H 63 51.97 -41.86 22.01
C SER H 63 51.10 -42.85 21.25
N VAL H 64 49.78 -42.66 21.21
CA VAL H 64 48.86 -43.56 20.50
C VAL H 64 48.04 -42.84 19.43
N LYS H 65 48.34 -41.58 19.12
CA LYS H 65 47.47 -40.82 18.21
C LYS H 65 47.34 -41.43 16.82
N GLY H 66 48.37 -42.06 16.28
CA GLY H 66 48.32 -42.66 14.97
C GLY H 66 48.03 -44.15 14.97
N ARG H 67 47.72 -44.73 16.11
CA ARG H 67 47.56 -46.17 16.28
C ARG H 67 46.23 -46.61 16.84
N PHE H 68 45.61 -45.86 17.74
CA PHE H 68 44.40 -46.30 18.43
C PHE H 68 43.22 -45.49 17.91
N THR H 69 42.08 -46.16 17.79
CA THR H 69 40.81 -45.52 17.45
C THR H 69 39.83 -45.78 18.59
N ILE H 70 39.20 -44.72 19.09
CA ILE H 70 38.20 -44.82 20.16
C ILE H 70 36.85 -44.46 19.57
N SER H 71 35.84 -45.26 19.88
CA SER H 71 34.51 -45.00 19.39
C SER H 71 33.52 -45.55 20.40
N ARG H 72 32.27 -45.10 20.30
CA ARG H 72 31.23 -45.58 21.18
C ARG H 72 29.94 -45.69 20.40
N ASP H 73 29.07 -46.57 20.87
CA ASP H 73 27.73 -46.75 20.33
C ASP H 73 26.79 -46.60 21.52
N ASN H 74 26.05 -45.49 21.53
CA ASN H 74 25.20 -45.17 22.67
C ASN H 74 23.91 -45.97 22.68
N SER H 75 23.59 -46.68 21.59
CA SER H 75 22.40 -47.50 21.55
C SER H 75 22.71 -48.90 22.06
N LYS H 76 23.97 -49.32 21.93
CA LYS H 76 24.44 -50.61 22.36
C LYS H 76 25.11 -50.52 23.72
N ASN H 77 25.20 -49.32 24.30
CA ASN H 77 25.89 -49.11 25.57
C ASN H 77 27.30 -49.68 25.51
N THR H 78 27.99 -49.49 24.38
CA THR H 78 29.32 -50.08 24.20
C THR H 78 30.39 -49.07 23.83
N LEU H 79 31.52 -49.15 24.53
CA LEU H 79 32.71 -48.34 24.27
C LEU H 79 33.74 -49.25 23.65
N SER H 80 34.31 -48.89 22.49
CA SER H 80 35.31 -49.74 21.87
C SER H 80 36.60 -48.97 21.57
N LEU H 81 37.73 -49.63 21.83
CA LEU H 81 39.06 -49.13 21.52
C LEU H 81 39.69 -50.15 20.59
N GLN H 82 39.99 -49.76 19.36
CA GLN H 82 40.61 -50.64 18.38
C GLN H 82 42.08 -50.19 18.30
N MET H 83 43.00 -51.06 18.69
CA MET H 83 44.43 -50.75 18.74
C MET H 83 45.19 -51.44 17.61
N HIS H 84 46.11 -50.69 16.99
CA HIS H 84 47.00 -51.18 15.95
C HIS H 84 48.45 -51.06 16.39
N SER H 85 49.28 -51.88 15.75
CA SER H 85 50.74 -51.93 15.89
C SER H 85 51.16 -52.65 17.18
N LEU H 86 50.66 -52.16 18.32
CA LEU H 86 50.81 -52.83 19.61
C LEU H 86 52.24 -53.26 19.90
N ARG H 87 53.06 -52.29 20.33
CA ARG H 87 54.48 -52.43 20.60
C ARG H 87 54.64 -53.05 21.99
N ASP H 88 55.85 -53.55 22.26
CA ASP H 88 56.10 -54.20 23.55
C ASP H 88 55.75 -53.26 24.72
N GLY H 89 55.91 -51.95 24.53
CA GLY H 89 55.61 -51.01 25.60
C GLY H 89 54.14 -50.83 25.88
N ASP H 90 53.26 -51.43 25.06
CA ASP H 90 51.82 -51.34 25.22
C ASP H 90 51.24 -52.44 26.10
N THR H 91 52.06 -53.34 26.63
CA THR H 91 51.51 -54.36 27.51
C THR H 91 51.05 -53.67 28.79
N ALA H 92 49.78 -53.87 29.12
CA ALA H 92 49.22 -53.20 30.28
C ALA H 92 47.82 -53.74 30.56
N VAL H 93 47.34 -53.47 31.76
CA VAL H 93 45.93 -53.68 32.06
C VAL H 93 45.22 -52.41 31.63
N TYR H 94 44.24 -52.55 30.75
CA TYR H 94 43.45 -51.44 30.22
C TYR H 94 42.12 -51.40 30.96
N TYR H 95 41.72 -50.20 31.36
CA TYR H 95 40.46 -49.95 32.05
C TYR H 95 39.67 -48.94 31.25
N CYS H 96 38.36 -49.12 31.25
CA CYS H 96 37.42 -48.13 30.75
C CYS H 96 36.90 -47.39 31.96
N ALA H 97 36.63 -46.10 31.80
CA ALA H 97 36.09 -45.35 32.93
C ALA H 97 35.14 -44.27 32.48
N THR H 98 34.18 -44.00 33.36
CA THR H 98 33.19 -42.96 33.19
C THR H 98 33.74 -41.71 33.84
N GLY H 99 33.73 -40.61 33.09
CA GLY H 99 34.19 -39.32 33.52
C GLY H 99 35.27 -38.80 32.59
N GLY H 100 35.93 -37.73 33.04
CA GLY H 100 36.96 -37.08 32.27
C GLY H 100 36.53 -35.91 31.41
N MET H 101 35.23 -35.71 31.22
CA MET H 101 34.77 -34.60 30.39
C MET H 101 33.29 -34.36 30.69
N SER H 102 32.82 -33.16 30.34
CA SER H 102 31.42 -32.81 30.50
C SER H 102 31.05 -31.85 29.38
N SER H 103 29.87 -32.06 28.80
CA SER H 103 29.46 -31.38 27.57
C SER H 103 28.84 -30.00 27.81
N ALA H 104 29.64 -29.08 28.35
CA ALA H 104 29.28 -27.66 28.48
C ALA H 104 28.03 -27.31 29.29
N LEU H 105 26.95 -28.10 29.20
CA LEU H 105 25.72 -27.84 29.93
C LEU H 105 25.64 -28.63 31.23
N GLN H 106 26.69 -29.39 31.55
CA GLN H 106 26.80 -30.24 32.71
C GLN H 106 27.87 -29.67 33.63
N SER H 107 27.80 -30.02 34.91
CA SER H 107 28.83 -29.55 35.84
C SER H 107 30.16 -30.19 35.46
N SER H 108 31.23 -29.45 35.76
CA SER H 108 32.57 -29.92 35.43
C SER H 108 32.92 -31.22 36.13
N LYS H 109 33.69 -32.06 35.42
CA LYS H 109 34.24 -33.27 35.99
C LYS H 109 35.75 -33.14 36.05
N TYR H 110 36.48 -33.46 34.98
CA TYR H 110 37.94 -33.44 34.98
C TYR H 110 38.49 -34.44 36.00
N TYR H 111 37.76 -35.54 36.17
CA TYR H 111 38.15 -36.66 37.00
C TYR H 111 37.46 -37.88 36.41
N PHE H 112 37.93 -39.06 36.79
CA PHE H 112 37.38 -40.32 36.31
C PHE H 112 36.46 -40.85 37.41
N ASP H 113 35.15 -40.77 37.18
CA ASP H 113 34.16 -41.04 38.21
C ASP H 113 33.98 -42.51 38.54
N PHE H 114 34.00 -43.40 37.54
CA PHE H 114 33.71 -44.82 37.79
C PHE H 114 34.62 -45.69 36.93
N TRP H 115 35.20 -46.72 37.54
CA TRP H 115 36.16 -47.59 36.88
C TRP H 115 35.63 -49.03 36.78
N GLY H 116 36.00 -49.68 35.69
CA GLY H 116 35.71 -51.09 35.49
C GLY H 116 36.78 -51.94 36.13
N GLN H 117 36.71 -53.25 35.87
CA GLN H 117 37.67 -54.17 36.49
C GLN H 117 38.98 -54.21 35.73
N GLY H 118 38.95 -54.00 34.42
CA GLY H 118 40.13 -54.01 33.59
C GLY H 118 40.38 -55.34 32.90
N ALA H 119 41.13 -55.29 31.82
CA ALA H 119 41.51 -56.47 31.05
C ALA H 119 42.97 -56.32 30.67
N LEU H 120 43.72 -57.40 30.73
CA LEU H 120 45.15 -57.35 30.43
C LEU H 120 45.44 -57.63 28.96
N VAL H 121 46.10 -56.68 28.30
CA VAL H 121 46.53 -56.80 26.91
C VAL H 121 48.03 -57.03 26.92
N THR H 122 48.46 -58.16 26.37
CA THR H 122 49.85 -58.57 26.38
C THR H 122 50.36 -58.63 24.95
N VAL H 123 51.50 -57.99 24.71
CA VAL H 123 52.09 -57.96 23.38
C VAL H 123 53.11 -59.10 23.28
N ALA I 1 54.89 -36.29 34.25
CA ALA I 1 54.37 -37.03 35.39
C ALA I 1 54.50 -36.21 36.67
N LEU I 2 53.71 -36.56 37.67
CA LEU I 2 53.74 -35.92 38.98
C LEU I 2 54.58 -36.75 39.95
N THR I 3 55.22 -36.07 40.88
CA THR I 3 56.09 -36.70 41.86
C THR I 3 55.32 -37.02 43.15
N GLN I 4 55.46 -38.26 43.60
CA GLN I 4 54.84 -38.75 44.83
C GLN I 4 55.91 -39.49 45.62
N PRO I 5 55.82 -39.54 46.95
CA PRO I 5 56.78 -40.34 47.72
C PRO I 5 56.63 -41.82 47.39
N PRO I 6 57.73 -42.56 47.18
CA PRO I 6 57.59 -44.01 46.95
C PRO I 6 56.85 -44.76 48.04
N SER I 7 56.97 -44.37 49.31
CA SER I 7 56.31 -45.08 50.39
C SER I 7 56.01 -44.14 51.54
N VAL I 8 54.82 -44.31 52.12
CA VAL I 8 54.33 -43.53 53.25
C VAL I 8 53.73 -44.49 54.25
N SER I 9 53.90 -44.23 55.53
CA SER I 9 53.34 -45.11 56.56
C SER I 9 53.19 -44.34 57.87
N GLY I 10 52.51 -44.98 58.82
CA GLY I 10 52.33 -44.41 60.14
C GLY I 10 51.58 -45.39 61.02
N SER I 11 51.47 -45.01 62.30
CA SER I 11 50.79 -45.84 63.27
C SER I 11 49.27 -45.85 63.01
N PRO I 12 48.57 -46.95 63.29
CA PRO I 12 47.11 -46.92 63.20
C PRO I 12 46.50 -45.82 64.03
N GLY I 13 45.56 -45.10 63.44
CA GLY I 13 44.88 -43.99 64.09
C GLY I 13 45.54 -42.66 63.86
N GLN I 14 46.77 -42.65 63.35
CA GLN I 14 47.54 -41.45 63.09
C GLN I 14 47.03 -40.82 61.79
N SER I 15 47.11 -39.49 61.71
CA SER I 15 46.82 -38.79 60.46
C SER I 15 48.08 -38.77 59.61
N VAL I 16 47.99 -39.35 58.41
CA VAL I 16 49.10 -39.50 57.49
C VAL I 16 48.81 -38.76 56.19
N THR I 17 49.76 -37.94 55.75
CA THR I 17 49.62 -37.11 54.55
C THR I 17 50.49 -37.65 53.41
N ILE I 18 49.87 -37.80 52.24
CA ILE I 18 50.53 -38.20 51.00
C ILE I 18 50.53 -36.97 50.09
N SER I 19 51.72 -36.45 49.76
CA SER I 19 51.79 -35.28 48.90
C SER I 19 51.94 -35.67 47.43
N CYS I 20 51.65 -34.71 46.55
CA CYS I 20 51.81 -34.82 45.11
C CYS I 20 52.29 -33.47 44.61
N THR I 21 53.43 -33.41 43.92
CA THR I 21 54.00 -32.14 43.46
C THR I 21 54.13 -32.12 41.94
N GLY I 22 53.59 -31.06 41.33
CA GLY I 22 53.63 -30.84 39.90
C GLY I 22 54.30 -29.51 39.57
N THR I 23 53.85 -28.83 38.51
CA THR I 23 54.40 -27.55 38.07
C THR I 23 53.24 -26.58 37.84
N SER I 24 53.58 -25.34 37.45
CA SER I 24 52.55 -24.32 37.27
C SER I 24 51.59 -24.61 36.13
N SER I 25 52.02 -25.32 35.09
CA SER I 25 51.14 -25.59 33.96
C SER I 25 50.07 -26.64 34.25
N ASP I 26 50.15 -27.33 35.39
CA ASP I 26 49.18 -28.37 35.75
C ASP I 26 48.52 -28.18 37.12
N ILE I 27 49.20 -28.51 38.23
CA ILE I 27 48.55 -28.42 39.53
C ILE I 27 48.24 -26.96 39.84
N GLY I 28 49.18 -26.07 39.54
CA GLY I 28 49.06 -24.66 39.78
C GLY I 28 47.91 -23.94 39.09
N SER I 29 47.89 -24.05 37.76
CA SER I 29 46.88 -23.37 36.95
C SER I 29 45.47 -23.95 37.10
N TYR I 30 45.32 -25.26 37.28
CA TYR I 30 44.00 -25.88 37.34
C TYR I 30 43.73 -26.55 38.68
N ASN I 31 42.59 -26.21 39.27
CA ASN I 31 42.16 -26.78 40.55
C ASN I 31 41.36 -28.06 40.33
N TYR I 32 41.98 -29.02 39.63
CA TYR I 32 41.38 -30.32 39.33
C TYR I 32 42.45 -31.38 39.61
N VAL I 33 42.61 -31.75 40.88
CA VAL I 33 43.62 -32.72 41.27
C VAL I 33 42.92 -33.81 42.06
N SER I 34 42.52 -34.88 41.39
CA SER I 34 41.79 -35.95 42.02
C SER I 34 42.76 -36.95 42.67
N TRP I 35 42.24 -37.76 43.59
CA TRP I 35 43.01 -38.83 44.21
C TRP I 35 42.26 -40.15 44.10
N TYR I 36 43.02 -41.22 43.83
CA TYR I 36 42.51 -42.58 43.71
C TYR I 36 43.22 -43.52 44.65
N GLN I 37 42.48 -44.53 45.13
CA GLN I 37 42.99 -45.59 45.99
C GLN I 37 42.89 -46.90 45.23
N GLN I 38 44.01 -47.55 44.98
CA GLN I 38 44.06 -48.82 44.25
C GLN I 38 44.51 -49.94 45.18
N HIS I 39 43.58 -50.81 45.56
CA HIS I 39 43.91 -51.94 46.39
C HIS I 39 44.63 -52.95 45.50
N PRO I 40 45.63 -53.69 46.00
CA PRO I 40 46.27 -54.70 45.15
C PRO I 40 45.23 -55.66 44.58
N GLY I 41 45.32 -55.90 43.27
CA GLY I 41 44.42 -56.80 42.61
C GLY I 41 43.09 -56.18 42.20
N LYS I 42 42.86 -54.91 42.53
CA LYS I 42 41.61 -54.21 42.25
C LYS I 42 41.84 -53.00 41.37
N ALA I 43 40.77 -52.59 40.70
CA ALA I 43 40.77 -51.36 39.94
C ALA I 43 40.77 -50.15 40.86
N PRO I 44 41.39 -49.03 40.46
CA PRO I 44 41.31 -47.82 41.30
C PRO I 44 39.88 -47.33 41.43
N LYS I 45 39.58 -46.76 42.60
CA LYS I 45 38.30 -46.11 42.86
C LYS I 45 38.58 -44.66 43.20
N LEU I 46 37.62 -43.79 42.93
CA LEU I 46 37.78 -42.37 43.19
C LEU I 46 37.60 -42.06 44.67
N MET I 47 38.57 -41.33 45.23
CA MET I 47 38.55 -40.90 46.62
C MET I 47 38.33 -39.42 46.77
N ILE I 48 39.01 -38.61 45.95
CA ILE I 48 38.90 -37.15 46.02
C ILE I 48 38.80 -36.66 44.59
N TYR I 49 38.01 -35.60 44.36
CA TYR I 49 37.93 -35.00 43.04
C TYR I 49 37.91 -33.49 43.23
N ASP I 50 38.09 -32.77 42.12
CA ASP I 50 38.31 -31.33 42.13
C ASP I 50 39.52 -31.16 43.05
N VAL I 51 39.45 -30.36 44.12
CA VAL I 51 40.55 -30.22 45.08
C VAL I 51 40.14 -30.70 46.48
N THR I 52 38.97 -30.27 46.97
CA THR I 52 38.50 -30.60 48.32
C THR I 52 37.24 -31.45 48.34
N GLN I 53 36.77 -31.93 47.19
CA GLN I 53 35.50 -32.63 47.15
C GLN I 53 35.67 -34.13 47.36
N ARG I 54 34.69 -34.73 48.02
CA ARG I 54 34.68 -36.14 48.35
C ARG I 54 33.45 -36.84 47.74
N PRO I 55 33.61 -37.95 46.99
CA PRO I 55 32.45 -38.63 46.44
C PRO I 55 31.55 -39.18 47.53
N SER I 56 30.25 -39.27 47.24
CA SER I 56 29.33 -39.87 48.19
C SER I 56 29.72 -41.31 48.43
N GLY I 57 29.63 -41.76 49.68
CA GLY I 57 29.99 -43.12 50.04
C GLY I 57 31.40 -43.26 50.59
N VAL I 58 32.20 -42.21 50.46
CA VAL I 58 33.58 -42.18 50.95
C VAL I 58 33.62 -41.63 52.37
N SER I 59 34.38 -42.32 53.22
CA SER I 59 34.54 -41.95 54.62
C SER I 59 35.14 -40.56 54.74
N ASP I 60 34.74 -39.84 55.79
CA ASP I 60 35.15 -38.46 56.03
C ASP I 60 36.59 -38.38 56.57
N ARG I 61 37.29 -39.50 56.65
CA ARG I 61 38.70 -39.50 57.05
C ARG I 61 39.63 -39.07 55.92
N PHE I 62 39.14 -39.07 54.68
CA PHE I 62 39.95 -38.73 53.50
C PHE I 62 39.65 -37.30 53.08
N SER I 63 40.66 -36.43 53.11
CA SER I 63 40.48 -35.03 52.77
C SER I 63 41.78 -34.53 52.17
N GLY I 64 41.75 -33.35 51.57
CA GLY I 64 42.99 -32.86 50.99
C GLY I 64 42.93 -31.38 50.66
N SER I 65 43.99 -30.91 50.04
CA SER I 65 44.09 -29.49 49.71
C SER I 65 45.15 -29.28 48.62
N LYS I 66 45.34 -28.01 48.25
CA LYS I 66 46.31 -27.58 47.26
C LYS I 66 46.91 -26.23 47.67
N SER I 67 48.22 -26.10 47.52
CA SER I 67 48.95 -24.87 47.78
C SER I 67 50.10 -24.78 46.78
N GLY I 68 50.17 -23.67 46.04
CA GLY I 68 51.22 -23.54 45.04
C GLY I 68 51.03 -24.64 44.02
N ASN I 69 52.09 -25.41 43.78
CA ASN I 69 52.06 -26.52 42.84
C ASN I 69 52.02 -27.86 43.56
N THR I 70 51.72 -27.86 44.86
CA THR I 70 51.69 -29.07 45.67
C THR I 70 50.27 -29.33 46.15
N ALA I 71 49.80 -30.55 45.95
CA ALA I 71 48.50 -31.03 46.38
C ALA I 71 48.76 -32.10 47.43
N SER I 72 47.83 -32.29 48.34
CA SER I 72 48.04 -33.36 49.32
C SER I 72 46.72 -33.99 49.72
N LEU I 73 46.82 -35.27 50.10
CA LEU I 73 45.74 -36.08 50.64
C LEU I 73 46.11 -36.45 52.07
N THR I 74 45.24 -36.15 53.01
CA THR I 74 45.45 -36.45 54.41
C THR I 74 44.40 -37.48 54.80
N ILE I 75 44.86 -38.58 55.38
CA ILE I 75 44.00 -39.67 55.84
C ILE I 75 44.09 -39.70 57.36
N SER I 76 43.03 -39.24 58.02
CA SER I 76 43.03 -39.24 59.47
C SER I 76 42.62 -40.63 59.95
N GLY I 77 42.97 -40.97 61.18
CA GLY I 77 42.43 -42.21 61.74
C GLY I 77 42.84 -43.45 60.99
N LEU I 78 44.10 -43.52 60.54
CA LEU I 78 44.59 -44.62 59.69
C LEU I 78 44.16 -46.01 60.17
N GLN I 79 43.59 -46.77 59.25
CA GLN I 79 43.13 -48.14 59.47
C GLN I 79 44.03 -49.12 58.75
N ALA I 80 43.99 -50.37 59.22
CA ALA I 80 44.75 -51.43 58.56
C ALA I 80 44.31 -51.62 57.11
N ASP I 81 43.04 -51.39 56.81
CA ASP I 81 42.53 -51.61 55.45
C ASP I 81 42.75 -50.44 54.51
N ASP I 82 43.41 -49.37 54.97
CA ASP I 82 43.68 -48.22 54.13
C ASP I 82 44.99 -48.32 53.37
N GLU I 83 45.79 -49.35 53.61
CA GLU I 83 47.08 -49.46 52.94
C GLU I 83 46.83 -49.99 51.53
N ALA I 84 47.10 -49.15 50.54
CA ALA I 84 46.81 -49.36 49.14
C ALA I 84 47.71 -48.40 48.38
N ASP I 85 47.80 -48.59 47.06
CA ASP I 85 48.58 -47.67 46.25
C ASP I 85 47.72 -46.47 45.90
N TYR I 86 48.13 -45.29 46.33
CA TYR I 86 47.39 -44.06 46.09
C TYR I 86 48.02 -43.29 44.95
N TYR I 87 47.17 -42.70 44.11
CA TYR I 87 47.62 -41.92 42.97
C TYR I 87 46.94 -40.57 42.96
N CYS I 88 47.68 -39.56 42.50
CA CYS I 88 47.14 -38.24 42.21
C CYS I 88 46.98 -38.15 40.70
N SER I 89 45.97 -37.40 40.26
CA SER I 89 45.75 -37.17 38.84
C SER I 89 45.35 -35.74 38.61
N ALA I 90 46.15 -34.99 37.87
CA ALA I 90 45.90 -33.57 37.63
C ALA I 90 45.52 -33.31 36.18
N TYR I 91 44.57 -32.41 36.00
CA TYR I 91 44.24 -31.90 34.68
C TYR I 91 45.37 -30.98 34.23
N ALA I 92 45.79 -31.10 32.97
CA ALA I 92 46.87 -30.28 32.46
C ALA I 92 46.50 -29.53 31.19
N GLY I 93 45.22 -29.22 31.01
CA GLY I 93 44.77 -28.45 29.87
C GLY I 93 44.30 -29.32 28.72
N ARG I 94 44.19 -28.68 27.56
CA ARG I 94 43.66 -29.31 26.37
C ARG I 94 44.71 -30.09 25.62
N GLN I 95 45.98 -29.69 25.74
CA GLN I 95 47.03 -30.37 24.98
C GLN I 95 47.40 -31.68 25.66
N THR I 96 47.50 -31.67 26.99
CA THR I 96 47.73 -32.86 27.80
C THR I 96 46.50 -32.91 28.69
N PHE I 97 45.66 -33.94 28.53
CA PHE I 97 44.45 -33.94 29.32
C PHE I 97 44.68 -34.33 30.79
N TYR I 98 45.32 -35.46 31.05
CA TYR I 98 45.55 -35.86 32.43
C TYR I 98 46.97 -36.36 32.62
N ILE I 99 47.54 -36.03 33.77
CA ILE I 99 48.85 -36.52 34.17
C ILE I 99 48.70 -37.23 35.50
N PHE I 100 49.18 -38.47 35.58
CA PHE I 100 49.14 -39.22 36.82
C PHE I 100 50.53 -39.21 37.44
N GLY I 101 50.55 -39.25 38.77
CA GLY I 101 51.80 -39.37 39.49
C GLY I 101 52.17 -40.83 39.71
N GLY I 102 53.40 -41.04 40.20
CA GLY I 102 53.81 -42.37 40.55
C GLY I 102 53.01 -42.79 41.76
N GLY I 103 52.80 -44.09 41.95
CA GLY I 103 52.02 -44.53 43.09
C GLY I 103 52.80 -44.48 44.39
N THR I 104 52.06 -44.23 45.47
CA THR I 104 52.58 -44.25 46.84
C THR I 104 52.05 -45.48 47.54
N ARG I 105 52.96 -46.31 48.06
CA ARG I 105 52.56 -47.49 48.81
C ARG I 105 52.33 -47.04 50.25
N LEU I 106 51.08 -46.99 50.69
CA LEU I 106 50.80 -46.53 52.04
C LEU I 106 51.10 -47.67 53.03
N ASP J 9 9.85 -33.58 16.75
CA ASP J 9 8.67 -32.74 16.61
C ASP J 9 8.97 -31.56 15.68
N GLY J 10 7.95 -30.75 15.43
CA GLY J 10 8.03 -29.59 14.57
C GLY J 10 8.12 -28.29 15.34
N PHE J 11 7.59 -27.23 14.73
CA PHE J 11 7.67 -25.88 15.28
C PHE J 11 7.10 -25.80 16.69
N LEU J 12 7.92 -25.32 17.62
CA LEU J 12 7.62 -25.17 19.04
C LEU J 12 7.36 -26.50 19.74
N GLY J 13 7.70 -27.63 19.13
CA GLY J 13 7.45 -28.91 19.78
C GLY J 13 8.21 -29.04 21.09
N ALA J 14 9.37 -28.41 21.19
CA ALA J 14 10.23 -28.46 22.36
C ALA J 14 9.88 -27.39 23.41
N ALA J 15 8.80 -26.62 23.20
CA ALA J 15 8.49 -25.53 24.12
C ALA J 15 8.35 -25.99 25.56
N GLY J 16 7.82 -27.19 25.78
CA GLY J 16 7.66 -27.70 27.12
C GLY J 16 8.81 -28.57 27.60
N SER J 17 9.84 -28.72 26.78
CA SER J 17 10.99 -29.57 27.08
C SER J 17 11.99 -28.78 27.91
N THR J 18 12.98 -29.48 28.43
CA THR J 18 13.98 -28.81 29.24
C THR J 18 14.85 -27.93 28.34
N MET J 19 15.56 -26.99 28.96
CA MET J 19 16.41 -26.09 28.19
C MET J 19 17.44 -26.84 27.38
N GLY J 20 18.00 -27.92 27.94
CA GLY J 20 19.00 -28.67 27.21
C GLY J 20 18.45 -29.32 25.94
N ALA J 21 17.35 -30.07 26.08
CA ALA J 21 16.79 -30.77 24.92
C ALA J 21 16.35 -29.80 23.83
N ALA J 22 15.81 -28.66 24.21
CA ALA J 22 15.30 -27.74 23.20
C ALA J 22 16.41 -27.10 22.39
N SER J 23 17.66 -27.19 22.83
CA SER J 23 18.70 -26.55 22.04
C SER J 23 18.94 -27.32 20.76
N MET J 24 18.44 -28.56 20.65
CA MET J 24 18.66 -29.32 19.43
C MET J 24 17.61 -29.01 18.37
N THR J 25 16.64 -28.11 18.65
CA THR J 25 15.62 -27.75 17.68
C THR J 25 15.69 -26.27 17.32
N LEU J 26 16.82 -25.62 17.57
CA LEU J 26 16.95 -24.19 17.30
C LEU J 26 16.73 -23.86 15.83
N THR J 27 17.09 -24.76 14.92
CA THR J 27 16.89 -24.45 13.52
C THR J 27 15.44 -24.49 13.10
N VAL J 28 14.59 -25.23 13.81
CA VAL J 28 13.20 -25.36 13.38
C VAL J 28 12.48 -24.05 13.60
N GLN J 29 12.67 -23.46 14.78
CA GLN J 29 11.99 -22.21 15.04
C GLN J 29 12.59 -21.13 14.17
N ALA J 30 13.91 -21.20 13.92
CA ALA J 30 14.53 -20.18 13.09
C ALA J 30 13.92 -20.17 11.71
N ARG J 31 13.65 -21.36 11.16
CA ARG J 31 13.09 -21.40 9.81
C ARG J 31 11.71 -20.79 9.78
N ASN J 32 10.96 -20.89 10.87
CA ASN J 32 9.61 -20.38 10.92
C ASN J 32 9.54 -18.92 11.35
N LEU J 33 10.69 -18.24 11.48
CA LEU J 33 10.65 -16.83 11.83
C LEU J 33 10.42 -15.96 10.60
N LEU J 34 10.89 -16.40 9.45
CA LEU J 34 10.82 -15.63 8.22
C LEU J 34 9.72 -16.13 7.28
N SER J 35 9.56 -17.45 7.19
CA SER J 35 8.59 -18.19 6.35
C SER J 35 7.66 -17.39 5.44
N GLY J 61 -5.92 -4.41 2.08
CA GLY J 61 -4.69 -5.15 1.88
C GLY J 61 -3.44 -4.44 2.38
N ILE J 62 -3.56 -3.14 2.67
CA ILE J 62 -2.41 -2.36 3.10
C ILE J 62 -1.93 -2.82 4.48
N LYS J 63 -2.85 -3.23 5.36
CA LYS J 63 -2.45 -3.67 6.69
C LYS J 63 -1.62 -4.95 6.62
N GLN J 64 -1.95 -5.84 5.69
CA GLN J 64 -1.20 -7.08 5.58
C GLN J 64 0.20 -6.81 5.06
N LEU J 65 0.34 -5.84 4.16
CA LEU J 65 1.65 -5.50 3.66
C LEU J 65 2.47 -4.85 4.77
N GLN J 66 1.82 -4.03 5.60
CA GLN J 66 2.53 -3.42 6.72
C GLN J 66 3.00 -4.50 7.68
N ALA J 67 2.17 -5.53 7.90
CA ALA J 67 2.56 -6.61 8.79
C ALA J 67 3.78 -7.35 8.25
N ARG J 68 3.83 -7.58 6.94
CA ARG J 68 5.00 -8.26 6.38
C ARG J 68 6.24 -7.39 6.52
N VAL J 69 6.10 -6.08 6.31
CA VAL J 69 7.25 -5.19 6.43
C VAL J 69 7.75 -5.18 7.87
N LEU J 70 6.83 -5.13 8.85
CA LEU J 70 7.26 -5.12 10.24
C LEU J 70 7.93 -6.44 10.60
N ALA J 71 7.44 -7.55 10.06
CA ALA J 71 8.09 -8.83 10.35
C ALA J 71 9.52 -8.83 9.83
N VAL J 72 9.73 -8.23 8.65
CA VAL J 72 11.08 -8.14 8.10
C VAL J 72 11.94 -7.25 8.97
N GLU J 73 11.42 -6.11 9.42
CA GLU J 73 12.22 -5.23 10.26
C GLU J 73 12.60 -5.91 11.57
N HIS J 74 11.67 -6.67 12.17
CA HIS J 74 11.98 -7.36 13.41
C HIS J 74 13.11 -8.35 13.19
N TYR J 75 12.98 -9.16 12.13
CA TYR J 75 14.01 -10.16 11.82
C TYR J 75 15.36 -9.48 11.67
N LEU J 76 15.40 -8.38 10.91
CA LEU J 76 16.67 -7.70 10.70
C LEU J 76 17.20 -7.12 12.00
N ARG J 77 16.32 -6.65 12.90
CA ARG J 77 16.82 -6.11 14.16
C ARG J 77 17.51 -7.19 14.96
N ASP J 78 16.94 -8.40 14.95
CA ASP J 78 17.58 -9.50 15.68
C ASP J 78 18.89 -9.89 15.03
N GLN J 79 18.95 -9.88 13.69
CA GLN J 79 20.20 -10.24 13.03
C GLN J 79 21.26 -9.18 13.27
N GLN J 80 20.87 -7.91 13.28
CA GLN J 80 21.83 -6.85 13.53
C GLN J 80 22.37 -6.98 14.93
N LEU J 81 21.50 -7.33 15.88
CA LEU J 81 21.95 -7.45 17.25
C LEU J 81 22.94 -8.59 17.39
N LEU J 82 22.67 -9.72 16.72
CA LEU J 82 23.64 -10.81 16.77
C LEU J 82 24.95 -10.41 16.09
N GLY J 83 24.88 -9.59 15.05
CA GLY J 83 26.09 -9.11 14.40
C GLY J 83 26.95 -8.26 15.31
N ILE J 84 26.30 -7.33 16.04
CA ILE J 84 27.01 -6.42 16.93
C ILE J 84 27.74 -7.21 18.01
N TRP J 85 27.12 -8.27 18.52
CA TRP J 85 27.73 -9.07 19.58
C TRP J 85 28.87 -9.94 19.09
N GLY J 86 29.12 -10.01 17.78
CA GLY J 86 30.17 -10.86 17.26
C GLY J 86 29.79 -12.30 17.01
N CYS J 87 28.49 -12.59 16.90
CA CYS J 87 28.00 -13.95 16.68
C CYS J 87 27.72 -14.20 15.20
N SER J 88 27.09 -13.25 14.53
CA SER J 88 26.74 -13.33 13.11
C SER J 88 25.93 -14.60 12.84
N GLY J 89 26.28 -15.39 11.82
CA GLY J 89 25.51 -16.56 11.44
C GLY J 89 25.68 -17.79 12.29
N LYS J 90 25.36 -17.68 13.59
CA LYS J 90 25.45 -18.80 14.51
C LYS J 90 24.18 -18.86 15.33
N LEU J 91 23.77 -20.09 15.66
CA LEU J 91 22.62 -20.29 16.55
C LEU J 91 23.04 -20.46 18.00
N ILE J 92 24.25 -20.95 18.23
CA ILE J 92 24.82 -21.10 19.57
C ILE J 92 26.11 -20.29 19.50
N CYS J 93 26.23 -19.29 20.38
CA CYS J 93 27.38 -18.40 20.38
C CYS J 93 27.90 -18.19 21.79
N CYS J 94 29.13 -18.62 22.04
CA CYS J 94 29.75 -18.45 23.34
C CYS J 94 30.40 -17.07 23.36
N THR J 95 30.42 -16.43 24.54
CA THR J 95 30.97 -15.10 24.67
C THR J 95 31.96 -15.04 25.82
N ASN J 96 32.53 -13.84 26.01
CA ASN J 96 33.48 -13.53 27.08
C ASN J 96 32.87 -12.76 28.24
N VAL J 97 31.55 -12.66 28.35
CA VAL J 97 30.92 -11.94 29.44
C VAL J 97 30.67 -12.93 30.58
N PRO J 98 31.23 -12.69 31.78
CA PRO J 98 31.00 -13.63 32.89
C PRO J 98 29.58 -13.52 33.41
N TRP J 99 29.09 -14.59 34.02
CA TRP J 99 27.78 -14.54 34.63
C TRP J 99 27.93 -13.84 35.98
N ASN J 100 27.03 -12.88 36.22
CA ASN J 100 27.10 -12.02 37.42
C ASN J 100 26.79 -12.77 38.70
N SER J 101 25.94 -13.80 38.61
CA SER J 101 25.43 -14.61 39.72
C SER J 101 24.28 -13.92 40.44
N SER J 102 24.09 -12.62 40.22
CA SER J 102 22.95 -11.91 40.80
C SER J 102 21.75 -12.04 39.89
N TRP J 103 22.01 -12.22 38.59
CA TRP J 103 20.96 -12.36 37.60
C TRP J 103 20.17 -13.63 37.85
N SER J 104 20.88 -14.70 38.18
CA SER J 104 20.33 -16.00 38.54
C SER J 104 21.41 -16.73 39.29
N ASN J 105 21.03 -17.37 40.41
CA ASN J 105 21.97 -18.12 41.24
C ASN J 105 21.66 -19.62 41.25
N ARG J 106 21.01 -20.12 40.21
CA ARG J 106 20.70 -21.54 40.11
C ARG J 106 21.92 -22.32 39.68
N ASN J 107 21.91 -23.62 39.96
CA ASN J 107 22.99 -24.49 39.53
C ASN J 107 22.90 -24.67 38.02
N LEU J 108 24.04 -24.98 37.40
CA LEU J 108 24.06 -25.15 35.95
C LEU J 108 23.19 -26.32 35.53
N SER J 109 23.26 -27.44 36.27
CA SER J 109 22.43 -28.58 35.91
C SER J 109 20.98 -28.30 36.23
N GLU J 110 20.71 -27.52 37.27
CA GLU J 110 19.32 -27.21 37.59
C GLU J 110 18.67 -26.43 36.46
N ILE J 111 19.38 -25.44 35.92
CA ILE J 111 18.83 -24.62 34.85
C ILE J 111 18.63 -25.45 33.59
N TRP J 112 19.65 -26.22 33.21
CA TRP J 112 19.53 -26.93 31.94
C TRP J 112 18.68 -28.18 31.98
N ASP J 113 18.58 -28.88 33.12
CA ASP J 113 17.77 -30.09 33.20
C ASP J 113 16.38 -29.94 33.81
N ASN J 114 16.11 -28.95 34.67
CA ASN J 114 14.81 -28.85 35.34
C ASN J 114 14.00 -27.60 35.00
N MET J 115 14.31 -26.88 33.93
CA MET J 115 13.54 -25.71 33.55
C MET J 115 13.29 -25.67 32.06
N THR J 116 12.19 -25.03 31.67
CA THR J 116 11.88 -24.78 30.28
C THR J 116 12.36 -23.36 29.92
N TRP J 117 12.39 -23.07 28.62
CA TRP J 117 12.84 -21.74 28.21
C TRP J 117 11.83 -20.65 28.59
N LEU J 118 10.54 -20.98 28.68
CA LEU J 118 9.56 -19.96 29.06
C LEU J 118 9.79 -19.51 30.51
N GLN J 119 10.09 -20.47 31.37
CA GLN J 119 10.33 -20.16 32.77
C GLN J 119 11.60 -19.37 32.91
N TRP J 120 12.63 -19.76 32.16
CA TRP J 120 13.89 -19.04 32.22
C TRP J 120 13.72 -17.60 31.76
N ASP J 121 13.02 -17.41 30.63
CA ASP J 121 12.84 -16.05 30.12
C ASP J 121 12.14 -15.20 31.16
N LYS J 122 11.13 -15.75 31.86
CA LYS J 122 10.51 -14.93 32.90
C LYS J 122 11.49 -14.67 34.04
N GLU J 123 12.25 -15.68 34.44
CA GLU J 123 13.15 -15.57 35.58
C GLU J 123 14.18 -14.45 35.43
N ILE J 124 14.73 -14.22 34.24
CA ILE J 124 15.76 -13.19 34.04
C ILE J 124 15.28 -12.03 33.18
N SER J 125 13.98 -11.81 33.06
CA SER J 125 13.50 -10.72 32.21
C SER J 125 14.09 -9.37 32.62
N ASN J 126 14.18 -9.11 33.93
CA ASN J 126 14.63 -7.80 34.39
C ASN J 126 16.09 -7.51 34.11
N TYR J 127 16.88 -8.50 33.71
CA TYR J 127 18.30 -8.30 33.47
C TYR J 127 18.65 -8.38 32.00
N THR J 128 17.64 -8.48 31.12
CA THR J 128 17.93 -8.66 29.69
C THR J 128 18.73 -7.50 29.13
N GLN J 129 18.37 -6.27 29.45
CA GLN J 129 19.06 -5.16 28.84
C GLN J 129 20.47 -5.02 29.39
N ILE J 130 20.66 -5.43 30.65
CA ILE J 130 21.99 -5.32 31.23
C ILE J 130 22.91 -6.28 30.48
N ILE J 131 22.42 -7.50 30.24
CA ILE J 131 23.26 -8.48 29.57
C ILE J 131 23.58 -7.99 28.17
N TYR J 132 22.58 -7.44 27.48
CA TYR J 132 22.83 -7.00 26.12
C TYR J 132 23.88 -5.91 26.08
N GLY J 133 23.82 -4.98 27.04
CA GLY J 133 24.82 -3.92 27.05
C GLY J 133 26.22 -4.46 27.22
N LEU J 134 26.37 -5.44 28.13
CA LEU J 134 27.69 -5.99 28.35
C LEU J 134 28.21 -6.71 27.12
N LEU J 135 27.32 -7.40 26.41
CA LEU J 135 27.76 -8.12 25.23
C LEU J 135 28.29 -7.17 24.17
N GLU J 136 27.61 -6.03 24.01
CA GLU J 136 28.09 -5.07 23.02
C GLU J 136 29.47 -4.55 23.38
N GLU J 137 29.68 -4.25 24.66
CA GLU J 137 30.97 -3.70 25.05
C GLU J 137 32.06 -4.73 24.84
N SER J 138 31.76 -5.99 25.15
CA SER J 138 32.78 -7.02 25.01
C SER J 138 33.25 -7.12 23.57
N GLN J 139 32.31 -7.09 22.62
CA GLN J 139 32.74 -7.22 21.24
C GLN J 139 33.55 -6.02 20.79
N ASN J 140 33.20 -4.82 21.27
CA ASN J 140 33.98 -3.67 20.85
C ASN J 140 35.43 -3.79 21.27
N GLN J 141 35.67 -4.29 22.48
CA GLN J 141 37.07 -4.43 22.90
C GLN J 141 37.76 -5.50 22.09
N GLN J 142 37.05 -6.58 21.78
CA GLN J 142 37.65 -7.65 21.01
C GLN J 142 38.05 -7.14 19.63
N GLU J 143 37.18 -6.33 19.01
CA GLU J 143 37.53 -5.86 17.67
C GLU J 143 38.77 -5.00 17.69
N LYS J 144 38.90 -4.15 18.71
CA LYS J 144 40.09 -3.32 18.75
C LYS J 144 41.33 -4.16 19.00
N ASN J 145 41.21 -5.18 19.85
CA ASN J 145 42.39 -5.97 20.12
C ASN J 145 42.77 -6.77 18.88
N GLU J 146 41.78 -7.23 18.12
CA GLU J 146 42.14 -7.99 16.92
C GLU J 146 42.82 -7.08 15.94
N GLN J 147 42.34 -5.85 15.80
CA GLN J 147 42.96 -4.94 14.85
C GLN J 147 44.38 -4.66 15.26
N ASP J 148 44.62 -4.50 16.56
CA ASP J 148 45.96 -4.18 16.98
C ASP J 148 46.84 -5.40 16.88
N LEU J 149 46.25 -6.59 17.04
CA LEU J 149 47.07 -7.78 16.89
C LEU J 149 47.48 -7.92 15.43
N LEU J 150 46.54 -7.64 14.51
CA LEU J 150 46.84 -7.71 13.08
C LEU J 150 47.88 -6.69 12.66
N ALA J 151 47.91 -5.53 13.31
CA ALA J 151 48.88 -4.49 12.97
C ALA J 151 50.32 -4.89 13.22
N LEU J 152 50.59 -5.91 14.03
CA LEU J 152 51.97 -6.28 14.28
C LEU J 152 52.57 -6.90 13.02
N ASP J 153 53.74 -6.40 12.63
CA ASP J 153 54.41 -6.90 11.44
C ASP J 153 54.85 -8.34 11.62
N VAL K 2 -71.95 -36.10 6.04
CA VAL K 2 -72.17 -35.01 6.98
C VAL K 2 -73.67 -34.85 7.22
N THR K 3 -74.15 -35.45 8.31
CA THR K 3 -75.54 -35.39 8.72
C THR K 3 -75.66 -34.77 10.10
N LEU K 4 -76.62 -33.87 10.26
CA LEU K 4 -76.94 -33.22 11.53
C LEU K 4 -78.41 -33.45 11.81
N LYS K 5 -78.76 -33.75 13.07
CA LYS K 5 -80.15 -33.96 13.43
C LYS K 5 -80.54 -33.25 14.72
N GLU K 6 -81.52 -32.35 14.61
CA GLU K 6 -82.05 -31.58 15.73
C GLU K 6 -83.12 -32.36 16.48
N SER K 7 -83.24 -32.05 17.78
CA SER K 7 -84.32 -32.57 18.60
C SER K 7 -84.65 -31.55 19.68
N GLY K 8 -85.94 -31.43 19.98
CA GLY K 8 -86.40 -30.51 21.00
C GLY K 8 -87.91 -30.52 21.15
N PRO K 9 -88.42 -29.72 22.08
CA PRO K 9 -89.88 -29.69 22.29
C PRO K 9 -90.59 -29.00 21.13
N ALA K 10 -91.80 -29.48 20.84
CA ALA K 10 -92.64 -28.83 19.83
C ALA K 10 -93.46 -27.68 20.41
N LEU K 11 -93.86 -27.78 21.67
CA LEU K 11 -94.70 -26.79 22.33
C LEU K 11 -93.96 -26.21 23.51
N VAL K 12 -93.85 -24.88 23.56
CA VAL K 12 -93.15 -24.15 24.60
C VAL K 12 -94.12 -23.18 25.25
N LYS K 13 -94.13 -23.15 26.58
CA LYS K 13 -94.99 -22.23 27.30
C LYS K 13 -94.28 -20.87 27.40
N PRO K 14 -95.01 -19.76 27.49
CA PRO K 14 -94.36 -18.47 27.70
C PRO K 14 -93.48 -18.51 28.96
N THR K 15 -92.29 -17.91 28.86
CA THR K 15 -91.26 -17.82 29.88
C THR K 15 -90.48 -19.13 30.02
N GLN K 16 -90.88 -20.21 29.35
CA GLN K 16 -90.17 -21.48 29.43
C GLN K 16 -88.84 -21.39 28.71
N THR K 17 -87.85 -22.09 29.24
CA THR K 17 -86.57 -22.22 28.55
C THR K 17 -86.68 -23.28 27.47
N LEU K 18 -86.22 -22.96 26.26
CA LEU K 18 -86.17 -23.90 25.15
C LEU K 18 -84.80 -24.58 25.18
N THR K 19 -84.79 -25.90 25.01
CA THR K 19 -83.55 -26.66 24.85
C THR K 19 -83.59 -27.44 23.55
N LEU K 20 -82.58 -27.24 22.71
CA LEU K 20 -82.41 -27.92 21.43
C LEU K 20 -81.08 -28.67 21.42
N THR K 21 -81.12 -29.94 21.03
CA THR K 21 -79.92 -30.77 20.95
C THR K 21 -79.72 -31.19 19.50
N CYS K 22 -78.50 -30.99 18.98
CA CYS K 22 -78.13 -31.40 17.62
C CYS K 22 -77.06 -32.48 17.69
N THR K 23 -77.36 -33.63 17.09
CA THR K 23 -76.48 -34.79 17.03
C THR K 23 -75.75 -34.79 15.69
N PHE K 24 -74.44 -35.07 15.72
CA PHE K 24 -73.62 -35.07 14.52
C PHE K 24 -73.37 -36.51 14.07
N SER K 25 -73.27 -36.69 12.76
CA SER K 25 -72.88 -37.96 12.17
C SER K 25 -72.00 -37.66 10.97
N GLY K 26 -70.84 -38.30 10.91
CA GLY K 26 -69.89 -38.11 9.83
C GLY K 26 -68.76 -37.15 10.18
N PHE K 27 -68.86 -36.44 11.31
CA PHE K 27 -67.84 -35.50 11.73
C PHE K 27 -67.91 -35.41 13.25
N SER K 28 -66.86 -34.86 13.85
CA SER K 28 -66.85 -34.65 15.28
C SER K 28 -66.01 -33.43 15.61
N LEU K 29 -66.34 -32.80 16.73
CA LEU K 29 -65.66 -31.61 17.20
C LEU K 29 -64.46 -32.02 18.06
N SER K 30 -63.46 -31.13 18.09
CA SER K 30 -62.22 -31.31 18.83
C SER K 30 -61.36 -32.42 18.24
N THR K 31 -61.68 -32.89 17.03
CA THR K 31 -60.90 -33.89 16.30
C THR K 31 -60.57 -33.26 14.96
N ASN K 32 -61.60 -32.91 14.21
CA ASN K 32 -61.48 -32.21 12.94
C ASN K 32 -61.54 -30.71 13.25
N TYR K 33 -61.46 -29.87 12.23
CA TYR K 33 -61.45 -28.42 12.42
C TYR K 33 -62.77 -27.75 12.07
N MET K 34 -63.86 -28.52 12.03
CA MET K 34 -65.18 -28.04 11.67
C MET K 34 -65.89 -27.53 12.92
N GLY K 35 -66.73 -26.51 12.75
CA GLY K 35 -67.56 -26.01 13.83
C GLY K 35 -69.02 -26.29 13.56
N VAL K 36 -69.86 -25.82 14.48
CA VAL K 36 -71.33 -25.96 14.37
C VAL K 36 -71.97 -24.70 14.90
N ASP K 37 -73.07 -24.28 14.28
CA ASP K 37 -73.83 -23.14 14.78
C ASP K 37 -75.32 -23.43 14.69
N TRP K 38 -76.10 -22.48 15.19
CA TRP K 38 -77.55 -22.52 15.19
C TRP K 38 -78.11 -21.25 14.57
N ILE K 39 -79.16 -21.47 13.78
CA ILE K 39 -79.90 -20.44 13.04
C ILE K 39 -81.38 -20.70 13.28
N ARG K 40 -82.19 -19.65 13.34
CA ARG K 40 -83.64 -19.79 13.43
C ARG K 40 -84.28 -19.01 12.29
N GLN K 41 -85.46 -19.48 11.88
CA GLN K 41 -86.26 -18.83 10.83
C GLN K 41 -87.73 -18.73 11.23
N PRO K 42 -88.18 -17.58 11.75
CA PRO K 42 -89.60 -17.47 12.09
C PRO K 42 -90.43 -17.67 10.84
N PRO K 43 -91.66 -18.17 10.96
CA PRO K 43 -92.48 -18.41 9.75
C PRO K 43 -92.67 -17.16 8.89
N GLY K 44 -92.36 -17.31 7.60
CA GLY K 44 -92.51 -16.26 6.62
C GLY K 44 -91.44 -15.20 6.63
N LYS K 45 -90.42 -15.34 7.47
CA LYS K 45 -89.35 -14.37 7.66
C LYS K 45 -88.02 -14.94 7.21
N ALA K 46 -87.05 -14.04 7.05
CA ALA K 46 -85.69 -14.41 6.69
C ALA K 46 -84.98 -15.09 7.86
N LEU K 47 -83.89 -15.79 7.53
CA LEU K 47 -83.14 -16.52 8.53
C LEU K 47 -82.44 -15.57 9.49
N GLU K 48 -82.48 -15.91 10.78
CA GLU K 48 -81.81 -15.16 11.84
C GLU K 48 -80.73 -16.04 12.46
N TRP K 49 -79.49 -15.56 12.45
CA TRP K 49 -78.40 -16.30 13.04
C TRP K 49 -78.47 -16.20 14.56
N LEU K 50 -78.26 -17.33 15.23
CA LEU K 50 -78.30 -17.33 16.69
C LEU K 50 -76.90 -17.35 17.28
N ALA K 51 -76.16 -18.44 17.07
CA ALA K 51 -74.84 -18.49 17.71
C ALA K 51 -73.99 -19.62 17.13
N ARG K 52 -72.67 -19.53 17.34
CA ARG K 52 -71.73 -20.51 16.80
C ARG K 52 -70.70 -20.98 17.81
N ILE K 53 -70.32 -22.27 17.71
CA ILE K 53 -69.23 -22.89 18.45
C ILE K 53 -68.22 -23.45 17.46
N TYR K 54 -66.94 -23.13 17.67
CA TYR K 54 -65.87 -23.64 16.84
C TYR K 54 -65.21 -24.87 17.47
N TRP K 55 -64.49 -25.59 16.62
CA TRP K 55 -63.74 -26.79 16.98
C TRP K 55 -62.77 -26.59 18.15
N ASN K 56 -62.38 -25.34 18.42
CA ASN K 56 -61.41 -24.97 19.44
C ASN K 56 -62.05 -24.38 20.70
N ASP K 57 -63.34 -24.67 20.93
CA ASP K 57 -64.14 -24.26 22.10
C ASP K 57 -64.42 -22.75 22.08
N ASP K 58 -64.11 -22.05 21.00
CA ASP K 58 -64.55 -20.66 20.92
C ASP K 58 -66.08 -20.64 20.82
N LYS K 59 -66.69 -19.65 21.46
CA LYS K 59 -68.14 -19.47 21.44
C LYS K 59 -68.52 -18.03 21.10
N TYR K 60 -69.45 -17.86 20.15
CA TYR K 60 -69.91 -16.53 19.75
C TYR K 60 -71.43 -16.52 19.72
N TYR K 61 -72.01 -15.37 20.08
CA TYR K 61 -73.45 -15.19 20.15
C TYR K 61 -73.89 -13.96 19.36
N SER K 62 -75.13 -14.00 18.89
CA SER K 62 -75.73 -12.83 18.28
C SER K 62 -75.88 -11.73 19.33
N THR K 63 -75.71 -10.48 18.92
CA THR K 63 -75.80 -9.38 19.87
C THR K 63 -77.21 -9.16 20.38
N SER K 64 -78.21 -9.68 19.68
CA SER K 64 -79.61 -9.54 20.09
C SER K 64 -80.02 -10.52 21.17
N LEU K 65 -79.27 -11.61 21.37
CA LEU K 65 -79.64 -12.68 22.29
C LEU K 65 -78.58 -12.97 23.34
N LYS K 66 -77.62 -12.06 23.55
CA LYS K 66 -76.55 -12.33 24.50
C LYS K 66 -77.05 -12.60 25.92
N SER K 67 -78.14 -11.94 26.33
CA SER K 67 -78.69 -12.12 27.66
C SER K 67 -79.57 -13.36 27.81
N ARG K 68 -79.97 -14.00 26.71
CA ARG K 68 -80.89 -15.13 26.72
C ARG K 68 -80.32 -16.44 26.20
N LEU K 69 -79.37 -16.43 25.29
CA LEU K 69 -78.90 -17.63 24.61
C LEU K 69 -77.61 -18.18 25.21
N THR K 70 -77.60 -19.48 25.48
CA THR K 70 -76.42 -20.21 25.97
C THR K 70 -76.21 -21.46 25.14
N ILE K 71 -74.97 -21.76 24.78
CA ILE K 71 -74.64 -22.99 24.05
C ILE K 71 -73.51 -23.74 24.76
N SER K 72 -73.51 -25.06 24.60
CA SER K 72 -72.48 -25.91 25.17
C SER K 72 -72.26 -27.08 24.22
N LYS K 73 -71.12 -27.74 24.39
CA LYS K 73 -70.71 -28.86 23.55
C LYS K 73 -70.32 -30.05 24.41
N ASP K 74 -70.62 -31.26 23.94
CA ASP K 74 -70.15 -32.47 24.62
C ASP K 74 -69.68 -33.42 23.52
N THR K 75 -68.37 -33.62 23.45
CA THR K 75 -67.73 -34.40 22.39
C THR K 75 -67.73 -35.89 22.66
N SER K 76 -68.17 -36.34 23.84
CA SER K 76 -68.27 -37.76 24.14
C SER K 76 -69.59 -38.32 23.62
N LYS K 77 -70.58 -37.46 23.52
CA LYS K 77 -71.92 -37.73 23.01
C LYS K 77 -72.04 -37.37 21.55
N ASN K 78 -71.12 -36.54 21.03
CA ASN K 78 -71.20 -36.01 19.67
C ASN K 78 -72.49 -35.21 19.59
N GLN K 79 -72.65 -34.34 20.60
CA GLN K 79 -73.81 -33.46 20.71
C GLN K 79 -73.46 -32.00 21.01
N VAL K 80 -74.31 -31.10 20.52
CA VAL K 80 -74.30 -29.68 20.86
C VAL K 80 -75.67 -29.28 21.42
N VAL K 81 -75.69 -28.47 22.49
CA VAL K 81 -76.94 -28.02 23.12
C VAL K 81 -77.04 -26.51 23.06
N LEU K 82 -78.20 -26.04 22.62
CA LEU K 82 -78.59 -24.64 22.55
C LEU K 82 -79.71 -24.49 23.55
N THR K 83 -79.65 -23.45 24.38
CA THR K 83 -80.74 -23.13 25.27
C THR K 83 -81.07 -21.66 25.12
N MET K 84 -82.35 -21.35 25.30
CA MET K 84 -82.81 -19.97 25.30
C MET K 84 -83.80 -19.71 26.42
N SER K 85 -83.50 -18.73 27.25
CA SER K 85 -84.38 -18.36 28.36
C SER K 85 -85.51 -17.45 27.85
N ASN K 86 -86.55 -17.32 28.66
CA ASN K 86 -87.64 -16.37 28.45
C ASN K 86 -88.26 -16.49 27.05
N MET K 87 -88.62 -17.71 26.65
CA MET K 87 -89.21 -17.86 25.32
C MET K 87 -90.50 -17.05 25.24
N ASP K 88 -90.66 -16.33 24.13
CA ASP K 88 -91.79 -15.45 23.83
C ASP K 88 -92.55 -15.93 22.59
N PRO K 89 -93.86 -15.62 22.47
CA PRO K 89 -94.57 -15.93 21.22
C PRO K 89 -93.86 -15.43 19.95
N VAL K 90 -93.10 -14.34 20.04
CA VAL K 90 -92.36 -13.83 18.88
C VAL K 90 -91.24 -14.77 18.48
N ASP K 91 -90.87 -15.74 19.34
CA ASP K 91 -89.78 -16.64 19.08
C ASP K 91 -90.22 -17.92 18.38
N THR K 92 -91.47 -18.00 17.92
CA THR K 92 -91.89 -19.16 17.15
C THR K 92 -91.05 -19.21 15.89
N ALA K 93 -90.42 -20.36 15.64
CA ALA K 93 -89.57 -20.45 14.46
C ALA K 93 -89.17 -21.88 14.20
N THR K 94 -88.71 -22.13 12.98
CA THR K 94 -88.04 -23.39 12.70
C THR K 94 -86.58 -23.16 13.11
N TYR K 95 -86.06 -24.06 13.93
CA TYR K 95 -84.69 -23.99 14.42
C TYR K 95 -83.85 -25.04 13.72
N TYR K 96 -82.65 -24.63 13.27
CA TYR K 96 -81.73 -25.48 12.56
C TYR K 96 -80.35 -25.39 13.19
N CYS K 97 -79.63 -26.49 13.13
CA CYS K 97 -78.21 -26.56 13.43
C CYS K 97 -77.52 -26.78 12.10
N ALA K 98 -76.30 -26.27 11.96
CA ALA K 98 -75.56 -26.51 10.72
C ALA K 98 -74.07 -26.53 11.00
N ARG K 99 -73.36 -27.23 10.11
CA ARG K 99 -71.92 -27.38 10.22
C ARG K 99 -71.23 -26.19 9.58
N VAL K 100 -70.28 -25.60 10.30
CA VAL K 100 -69.50 -24.48 9.81
C VAL K 100 -68.22 -25.08 9.27
N LYS K 101 -68.09 -25.17 7.96
CA LYS K 101 -66.94 -25.81 7.36
C LYS K 101 -65.89 -24.73 7.11
N LEU K 102 -64.65 -25.00 7.53
CA LEU K 102 -63.55 -24.07 7.35
C LEU K 102 -62.51 -24.66 6.41
N SER K 103 -62.06 -23.86 5.45
CA SER K 103 -61.02 -24.28 4.52
C SER K 103 -59.69 -23.81 5.11
N VAL K 104 -58.84 -24.77 5.45
CA VAL K 104 -57.57 -24.50 6.11
C VAL K 104 -56.45 -24.72 5.11
N TRP K 105 -55.60 -23.70 4.93
CA TRP K 105 -54.48 -23.78 4.00
C TRP K 105 -53.13 -23.67 4.68
N GLY K 106 -53.04 -23.03 5.85
CA GLY K 106 -51.78 -22.80 6.52
C GLY K 106 -51.81 -23.28 7.96
N VAL K 107 -51.09 -22.53 8.80
CA VAL K 107 -50.92 -22.87 10.20
C VAL K 107 -52.14 -22.42 11.00
N LEU K 108 -52.72 -23.35 11.76
CA LEU K 108 -53.91 -23.01 12.57
C LEU K 108 -53.59 -21.99 13.63
N GLN K 109 -52.37 -22.02 14.17
CA GLN K 109 -51.94 -21.08 15.19
C GLN K 109 -52.02 -19.64 14.71
N PHE K 110 -51.94 -19.44 13.39
CA PHE K 110 -51.95 -18.11 12.78
C PHE K 110 -53.27 -17.77 12.14
N PHE K 111 -54.32 -18.54 12.42
CA PHE K 111 -55.67 -18.31 11.87
C PHE K 111 -55.66 -18.35 10.34
N GLU K 112 -54.86 -19.27 9.79
CA GLU K 112 -54.75 -19.41 8.34
C GLU K 112 -55.87 -20.29 7.79
N TRP K 113 -57.09 -19.76 7.83
CA TRP K 113 -58.25 -20.46 7.31
C TRP K 113 -59.28 -19.45 6.83
N SER K 114 -60.27 -19.96 6.11
CA SER K 114 -61.38 -19.17 5.61
C SER K 114 -62.70 -19.85 5.93
N ASP K 115 -63.71 -19.03 6.18
CA ASP K 115 -65.06 -19.51 6.46
C ASP K 115 -65.71 -19.87 5.13
N TYR K 116 -65.95 -21.16 4.93
CA TYR K 116 -66.45 -21.68 3.67
C TYR K 116 -67.96 -21.57 3.55
N GLY K 117 -68.66 -21.32 4.65
CA GLY K 117 -70.11 -21.27 4.69
C GLY K 117 -70.70 -22.55 5.26
N LEU K 118 -72.03 -22.62 5.23
CA LEU K 118 -72.77 -23.74 5.81
C LEU K 118 -73.20 -24.65 4.66
N ASP K 119 -72.39 -25.66 4.38
CA ASP K 119 -72.66 -26.54 3.25
C ASP K 119 -73.67 -27.63 3.61
N SER K 120 -73.66 -28.10 4.86
CA SER K 120 -74.54 -29.16 5.33
C SER K 120 -75.36 -28.68 6.51
N TRP K 121 -76.68 -28.75 6.36
CA TRP K 121 -77.66 -28.29 7.33
C TRP K 121 -78.46 -29.50 7.79
N GLY K 122 -79.02 -29.40 8.99
CA GLY K 122 -79.95 -30.40 9.48
C GLY K 122 -81.33 -30.10 8.93
N GLN K 123 -82.30 -30.88 9.39
CA GLN K 123 -83.67 -30.68 8.91
C GLN K 123 -84.43 -29.69 9.77
N GLY K 124 -84.05 -29.56 11.03
CA GLY K 124 -84.66 -28.61 11.94
C GLY K 124 -85.89 -29.15 12.63
N VAL K 125 -86.33 -28.36 13.62
CA VAL K 125 -87.53 -28.62 14.39
C VAL K 125 -88.34 -27.34 14.35
N VAL K 126 -89.65 -27.44 14.60
CA VAL K 126 -90.51 -26.26 14.64
C VAL K 126 -90.89 -26.06 16.10
N VAL K 127 -90.60 -24.88 16.63
CA VAL K 127 -90.89 -24.53 18.02
C VAL K 127 -91.94 -23.43 18.02
N THR K 128 -93.06 -23.71 18.68
CA THR K 128 -94.14 -22.75 18.86
C THR K 128 -94.23 -22.43 20.35
N VAL K 129 -94.27 -21.15 20.69
CA VAL K 129 -94.29 -20.74 22.09
C VAL K 129 -95.74 -20.49 22.48
N TYR L 2 -73.20 -2.00 10.03
CA TYR L 2 -73.10 -2.97 8.95
C TYR L 2 -74.45 -3.68 8.80
N VAL L 3 -75.12 -3.44 7.68
CA VAL L 3 -76.41 -4.07 7.37
C VAL L 3 -76.36 -4.61 5.94
N LEU L 4 -76.87 -5.82 5.74
CA LEU L 4 -76.95 -6.44 4.42
C LEU L 4 -78.34 -6.17 3.85
N THR L 5 -78.40 -5.45 2.74
CA THR L 5 -79.64 -5.05 2.12
C THR L 5 -79.78 -5.79 0.80
N GLN L 6 -80.91 -6.50 0.66
CA GLN L 6 -81.24 -7.29 -0.51
C GLN L 6 -82.53 -6.74 -1.12
N PRO L 7 -82.76 -6.89 -2.42
CA PRO L 7 -84.06 -6.50 -2.96
C PRO L 7 -85.12 -7.49 -2.49
N PRO L 8 -86.38 -7.06 -2.37
CA PRO L 8 -87.42 -8.02 -1.97
C PRO L 8 -87.70 -9.08 -3.02
N SER L 9 -87.45 -8.81 -4.30
CA SER L 9 -87.69 -9.80 -5.31
C SER L 9 -87.00 -9.43 -6.61
N VAL L 10 -86.78 -10.45 -7.43
CA VAL L 10 -86.32 -10.31 -8.81
C VAL L 10 -87.26 -11.17 -9.64
N SER L 11 -87.90 -10.57 -10.64
CA SER L 11 -88.84 -11.28 -11.50
C SER L 11 -88.21 -11.41 -12.88
N VAL L 12 -88.10 -12.64 -13.38
CA VAL L 12 -87.49 -12.88 -14.68
C VAL L 12 -88.34 -13.81 -15.54
N SER L 13 -88.06 -13.74 -16.83
CA SER L 13 -88.65 -14.63 -17.81
C SER L 13 -87.92 -15.97 -17.75
N PRO L 14 -88.53 -17.06 -18.22
CA PRO L 14 -87.78 -18.30 -18.31
C PRO L 14 -86.54 -18.11 -19.17
N GLY L 15 -85.40 -18.56 -18.66
CA GLY L 15 -84.15 -18.51 -19.39
C GLY L 15 -83.38 -17.21 -19.30
N GLN L 16 -83.95 -16.18 -18.69
CA GLN L 16 -83.29 -14.89 -18.57
C GLN L 16 -82.45 -14.92 -17.30
N THR L 17 -81.35 -14.16 -17.32
CA THR L 17 -80.47 -14.08 -16.17
C THR L 17 -81.03 -13.13 -15.12
N ALA L 18 -81.06 -13.60 -13.88
CA ALA L 18 -81.46 -12.83 -12.71
C ALA L 18 -80.22 -12.34 -11.97
N ARG L 19 -80.30 -11.13 -11.43
CA ARG L 19 -79.23 -10.51 -10.66
C ARG L 19 -79.74 -10.19 -9.26
N ILE L 20 -79.29 -10.96 -8.27
CA ILE L 20 -79.71 -10.79 -6.88
C ILE L 20 -78.55 -10.11 -6.18
N THR L 21 -78.76 -8.90 -5.65
CA THR L 21 -77.67 -8.16 -5.04
C THR L 21 -77.74 -8.23 -3.51
N CYS L 22 -76.62 -7.88 -2.89
CA CYS L 22 -76.51 -7.80 -1.43
C CYS L 22 -75.53 -6.67 -1.12
N GLY L 23 -76.06 -5.51 -0.72
CA GLY L 23 -75.23 -4.36 -0.46
C GLY L 23 -75.00 -4.16 1.04
N ALA L 24 -73.85 -3.59 1.35
CA ALA L 24 -73.47 -3.20 2.71
C ALA L 24 -72.21 -2.36 2.56
N ASP L 25 -71.96 -1.51 3.53
CA ASP L 25 -70.74 -0.72 3.51
C ASP L 25 -69.53 -1.63 3.55
N ASN L 26 -68.64 -1.46 2.56
CA ASN L 26 -67.42 -2.26 2.43
C ASN L 26 -67.69 -3.76 2.37
N ILE L 27 -68.76 -4.17 1.67
CA ILE L 27 -69.05 -5.60 1.50
C ILE L 27 -67.95 -6.27 0.69
N GLY L 28 -67.27 -5.53 -0.19
CA GLY L 28 -66.21 -6.13 -0.98
C GLY L 28 -64.99 -6.56 -0.18
N SER L 29 -64.89 -6.17 1.08
CA SER L 29 -63.78 -6.54 1.94
C SER L 29 -64.06 -7.82 2.73
N GLN L 30 -65.25 -8.39 2.62
CA GLN L 30 -65.64 -9.60 3.34
C GLN L 30 -66.20 -10.60 2.35
N SER L 31 -66.07 -11.89 2.69
CA SER L 31 -66.61 -12.94 1.85
C SER L 31 -68.12 -13.04 2.05
N VAL L 32 -68.86 -13.12 0.95
CA VAL L 32 -70.32 -13.24 0.98
C VAL L 32 -70.71 -14.63 0.50
N HIS L 33 -71.48 -15.33 1.31
CA HIS L 33 -72.00 -16.66 0.98
C HIS L 33 -73.43 -16.48 0.51
N TRP L 34 -73.86 -17.33 -0.43
CA TRP L 34 -75.24 -17.30 -0.90
C TRP L 34 -75.89 -18.67 -0.72
N TYR L 35 -77.15 -18.64 -0.28
CA TYR L 35 -77.97 -19.81 0.00
C TYR L 35 -79.28 -19.74 -0.77
N GLN L 36 -79.78 -20.92 -1.17
CA GLN L 36 -81.04 -21.09 -1.90
C GLN L 36 -82.07 -21.88 -1.09
N GLN L 37 -83.21 -21.25 -0.74
CA GLN L 37 -84.27 -21.91 0.01
C GLN L 37 -85.52 -22.04 -0.86
N LYS L 38 -86.01 -23.28 -1.02
CA LYS L 38 -87.20 -23.53 -1.83
C LYS L 38 -88.36 -23.88 -0.90
N SER L 39 -88.52 -25.14 -0.51
CA SER L 39 -89.50 -25.61 0.44
C SER L 39 -89.10 -25.11 1.82
N PRO L 40 -90.00 -25.17 2.83
CA PRO L 40 -89.59 -24.69 4.17
C PRO L 40 -88.67 -25.71 4.87
N GLN L 41 -87.49 -25.88 4.26
CA GLN L 41 -86.44 -26.79 4.65
C GLN L 41 -85.17 -25.96 4.72
N ALA L 42 -84.15 -26.46 5.41
CA ALA L 42 -82.90 -25.72 5.48
C ALA L 42 -82.38 -25.43 4.07
N PRO L 43 -81.78 -24.26 3.83
CA PRO L 43 -81.28 -23.96 2.50
C PRO L 43 -80.01 -24.72 2.16
N VAL L 44 -79.71 -24.74 0.86
CA VAL L 44 -78.48 -25.33 0.33
C VAL L 44 -77.55 -24.18 -0.05
N LEU L 45 -76.26 -24.35 0.23
CA LEU L 45 -75.27 -23.35 -0.14
C LEU L 45 -75.09 -23.35 -1.65
N VAL L 46 -75.25 -22.19 -2.29
CA VAL L 46 -75.09 -22.07 -3.73
C VAL L 46 -73.80 -21.36 -4.11
N ILE L 47 -73.36 -20.36 -3.34
CA ILE L 47 -72.08 -19.70 -3.63
C ILE L 47 -71.27 -19.63 -2.35
N SER L 48 -70.02 -20.07 -2.43
CA SER L 48 -69.08 -20.04 -1.32
C SER L 48 -67.99 -19.00 -1.61
N ALA L 49 -67.84 -18.04 -0.70
CA ALA L 49 -66.83 -16.98 -0.79
C ALA L 49 -66.84 -16.28 -2.15
N ASP L 50 -68.04 -15.84 -2.55
CA ASP L 50 -68.30 -15.05 -3.75
C ASP L 50 -68.12 -15.76 -5.10
N THR L 51 -67.00 -16.47 -5.31
CA THR L 51 -66.69 -17.07 -6.60
C THR L 51 -66.70 -18.60 -6.66
N GLU L 52 -66.72 -19.32 -5.53
CA GLU L 52 -66.63 -20.77 -5.58
C GLU L 52 -68.03 -21.39 -5.63
N ARG L 53 -68.22 -22.26 -6.61
CA ARG L 53 -69.46 -23.01 -6.78
C ARG L 53 -69.34 -24.35 -6.08
N PRO L 54 -70.15 -24.64 -5.04
CA PRO L 54 -70.01 -25.94 -4.38
C PRO L 54 -70.34 -27.06 -5.35
N SER L 55 -69.71 -28.22 -5.14
CA SER L 55 -70.00 -29.36 -6.00
C SER L 55 -71.48 -29.73 -5.91
N GLY L 56 -72.07 -30.07 -7.05
CA GLY L 56 -73.45 -30.45 -7.11
C GLY L 56 -74.38 -29.33 -7.54
N ILE L 57 -73.89 -28.09 -7.59
CA ILE L 57 -74.67 -26.92 -7.96
C ILE L 57 -74.56 -26.65 -9.46
N PRO L 58 -75.67 -26.45 -10.19
CA PRO L 58 -75.58 -26.18 -11.63
C PRO L 58 -74.71 -24.98 -11.99
N GLU L 59 -74.11 -25.06 -13.18
CA GLU L 59 -73.20 -24.03 -13.70
C GLU L 59 -73.91 -22.68 -13.91
N ARG L 60 -75.24 -22.67 -13.79
CA ARG L 60 -76.03 -21.45 -13.91
C ARG L 60 -75.70 -20.46 -12.81
N PHE L 61 -75.18 -20.93 -11.67
CA PHE L 61 -74.87 -20.10 -10.52
C PHE L 61 -73.46 -19.55 -10.57
N SER L 62 -73.34 -18.22 -10.43
CA SER L 62 -72.04 -17.55 -10.44
C SER L 62 -72.22 -16.26 -9.66
N GLY L 63 -71.12 -15.55 -9.43
CA GLY L 63 -71.24 -14.30 -8.71
C GLY L 63 -69.93 -13.56 -8.59
N SER L 64 -70.03 -12.39 -7.97
CA SER L 64 -68.88 -11.52 -7.76
C SER L 64 -69.17 -10.60 -6.58
N ASN L 65 -68.15 -9.89 -6.13
CA ASN L 65 -68.29 -9.00 -4.97
C ASN L 65 -67.27 -7.89 -5.07
N SER L 66 -67.73 -6.65 -5.18
CA SER L 66 -66.81 -5.52 -5.29
C SER L 66 -67.45 -4.26 -4.74
N GLY L 67 -66.61 -3.46 -4.08
CA GLY L 67 -67.09 -2.18 -3.58
C GLY L 67 -68.18 -2.35 -2.56
N ASN L 68 -69.30 -1.68 -2.83
CA ASN L 68 -70.48 -1.66 -1.98
C ASN L 68 -71.54 -2.66 -2.42
N THR L 69 -71.26 -3.50 -3.44
CA THR L 69 -72.24 -4.48 -3.91
C THR L 69 -71.68 -5.88 -4.13
N ALA L 70 -72.37 -6.89 -3.57
CA ALA L 70 -72.10 -8.28 -3.87
C ALA L 70 -73.23 -8.69 -4.81
N THR L 71 -72.94 -9.51 -5.82
CA THR L 71 -73.98 -9.96 -6.74
C THR L 71 -73.94 -11.46 -7.02
N LEU L 72 -75.13 -12.07 -6.96
CA LEU L 72 -75.37 -13.43 -7.38
C LEU L 72 -76.03 -13.40 -8.75
N THR L 73 -75.38 -13.98 -9.75
CA THR L 73 -75.89 -14.00 -11.11
C THR L 73 -76.34 -15.42 -11.39
N ILE L 74 -77.61 -15.60 -11.76
CA ILE L 74 -78.14 -16.91 -12.10
C ILE L 74 -78.71 -16.84 -13.52
N SER L 75 -78.00 -17.45 -14.45
CA SER L 75 -78.36 -17.48 -15.86
C SER L 75 -79.32 -18.64 -16.07
N GLY L 76 -80.05 -18.61 -17.18
CA GLY L 76 -80.83 -19.80 -17.51
C GLY L 76 -81.91 -20.16 -16.53
N VAL L 77 -82.59 -19.18 -15.94
CA VAL L 77 -83.55 -19.44 -14.88
C VAL L 77 -84.73 -20.23 -15.44
N GLU L 78 -85.07 -21.33 -14.76
CA GLU L 78 -86.21 -22.20 -15.07
C GLU L 78 -87.15 -22.23 -13.87
N ALA L 79 -88.27 -22.95 -14.02
CA ALA L 79 -89.23 -23.09 -12.95
C ALA L 79 -88.61 -23.75 -11.72
N GLY L 80 -87.62 -24.61 -11.93
CA GLY L 80 -86.92 -25.34 -10.88
C GLY L 80 -85.89 -24.54 -10.11
N ASP L 81 -85.57 -23.32 -10.56
CA ASP L 81 -84.56 -22.50 -9.90
C ASP L 81 -85.13 -21.46 -8.95
N GLU L 82 -86.30 -20.89 -9.25
CA GLU L 82 -86.88 -19.83 -8.43
C GLU L 82 -86.94 -20.23 -6.96
N ALA L 83 -86.45 -19.35 -6.10
CA ALA L 83 -86.30 -19.63 -4.69
C ALA L 83 -86.06 -18.33 -3.96
N ASP L 84 -86.12 -18.39 -2.63
CA ASP L 84 -85.73 -17.27 -1.80
C ASP L 84 -84.23 -17.40 -1.55
N TYR L 85 -83.44 -16.44 -2.04
CA TYR L 85 -82.00 -16.49 -1.92
C TYR L 85 -81.55 -15.53 -0.83
N TYR L 86 -80.59 -15.97 -0.03
CA TYR L 86 -80.08 -15.17 1.08
C TYR L 86 -78.57 -15.00 0.98
N CYS L 87 -78.08 -13.83 1.40
CA CYS L 87 -76.67 -13.56 1.56
C CYS L 87 -76.30 -13.62 3.04
N GLN L 88 -75.13 -14.19 3.35
CA GLN L 88 -74.62 -14.27 4.72
C GLN L 88 -73.14 -13.89 4.75
N VAL L 89 -72.74 -13.12 5.77
CA VAL L 89 -71.34 -12.74 5.93
C VAL L 89 -70.92 -12.94 7.38
N TRP L 90 -69.76 -13.56 7.59
CA TRP L 90 -69.18 -13.69 8.92
C TRP L 90 -68.22 -12.53 9.11
N ASP L 91 -68.51 -11.66 10.07
CA ASP L 91 -67.72 -10.48 10.35
C ASP L 91 -66.75 -10.77 11.49
N SER L 92 -65.50 -11.04 11.12
CA SER L 92 -64.45 -11.38 12.08
C SER L 92 -64.20 -10.22 13.03
N ASP L 93 -64.43 -8.98 12.58
CA ASP L 93 -64.13 -7.81 13.40
C ASP L 93 -64.99 -7.83 14.65
N SER L 94 -66.26 -8.21 14.50
CA SER L 94 -67.20 -8.29 15.60
C SER L 94 -67.48 -9.75 15.97
N LYS L 95 -66.90 -10.70 15.23
CA LYS L 95 -66.97 -12.13 15.52
C LYS L 95 -68.42 -12.66 15.52
N TYR L 96 -69.21 -12.28 14.51
CA TYR L 96 -70.57 -12.84 14.42
C TYR L 96 -71.00 -12.91 12.96
N ALA L 97 -72.01 -13.74 12.67
CA ALA L 97 -72.55 -13.82 11.31
C ALA L 97 -73.77 -12.89 11.20
N LEU L 98 -73.76 -12.09 10.14
CA LEU L 98 -74.83 -11.16 9.80
C LEU L 98 -75.54 -11.67 8.54
N PHE L 99 -76.87 -11.74 8.60
CA PHE L 99 -77.73 -12.22 7.51
C PHE L 99 -78.59 -11.12 6.89
N GLY L 100 -78.81 -11.25 5.58
CA GLY L 100 -79.69 -10.36 4.85
C GLY L 100 -81.15 -10.73 4.97
N GLY L 101 -82.02 -9.93 4.33
CA GLY L 101 -83.45 -10.17 4.40
C GLY L 101 -84.05 -11.14 3.40
N GLY L 102 -83.27 -11.62 2.43
CA GLY L 102 -83.79 -12.55 1.43
C GLY L 102 -84.33 -11.86 0.19
N THR L 103 -84.17 -12.52 -0.95
CA THR L 103 -84.70 -12.08 -2.23
C THR L 103 -85.46 -13.24 -2.84
N ARG L 104 -86.71 -13.01 -3.23
CA ARG L 104 -87.53 -14.05 -3.87
C ARG L 104 -87.45 -13.93 -5.38
N LEU L 105 -87.06 -15.01 -6.05
CA LEU L 105 -87.10 -15.05 -7.50
C LEU L 105 -88.50 -15.43 -7.99
N THR L 106 -88.92 -14.81 -9.09
CA THR L 106 -90.17 -15.16 -9.77
C THR L 106 -89.89 -15.39 -11.25
N VAL L 107 -90.37 -16.52 -11.77
CA VAL L 107 -90.24 -16.82 -13.19
C VAL L 107 -91.36 -16.06 -13.92
N ASN M 3 52.65 0.36 2.78
CA ASN M 3 52.69 0.50 4.23
C ASN M 3 51.29 0.41 4.82
N LEU M 4 50.37 1.17 4.25
CA LEU M 4 49.00 1.25 4.75
C LEU M 4 48.07 0.43 3.87
N TRP M 5 47.01 -0.08 4.49
CA TRP M 5 46.04 -0.94 3.84
C TRP M 5 44.63 -0.36 3.99
N VAL M 6 43.75 -0.70 3.05
CA VAL M 6 42.38 -0.23 3.12
C VAL M 6 41.64 -0.98 4.21
N THR M 7 41.02 -0.24 5.14
CA THR M 7 40.22 -0.83 6.20
C THR M 7 38.80 -0.29 6.11
N VAL M 8 37.83 -1.19 6.18
CA VAL M 8 36.41 -0.88 6.04
C VAL M 8 35.80 -0.65 7.42
N TYR M 9 35.07 0.45 7.56
CA TYR M 9 34.36 0.81 8.78
C TYR M 9 32.89 0.98 8.46
N TYR M 10 32.03 0.41 9.31
CA TYR M 10 30.59 0.51 9.17
C TYR M 10 30.04 1.09 10.47
N GLY M 11 29.22 2.11 10.33
CA GLY M 11 28.67 2.84 11.45
C GLY M 11 29.32 4.20 11.57
N VAL M 12 29.88 4.71 10.49
CA VAL M 12 30.60 5.99 10.43
C VAL M 12 29.60 7.15 10.53
N PRO M 13 29.82 8.16 11.42
CA PRO M 13 28.86 9.29 11.56
C PRO M 13 28.98 10.32 10.43
N VAL M 14 28.61 9.89 9.22
CA VAL M 14 28.66 10.70 8.01
C VAL M 14 27.29 10.71 7.36
N TRP M 15 26.92 11.86 6.78
CA TRP M 15 25.62 12.00 6.15
C TRP M 15 25.70 12.89 4.91
N LYS M 16 24.65 12.79 4.09
CA LYS M 16 24.47 13.59 2.89
C LYS M 16 23.06 14.16 2.85
N ASP M 17 22.91 15.28 2.13
CA ASP M 17 21.60 15.90 1.97
C ASP M 17 20.66 14.89 1.32
N ALA M 18 19.42 14.82 1.80
CA ALA M 18 18.46 13.88 1.23
C ALA M 18 17.04 14.40 1.38
N GLU M 19 16.17 13.89 0.51
CA GLU M 19 14.73 14.18 0.53
C GLU M 19 13.99 12.86 0.69
N THR M 20 13.26 12.71 1.80
CA THR M 20 12.52 11.48 2.06
C THR M 20 11.15 11.79 2.65
N THR M 21 10.37 10.72 2.83
CA THR M 21 9.05 10.80 3.44
C THR M 21 9.18 10.85 4.95
N LEU M 22 8.48 11.79 5.58
CA LEU M 22 8.47 11.95 7.03
C LEU M 22 7.18 11.45 7.67
N PHE M 23 7.33 11.08 8.94
CA PHE M 23 6.32 10.60 9.88
C PHE M 23 5.75 11.69 10.77
N CYS M 24 4.51 11.48 11.17
CA CYS M 24 3.85 12.38 12.11
C CYS M 24 4.09 11.93 13.52
N ALA M 25 3.94 12.88 14.42
CA ALA M 25 3.86 12.57 15.83
C ALA M 25 2.87 13.60 16.36
N SER M 26 2.14 13.23 17.40
CA SER M 26 1.15 14.14 17.99
C SER M 26 1.00 13.80 19.46
N ASP M 27 0.32 14.69 20.19
CA ASP M 27 0.09 14.46 21.60
C ASP M 27 -0.89 13.31 21.80
N HIS M 36 -14.51 16.33 17.02
CA HIS M 36 -13.25 15.90 16.43
C HIS M 36 -12.58 17.06 15.72
N ASN M 37 -11.27 17.18 15.86
CA ASN M 37 -10.51 18.24 15.21
C ASN M 37 -10.17 17.88 13.76
N VAL M 38 -10.26 18.89 12.89
CA VAL M 38 -9.99 18.69 11.47
C VAL M 38 -8.56 18.22 11.24
N TRP M 39 -7.64 18.56 12.15
CA TRP M 39 -6.23 18.22 12.04
C TRP M 39 -5.86 16.96 12.81
N ALA M 40 -6.81 16.29 13.46
CA ALA M 40 -6.53 15.11 14.28
C ALA M 40 -6.57 13.89 13.37
N THR M 41 -5.39 13.33 13.11
CA THR M 41 -5.22 12.17 12.23
C THR M 41 -5.20 10.91 13.06
N HIS M 42 -6.04 9.93 12.70
CA HIS M 42 -6.00 8.68 13.46
C HIS M 42 -4.75 7.89 13.10
N ALA M 43 -4.41 7.84 11.81
CA ALA M 43 -3.20 7.13 11.36
C ALA M 43 -1.99 8.05 11.48
N CYS M 44 -1.66 8.39 12.73
CA CYS M 44 -0.56 9.30 13.00
C CYS M 44 -0.11 8.89 14.41
N VAL M 45 1.13 8.42 14.53
CA VAL M 45 1.66 7.84 15.77
C VAL M 45 1.74 8.85 16.92
N PRO M 46 1.50 8.45 18.18
CA PRO M 46 1.76 9.36 19.31
C PRO M 46 3.22 9.77 19.39
N THR M 47 3.46 10.98 19.91
CA THR M 47 4.82 11.48 20.05
C THR M 47 5.57 10.83 21.22
N ASP M 48 6.89 11.03 21.18
CA ASP M 48 7.77 10.61 22.25
C ASP M 48 7.66 11.59 23.41
N PRO M 49 7.20 11.18 24.60
CA PRO M 49 7.10 12.13 25.72
C PRO M 49 8.42 12.78 26.12
N ASN M 50 9.55 12.18 25.80
CA ASN M 50 10.87 12.71 26.17
C ASN M 50 11.83 12.62 24.99
N PRO M 51 11.62 13.45 23.96
CA PRO M 51 12.41 13.30 22.73
C PRO M 51 13.86 13.65 23.00
N GLN M 52 14.75 13.01 22.24
CA GLN M 52 16.17 13.23 22.42
C GLN M 52 16.70 14.29 21.46
N GLU M 53 17.71 15.02 21.94
CA GLU M 53 18.44 16.01 21.16
C GLU M 53 19.91 15.82 21.53
N ILE M 54 20.76 15.60 20.54
CA ILE M 54 22.18 15.37 20.76
C ILE M 54 22.95 16.50 20.12
N HIS M 55 23.59 17.33 20.93
CA HIS M 55 24.33 18.46 20.40
C HIS M 55 25.54 17.93 19.67
N LEU M 56 25.82 18.48 18.48
CA LEU M 56 26.98 18.07 17.70
C LEU M 56 28.08 19.11 17.87
N GLU M 57 29.13 18.74 18.60
CA GLU M 57 30.22 19.67 18.83
C GLU M 57 31.09 19.75 17.60
N ASN M 58 31.63 20.94 17.32
CA ASN M 58 32.56 21.14 16.21
C ASN M 58 31.99 20.69 14.86
N VAL M 59 30.69 20.93 14.64
CA VAL M 59 30.01 20.62 13.38
C VAL M 59 29.40 21.90 12.84
N THR M 60 29.70 22.22 11.59
CA THR M 60 29.18 23.42 10.93
C THR M 60 28.44 23.04 9.65
N GLU M 61 27.17 22.65 9.81
CA GLU M 61 26.34 22.20 8.70
C GLU M 61 25.78 23.41 7.97
N GLU M 62 25.77 23.34 6.64
CA GLU M 62 25.21 24.42 5.82
C GLU M 62 23.73 24.17 5.57
N PHE M 63 22.91 25.17 5.90
CA PHE M 63 21.46 25.13 5.77
C PHE M 63 21.02 26.07 4.66
N ASN M 64 19.88 25.74 4.04
CA ASN M 64 19.28 26.63 3.04
C ASN M 64 17.76 26.44 3.11
N MET M 65 17.08 27.36 3.78
CA MET M 65 15.65 27.22 4.02
C MET M 65 14.81 27.28 2.76
N TRP M 66 15.34 27.85 1.68
CA TRP M 66 14.56 28.02 0.46
C TRP M 66 14.52 26.76 -0.41
N LYS M 67 15.34 25.75 -0.07
CA LYS M 67 15.43 24.49 -0.80
C LYS M 67 15.06 23.32 0.12
N ASN M 68 14.40 23.61 1.24
CA ASN M 68 14.07 22.62 2.25
C ASN M 68 12.84 21.84 1.82
N ASN M 69 13.03 20.57 1.47
CA ASN M 69 11.95 19.73 0.99
C ASN M 69 10.88 19.50 2.03
N MET M 70 11.16 19.77 3.31
CA MET M 70 10.17 19.57 4.36
C MET M 70 8.97 20.49 4.19
N VAL M 71 9.13 21.63 3.52
CA VAL M 71 8.02 22.54 3.36
C VAL M 71 7.00 21.96 2.38
N GLU M 72 7.47 21.40 1.28
CA GLU M 72 6.55 20.78 0.32
C GLU M 72 5.87 19.57 0.93
N GLN M 73 6.60 18.79 1.73
CA GLN M 73 5.99 17.62 2.36
C GLN M 73 4.91 18.05 3.34
N MET M 74 5.18 19.10 4.12
CA MET M 74 4.17 19.56 5.07
C MET M 74 2.97 20.10 4.31
N HIS M 75 3.23 20.81 3.20
CA HIS M 75 2.15 21.37 2.40
C HIS M 75 1.22 20.27 1.90
N GLU M 76 1.80 19.23 1.30
CA GLU M 76 0.99 18.14 0.77
C GLU M 76 0.24 17.45 1.90
N ASP M 77 0.88 17.26 3.05
CA ASP M 77 0.19 16.59 4.15
C ASP M 77 -1.02 17.41 4.59
N ILE M 78 -0.88 18.73 4.63
CA ILE M 78 -2.01 19.59 5.04
C ILE M 78 -3.13 19.51 4.01
N ILE M 79 -2.80 19.54 2.72
CA ILE M 79 -3.86 19.49 1.71
C ILE M 79 -4.59 18.17 1.76
N SER M 80 -3.82 17.07 1.85
CA SER M 80 -4.43 15.75 1.87
C SER M 80 -5.31 15.58 3.10
N LEU M 81 -4.81 16.00 4.26
CA LEU M 81 -5.59 15.85 5.48
C LEU M 81 -6.86 16.66 5.42
N TRP M 82 -6.77 17.90 4.92
CA TRP M 82 -7.93 18.76 4.78
C TRP M 82 -8.99 18.07 3.94
N ASP M 83 -8.60 17.55 2.77
CA ASP M 83 -9.59 16.92 1.89
C ASP M 83 -10.14 15.64 2.50
N GLN M 84 -9.29 14.84 3.17
CA GLN M 84 -9.78 13.60 3.76
C GLN M 84 -10.80 13.89 4.85
N SER M 85 -10.54 14.94 5.64
CA SER M 85 -11.40 15.32 6.74
C SER M 85 -12.74 15.89 6.27
N LEU M 86 -12.74 16.65 5.17
CA LEU M 86 -13.96 17.29 4.70
C LEU M 86 -14.67 16.51 3.59
N LYS M 87 -14.09 15.43 3.09
CA LYS M 87 -14.76 14.64 2.06
C LYS M 87 -16.06 14.00 2.54
N PRO M 88 -16.10 13.26 3.65
CA PRO M 88 -17.35 12.56 4.04
C PRO M 88 -18.36 13.46 4.75
N CYS M 89 -18.84 14.50 4.07
CA CYS M 89 -19.81 15.43 4.67
C CYS M 89 -21.00 15.59 3.73
N VAL M 90 -21.49 16.81 3.48
CA VAL M 90 -22.71 17.02 2.70
C VAL M 90 -22.39 17.89 1.49
N LYS M 91 -22.73 17.39 0.30
CA LYS M 91 -22.53 18.11 -0.96
C LYS M 91 -23.81 18.90 -1.23
N LEU M 92 -23.70 20.24 -1.22
CA LEU M 92 -24.88 21.09 -1.32
C LEU M 92 -25.21 21.39 -2.80
N THR M 93 -25.41 20.33 -3.57
CA THR M 93 -25.73 20.52 -4.97
C THR M 93 -27.12 21.14 -5.16
N PRO M 94 -28.15 20.83 -4.37
CA PRO M 94 -29.44 21.49 -4.58
C PRO M 94 -29.54 22.89 -4.00
N LEU M 95 -28.45 23.44 -3.49
CA LEU M 95 -28.41 24.81 -3.01
C LEU M 95 -28.10 25.81 -4.11
N CYS M 96 -27.54 25.35 -5.24
CA CYS M 96 -27.19 26.25 -6.34
C CYS M 96 -28.46 26.49 -7.15
N VAL M 97 -29.29 27.37 -6.60
CA VAL M 97 -30.61 27.70 -7.12
C VAL M 97 -30.72 29.21 -7.18
N THR M 98 -31.76 29.70 -7.85
CA THR M 98 -32.00 31.13 -7.87
C THR M 98 -32.53 31.54 -6.51
N LEU M 99 -32.02 32.65 -5.98
CA LEU M 99 -32.47 33.19 -4.70
C LEU M 99 -33.07 34.56 -4.90
N GLN M 100 -34.10 34.87 -4.12
CA GLN M 100 -34.73 36.18 -4.12
C GLN M 100 -34.31 36.87 -2.82
N CYS M 101 -33.59 37.98 -2.93
CA CYS M 101 -32.97 38.59 -1.76
C CYS M 101 -33.29 40.07 -1.62
N THR M 102 -33.43 40.48 -0.35
CA THR M 102 -33.60 41.85 0.08
C THR M 102 -32.58 42.11 1.18
N ASN M 103 -32.38 43.37 1.57
CA ASN M 103 -31.41 43.64 2.63
C ASN M 103 -31.98 43.19 3.98
N TYR M 104 -31.12 42.61 4.81
CA TYR M 104 -31.54 42.14 6.13
C TYR M 104 -32.05 43.27 7.03
N ALA M 105 -31.33 44.40 7.08
CA ALA M 105 -31.78 45.56 7.84
C ALA M 105 -31.81 46.82 7.01
N PRO M 106 -32.97 47.23 6.48
CA PRO M 106 -33.02 48.51 5.75
C PRO M 106 -32.69 49.70 6.62
N LYS M 107 -33.15 49.68 7.88
CA LYS M 107 -32.97 50.82 8.78
C LYS M 107 -31.51 51.12 9.06
N LEU M 108 -30.68 50.08 9.20
CA LEU M 108 -29.32 50.27 9.69
C LEU M 108 -28.51 51.17 8.78
N ARG M 109 -27.83 52.15 9.37
CA ARG M 109 -26.94 53.07 8.66
C ARG M 109 -25.48 52.83 9.00
N SER M 110 -25.17 51.74 9.71
CA SER M 110 -23.82 51.44 10.12
C SER M 110 -23.03 50.96 8.92
N MET M 111 -21.73 50.76 9.12
CA MET M 111 -20.88 50.34 8.02
C MET M 111 -21.39 49.01 7.46
N MET M 112 -21.94 48.15 8.31
CA MET M 112 -22.56 46.90 7.88
C MET M 112 -23.96 47.18 7.35
N ARG M 113 -24.03 47.86 6.20
CA ARG M 113 -25.29 48.10 5.51
C ARG M 113 -25.26 47.34 4.20
N GLY M 114 -26.21 46.42 4.04
CA GLY M 114 -26.29 45.64 2.82
C GLY M 114 -25.33 44.47 2.76
N GLU M 115 -24.47 44.31 3.77
CA GLU M 115 -23.60 43.13 3.81
C GLU M 115 -24.38 41.85 4.06
N ILE M 116 -25.39 41.89 4.93
CA ILE M 116 -26.23 40.72 5.19
C ILE M 116 -27.52 40.87 4.41
N LYS M 117 -27.84 39.87 3.61
CA LYS M 117 -29.05 39.84 2.79
C LYS M 117 -29.94 38.69 3.23
N ASN M 118 -31.25 38.95 3.22
CA ASN M 118 -32.29 37.99 3.58
C ASN M 118 -32.82 37.38 2.28
N CYS M 119 -32.43 36.13 2.02
CA CYS M 119 -32.69 35.45 0.76
C CYS M 119 -33.69 34.31 0.98
N SER M 120 -34.55 34.12 -0.03
CA SER M 120 -35.54 33.05 -0.06
C SER M 120 -35.29 32.15 -1.26
N PHE M 121 -35.40 30.84 -1.03
CA PHE M 121 -35.19 29.85 -2.09
C PHE M 121 -35.98 28.58 -1.79
N ASN M 122 -36.16 27.72 -2.81
CA ASN M 122 -36.98 26.52 -2.64
C ASN M 122 -36.22 25.32 -2.04
N MET M 123 -34.94 25.17 -2.36
CA MET M 123 -34.07 24.08 -1.94
C MET M 123 -34.79 22.74 -2.18
N THR M 124 -34.52 21.68 -1.40
CA THR M 124 -35.17 20.37 -1.53
C THR M 124 -35.60 19.85 -0.16
N THR M 125 -36.32 18.72 -0.17
CA THR M 125 -36.81 18.06 1.03
C THR M 125 -36.37 16.61 0.97
N GLU M 126 -36.67 15.84 2.03
CA GLU M 126 -36.27 14.44 2.06
C GLU M 126 -36.84 13.68 0.88
N LEU M 127 -38.10 13.92 0.56
CA LEU M 127 -38.74 13.23 -0.54
C LEU M 127 -38.48 13.98 -1.84
N ARG M 128 -38.22 13.22 -2.90
CA ARG M 128 -37.98 13.83 -4.20
C ARG M 128 -39.16 14.69 -4.65
N ASP M 129 -40.38 14.25 -4.32
CA ASP M 129 -41.58 14.88 -4.86
C ASP M 129 -42.01 16.17 -4.15
N LYS M 130 -41.35 16.56 -3.05
CA LYS M 130 -41.78 17.75 -2.32
C LYS M 130 -40.68 18.82 -2.33
N LYS M 131 -41.15 20.05 -2.16
CA LYS M 131 -40.33 21.24 -2.05
C LYS M 131 -40.82 22.04 -0.86
N GLN M 132 -39.95 22.90 -0.34
CA GLN M 132 -40.26 23.76 0.79
C GLN M 132 -39.76 25.16 0.45
N LYS M 133 -40.03 26.12 1.33
CA LYS M 133 -39.52 27.48 1.17
C LYS M 133 -38.61 27.75 2.34
N VAL M 134 -37.37 28.14 2.04
CA VAL M 134 -36.33 28.36 3.02
C VAL M 134 -35.94 29.82 2.98
N TYR M 135 -35.89 30.44 4.16
CA TYR M 135 -35.41 31.82 4.31
C TYR M 135 -34.11 31.71 5.09
N SER M 136 -33.07 32.41 4.62
CA SER M 136 -31.80 32.39 5.32
C SER M 136 -31.07 33.68 5.03
N LEU M 137 -30.08 33.98 5.86
CA LEU M 137 -29.25 35.15 5.65
C LEU M 137 -27.92 34.73 5.05
N PHE M 138 -27.44 35.54 4.11
CA PHE M 138 -26.15 35.35 3.48
C PHE M 138 -25.38 36.66 3.54
N TYR M 139 -24.05 36.54 3.52
CA TYR M 139 -23.23 37.74 3.46
C TYR M 139 -23.10 38.16 2.00
N ARG M 140 -22.97 39.46 1.78
CA ARG M 140 -22.83 39.99 0.43
C ARG M 140 -21.70 39.31 -0.33
N LEU M 141 -20.60 38.99 0.36
CA LEU M 141 -19.45 38.41 -0.32
C LEU M 141 -19.74 37.04 -0.92
N ASP M 142 -20.78 36.34 -0.44
CA ASP M 142 -21.12 35.02 -0.95
C ASP M 142 -22.18 35.02 -2.05
N VAL M 143 -22.82 36.16 -2.30
CA VAL M 143 -23.99 36.23 -3.17
C VAL M 143 -23.70 37.23 -4.29
N VAL M 144 -23.91 36.80 -5.54
CA VAL M 144 -23.65 37.62 -6.73
C VAL M 144 -24.94 37.80 -7.51
N GLN M 145 -25.21 39.04 -7.92
CA GLN M 145 -26.44 39.40 -8.62
C GLN M 145 -26.49 38.80 -10.02
N ILE M 146 -27.67 38.33 -10.40
CA ILE M 146 -27.88 37.74 -11.74
C ILE M 146 -28.29 38.81 -12.74
N ASN M 147 -29.27 39.65 -12.41
CA ASN M 147 -29.78 40.67 -13.32
C ASN M 147 -30.29 40.04 -14.61
N ASN M 158 -36.48 43.35 -3.98
CA ASN M 158 -36.32 41.93 -4.21
C ASN M 158 -35.61 41.68 -5.53
N LYS M 159 -34.34 41.27 -5.50
CA LYS M 159 -33.58 41.00 -6.71
C LYS M 159 -33.14 39.53 -6.72
N GLU M 160 -32.89 39.01 -7.92
CA GLU M 160 -32.41 37.64 -8.05
C GLU M 160 -30.90 37.56 -7.95
N TYR M 161 -30.44 36.60 -7.15
CA TYR M 161 -29.03 36.35 -6.91
C TYR M 161 -28.72 34.86 -7.01
N ARG M 162 -27.45 34.55 -7.18
CA ARG M 162 -26.95 33.18 -7.12
C ARG M 162 -25.74 33.17 -6.19
N LEU M 163 -25.36 31.99 -5.72
CA LEU M 163 -24.16 31.91 -4.90
C LEU M 163 -22.94 32.01 -5.80
N ILE M 164 -21.87 32.59 -5.26
CA ILE M 164 -20.66 32.81 -6.05
C ILE M 164 -20.08 31.50 -6.58
N ASN M 165 -20.23 30.40 -5.85
CA ASN M 165 -19.67 29.13 -6.31
C ASN M 165 -20.41 28.52 -7.49
N CYS M 166 -21.61 29.01 -7.83
CA CYS M 166 -22.36 28.39 -8.92
C CYS M 166 -21.69 28.56 -10.26
N ASN M 167 -20.79 29.53 -10.39
CA ASN M 167 -20.09 29.82 -11.63
C ASN M 167 -18.71 29.17 -11.66
N THR M 168 -18.35 28.38 -10.63
CA THR M 168 -17.06 27.71 -10.57
C THR M 168 -17.22 26.21 -10.32
N SER M 169 -17.84 25.81 -9.21
CA SER M 169 -17.93 24.39 -8.89
C SER M 169 -18.98 24.15 -7.82
N ALA M 170 -19.34 22.87 -7.68
CA ALA M 170 -20.22 22.45 -6.59
C ALA M 170 -19.50 22.66 -5.27
N ILE M 171 -20.27 22.98 -4.23
CA ILE M 171 -19.74 23.29 -2.91
C ILE M 171 -20.12 22.19 -1.91
N THR M 172 -19.14 21.78 -1.10
CA THR M 172 -19.32 20.77 -0.07
C THR M 172 -19.41 21.44 1.29
N GLN M 173 -20.42 21.05 2.07
CA GLN M 173 -20.59 21.59 3.42
C GLN M 173 -19.69 20.87 4.41
N ALA M 174 -18.94 21.64 5.19
CA ALA M 174 -18.09 21.05 6.22
C ALA M 174 -18.98 20.45 7.30
N CYS M 175 -18.55 19.34 7.88
CA CYS M 175 -19.32 18.73 8.96
C CYS M 175 -19.29 19.63 10.20
N PRO M 176 -20.45 20.00 10.76
CA PRO M 176 -20.44 20.89 11.95
C PRO M 176 -19.66 20.36 13.14
N LYS M 177 -19.45 19.05 13.24
CA LYS M 177 -18.73 18.45 14.35
C LYS M 177 -17.23 18.65 14.25
N VAL M 178 -16.73 19.09 13.11
CA VAL M 178 -15.29 19.19 12.87
C VAL M 178 -14.81 20.57 13.29
N SER M 179 -13.83 20.60 14.19
CA SER M 179 -13.19 21.80 14.69
C SER M 179 -11.99 22.14 13.80
N PHE M 180 -11.73 23.43 13.64
CA PHE M 180 -10.60 23.90 12.84
C PHE M 180 -9.43 24.41 13.68
N GLU M 181 -9.46 24.23 15.00
CA GLU M 181 -8.40 24.74 15.85
C GLU M 181 -7.08 24.04 15.54
N PRO M 182 -5.99 24.76 15.22
CA PRO M 182 -4.72 24.08 14.92
C PRO M 182 -4.22 23.21 16.06
N ILE M 183 -3.68 22.04 15.70
CA ILE M 183 -3.06 21.11 16.63
C ILE M 183 -1.60 20.99 16.22
N PRO M 184 -0.64 21.15 17.13
CA PRO M 184 0.77 21.05 16.71
C PRO M 184 1.09 19.65 16.18
N ILE M 185 1.78 19.62 15.05
CA ILE M 185 2.19 18.39 14.40
C ILE M 185 3.71 18.33 14.48
N HIS M 186 4.23 17.19 14.92
CA HIS M 186 5.67 16.97 15.03
C HIS M 186 6.09 16.11 13.86
N TYR M 187 7.15 16.48 13.16
CA TYR M 187 7.67 15.62 12.08
C TYR M 187 8.87 14.83 12.55
N CYS M 188 8.88 13.54 12.21
CA CYS M 188 9.89 12.59 12.62
C CYS M 188 10.51 11.91 11.42
N ALA M 189 11.82 11.74 11.48
CA ALA M 189 12.56 11.07 10.42
C ALA M 189 12.31 9.56 10.42
N PRO M 190 12.29 8.92 9.25
CA PRO M 190 12.29 7.46 9.21
C PRO M 190 13.68 6.97 9.58
N ALA M 191 13.76 5.70 10.01
CA ALA M 191 15.07 5.14 10.34
C ALA M 191 15.99 5.23 9.14
N GLY M 192 17.25 5.58 9.40
CA GLY M 192 18.25 5.75 8.37
C GLY M 192 18.49 7.22 8.05
N PHE M 193 17.63 8.11 8.55
CA PHE M 193 17.69 9.55 8.35
C PHE M 193 17.70 10.24 9.72
N ALA M 194 18.12 11.50 9.72
CA ALA M 194 18.17 12.31 10.94
C ALA M 194 17.79 13.73 10.59
N ILE M 195 17.29 14.50 11.58
CA ILE M 195 16.95 15.90 11.38
C ILE M 195 17.96 16.75 12.14
N LEU M 196 18.57 17.69 11.44
CA LEU M 196 19.54 18.59 12.05
C LEU M 196 18.83 19.93 12.30
N LYS M 197 18.98 20.44 13.51
CA LYS M 197 18.40 21.70 13.94
C LYS M 197 19.51 22.73 14.07
N CYS M 198 19.31 23.88 13.42
CA CYS M 198 20.33 24.92 13.37
C CYS M 198 20.75 25.40 14.76
N LYS M 199 19.80 25.88 15.56
CA LYS M 199 20.01 26.42 16.90
C LYS M 199 20.96 27.61 16.94
N ASP M 200 21.31 28.20 15.80
CA ASP M 200 22.24 29.31 15.74
C ASP M 200 21.46 30.62 15.80
N LYS M 201 21.61 31.34 16.91
CA LYS M 201 20.83 32.55 17.13
C LYS M 201 21.09 33.55 16.01
N LYS M 202 20.02 34.18 15.53
CA LYS M 202 20.07 35.17 14.45
C LYS M 202 20.41 34.55 13.11
N PHE M 203 20.22 33.24 12.95
CA PHE M 203 20.40 32.60 11.65
C PHE M 203 19.37 33.15 10.67
N ASN M 204 19.84 33.57 9.49
CA ASN M 204 18.99 34.24 8.51
C ASN M 204 18.43 33.32 7.45
N GLY M 205 18.50 32.00 7.64
CA GLY M 205 17.91 31.05 6.72
C GLY M 205 18.85 30.38 5.74
N THR M 206 20.04 30.94 5.52
CA THR M 206 21.01 30.32 4.61
C THR M 206 22.39 30.39 5.26
N GLY M 207 23.25 29.47 4.84
CA GLY M 207 24.62 29.46 5.27
C GLY M 207 24.87 28.53 6.44
N PRO M 208 26.11 28.49 6.91
CA PRO M 208 26.45 27.56 8.00
C PRO M 208 25.84 27.95 9.33
N CYS M 209 25.48 26.93 10.11
CA CYS M 209 25.05 27.08 11.49
C CYS M 209 26.16 26.53 12.37
N GLN M 210 26.51 27.25 13.42
CA GLN M 210 27.60 26.86 14.31
C GLN M 210 27.16 26.07 15.53
N ASN M 211 25.85 25.90 15.76
CA ASN M 211 25.34 25.26 16.97
C ASN M 211 24.42 24.08 16.62
N VAL M 212 24.73 23.41 15.50
CA VAL M 212 23.88 22.35 14.95
C VAL M 212 23.74 21.19 15.91
N SER M 213 22.50 20.71 16.07
CA SER M 213 22.18 19.59 16.96
C SER M 213 21.32 18.58 16.19
N THR M 214 21.45 17.30 16.49
CA THR M 214 20.67 16.25 15.85
C THR M 214 19.46 15.86 16.68
N VAL M 215 18.29 15.81 16.04
CA VAL M 215 17.05 15.40 16.68
C VAL M 215 16.37 14.31 15.84
N GLN M 216 15.61 13.48 16.56
CA GLN M 216 14.75 12.50 15.92
C GLN M 216 13.52 13.14 15.31
N CYS M 217 12.97 14.14 15.99
CA CYS M 217 11.74 14.81 15.56
C CYS M 217 11.86 16.30 15.82
N THR M 218 11.03 17.06 15.10
CA THR M 218 10.94 18.49 15.27
C THR M 218 10.02 18.82 16.45
N HIS M 219 10.03 20.09 16.85
CA HIS M 219 9.09 20.52 17.87
C HIS M 219 7.72 20.59 17.21
N GLY M 220 6.68 20.85 17.98
CA GLY M 220 5.37 20.89 17.36
C GLY M 220 5.24 22.18 16.59
N ILE M 221 4.65 22.09 15.40
CA ILE M 221 4.34 23.23 14.56
C ILE M 221 2.83 23.28 14.40
N LYS M 222 2.24 24.40 14.74
CA LYS M 222 0.80 24.50 14.60
C LYS M 222 0.46 24.82 13.15
N PRO M 223 -0.44 24.07 12.50
CA PRO M 223 -0.78 24.42 11.11
C PRO M 223 -1.74 25.61 11.04
N VAL M 224 -1.21 26.77 11.44
CA VAL M 224 -2.02 27.98 11.45
C VAL M 224 -2.05 28.51 10.03
N VAL M 225 -3.25 28.81 9.55
CA VAL M 225 -3.46 29.31 8.21
C VAL M 225 -3.79 30.79 8.31
N SER M 226 -2.92 31.61 7.71
CA SER M 226 -3.10 33.05 7.72
C SER M 226 -2.30 33.63 6.56
N THR M 227 -2.43 34.94 6.37
CA THR M 227 -1.68 35.64 5.35
C THR M 227 -1.31 37.02 5.86
N GLN M 228 -0.22 37.57 5.35
CA GLN M 228 0.28 38.91 5.65
C GLN M 228 0.86 39.02 7.06
N LEU M 229 0.07 38.67 8.07
CA LEU M 229 0.50 38.61 9.46
C LEU M 229 0.48 37.15 9.89
N LEU M 230 1.61 36.64 10.38
CA LEU M 230 1.71 35.24 10.78
C LEU M 230 1.39 35.17 12.26
N LEU M 231 0.36 34.39 12.61
CA LEU M 231 -0.14 34.29 13.97
C LEU M 231 0.33 33.01 14.66
N ASN M 232 0.46 33.11 15.99
CA ASN M 232 0.75 31.98 16.87
C ASN M 232 1.98 31.19 16.42
N GLY M 233 3.00 31.90 15.96
CA GLY M 233 4.25 31.29 15.55
C GLY M 233 5.36 31.44 16.57
N SER M 234 6.59 31.20 16.11
CA SER M 234 7.76 31.32 16.95
C SER M 234 8.31 32.75 16.90
N LEU M 235 8.97 33.17 17.96
CA LEU M 235 9.63 34.46 18.03
C LEU M 235 11.14 34.36 17.80
N ALA M 236 11.71 35.45 17.29
CA ALA M 236 13.14 35.54 17.08
C ALA M 236 13.88 35.50 18.40
N GLU M 237 15.09 34.96 18.39
CA GLU M 237 15.82 34.75 19.64
C GLU M 237 16.25 36.07 20.29
N GLU M 238 16.77 37.03 19.50
CA GLU M 238 17.28 38.28 20.07
C GLU M 238 16.76 39.55 19.40
N GLU M 239 16.53 39.52 18.09
CA GLU M 239 16.14 40.70 17.35
C GLU M 239 15.33 40.26 16.15
N VAL M 240 14.62 41.20 15.54
CA VAL M 240 13.82 40.89 14.36
C VAL M 240 14.76 40.37 13.27
N ILE M 241 14.39 39.23 12.67
CA ILE M 241 15.19 38.60 11.63
C ILE M 241 14.45 38.71 10.32
N ILE M 242 15.10 39.28 9.30
CA ILE M 242 14.52 39.46 7.97
C ILE M 242 15.16 38.44 7.06
N ARG M 243 14.35 37.53 6.49
CA ARG M 243 14.83 36.44 5.66
C ARG M 243 14.21 36.56 4.27
N SER M 244 15.04 36.39 3.24
CA SER M 244 14.55 36.41 1.87
C SER M 244 15.45 35.57 1.00
N GLU M 245 14.86 34.95 -0.03
CA GLU M 245 15.65 34.21 -1.00
C GLU M 245 16.62 35.16 -1.72
N ASN M 246 16.17 36.36 -2.03
CA ASN M 246 16.97 37.34 -2.74
C ASN M 246 16.40 38.71 -2.41
N ILE M 247 17.16 39.53 -1.67
CA ILE M 247 16.70 40.85 -1.30
C ILE M 247 16.57 41.74 -2.54
N THR M 248 17.54 41.65 -3.45
CA THR M 248 17.53 42.48 -4.65
C THR M 248 16.33 42.20 -5.54
N ASN M 249 15.93 40.93 -5.67
CA ASN M 249 14.85 40.56 -6.58
C ASN M 249 13.51 40.87 -5.94
N ASN M 250 12.79 41.84 -6.53
CA ASN M 250 11.52 42.30 -5.98
C ASN M 250 10.40 41.28 -6.10
N ALA M 251 10.61 40.19 -6.85
CA ALA M 251 9.59 39.16 -7.00
C ALA M 251 9.52 38.19 -5.83
N LYS M 252 10.49 38.23 -4.92
CA LYS M 252 10.52 37.32 -3.79
C LYS M 252 9.84 37.95 -2.59
N ASN M 253 9.26 37.11 -1.73
CA ASN M 253 8.64 37.60 -0.52
C ASN M 253 9.70 37.68 0.57
N ILE M 254 9.50 38.61 1.49
CA ILE M 254 10.37 38.82 2.64
C ILE M 254 9.61 38.34 3.88
N LEU M 255 10.21 37.42 4.62
CA LEU M 255 9.62 36.89 5.84
C LEU M 255 10.31 37.56 7.01
N VAL M 256 9.55 38.28 7.82
CA VAL M 256 10.11 39.02 8.96
C VAL M 256 9.64 38.31 10.21
N GLN M 257 10.59 37.80 11.01
CA GLN M 257 10.29 37.11 12.25
C GLN M 257 10.53 38.07 13.39
N LEU M 258 9.48 38.33 14.17
CA LEU M 258 9.58 39.30 15.26
C LEU M 258 10.20 38.64 16.47
N ASN M 259 10.88 39.43 17.30
CA ASN M 259 11.43 38.92 18.54
C ASN M 259 10.44 39.04 19.69
N THR M 260 9.42 39.89 19.54
CA THR M 260 8.36 40.06 20.52
C THR M 260 7.04 39.91 19.76
N SER M 261 6.03 39.39 20.45
CA SER M 261 4.72 39.25 19.82
C SER M 261 3.90 40.51 19.99
N VAL M 262 2.93 40.68 19.09
CA VAL M 262 1.94 41.76 19.19
C VAL M 262 0.58 41.11 19.38
N GLN M 263 -0.13 41.46 20.44
CA GLN M 263 -1.41 40.82 20.71
C GLN M 263 -2.49 41.47 19.88
N ILE M 264 -3.28 40.66 19.17
CA ILE M 264 -4.36 41.11 18.29
C ILE M 264 -5.66 40.46 18.76
N ASN M 265 -6.71 41.29 18.95
CA ASN M 265 -7.99 40.79 19.47
C ASN M 265 -9.12 41.02 18.47
N CYS M 266 -9.62 39.95 17.84
CA CYS M 266 -10.81 40.03 16.98
C CYS M 266 -12.08 39.53 17.67
N THR M 267 -13.15 40.25 17.40
CA THR M 267 -14.50 39.94 17.89
C THR M 267 -15.49 39.98 16.73
N ARG M 268 -16.52 39.13 16.87
CA ARG M 268 -17.69 39.09 15.99
C ARG M 268 -18.89 39.33 16.91
N PRO M 269 -19.15 40.59 17.30
CA PRO M 269 -20.08 40.90 18.38
C PRO M 269 -21.57 40.86 17.99
N SER M 270 -22.00 39.73 17.42
CA SER M 270 -23.39 39.52 17.03
C SER M 270 -23.83 38.15 17.51
N ASN M 271 -24.94 38.11 18.24
CA ASN M 271 -25.46 36.87 18.82
C ASN M 271 -26.26 36.19 17.71
N ASN M 272 -25.53 35.61 16.77
CA ASN M 272 -26.11 34.99 15.59
C ASN M 272 -26.73 33.63 15.87
N THR M 273 -27.97 33.44 15.43
CA THR M 273 -28.69 32.18 15.56
C THR M 273 -28.37 31.29 14.37
N VAL M 274 -28.32 29.98 14.62
CA VAL M 274 -28.10 28.97 13.58
C VAL M 274 -29.30 28.05 13.51
N LYS M 275 -29.83 27.86 12.30
CA LYS M 275 -30.98 27.02 12.03
C LYS M 275 -30.54 25.93 11.06
N SER M 276 -31.30 24.83 10.99
CA SER M 276 -30.99 23.78 10.04
C SER M 276 -32.25 23.13 9.49
N ILE M 277 -32.11 22.60 8.28
CA ILE M 277 -33.14 21.84 7.59
C ILE M 277 -32.53 20.58 7.02
N ARG M 278 -33.37 19.59 6.73
CA ARG M 278 -32.90 18.40 6.02
C ARG M 278 -33.07 18.69 4.53
N ILE M 279 -32.12 18.20 3.73
CA ILE M 279 -32.15 18.38 2.29
C ILE M 279 -32.27 17.08 1.51
N GLY M 280 -32.11 15.93 2.17
CA GLY M 280 -32.25 14.65 1.55
C GLY M 280 -32.07 13.61 2.62
N PRO M 281 -32.27 12.33 2.29
CA PRO M 281 -32.06 11.29 3.31
C PRO M 281 -30.61 11.31 3.76
N GLY M 282 -30.41 11.51 5.06
CA GLY M 282 -29.06 11.50 5.59
C GLY M 282 -28.28 12.77 5.35
N GLN M 283 -28.91 13.83 4.86
CA GLN M 283 -28.24 15.08 4.54
C GLN M 283 -29.02 16.24 5.14
N ALA M 284 -28.28 17.21 5.69
CA ALA M 284 -28.91 18.39 6.26
C ALA M 284 -28.02 19.60 5.99
N PHE M 285 -28.69 20.74 5.84
CA PHE M 285 -28.06 22.01 5.57
C PHE M 285 -28.25 22.93 6.76
N TYR M 286 -27.16 23.54 7.20
CA TYR M 286 -27.13 24.47 8.31
C TYR M 286 -26.98 25.86 7.73
N TYR M 287 -27.72 26.82 8.28
CA TYR M 287 -27.64 28.17 7.75
C TYR M 287 -27.84 29.21 8.83
N PHE M 288 -27.37 30.39 8.47
CA PHE M 288 -27.40 31.57 9.31
C PHE M 288 -28.83 32.08 9.45
N GLY M 289 -29.33 32.12 10.68
CA GLY M 289 -30.67 32.51 11.02
C GLY M 289 -30.75 33.93 11.55
N ASP M 290 -31.69 34.16 12.46
CA ASP M 290 -31.94 35.49 12.99
C ASP M 290 -30.70 36.03 13.69
N VAL M 291 -30.51 37.34 13.58
CA VAL M 291 -29.46 38.06 14.30
C VAL M 291 -30.12 38.76 15.47
N LEU M 292 -29.73 38.40 16.69
CA LEU M 292 -30.36 38.99 17.86
C LEU M 292 -29.57 40.23 18.24
N GLY M 293 -30.27 41.22 18.79
CA GLY M 293 -29.60 42.45 19.16
C GLY M 293 -29.32 43.25 17.90
N HIS M 294 -28.30 44.10 17.97
CA HIS M 294 -27.95 44.94 16.83
C HIS M 294 -26.98 44.20 15.92
N VAL M 295 -27.01 44.53 14.64
CA VAL M 295 -26.04 44.00 13.69
C VAL M 295 -24.76 44.80 13.85
N ARG M 296 -23.64 44.12 14.08
CA ARG M 296 -22.36 44.80 14.29
C ARG M 296 -21.27 44.23 13.40
N MET M 297 -20.30 45.09 13.12
CA MET M 297 -19.17 44.77 12.26
C MET M 297 -18.09 44.02 13.03
N ALA M 298 -17.59 42.94 12.43
CA ALA M 298 -16.50 42.19 13.02
C ALA M 298 -15.22 43.02 12.91
N HIS M 299 -14.34 42.91 13.91
CA HIS M 299 -13.12 43.72 13.82
C HIS M 299 -12.04 43.23 14.78
N CYS M 300 -10.80 43.64 14.50
CA CYS M 300 -9.66 43.47 15.41
C CYS M 300 -9.14 44.76 16.01
N ASN M 301 -8.75 44.68 17.28
CA ASN M 301 -8.12 45.76 18.02
C ASN M 301 -6.65 45.40 18.22
N ILE M 302 -5.76 46.28 17.76
CA ILE M 302 -4.30 46.16 17.90
C ILE M 302 -3.81 47.42 18.61
N SER M 303 -3.03 47.26 19.68
CA SER M 303 -2.54 48.44 20.38
C SER M 303 -1.63 49.26 19.46
N LYS M 304 -1.83 50.58 19.46
CA LYS M 304 -1.03 51.44 18.57
C LYS M 304 0.44 51.52 18.97
N ALA M 305 0.74 51.63 20.26
CA ALA M 305 2.14 51.80 20.67
C ALA M 305 2.96 50.56 20.38
N THR M 306 2.39 49.38 20.62
CA THR M 306 3.14 48.14 20.42
C THR M 306 3.43 47.97 18.93
N TRP M 307 2.41 48.19 18.09
CA TRP M 307 2.60 48.07 16.65
C TRP M 307 3.64 49.07 16.16
N ASN M 308 3.57 50.32 16.63
CA ASN M 308 4.51 51.33 16.18
C ASN M 308 5.95 50.96 16.53
N GLU M 309 6.16 50.41 17.74
CA GLU M 309 7.51 49.98 18.12
C GLU M 309 7.96 48.78 17.29
N THR M 310 7.06 47.85 17.05
CA THR M 310 7.41 46.67 16.26
C THR M 310 7.78 47.07 14.85
N LEU M 311 7.00 47.97 14.27
CA LEU M 311 7.27 48.38 12.90
C LEU M 311 8.59 49.13 12.84
N GLY M 312 8.87 49.96 13.85
CA GLY M 312 10.15 50.66 13.85
C GLY M 312 11.32 49.70 13.88
N LYS M 313 11.19 48.61 14.65
CA LYS M 313 12.26 47.61 14.68
C LYS M 313 12.44 46.98 13.30
N VAL M 314 11.32 46.73 12.61
CA VAL M 314 11.38 46.15 11.27
C VAL M 314 12.09 47.12 10.34
N VAL M 315 11.79 48.40 10.46
CA VAL M 315 12.42 49.41 9.60
C VAL M 315 13.93 49.42 9.83
N LYS M 316 14.36 49.38 11.09
CA LYS M 316 15.81 49.37 11.37
C LYS M 316 16.48 48.18 10.70
N GLN M 317 15.86 47.00 10.80
CA GLN M 317 16.49 45.83 10.20
C GLN M 317 16.47 45.93 8.67
N LEU M 318 15.43 46.52 8.09
CA LEU M 318 15.44 46.70 6.64
C LEU M 318 16.55 47.67 6.24
N ARG M 319 16.75 48.73 7.03
CA ARG M 319 17.80 49.69 6.70
C ARG M 319 19.14 48.99 6.63
N LYS M 320 19.34 47.96 7.47
CA LYS M 320 20.63 47.26 7.41
C LYS M 320 20.89 46.66 6.03
N HIS M 321 19.85 46.43 5.22
CA HIS M 321 20.01 45.90 3.86
C HIS M 321 19.89 46.95 2.78
N PHE M 322 19.31 48.11 3.08
CA PHE M 322 19.06 49.14 2.06
C PHE M 322 19.87 50.42 2.25
N GLY M 323 20.40 50.68 3.45
CA GLY M 323 21.17 51.88 3.71
C GLY M 323 20.66 52.73 4.84
N ASN M 324 21.53 53.56 5.40
CA ASN M 324 21.17 54.45 6.49
C ASN M 324 20.63 55.79 6.01
N ASN M 325 20.61 56.04 4.70
CA ASN M 325 20.15 57.29 4.12
C ASN M 325 18.98 57.09 3.17
N THR M 326 18.26 55.98 3.30
CA THR M 326 17.10 55.67 2.46
C THR M 326 15.84 56.00 3.23
N ILE M 327 14.69 55.86 2.57
CA ILE M 327 13.39 56.07 3.20
C ILE M 327 12.61 54.79 3.04
N ILE M 328 12.02 54.30 4.13
CA ILE M 328 11.23 53.07 4.11
C ILE M 328 9.77 53.45 4.33
N ARG M 329 8.93 53.12 3.36
CA ARG M 329 7.51 53.45 3.44
C ARG M 329 6.67 52.18 3.35
N PHE M 330 5.66 52.10 4.21
CA PHE M 330 4.70 51.02 4.21
C PHE M 330 3.40 51.55 3.62
N ALA M 331 2.75 50.71 2.82
CA ALA M 331 1.54 51.06 2.10
C ALA M 331 0.60 49.86 2.05
N GLN M 332 -0.64 50.14 1.68
CA GLN M 332 -1.66 49.11 1.57
C GLN M 332 -1.38 48.19 0.39
N SER M 333 -1.87 46.96 0.50
CA SER M 333 -1.76 46.00 -0.59
C SER M 333 -2.52 46.47 -1.81
N SER M 334 -2.01 46.10 -2.99
CA SER M 334 -2.65 46.47 -4.23
C SER M 334 -3.92 45.66 -4.44
N GLY M 335 -4.74 46.12 -5.38
CA GLY M 335 -6.02 45.46 -5.63
C GLY M 335 -5.86 44.05 -6.16
N GLY M 336 -6.83 43.22 -5.77
CA GLY M 336 -6.86 41.83 -6.17
C GLY M 336 -7.97 41.14 -5.43
N ASP M 337 -7.95 39.81 -5.47
CA ASP M 337 -8.99 39.05 -4.78
C ASP M 337 -8.92 39.33 -3.28
N LEU M 338 -10.08 39.27 -2.62
CA LEU M 338 -10.13 39.50 -1.18
C LEU M 338 -9.21 38.54 -0.43
N GLU M 339 -9.14 37.29 -0.89
CA GLU M 339 -8.33 36.27 -0.23
C GLU M 339 -6.84 36.61 -0.20
N VAL M 340 -6.36 37.48 -1.09
CA VAL M 340 -4.95 37.86 -1.13
C VAL M 340 -4.74 39.34 -0.79
N THR M 341 -5.73 40.19 -1.01
CA THR M 341 -5.56 41.61 -0.73
C THR M 341 -5.45 41.87 0.76
N THR M 342 -6.29 41.22 1.56
CA THR M 342 -6.35 41.46 3.01
C THR M 342 -5.99 40.23 3.83
N HIS M 343 -5.82 40.50 5.11
CA HIS M 343 -5.53 39.47 6.10
C HIS M 343 -6.70 38.49 6.17
N SER M 344 -6.39 37.21 6.37
CA SER M 344 -7.40 36.15 6.40
C SER M 344 -7.07 35.10 7.44
N PHE M 345 -8.05 34.72 8.26
CA PHE M 345 -7.76 33.71 9.28
C PHE M 345 -9.05 33.01 9.75
N ASN M 346 -8.87 31.85 10.37
CA ASN M 346 -9.97 31.09 10.98
C ASN M 346 -10.05 31.38 12.47
N CYS M 347 -11.16 31.98 12.89
CA CYS M 347 -11.44 32.38 14.27
C CYS M 347 -12.73 31.74 14.79
N GLY M 348 -12.60 30.69 15.59
CA GLY M 348 -13.77 30.08 16.18
C GLY M 348 -14.66 29.35 15.21
N GLY M 349 -14.14 28.96 14.06
CA GLY M 349 -14.92 28.33 13.02
C GLY M 349 -15.37 29.28 11.93
N GLU M 350 -15.25 30.59 12.13
CA GLU M 350 -15.60 31.57 11.11
C GLU M 350 -14.34 31.99 10.39
N PHE M 351 -14.48 32.33 9.11
CA PHE M 351 -13.36 32.77 8.30
C PHE M 351 -13.44 34.28 8.16
N PHE M 352 -12.47 34.97 8.76
CA PHE M 352 -12.42 36.42 8.80
C PHE M 352 -11.49 36.92 7.71
N TYR M 353 -11.91 37.99 7.06
CA TYR M 353 -11.11 38.75 6.11
C TYR M 353 -11.11 40.17 6.65
N CYS M 354 -9.93 40.76 6.82
CA CYS M 354 -9.81 42.07 7.45
C CYS M 354 -9.32 43.08 6.42
N ASN M 355 -8.41 43.99 6.75
CA ASN M 355 -8.06 45.07 5.84
C ASN M 355 -6.56 45.38 5.88
N THR M 356 -6.04 45.70 7.07
CA THR M 356 -4.64 46.04 7.34
C THR M 356 -4.20 47.40 6.83
N SER M 357 -5.07 48.19 6.20
CA SER M 357 -4.61 49.47 5.64
C SER M 357 -4.14 50.42 6.73
N GLY M 358 -4.59 50.25 7.97
CA GLY M 358 -4.17 51.09 9.07
C GLY M 358 -2.90 50.64 9.73
N LEU M 359 -2.34 49.51 9.31
CA LEU M 359 -1.10 48.98 9.85
C LEU M 359 0.11 49.31 9.01
N PHE M 360 -0.07 49.39 7.68
CA PHE M 360 1.02 49.65 6.74
C PHE M 360 0.72 50.95 6.01
N ASN M 361 0.82 52.06 6.73
CA ASN M 361 0.51 53.39 6.23
C ASN M 361 1.47 54.34 6.94
N SER M 362 2.73 54.37 6.49
CA SER M 362 3.68 55.19 7.21
C SER M 362 4.97 55.39 6.41
N THR M 363 5.53 56.59 6.48
CA THR M 363 6.83 56.87 5.83
C THR M 363 7.86 57.11 6.93
N TRP M 364 8.91 56.30 6.92
CA TRP M 364 9.99 56.31 7.90
C TRP M 364 11.25 56.96 7.32
N ILE M 365 11.62 58.09 7.89
CA ILE M 365 12.75 58.91 7.49
C ILE M 365 13.72 58.98 8.67
N SER M 366 14.99 58.68 8.42
CA SER M 366 16.04 58.69 9.45
C SER M 366 16.07 60.01 10.22
N ASP M 380 -6.18 54.77 22.09
CA ASP M 380 -4.91 54.06 22.19
C ASP M 380 -4.84 52.82 21.31
N SER M 381 -5.99 52.36 20.78
CA SER M 381 -6.04 51.16 19.96
C SER M 381 -6.43 51.48 18.53
N LEU M 382 -5.89 50.68 17.61
CA LEU M 382 -6.19 50.73 16.20
C LEU M 382 -7.23 49.66 15.93
N ILE M 383 -8.30 50.02 15.24
CA ILE M 383 -9.39 49.11 14.93
C ILE M 383 -9.37 48.83 13.43
N LEU M 384 -9.27 47.54 13.08
CA LEU M 384 -9.28 47.08 11.71
C LEU M 384 -10.63 46.45 11.39
N PRO M 385 -11.38 46.92 10.38
CA PRO M 385 -12.65 46.28 10.05
C PRO M 385 -12.41 44.93 9.42
N CYS M 386 -13.36 44.00 9.63
CA CYS M 386 -13.28 42.69 9.00
C CYS M 386 -14.62 42.25 8.48
N TRP M 387 -14.58 41.47 7.39
CA TRP M 387 -15.75 40.86 6.79
C TRP M 387 -15.62 39.36 6.98
N ILE M 388 -16.76 38.69 7.08
CA ILE M 388 -16.81 37.24 7.22
C ILE M 388 -17.47 36.68 5.97
N LYS M 389 -16.85 35.64 5.41
CA LYS M 389 -17.31 35.02 4.18
C LYS M 389 -17.55 33.54 4.46
N GLN M 390 -18.66 33.02 3.95
CA GLN M 390 -19.02 31.61 4.13
C GLN M 390 -18.59 30.70 2.99
N ILE M 391 -18.36 31.24 1.79
CA ILE M 391 -17.96 30.41 0.66
C ILE M 391 -16.45 30.50 0.61
N ILE M 392 -15.80 29.38 0.91
CA ILE M 392 -14.36 29.31 1.13
C ILE M 392 -13.66 28.59 -0.02
N ASN M 393 -12.58 29.21 -0.55
CA ASN M 393 -11.74 28.64 -1.62
C ASN M 393 -10.28 28.71 -1.14
N MET M 394 -9.86 27.73 -0.34
CA MET M 394 -8.53 27.71 0.26
C MET M 394 -7.47 27.13 -0.66
N TRP M 395 -6.22 27.42 -0.29
CA TRP M 395 -5.00 26.88 -0.90
C TRP M 395 -4.83 27.33 -2.35
N GLN M 396 -5.53 28.38 -2.75
CA GLN M 396 -5.50 28.90 -4.12
C GLN M 396 -5.92 27.85 -5.15
N ARG M 397 -6.82 26.94 -4.79
CA ARG M 397 -7.31 25.95 -5.73
C ARG M 397 -8.57 26.48 -6.39
N ILE M 398 -8.82 26.05 -7.61
CA ILE M 398 -10.00 26.42 -8.38
C ILE M 398 -10.91 25.21 -8.44
N GLY M 399 -12.18 25.40 -8.08
CA GLY M 399 -13.14 24.34 -8.10
C GLY M 399 -13.18 23.45 -6.88
N GLN M 400 -12.73 23.96 -5.74
CA GLN M 400 -12.69 23.23 -4.47
C GLN M 400 -13.45 24.02 -3.41
N ALA M 401 -14.56 24.64 -3.80
CA ALA M 401 -15.31 25.48 -2.88
C ALA M 401 -15.83 24.68 -1.69
N MET M 402 -15.78 25.31 -0.52
CA MET M 402 -16.26 24.77 0.74
C MET M 402 -17.24 25.74 1.38
N TYR M 403 -18.30 25.20 1.99
CA TYR M 403 -19.27 26.02 2.70
C TYR M 403 -19.01 25.88 4.18
N ALA M 404 -18.64 26.98 4.82
CA ALA M 404 -18.36 26.96 6.25
C ALA M 404 -19.68 27.14 6.99
N PRO M 405 -20.08 26.25 7.89
CA PRO M 405 -21.34 26.46 8.58
C PRO M 405 -21.24 27.65 9.52
N PRO M 406 -22.34 28.32 9.82
CA PRO M 406 -22.26 29.42 10.77
C PRO M 406 -22.03 28.88 12.17
N ILE M 407 -21.37 29.69 12.99
CA ILE M 407 -21.10 29.38 14.38
C ILE M 407 -22.00 30.24 15.26
N GLN M 408 -22.73 29.59 16.15
CA GLN M 408 -23.68 30.26 17.02
C GLN M 408 -23.00 31.13 18.08
N GLY M 409 -23.54 32.33 18.29
CA GLY M 409 -23.09 33.23 19.33
C GLY M 409 -21.94 34.13 18.94
N VAL M 410 -21.41 34.80 19.97
CA VAL M 410 -20.32 35.77 19.83
C VAL M 410 -18.99 35.05 19.87
N ILE M 411 -18.12 35.39 18.91
CA ILE M 411 -16.82 34.78 18.75
C ILE M 411 -15.76 35.80 19.10
N ARG M 412 -14.79 35.41 19.94
CA ARG M 412 -13.65 36.24 20.25
C ARG M 412 -12.39 35.40 20.15
N CYS M 413 -11.35 35.97 19.54
CA CYS M 413 -10.04 35.34 19.43
C CYS M 413 -8.98 36.37 19.79
N VAL M 414 -8.01 35.93 20.60
CA VAL M 414 -6.83 36.72 20.92
C VAL M 414 -5.64 35.93 20.44
N SER M 415 -4.87 36.50 19.52
CA SER M 415 -3.75 35.82 18.90
C SER M 415 -2.48 36.64 19.05
N ASN M 416 -1.36 35.96 18.86
CA ASN M 416 -0.05 36.58 18.88
C ASN M 416 0.43 36.76 17.45
N ILE M 417 0.78 37.99 17.08
CA ILE M 417 1.40 38.25 15.79
C ILE M 417 2.89 38.05 16.02
N THR M 418 3.47 37.06 15.34
CA THR M 418 4.86 36.68 15.50
C THR M 418 5.71 36.95 14.28
N GLY M 419 5.10 37.21 13.13
CA GLY M 419 5.87 37.51 11.94
C GLY M 419 5.01 38.15 10.88
N LEU M 420 5.69 38.77 9.92
CA LEU M 420 5.08 39.49 8.82
C LEU M 420 5.58 38.95 7.49
N ILE M 421 4.75 39.08 6.47
CA ILE M 421 5.16 38.87 5.08
C ILE M 421 5.14 40.25 4.43
N LEU M 422 6.23 40.61 3.77
CA LEU M 422 6.34 41.86 3.04
C LEU M 422 6.82 41.61 1.64
N THR M 423 6.39 42.46 0.71
CA THR M 423 6.90 42.49 -0.65
C THR M 423 7.40 43.91 -0.86
N ARG M 424 8.25 44.11 -1.86
CA ARG M 424 8.81 45.42 -2.15
C ARG M 424 8.44 45.85 -3.56
N ASP M 425 8.02 47.10 -3.68
CA ASP M 425 7.64 47.68 -4.96
C ASP M 425 8.84 47.73 -5.91
N SER M 431 15.77 55.46 -6.97
CA SER M 431 14.65 55.78 -6.10
C SER M 431 15.09 55.87 -4.64
N THR M 432 14.87 57.03 -4.03
CA THR M 432 15.23 57.22 -2.63
C THR M 432 14.31 56.43 -1.70
N THR M 433 13.02 56.34 -2.03
CA THR M 433 12.04 55.70 -1.17
C THR M 433 11.67 54.31 -1.67
N GLU M 434 11.78 53.33 -0.78
CA GLU M 434 11.35 51.96 -1.02
C GLU M 434 9.96 51.80 -0.43
N THR M 435 9.07 51.10 -1.13
CA THR M 435 7.71 50.88 -0.67
C THR M 435 7.48 49.40 -0.45
N PHE M 436 6.95 49.06 0.73
CA PHE M 436 6.66 47.69 1.14
C PHE M 436 5.16 47.49 1.31
N ARG M 437 4.68 46.31 0.91
CA ARG M 437 3.28 45.94 1.03
C ARG M 437 3.16 44.54 1.64
N PRO M 438 2.06 44.27 2.37
CA PRO M 438 1.87 42.93 2.94
C PRO M 438 2.03 41.73 2.01
N GLY M 439 1.57 41.82 0.78
CA GLY M 439 1.71 40.70 -0.15
C GLY M 439 1.11 39.42 0.41
N GLY M 440 1.90 38.33 0.39
CA GLY M 440 1.46 37.06 0.94
C GLY M 440 0.56 36.30 -0.02
N GLY M 441 -0.15 35.32 0.55
CA GLY M 441 -1.06 34.46 -0.17
C GLY M 441 -0.55 33.08 -0.50
N ASP M 442 0.77 32.84 -0.48
CA ASP M 442 1.33 31.52 -0.77
C ASP M 442 1.57 30.85 0.57
N MET M 443 0.78 29.83 0.87
CA MET M 443 0.82 29.22 2.20
C MET M 443 2.16 28.58 2.55
N ARG M 444 2.99 28.21 1.57
CA ARG M 444 4.23 27.56 1.94
C ARG M 444 5.17 28.52 2.65
N ASP M 445 4.93 29.83 2.49
CA ASP M 445 5.78 30.81 3.15
C ASP M 445 5.53 30.77 4.63
N ASN M 446 4.31 30.42 5.06
CA ASN M 446 4.11 30.42 6.49
C ASN M 446 4.77 29.21 7.10
N TRP M 447 4.70 28.07 6.42
CA TRP M 447 5.27 26.86 6.99
C TRP M 447 6.78 26.89 6.93
N ARG M 448 7.32 27.53 5.90
CA ARG M 448 8.76 27.66 5.82
C ARG M 448 9.27 28.45 7.00
N SER M 449 8.48 29.43 7.48
CA SER M 449 8.92 30.29 8.58
C SER M 449 9.12 29.50 9.87
N GLU M 450 8.63 28.27 9.94
CA GLU M 450 8.85 27.41 11.09
C GLU M 450 9.84 26.31 10.79
N LEU M 451 9.86 25.81 9.56
CA LEU M 451 10.75 24.71 9.16
C LEU M 451 12.15 25.17 8.76
N TYR M 452 12.41 26.48 8.68
CA TYR M 452 13.71 26.96 8.24
C TYR M 452 14.87 26.44 9.09
N LYS M 453 14.62 26.11 10.36
CA LYS M 453 15.69 25.65 11.23
C LYS M 453 16.04 24.17 11.07
N TYR M 454 15.25 23.40 10.33
CA TYR M 454 15.47 21.97 10.21
C TYR M 454 15.94 21.57 8.81
N LYS M 455 16.80 20.56 8.80
CA LYS M 455 17.30 19.94 7.57
C LYS M 455 17.23 18.42 7.75
N VAL M 456 16.89 17.70 6.69
CA VAL M 456 16.85 16.24 6.71
C VAL M 456 18.10 15.71 6.02
N VAL M 457 18.81 14.80 6.69
CA VAL M 457 20.01 14.19 6.10
C VAL M 457 19.91 12.67 6.17
N LYS M 458 20.54 12.02 5.19
CA LYS M 458 20.64 10.57 5.11
C LYS M 458 21.98 10.13 5.66
N ILE M 459 21.97 9.02 6.39
CA ILE M 459 23.17 8.46 6.99
C ILE M 459 23.80 7.49 6.00
N GLU M 460 25.11 7.62 5.80
CA GLU M 460 25.89 6.78 4.89
C GLU M 460 26.96 6.12 5.75
N PRO M 461 26.61 5.03 6.46
CA PRO M 461 27.47 4.51 7.53
C PRO M 461 28.72 3.79 7.07
N LEU M 462 28.87 3.50 5.79
CA LEU M 462 29.98 2.71 5.28
C LEU M 462 31.06 3.60 4.69
N GLY M 463 32.31 3.31 5.03
CA GLY M 463 33.43 4.05 4.48
C GLY M 463 34.71 3.29 4.71
N VAL M 464 35.79 3.82 4.13
CA VAL M 464 37.11 3.19 4.19
C VAL M 464 38.14 4.21 4.65
N ALA M 465 39.27 3.69 5.15
CA ALA M 465 40.36 4.58 5.52
C ALA M 465 41.67 3.82 5.58
N PRO M 466 42.81 4.49 5.39
CA PRO M 466 44.10 3.82 5.58
C PRO M 466 44.28 3.37 7.02
N THR M 467 44.73 2.14 7.19
CA THR M 467 45.06 1.63 8.52
C THR M 467 46.28 0.74 8.35
N ARG M 468 47.13 0.70 9.37
CA ARG M 468 48.29 -0.18 9.35
C ARG M 468 47.84 -1.53 9.90
N CYS M 469 47.02 -2.21 9.09
CA CYS M 469 46.39 -3.46 9.48
C CYS M 469 46.15 -4.32 8.25
N LYS M 470 46.89 -5.41 8.11
CA LYS M 470 46.75 -6.30 6.96
C LYS M 470 45.97 -7.54 7.37
N ARG M 471 45.04 -7.95 6.51
CA ARG M 471 44.29 -9.17 6.75
C ARG M 471 45.24 -10.37 6.72
N ARG M 472 44.98 -11.35 7.57
CA ARG M 472 45.80 -12.55 7.56
C ARG M 472 45.72 -13.20 6.19
N THR M 473 46.85 -13.60 5.64
CA THR M 473 46.89 -14.20 4.32
C THR M 473 46.63 -15.69 4.39
N VAL M 474 46.32 -16.26 3.22
CA VAL M 474 46.06 -17.68 3.10
C VAL M 474 47.39 -18.42 3.04
N GLU N 1 61.46 16.66 31.18
CA GLU N 1 60.05 16.79 30.74
C GLU N 1 59.33 15.46 30.92
N VAL N 2 59.80 14.44 30.20
CA VAL N 2 59.23 13.10 30.26
C VAL N 2 60.03 12.33 31.30
N GLN N 3 59.33 11.64 32.21
CA GLN N 3 60.02 10.92 33.28
C GLN N 3 59.32 9.60 33.53
N LEU N 4 60.12 8.59 33.88
CA LEU N 4 59.67 7.26 34.28
C LEU N 4 60.50 6.82 35.48
N VAL N 5 59.87 6.52 36.61
CA VAL N 5 60.60 6.12 37.82
C VAL N 5 60.10 4.75 38.31
N GLU N 6 61.02 3.79 38.35
CA GLU N 6 60.74 2.44 38.85
C GLU N 6 60.84 2.38 40.37
N THR N 7 59.85 1.76 41.01
CA THR N 7 59.83 1.53 42.46
C THR N 7 59.50 0.06 42.69
N GLY N 8 60.25 -0.59 43.56
CA GLY N 8 59.98 -2.00 43.81
C GLY N 8 60.81 -2.54 44.96
N GLY N 9 60.78 -3.86 45.11
CA GLY N 9 61.45 -4.52 46.21
C GLY N 9 62.94 -4.73 45.97
N GLY N 10 63.59 -5.31 46.98
CA GLY N 10 65.02 -5.57 46.94
C GLY N 10 65.42 -7.02 46.78
N LEU N 11 65.76 -7.68 47.90
CA LEU N 11 66.22 -9.06 47.88
C LEU N 11 65.05 -10.02 48.15
N VAL N 12 64.88 -10.98 47.26
CA VAL N 12 63.83 -11.99 47.31
C VAL N 12 64.49 -13.37 47.24
N GLN N 13 63.91 -14.35 47.99
CA GLN N 13 64.43 -15.72 47.94
C GLN N 13 63.72 -16.52 46.85
N PRO N 14 64.36 -17.55 46.29
CA PRO N 14 63.68 -18.38 45.28
C PRO N 14 62.35 -18.94 45.78
N GLY N 15 61.34 -18.90 44.91
CA GLY N 15 60.02 -19.38 45.25
C GLY N 15 59.06 -18.31 45.71
N GLY N 16 59.54 -17.08 45.92
CA GLY N 16 58.71 -15.97 46.37
C GLY N 16 58.16 -15.18 45.21
N SER N 17 57.85 -13.92 45.49
CA SER N 17 57.27 -13.03 44.49
C SER N 17 57.67 -11.60 44.81
N LEU N 18 57.66 -10.77 43.77
CA LEU N 18 58.01 -9.36 43.91
C LEU N 18 57.28 -8.53 42.87
N LYS N 19 56.63 -7.45 43.30
CA LYS N 19 55.94 -6.55 42.39
C LYS N 19 56.79 -5.30 42.18
N LEU N 20 56.98 -4.94 40.92
CA LEU N 20 57.75 -3.77 40.50
C LEU N 20 56.83 -2.84 39.73
N SER N 21 56.74 -1.56 40.13
CA SER N 21 55.86 -0.62 39.46
C SER N 21 56.61 0.61 38.97
N CYS N 22 56.28 1.02 37.75
CA CYS N 22 56.85 2.18 37.08
C CYS N 22 55.81 3.30 37.04
N ARG N 23 56.19 4.46 37.57
CA ARG N 23 55.34 5.64 37.58
C ARG N 23 55.78 6.54 36.44
N ALA N 24 54.83 7.01 35.65
CA ALA N 24 55.08 7.84 34.48
C ALA N 24 54.57 9.26 34.66
N SER N 25 55.29 10.20 34.06
CA SER N 25 54.84 11.60 34.04
C SER N 25 55.44 12.30 32.83
N GLY N 26 54.83 13.44 32.48
CA GLY N 26 55.32 14.29 31.41
C GLY N 26 54.77 13.99 30.03
N TYR N 27 53.91 12.99 29.89
CA TYR N 27 53.34 12.62 28.61
C TYR N 27 52.01 11.94 28.90
N THR N 28 51.20 11.74 27.86
CA THR N 28 49.93 11.05 28.06
C THR N 28 50.25 9.56 28.14
N PHE N 29 50.03 8.99 29.32
CA PHE N 29 50.38 7.59 29.56
C PHE N 29 49.57 6.66 28.64
N SER N 30 48.26 6.91 28.56
CA SER N 30 47.36 6.07 27.79
C SER N 30 47.60 6.12 26.28
N SER N 31 48.43 7.02 25.77
CA SER N 31 48.70 7.10 24.34
C SER N 31 49.85 6.23 23.87
N PHE N 32 50.61 5.60 24.77
CA PHE N 32 51.78 4.82 24.38
C PHE N 32 51.75 3.42 24.96
N ALA N 33 52.32 2.49 24.20
CA ALA N 33 52.57 1.14 24.67
C ALA N 33 53.73 1.17 25.66
N MET N 34 53.74 0.22 26.58
CA MET N 34 54.78 0.14 27.60
C MET N 34 55.37 -1.25 27.61
N SER N 35 56.63 -1.36 28.02
CA SER N 35 57.29 -2.65 28.07
C SER N 35 58.31 -2.67 29.20
N TRP N 36 58.74 -3.88 29.55
CA TRP N 36 59.82 -4.07 30.52
C TRP N 36 60.98 -4.77 29.83
N VAL N 37 62.18 -4.27 30.13
CA VAL N 37 63.47 -4.75 29.64
C VAL N 37 64.37 -4.95 30.84
N ARG N 38 65.17 -6.03 30.87
CA ARG N 38 66.07 -6.25 32.00
C ARG N 38 67.50 -6.46 31.52
N GLN N 39 68.43 -6.12 32.40
CA GLN N 39 69.87 -6.27 32.18
C GLN N 39 70.51 -7.01 33.33
N ALA N 40 71.01 -8.22 33.09
CA ALA N 40 71.67 -8.94 34.16
C ALA N 40 72.94 -8.15 34.52
N PRO N 41 73.42 -8.23 35.77
CA PRO N 41 74.60 -7.42 36.15
C PRO N 41 75.81 -7.50 35.23
N GLY N 42 76.12 -8.66 34.62
CA GLY N 42 77.27 -8.77 33.73
C GLY N 42 76.99 -8.90 32.25
N LYS N 43 75.76 -8.71 31.80
CA LYS N 43 75.31 -8.92 30.43
C LYS N 43 74.70 -7.64 29.85
N GLY N 44 74.19 -7.78 28.62
CA GLY N 44 73.53 -6.72 27.90
C GLY N 44 72.06 -6.72 28.23
N LEU N 45 71.27 -6.14 27.32
CA LEU N 45 69.85 -5.95 27.52
C LEU N 45 69.07 -7.09 26.89
N GLU N 46 67.94 -7.45 27.49
CA GLU N 46 67.00 -8.36 26.87
C GLU N 46 65.57 -7.92 27.17
N TRP N 47 64.69 -8.15 26.20
CA TRP N 47 63.28 -7.81 26.36
C TRP N 47 62.60 -8.83 27.26
N VAL N 48 61.71 -8.34 28.14
CA VAL N 48 60.98 -9.19 29.06
C VAL N 48 59.50 -9.24 28.74
N SER N 49 58.84 -8.08 28.63
CA SER N 49 57.40 -8.11 28.41
C SER N 49 56.93 -6.86 27.71
N LEU N 50 55.75 -6.94 27.08
CA LEU N 50 55.16 -5.82 26.35
C LEU N 50 53.66 -5.77 26.58
N ILE N 51 53.15 -4.57 26.88
CA ILE N 51 51.72 -4.33 27.05
C ILE N 51 51.36 -3.17 26.13
N ASN N 52 50.19 -3.26 25.49
CA ASN N 52 49.75 -2.19 24.59
C ASN N 52 49.25 -0.98 25.37
N ASP N 53 48.75 0.02 24.63
CA ASP N 53 48.35 1.26 25.28
C ASP N 53 47.07 1.09 26.08
N ARG N 54 46.12 0.29 25.59
CA ARG N 54 44.88 0.07 26.33
C ARG N 54 45.12 -0.80 27.55
N GLY N 55 46.00 -1.80 27.44
CA GLY N 55 46.33 -2.69 28.53
C GLY N 55 45.68 -4.06 28.44
N GLY N 56 44.73 -4.25 27.53
CA GLY N 56 44.05 -5.53 27.38
C GLY N 56 44.81 -6.62 26.67
N LEU N 57 45.82 -6.26 25.86
CA LEU N 57 46.56 -7.23 25.05
C LEU N 57 48.02 -7.18 25.49
N THR N 58 48.56 -8.33 25.90
CA THR N 58 49.93 -8.43 26.41
C THR N 58 50.71 -9.55 25.72
N PHE N 59 52.03 -9.39 25.73
CA PHE N 59 52.97 -10.36 25.18
C PHE N 59 54.11 -10.54 26.16
N TYR N 60 54.69 -11.75 26.18
CA TYR N 60 55.82 -12.05 27.06
C TYR N 60 56.89 -12.83 26.32
N VAL N 61 58.13 -12.74 26.81
CA VAL N 61 59.18 -13.63 26.36
C VAL N 61 58.90 -14.99 26.99
N ASP N 62 59.16 -16.06 26.23
CA ASP N 62 58.85 -17.42 26.69
C ASP N 62 59.41 -17.75 28.07
N SER N 63 60.61 -17.25 28.41
CA SER N 63 61.20 -17.64 29.69
C SER N 63 60.41 -17.16 30.91
N VAL N 64 59.50 -16.20 30.76
CA VAL N 64 58.68 -15.68 31.87
C VAL N 64 57.18 -15.84 31.64
N LYS N 65 56.76 -16.56 30.58
CA LYS N 65 55.33 -16.59 30.24
C LYS N 65 54.45 -17.14 31.34
N GLY N 66 54.90 -18.12 32.12
CA GLY N 66 54.12 -18.68 33.19
C GLY N 66 54.39 -18.11 34.56
N ARG N 67 55.18 -17.06 34.65
CA ARG N 67 55.65 -16.50 35.91
C ARG N 67 55.34 -15.03 36.13
N PHE N 68 55.38 -14.20 35.07
CA PHE N 68 55.24 -12.76 35.23
C PHE N 68 53.88 -12.34 34.68
N THR N 69 53.28 -11.36 35.36
CA THR N 69 52.04 -10.72 34.90
C THR N 69 52.32 -9.23 34.71
N ILE N 70 51.97 -8.70 33.54
CA ILE N 70 52.13 -7.29 33.22
C ILE N 70 50.75 -6.67 33.13
N SER N 71 50.58 -5.51 33.76
CA SER N 71 49.32 -4.81 33.72
C SER N 71 49.59 -3.33 33.83
N ARG N 72 48.59 -2.52 33.46
CA ARG N 72 48.71 -1.09 33.58
C ARG N 72 47.38 -0.51 33.98
N ASP N 73 47.44 0.65 34.61
CA ASP N 73 46.27 1.42 35.00
C ASP N 73 46.47 2.80 34.41
N ASN N 74 45.68 3.13 33.39
CA ASN N 74 45.86 4.37 32.65
C ASN N 74 45.31 5.57 33.40
N SER N 75 44.54 5.36 34.48
CA SER N 75 44.02 6.47 35.26
C SER N 75 45.01 6.85 36.34
N LYS N 76 45.83 5.89 36.77
CA LYS N 76 46.83 6.08 37.80
C LYS N 76 48.20 6.34 37.18
N ASN N 77 48.30 6.31 35.85
CA ASN N 77 49.58 6.46 35.15
C ASN N 77 50.60 5.47 35.70
N THR N 78 50.16 4.22 35.95
CA THR N 78 51.05 3.24 36.56
C THR N 78 51.15 1.95 35.76
N LEU N 79 52.39 1.48 35.55
CA LEU N 79 52.70 0.22 34.90
C LEU N 79 53.18 -0.73 35.98
N SER N 80 52.60 -1.93 36.09
CA SER N 80 53.04 -2.87 37.11
C SER N 80 53.40 -4.22 36.52
N LEU N 81 54.50 -4.79 37.01
CA LEU N 81 54.96 -6.13 36.67
C LEU N 81 55.00 -6.92 37.96
N GLN N 82 54.19 -7.96 38.08
CA GLN N 82 54.15 -8.80 39.27
C GLN N 82 54.88 -10.10 38.87
N MET N 83 56.00 -10.37 39.52
CA MET N 83 56.84 -11.53 39.20
C MET N 83 56.72 -12.62 40.27
N HIS N 84 56.63 -13.87 39.82
CA HIS N 84 56.59 -15.05 40.68
C HIS N 84 57.78 -15.96 40.38
N SER N 85 58.10 -16.78 41.38
CA SER N 85 59.12 -17.82 41.36
C SER N 85 60.53 -17.22 41.51
N LEU N 86 60.89 -16.29 40.62
CA LEU N 86 62.11 -15.49 40.74
C LEU N 86 63.35 -16.34 41.00
N ARG N 87 63.87 -16.96 39.95
CA ARG N 87 65.00 -17.87 39.97
C ARG N 87 66.28 -17.05 40.00
N ASP N 88 67.39 -17.71 40.34
CA ASP N 88 68.66 -17.00 40.44
C ASP N 88 68.99 -16.28 39.13
N GLY N 89 68.56 -16.82 37.98
CA GLY N 89 68.85 -16.19 36.71
C GLY N 89 68.07 -14.92 36.45
N ASP N 90 67.12 -14.57 37.32
CA ASP N 90 66.30 -13.38 37.18
C ASP N 90 66.90 -12.16 37.87
N THR N 91 68.07 -12.27 38.47
CA THR N 91 68.67 -11.08 39.07
C THR N 91 69.08 -10.15 37.95
N ALA N 92 68.58 -8.92 38.01
CA ALA N 92 68.85 -7.98 36.94
C ALA N 92 68.34 -6.60 37.34
N VAL N 93 68.82 -5.59 36.63
CA VAL N 93 68.21 -4.27 36.72
C VAL N 93 67.06 -4.27 35.72
N TYR N 94 65.86 -3.98 36.19
CA TYR N 94 64.65 -3.93 35.39
C TYR N 94 64.33 -2.50 35.07
N TYR N 95 64.00 -2.23 33.81
CA TYR N 95 63.63 -0.91 33.33
C TYR N 95 62.25 -1.00 32.70
N CYS N 96 61.49 0.07 32.87
CA CYS N 96 60.23 0.27 32.17
C CYS N 96 60.55 1.20 31.02
N ALA N 97 59.86 1.00 29.89
CA ALA N 97 60.11 1.91 28.78
C ALA N 97 58.85 2.13 27.96
N THR N 98 58.80 3.31 27.37
CA THR N 98 57.74 3.74 26.49
C THR N 98 58.16 3.39 25.07
N GLY N 99 57.29 2.70 24.35
CA GLY N 99 57.49 2.27 22.99
C GLY N 99 57.35 0.77 22.86
N GLY N 100 57.74 0.26 21.70
CA GLY N 100 57.65 -1.15 21.39
C GLY N 100 56.40 -1.58 20.65
N MET N 101 55.39 -0.74 20.54
CA MET N 101 54.17 -1.12 19.85
C MET N 101 53.37 0.14 19.53
N SER N 102 52.47 0.02 18.56
CA SER N 102 51.59 1.12 18.18
C SER N 102 50.26 0.53 17.74
N SER N 103 49.17 1.16 18.16
CA SER N 103 47.83 0.60 18.02
C SER N 103 47.19 0.89 16.66
N ALA N 104 47.80 0.36 15.59
CA ALA N 104 47.23 0.38 14.24
C ALA N 104 46.92 1.74 13.61
N LEU N 105 46.42 2.71 14.37
CA LEU N 105 46.08 4.03 13.86
C LEU N 105 47.21 5.04 14.09
N GLN N 106 48.33 4.59 14.65
CA GLN N 106 49.50 5.39 14.98
C GLN N 106 50.65 4.95 14.10
N SER N 107 51.62 5.83 13.92
CA SER N 107 52.79 5.46 13.14
C SER N 107 53.55 4.34 13.84
N SER N 108 54.21 3.52 13.05
CA SER N 108 54.96 2.39 13.60
C SER N 108 56.08 2.84 14.52
N LYS N 109 56.31 2.03 15.56
CA LYS N 109 57.44 2.22 16.47
C LYS N 109 58.39 1.05 16.31
N TYR N 110 58.17 -0.06 17.02
CA TYR N 110 59.09 -1.21 16.99
C TYR N 110 60.47 -0.80 17.50
N TYR N 111 60.47 0.13 18.45
CA TYR N 111 61.65 0.59 19.17
C TYR N 111 61.17 1.07 20.52
N PHE N 112 62.10 1.20 21.46
CA PHE N 112 61.79 1.65 22.81
C PHE N 112 62.17 3.13 22.87
N ASP N 113 61.14 3.99 22.90
CA ASP N 113 61.35 5.43 22.75
C ASP N 113 61.92 6.12 23.99
N PHE N 114 61.49 5.73 25.19
CA PHE N 114 61.92 6.44 26.40
C PHE N 114 62.15 5.45 27.53
N TRP N 115 63.26 5.60 28.24
CA TRP N 115 63.66 4.68 29.30
C TRP N 115 63.69 5.37 30.66
N GLY N 116 63.35 4.61 31.69
CA GLY N 116 63.46 5.06 33.06
C GLY N 116 64.85 4.80 33.59
N GLN N 117 65.02 5.02 34.89
CA GLN N 117 66.34 4.85 35.50
C GLN N 117 66.63 3.39 35.84
N GLY N 118 65.61 2.61 36.14
CA GLY N 118 65.76 1.21 36.46
C GLY N 118 65.83 0.95 37.95
N ALA N 119 65.51 -0.29 38.32
CA ALA N 119 65.56 -0.75 39.71
C ALA N 119 66.16 -2.14 39.71
N LEU N 120 67.01 -2.44 40.68
CA LEU N 120 67.68 -3.73 40.74
C LEU N 120 66.89 -4.74 41.57
N VAL N 121 66.54 -5.86 40.95
CA VAL N 121 65.85 -6.98 41.59
C VAL N 121 66.87 -8.09 41.78
N THR N 122 67.10 -8.46 43.04
CA THR N 122 68.11 -9.45 43.41
C THR N 122 67.42 -10.66 44.01
N VAL N 123 67.77 -11.84 43.52
CA VAL N 123 67.18 -13.08 44.00
C VAL N 123 68.09 -13.66 45.08
N ALA O 1 70.09 -14.13 19.79
CA ALA O 1 70.80 -12.89 20.03
C ALA O 1 71.55 -12.45 18.78
N LEU O 2 71.87 -11.17 18.72
CA LEU O 2 72.63 -10.59 17.62
C LEU O 2 74.10 -10.48 18.00
N THR O 3 74.97 -10.59 17.01
CA THR O 3 76.40 -10.55 17.20
C THR O 3 76.94 -9.14 17.00
N GLN O 4 77.74 -8.66 17.97
CA GLN O 4 78.37 -7.36 17.93
C GLN O 4 79.84 -7.56 18.31
N PRO O 5 80.75 -6.70 17.85
CA PRO O 5 82.15 -6.82 18.28
C PRO O 5 82.27 -6.53 19.77
N PRO O 6 83.04 -7.33 20.52
CA PRO O 6 83.23 -7.01 21.94
C PRO O 6 83.78 -5.62 22.23
N SER O 7 84.63 -5.08 21.37
CA SER O 7 85.21 -3.76 21.61
C SER O 7 85.56 -3.08 20.30
N VAL O 8 85.28 -1.78 20.24
CA VAL O 8 85.54 -0.94 19.08
C VAL O 8 86.17 0.35 19.59
N SER O 9 87.12 0.90 18.84
CA SER O 9 87.77 2.13 19.25
C SER O 9 88.37 2.84 18.04
N GLY O 10 88.82 4.06 18.27
CA GLY O 10 89.48 4.83 17.23
C GLY O 10 89.95 6.16 17.78
N SER O 11 90.67 6.90 16.95
CA SER O 11 91.19 8.20 17.34
C SER O 11 90.06 9.22 17.45
N PRO O 12 90.16 10.20 18.36
CA PRO O 12 89.16 11.28 18.39
C PRO O 12 89.04 11.97 17.05
N GLY O 13 87.80 12.19 16.62
CA GLY O 13 87.50 12.83 15.36
C GLY O 13 87.34 11.85 14.21
N GLN O 14 87.75 10.61 14.39
CA GLN O 14 87.67 9.57 13.39
C GLN O 14 86.24 9.05 13.31
N SER O 15 85.83 8.64 12.11
CA SER O 15 84.54 7.97 11.96
C SER O 15 84.71 6.48 12.27
N VAL O 16 83.97 6.01 13.27
CA VAL O 16 84.06 4.63 13.75
C VAL O 16 82.72 3.93 13.58
N THR O 17 82.75 2.73 12.98
CA THR O 17 81.55 1.95 12.69
C THR O 17 81.44 0.74 13.63
N ILE O 18 80.27 0.58 14.22
CA ILE O 18 79.91 -0.57 15.06
C ILE O 18 78.88 -1.39 14.29
N SER O 19 79.23 -2.62 13.93
CA SER O 19 78.31 -3.46 13.18
C SER O 19 77.47 -4.33 14.11
N CYS O 20 76.36 -4.85 13.57
CA CYS O 20 75.46 -5.78 14.24
C CYS O 20 75.00 -6.78 13.17
N THR O 21 75.21 -8.08 13.38
CA THR O 21 74.85 -9.09 12.40
C THR O 21 73.84 -10.08 12.96
N GLY O 22 72.73 -10.26 12.23
CA GLY O 22 71.66 -11.18 12.58
C GLY O 22 71.44 -12.21 11.47
N THR O 23 70.20 -12.63 11.27
CA THR O 23 69.83 -13.62 10.26
C THR O 23 68.64 -13.09 9.46
N SER O 24 68.20 -13.88 8.47
CA SER O 24 67.11 -13.43 7.59
C SER O 24 65.78 -13.27 8.32
N SER O 25 65.53 -14.04 9.37
CA SER O 25 64.25 -13.95 10.07
C SER O 25 64.10 -12.70 10.93
N ASP O 26 65.18 -11.93 11.13
CA ASP O 26 65.15 -10.72 11.95
C ASP O 26 65.66 -9.46 11.25
N ILE O 27 66.98 -9.26 11.12
CA ILE O 27 67.47 -8.02 10.52
C ILE O 27 67.06 -7.95 9.06
N GLY O 28 67.15 -9.07 8.35
CA GLY O 28 66.82 -9.18 6.95
C GLY O 28 65.39 -8.85 6.57
N SER O 29 64.45 -9.57 7.19
CA SER O 29 63.03 -9.42 6.89
C SER O 29 62.43 -8.10 7.36
N TYR O 30 62.86 -7.57 8.51
CA TYR O 30 62.27 -6.36 9.07
C TYR O 30 63.26 -5.21 9.16
N ASN O 31 62.87 -4.06 8.62
CA ASN O 31 63.68 -2.85 8.65
C ASN O 31 63.41 -2.05 9.93
N TYR O 32 63.60 -2.71 11.08
CA TYR O 32 63.41 -2.10 12.41
C TYR O 32 64.60 -2.52 13.26
N VAL O 33 65.72 -1.82 13.11
CA VAL O 33 66.94 -2.14 13.84
C VAL O 33 67.40 -0.86 14.55
N SER O 34 66.99 -0.71 15.79
CA SER O 34 67.31 0.50 16.53
C SER O 34 68.69 0.35 17.19
N TRP O 35 69.27 1.48 17.60
CA TRP O 35 70.53 1.51 18.34
C TRP O 35 70.38 2.34 19.60
N TYR O 36 70.99 1.85 20.69
CA TYR O 36 71.00 2.50 21.99
C TYR O 36 72.41 2.72 22.49
N GLN O 37 72.59 3.82 23.23
CA GLN O 37 73.85 4.17 23.87
C GLN O 37 73.64 4.12 25.37
N GLN O 38 74.37 3.26 26.07
CA GLN O 38 74.27 3.10 27.51
C GLN O 38 75.56 3.56 28.18
N HIS O 39 75.51 4.71 28.84
CA HIS O 39 76.66 5.21 29.56
C HIS O 39 76.79 4.38 30.84
N PRO O 40 78.00 4.07 31.31
CA PRO O 40 78.10 3.32 32.57
C PRO O 40 77.33 4.02 33.69
N GLY O 41 76.53 3.25 34.41
CA GLY O 41 75.76 3.78 35.51
C GLY O 41 74.45 4.43 35.09
N LYS O 42 74.15 4.49 33.80
CA LYS O 42 72.95 5.14 33.27
C LYS O 42 72.09 4.16 32.49
N ALA O 43 70.81 4.51 32.39
CA ALA O 43 69.89 3.76 31.55
C ALA O 43 70.19 4.01 30.07
N PRO O 44 69.95 3.03 29.19
CA PRO O 44 70.12 3.28 27.76
C PRO O 44 69.17 4.36 27.27
N LYS O 45 69.65 5.14 26.29
CA LYS O 45 68.83 6.13 25.60
C LYS O 45 68.80 5.76 24.12
N LEU O 46 67.74 6.14 23.43
CA LEU O 46 67.59 5.83 22.02
C LEU O 46 68.44 6.75 21.17
N MET O 47 69.23 6.15 20.27
CA MET O 47 70.08 6.87 19.34
C MET O 47 69.59 6.77 17.91
N ILE O 48 69.19 5.57 17.48
CA ILE O 48 68.72 5.35 16.12
C ILE O 48 67.48 4.48 16.21
N TYR O 49 66.51 4.71 15.33
CA TYR O 49 65.33 3.86 15.28
C TYR O 49 64.99 3.62 13.82
N ASP O 50 64.09 2.67 13.60
CA ASP O 50 63.79 2.16 12.26
C ASP O 50 65.16 1.70 11.74
N VAL O 51 65.64 2.19 10.58
CA VAL O 51 66.96 1.86 10.08
C VAL O 51 67.86 3.10 9.98
N THR O 52 67.34 4.20 9.40
CA THR O 52 68.12 5.42 9.18
C THR O 52 67.59 6.62 9.96
N GLN O 53 66.62 6.44 10.86
CA GLN O 53 66.01 7.57 11.52
C GLN O 53 66.73 7.92 12.82
N ARG O 54 66.77 9.22 13.12
CA ARG O 54 67.43 9.74 14.30
C ARG O 54 66.43 10.51 15.19
N PRO O 55 66.34 10.22 16.50
CA PRO O 55 65.42 10.97 17.35
C PRO O 55 65.81 12.43 17.44
N SER O 56 64.81 13.30 17.64
CA SER O 56 65.10 14.71 17.82
C SER O 56 65.95 14.88 19.07
N GLY O 57 66.93 15.79 19.00
CA GLY O 57 67.83 16.04 20.10
C GLY O 57 69.15 15.30 20.01
N VAL O 58 69.25 14.35 19.08
CA VAL O 58 70.45 13.56 18.85
C VAL O 58 71.33 14.22 17.80
N SER O 59 72.63 14.28 18.10
CA SER O 59 73.61 14.89 17.23
C SER O 59 73.65 14.15 15.88
N ASP O 60 73.93 14.91 14.82
CA ASP O 60 73.93 14.39 13.45
C ASP O 60 75.19 13.56 13.16
N ARG O 61 76.04 13.34 14.16
CA ARG O 61 77.21 12.47 13.99
C ARG O 61 76.86 10.99 14.03
N PHE O 62 75.66 10.65 14.51
CA PHE O 62 75.21 9.26 14.65
C PHE O 62 74.29 8.90 13.49
N SER O 63 74.69 7.93 12.68
CA SER O 63 73.89 7.54 11.52
C SER O 63 74.13 6.05 11.28
N GLY O 64 73.32 5.44 10.43
CA GLY O 64 73.54 4.03 10.20
C GLY O 64 72.81 3.53 8.97
N SER O 65 72.88 2.22 8.77
CA SER O 65 72.28 1.61 7.58
C SER O 65 72.10 0.11 7.81
N LYS O 66 71.57 -0.55 6.78
CA LYS O 66 71.35 -1.99 6.75
C LYS O 66 71.59 -2.54 5.36
N SER O 67 72.28 -3.68 5.29
CA SER O 67 72.53 -4.39 4.04
C SER O 67 72.52 -5.88 4.34
N GLY O 68 71.70 -6.63 3.61
CA GLY O 68 71.60 -8.06 3.87
C GLY O 68 71.09 -8.24 5.28
N ASN O 69 71.81 -9.03 6.07
CA ASN O 69 71.46 -9.29 7.47
C ASN O 69 72.36 -8.51 8.42
N THR O 70 73.11 -7.53 7.92
CA THR O 70 74.03 -6.75 8.72
C THR O 70 73.57 -5.29 8.78
N ALA O 71 73.50 -4.76 9.99
CA ALA O 71 73.13 -3.38 10.27
C ALA O 71 74.38 -2.72 10.84
N SER O 72 74.51 -1.41 10.67
CA SER O 72 75.66 -0.75 11.27
C SER O 72 75.32 0.66 11.71
N LEU O 73 76.04 1.10 12.74
CA LEU O 73 76.00 2.45 13.28
C LEU O 73 77.37 3.08 13.07
N THR O 74 77.40 4.23 12.42
CA THR O 74 78.63 4.96 12.16
C THR O 74 78.56 6.25 12.97
N ILE O 75 79.61 6.50 13.74
CA ILE O 75 79.73 7.68 14.58
C ILE O 75 80.87 8.50 14.02
N SER O 76 80.54 9.61 13.34
CA SER O 76 81.58 10.44 12.78
C SER O 76 82.09 11.37 13.87
N GLY O 77 83.30 11.90 13.71
CA GLY O 77 83.74 12.94 14.63
C GLY O 77 83.83 12.47 16.08
N LEU O 78 84.33 11.26 16.31
CA LEU O 78 84.37 10.65 17.64
C LEU O 78 84.87 11.59 18.73
N GLN O 79 84.08 11.69 19.80
CA GLN O 79 84.37 12.50 20.98
C GLN O 79 84.71 11.62 22.16
N ALA O 80 85.41 12.22 23.13
CA ALA O 80 85.74 11.50 24.36
C ALA O 80 84.48 11.05 25.10
N ASP O 81 83.40 11.81 25.02
CA ASP O 81 82.18 11.47 25.75
C ASP O 81 81.29 10.47 25.02
N ASP O 82 81.70 9.97 23.86
CA ASP O 82 80.92 8.99 23.12
C ASP O 82 81.23 7.55 23.51
N GLU O 83 82.22 7.31 24.36
CA GLU O 83 82.58 5.94 24.71
C GLU O 83 81.57 5.45 25.76
N ALA O 84 80.78 4.47 25.35
CA ALA O 84 79.66 3.93 26.11
C ALA O 84 79.38 2.55 25.51
N ASP O 85 78.56 1.77 26.19
CA ASP O 85 78.19 0.47 25.64
C ASP O 85 77.02 0.65 24.69
N TYR O 86 77.24 0.29 23.42
CA TYR O 86 76.23 0.44 22.38
C TYR O 86 75.56 -0.91 22.12
N TYR O 87 74.25 -0.87 21.91
CA TYR O 87 73.48 -2.07 21.64
C TYR O 87 72.63 -1.87 20.40
N CYS O 88 72.46 -2.95 19.65
CA CYS O 88 71.51 -3.01 18.54
C CYS O 88 70.30 -3.79 19.04
N SER O 89 69.12 -3.43 18.52
CA SER O 89 67.90 -4.14 18.87
C SER O 89 67.04 -4.31 17.64
N ALA O 90 66.78 -5.55 17.23
CA ALA O 90 66.02 -5.83 16.02
C ALA O 90 64.67 -6.43 16.35
N TYR O 91 63.67 -6.02 15.59
CA TYR O 91 62.36 -6.65 15.64
C TYR O 91 62.46 -8.01 14.96
N ALA O 92 61.86 -9.03 15.56
CA ALA O 92 61.93 -10.37 14.99
C ALA O 92 60.55 -11.00 14.81
N GLY O 93 59.53 -10.18 14.59
CA GLY O 93 58.20 -10.68 14.33
C GLY O 93 57.34 -10.77 15.57
N ARG O 94 56.24 -11.52 15.43
CA ARG O 94 55.26 -11.64 16.48
C ARG O 94 55.61 -12.72 17.49
N GLN O 95 56.38 -13.72 17.08
CA GLN O 95 56.71 -14.82 17.98
C GLN O 95 57.82 -14.40 18.93
N THR O 96 58.83 -13.71 18.40
CA THR O 96 59.92 -13.13 19.17
C THR O 96 59.81 -11.64 18.89
N PHE O 97 59.48 -10.84 19.90
CA PHE O 97 59.28 -9.43 19.61
C PHE O 97 60.59 -8.67 19.39
N TYR O 98 61.53 -8.75 20.32
CA TYR O 98 62.78 -8.02 20.16
C TYR O 98 63.96 -8.91 20.53
N ILE O 99 65.04 -8.75 19.78
CA ILE O 99 66.30 -9.42 20.06
C ILE O 99 67.38 -8.36 20.21
N PHE O 100 68.11 -8.39 21.31
CA PHE O 100 69.20 -7.47 21.53
C PHE O 100 70.52 -8.19 21.26
N GLY O 101 71.50 -7.43 20.79
CA GLY O 101 72.83 -7.95 20.61
C GLY O 101 73.67 -7.76 21.86
N GLY O 102 74.85 -8.38 21.86
CA GLY O 102 75.77 -8.18 22.95
C GLY O 102 76.26 -6.75 22.87
N GLY O 103 76.66 -6.17 24.00
CA GLY O 103 77.12 -4.79 23.97
C GLY O 103 78.53 -4.66 23.41
N THR O 104 78.76 -3.51 22.77
CA THR O 104 80.07 -3.12 22.24
C THR O 104 80.63 -2.00 23.11
N ARG O 105 81.81 -2.22 23.66
CA ARG O 105 82.46 -1.18 24.47
C ARG O 105 83.21 -0.28 23.50
N LEU O 106 82.72 0.94 23.28
CA LEU O 106 83.38 1.83 22.34
C LEU O 106 84.62 2.44 23.01
N ASP P 9 28.45 10.11 24.37
CA ASP P 9 27.35 10.74 23.67
C ASP P 9 26.51 9.69 22.94
N GLY P 10 25.44 10.14 22.28
CA GLY P 10 24.52 9.30 21.55
C GLY P 10 24.73 9.36 20.05
N PHE P 11 23.64 9.17 19.32
CA PHE P 11 23.67 9.10 17.86
C PHE P 11 24.29 10.35 17.25
N LEU P 12 25.33 10.13 16.43
CA LEU P 12 26.12 11.16 15.75
C LEU P 12 26.85 12.09 16.70
N GLY P 13 26.97 11.74 17.98
CA GLY P 13 27.68 12.61 18.90
C GLY P 13 29.13 12.81 18.52
N ALA P 14 29.74 11.81 17.89
CA ALA P 14 31.13 11.84 17.47
C ALA P 14 31.33 12.47 16.09
N ALA P 15 30.28 13.00 15.46
CA ALA P 15 30.39 13.51 14.10
C ALA P 15 31.48 14.57 13.96
N GLY P 16 31.68 15.39 14.98
CA GLY P 16 32.70 16.43 14.94
C GLY P 16 34.03 16.01 15.55
N SER P 17 34.13 14.77 16.00
CA SER P 17 35.32 14.25 16.65
C SER P 17 36.31 13.76 15.59
N THR P 18 37.51 13.46 16.04
CA THR P 18 38.51 13.00 15.09
C THR P 18 38.15 11.59 14.64
N MET P 19 38.75 11.17 13.53
CA MET P 19 38.45 9.85 12.98
C MET P 19 38.75 8.75 13.99
N GLY P 20 39.84 8.90 14.75
CA GLY P 20 40.17 7.88 15.73
C GLY P 20 39.13 7.74 16.83
N ALA P 21 38.75 8.85 17.47
CA ALA P 21 37.79 8.78 18.57
C ALA P 21 36.43 8.25 18.11
N ALA P 22 36.02 8.62 16.90
CA ALA P 22 34.70 8.21 16.45
C ALA P 22 34.61 6.72 16.17
N SER P 23 35.75 6.03 16.08
CA SER P 23 35.64 4.61 15.79
C SER P 23 35.10 3.86 16.99
N MET P 24 35.10 4.48 18.18
CA MET P 24 34.59 3.78 19.35
C MET P 24 33.08 3.91 19.48
N THR P 25 32.40 4.61 18.55
CA THR P 25 30.95 4.75 18.61
C THR P 25 30.28 4.13 17.38
N LEU P 26 30.97 3.25 16.67
CA LEU P 26 30.42 2.66 15.46
C LEU P 26 29.13 1.89 15.72
N THR P 27 28.98 1.30 16.91
CA THR P 27 27.76 0.56 17.18
C THR P 27 26.56 1.46 17.37
N VAL P 28 26.77 2.71 17.80
CA VAL P 28 25.62 3.57 18.08
C VAL P 28 24.93 3.95 16.80
N GLN P 29 25.71 4.34 15.80
CA GLN P 29 25.09 4.72 14.54
C GLN P 29 24.50 3.49 13.89
N ALA P 30 25.19 2.34 14.04
CA ALA P 30 24.67 1.13 13.41
C ALA P 30 23.30 0.80 13.96
N ARG P 31 23.09 0.98 15.27
CA ARG P 31 21.79 0.64 15.83
C ARG P 31 20.71 1.54 15.29
N ASN P 32 21.06 2.79 14.95
CA ASN P 32 20.08 3.75 14.48
C ASN P 32 19.90 3.69 12.97
N LEU P 33 20.51 2.72 12.28
CA LEU P 33 20.30 2.61 10.84
C LEU P 33 19.01 1.87 10.52
N LEU P 34 18.62 0.94 11.37
CA LEU P 34 17.45 0.09 11.15
C LEU P 34 16.25 0.53 11.97
N SER P 35 16.49 0.91 13.23
CA SER P 35 15.51 1.36 14.23
C SER P 35 14.02 1.36 13.86
N GLY P 61 -0.88 6.88 3.29
CA GLY P 61 -0.03 5.97 4.05
C GLY P 61 0.90 5.13 3.19
N ILE P 62 0.63 5.08 1.88
CA ILE P 62 1.43 4.25 0.99
C ILE P 62 2.86 4.78 0.87
N LYS P 63 3.03 6.10 0.91
CA LYS P 63 4.38 6.67 0.80
C LYS P 63 5.24 6.30 2.00
N GLN P 64 4.63 6.22 3.18
CA GLN P 64 5.40 5.87 4.37
C GLN P 64 5.83 4.41 4.30
N LEU P 65 4.98 3.55 3.76
CA LEU P 65 5.34 2.15 3.64
C LEU P 65 6.44 2.01 2.61
N GLN P 66 6.38 2.80 1.52
CA GLN P 66 7.45 2.76 0.53
C GLN P 66 8.76 3.20 1.14
N ALA P 67 8.71 4.22 2.01
CA ALA P 67 9.92 4.70 2.66
C ALA P 67 10.53 3.61 3.54
N ARG P 68 9.69 2.87 4.26
CA ARG P 68 10.23 1.80 5.10
C ARG P 68 10.85 0.69 4.24
N VAL P 69 10.21 0.38 3.11
CA VAL P 69 10.74 -0.67 2.23
C VAL P 69 12.08 -0.22 1.66
N LEU P 70 12.19 1.04 1.25
CA LEU P 70 13.45 1.51 0.69
C LEU P 70 14.54 1.53 1.76
N ALA P 71 14.19 1.86 3.00
CA ALA P 71 15.19 1.83 4.07
C ALA P 71 15.71 0.42 4.25
N VAL P 72 14.82 -0.58 4.16
CA VAL P 72 15.24 -1.96 4.29
C VAL P 72 16.14 -2.35 3.11
N GLU P 73 15.78 -1.95 1.90
CA GLU P 73 16.62 -2.30 0.75
C GLU P 73 18.00 -1.66 0.88
N HIS P 74 18.07 -0.42 1.34
CA HIS P 74 19.37 0.23 1.49
C HIS P 74 20.22 -0.54 2.49
N TYR P 75 19.63 -0.87 3.65
CA TYR P 75 20.37 -1.60 4.68
C TYR P 75 20.90 -2.90 4.11
N LEU P 76 20.04 -3.64 3.39
CA LEU P 76 20.48 -4.91 2.84
C LEU P 76 21.57 -4.71 1.79
N ARG P 77 21.52 -3.61 1.01
CA ARG P 77 22.57 -3.40 0.02
C ARG P 77 23.91 -3.21 0.71
N ASP P 78 23.90 -2.48 1.83
CA ASP P 78 25.16 -2.30 2.55
C ASP P 78 25.64 -3.61 3.15
N GLN P 79 24.72 -4.43 3.67
CA GLN P 79 25.14 -5.69 4.25
C GLN P 79 25.65 -6.65 3.18
N GLN P 80 25.03 -6.63 1.99
CA GLN P 80 25.49 -7.49 0.91
C GLN P 80 26.88 -7.07 0.48
N LEU P 81 27.11 -5.76 0.46
CA LEU P 81 28.41 -5.27 0.02
C LEU P 81 29.48 -5.69 1.01
N LEU P 82 29.18 -5.61 2.32
CA LEU P 82 30.15 -6.07 3.30
C LEU P 82 30.37 -7.58 3.18
N GLY P 83 29.33 -8.32 2.83
CA GLY P 83 29.47 -9.76 2.63
C GLY P 83 30.41 -10.09 1.48
N ILE P 84 30.23 -9.40 0.36
CA ILE P 84 31.04 -9.65 -0.83
C ILE P 84 32.52 -9.40 -0.53
N TRP P 85 32.81 -8.37 0.25
CA TRP P 85 34.20 -8.04 0.58
C TRP P 85 34.83 -9.00 1.56
N GLY P 86 34.07 -9.94 2.13
CA GLY P 86 34.62 -10.86 3.11
C GLY P 86 34.64 -10.36 4.54
N CYS P 87 33.84 -9.34 4.86
CA CYS P 87 33.79 -8.76 6.20
C CYS P 87 32.64 -9.34 7.01
N SER P 88 31.46 -9.46 6.40
CA SER P 88 30.25 -10.01 7.02
C SER P 88 29.94 -9.23 8.31
N GLY P 89 29.67 -9.90 9.42
CA GLY P 89 29.28 -9.24 10.65
C GLY P 89 30.37 -8.58 11.45
N LYS P 90 31.06 -7.61 10.86
CA LYS P 90 32.12 -6.88 11.53
C LYS P 90 31.93 -5.40 11.28
N LEU P 91 32.28 -4.59 12.28
CA LEU P 91 32.26 -3.14 12.12
C LEU P 91 33.60 -2.59 11.71
N ILE P 92 34.69 -3.27 12.07
CA ILE P 92 36.04 -2.91 11.69
C ILE P 92 36.56 -4.13 10.96
N CYS P 93 36.96 -3.95 9.70
CA CYS P 93 37.40 -5.06 8.87
C CYS P 93 38.68 -4.70 8.12
N CYS P 94 39.77 -5.41 8.42
CA CYS P 94 41.03 -5.19 7.75
C CYS P 94 41.03 -6.01 6.46
N THR P 95 41.68 -5.48 5.43
CA THR P 95 41.72 -6.16 4.13
C THR P 95 43.15 -6.28 3.62
N ASN P 96 43.28 -6.89 2.44
CA ASN P 96 44.54 -7.09 1.73
C ASN P 96 44.76 -6.13 0.58
N VAL P 97 43.97 -5.06 0.45
CA VAL P 97 44.14 -4.10 -0.63
C VAL P 97 45.10 -3.01 -0.16
N PRO P 98 46.24 -2.80 -0.85
CA PRO P 98 47.18 -1.76 -0.41
C PRO P 98 46.62 -0.39 -0.71
N TRP P 99 47.07 0.60 0.04
CA TRP P 99 46.68 1.98 -0.24
C TRP P 99 47.52 2.48 -1.41
N ASN P 100 46.84 3.09 -2.38
CA ASN P 100 47.47 3.51 -3.63
C ASN P 100 48.42 4.69 -3.43
N SER P 101 48.14 5.54 -2.45
CA SER P 101 48.86 6.78 -2.12
C SER P 101 48.44 7.92 -3.03
N SER P 102 47.77 7.63 -4.15
CA SER P 102 47.25 8.68 -5.02
C SER P 102 45.88 9.12 -4.54
N TRP P 103 45.18 8.20 -3.88
CA TRP P 103 43.84 8.48 -3.35
C TRP P 103 43.92 9.54 -2.27
N SER P 104 44.93 9.44 -1.42
CA SER P 104 45.23 10.38 -0.36
C SER P 104 46.68 10.16 0.01
N ASN P 105 47.44 11.26 0.17
CA ASN P 105 48.84 11.19 0.54
C ASN P 105 49.12 11.80 1.91
N ARG P 106 48.12 11.83 2.79
CA ARG P 106 48.29 12.34 4.13
C ARG P 106 48.99 11.32 5.02
N ASN P 107 49.58 11.82 6.10
CA ASN P 107 50.21 10.93 7.07
C ASN P 107 49.13 10.17 7.82
N LEU P 108 49.50 9.00 8.34
CA LEU P 108 48.53 8.18 9.06
C LEU P 108 48.04 8.90 10.31
N SER P 109 48.95 9.52 11.04
CA SER P 109 48.53 10.24 12.23
C SER P 109 47.75 11.49 11.88
N GLU P 110 48.09 12.12 10.74
CA GLU P 110 47.36 13.31 10.35
C GLU P 110 45.90 12.97 10.07
N ILE P 111 45.66 11.87 9.36
CA ILE P 111 44.30 11.47 9.02
C ILE P 111 43.53 11.10 10.28
N TRP P 112 44.13 10.27 11.14
CA TRP P 112 43.35 9.79 12.28
C TRP P 112 43.24 10.79 13.43
N ASP P 113 44.20 11.69 13.62
CA ASP P 113 44.12 12.66 14.72
C ASP P 113 43.63 14.05 14.35
N ASN P 114 43.78 14.53 13.10
CA ASN P 114 43.42 15.90 12.76
C ASN P 114 42.28 16.05 11.74
N MET P 115 41.49 15.00 11.50
CA MET P 115 40.38 15.10 10.56
C MET P 115 39.14 14.42 11.12
N THR P 116 37.97 14.90 10.67
CA THR P 116 36.71 14.27 10.99
C THR P 116 36.32 13.36 9.83
N TRP P 117 35.32 12.50 10.06
CA TRP P 117 34.90 11.60 8.99
C TRP P 117 34.21 12.34 7.85
N LEU P 118 33.56 13.47 8.12
CA LEU P 118 32.91 14.22 7.04
C LEU P 118 33.94 14.77 6.07
N GLN P 119 35.04 15.27 6.62
CA GLN P 119 36.11 15.83 5.79
C GLN P 119 36.76 14.72 4.98
N TRP P 120 36.99 13.57 5.63
CA TRP P 120 37.60 12.46 4.94
C TRP P 120 36.73 11.97 3.80
N ASP P 121 35.42 11.83 4.06
CA ASP P 121 34.53 11.35 3.01
C ASP P 121 34.57 12.29 1.82
N LYS P 122 34.60 13.60 2.06
CA LYS P 122 34.71 14.50 0.91
C LYS P 122 36.06 14.34 0.21
N GLU P 123 37.13 14.22 0.99
CA GLU P 123 38.48 14.15 0.43
C GLU P 123 38.68 13.00 -0.54
N ILE P 124 38.10 11.82 -0.29
CA ILE P 124 38.29 10.67 -1.17
C ILE P 124 37.01 10.25 -1.89
N SER P 125 36.04 11.14 -2.05
CA SER P 125 34.80 10.76 -2.73
C SER P 125 35.05 10.21 -4.13
N ASN P 126 35.97 10.84 -4.87
CA ASN P 126 36.18 10.45 -6.26
C ASN P 126 36.81 9.09 -6.43
N TYR P 127 37.33 8.47 -5.38
CA TYR P 127 37.98 7.18 -5.47
C TYR P 127 37.16 6.07 -4.84
N THR P 128 35.94 6.37 -4.39
CA THR P 128 35.16 5.37 -3.67
C THR P 128 34.90 4.13 -4.52
N GLN P 129 34.53 4.32 -5.78
CA GLN P 129 34.18 3.14 -6.57
C GLN P 129 35.42 2.35 -6.92
N ILE P 130 36.56 3.01 -7.04
CA ILE P 130 37.78 2.29 -7.36
C ILE P 130 38.12 1.37 -6.21
N ILE P 131 38.02 1.91 -4.99
CA ILE P 131 38.36 1.10 -3.83
C ILE P 131 37.41 -0.07 -3.74
N TYR P 132 36.12 0.17 -3.96
CA TYR P 132 35.17 -0.92 -3.85
C TYR P 132 35.47 -2.03 -4.84
N GLY P 133 35.83 -1.65 -6.07
CA GLY P 133 36.14 -2.67 -7.05
C GLY P 133 37.32 -3.52 -6.63
N LEU P 134 38.35 -2.89 -6.07
CA LEU P 134 39.51 -3.65 -5.66
C LEU P 134 39.17 -4.60 -4.53
N LEU P 135 38.31 -4.15 -3.61
CA LEU P 135 37.97 -5.00 -2.49
C LEU P 135 37.26 -6.26 -2.96
N GLU P 136 36.36 -6.11 -3.95
CA GLU P 136 35.66 -7.27 -4.45
C GLU P 136 36.63 -8.26 -5.08
N GLU P 137 37.59 -7.76 -5.85
CA GLU P 137 38.50 -8.67 -6.51
C GLU P 137 39.36 -9.38 -5.50
N SER P 138 39.77 -8.67 -4.45
CA SER P 138 40.63 -9.31 -3.45
C SER P 138 39.92 -10.48 -2.81
N GLN P 139 38.65 -10.31 -2.45
CA GLN P 139 37.97 -11.42 -1.80
C GLN P 139 37.79 -12.59 -2.74
N ASN P 140 37.55 -12.33 -4.03
CA ASN P 140 37.38 -13.46 -4.94
C ASN P 140 38.63 -14.31 -4.99
N GLN P 141 39.80 -13.67 -5.00
CA GLN P 141 41.02 -14.48 -5.05
C GLN P 141 41.21 -15.24 -3.75
N GLN P 142 40.87 -14.60 -2.63
CA GLN P 142 41.02 -15.27 -1.36
C GLN P 142 40.13 -16.49 -1.29
N GLU P 143 38.89 -16.38 -1.79
CA GLU P 143 38.01 -17.53 -1.69
C GLU P 143 38.55 -18.70 -2.51
N LYS P 144 39.09 -18.42 -3.69
CA LYS P 144 39.61 -19.52 -4.48
C LYS P 144 40.82 -20.13 -3.80
N ASN P 145 41.67 -19.30 -3.21
CA ASN P 145 42.84 -19.87 -2.57
C ASN P 145 42.45 -20.70 -1.37
N GLU P 146 41.41 -20.26 -0.64
CA GLU P 146 41.02 -21.04 0.52
C GLU P 146 40.46 -22.38 0.06
N GLN P 147 39.69 -22.37 -1.02
CA GLN P 147 39.12 -23.62 -1.49
C GLN P 147 40.22 -24.56 -1.91
N ASP P 148 41.25 -24.02 -2.56
CA ASP P 148 42.30 -24.91 -3.03
C ASP P 148 43.15 -25.35 -1.88
N LEU P 149 43.26 -24.51 -0.84
CA LEU P 149 44.03 -24.95 0.31
C LEU P 149 43.29 -26.08 1.02
N LEU P 150 41.95 -25.96 1.11
CA LEU P 150 41.14 -27.00 1.72
C LEU P 150 41.18 -28.31 0.94
N ALA P 151 41.31 -28.23 -0.38
CA ALA P 151 41.35 -29.43 -1.21
C ALA P 151 42.56 -30.32 -0.95
N LEU P 152 43.62 -29.81 -0.32
CA LEU P 152 44.78 -30.65 -0.08
C LEU P 152 44.44 -31.70 0.97
N ASP P 153 44.75 -32.95 0.66
CA ASP P 153 44.46 -34.05 1.57
C ASP P 153 45.31 -33.94 2.83
N VAL Q 2 -29.83 68.14 31.37
CA VAL Q 2 -29.62 68.60 30.00
C VAL Q 2 -30.44 69.87 29.77
N THR Q 3 -29.78 71.02 29.90
CA THR Q 3 -30.38 72.33 29.69
C THR Q 3 -29.64 73.08 28.59
N LEU Q 4 -30.42 73.69 27.71
CA LEU Q 4 -29.91 74.52 26.62
C LEU Q 4 -30.56 75.89 26.73
N LYS Q 5 -29.79 76.96 26.51
CA LYS Q 5 -30.34 78.30 26.57
C LYS Q 5 -29.88 79.18 25.42
N GLU Q 6 -30.85 79.67 24.64
CA GLU Q 6 -30.62 80.55 23.50
C GLU Q 6 -30.51 82.00 23.92
N SER Q 7 -29.76 82.77 23.15
CA SER Q 7 -29.68 84.21 23.32
C SER Q 7 -29.43 84.86 21.96
N GLY Q 8 -30.06 86.00 21.72
CA GLY Q 8 -29.90 86.74 20.50
C GLY Q 8 -30.75 87.99 20.45
N PRO Q 9 -30.64 88.75 19.36
CA PRO Q 9 -31.42 89.99 19.25
C PRO Q 9 -32.90 89.71 19.08
N ALA Q 10 -33.73 90.59 19.64
CA ALA Q 10 -35.18 90.51 19.45
C ALA Q 10 -35.63 91.20 18.17
N LEU Q 11 -34.94 92.27 17.76
CA LEU Q 11 -35.31 93.08 16.60
C LEU Q 11 -34.16 93.05 15.60
N VAL Q 12 -34.48 92.66 14.37
CA VAL Q 12 -33.51 92.55 13.29
C VAL Q 12 -33.95 93.45 12.14
N LYS Q 13 -33.02 94.23 11.60
CA LYS Q 13 -33.32 95.09 10.47
C LYS Q 13 -33.22 94.27 9.17
N PRO Q 14 -33.96 94.63 8.12
CA PRO Q 14 -33.79 93.93 6.84
C PRO Q 14 -32.33 93.98 6.39
N THR Q 15 -31.84 92.87 5.87
CA THR Q 15 -30.48 92.63 5.38
C THR Q 15 -29.49 92.43 6.53
N GLN Q 16 -29.89 92.60 7.78
CA GLN Q 16 -29.01 92.40 8.92
C GLN Q 16 -28.71 90.93 9.11
N THR Q 17 -27.50 90.63 9.55
CA THR Q 17 -27.15 89.26 9.92
C THR Q 17 -27.66 88.97 11.32
N LEU Q 18 -28.34 87.84 11.49
CA LEU Q 18 -28.81 87.38 12.79
C LEU Q 18 -27.73 86.50 13.40
N THR Q 19 -27.43 86.70 14.68
CA THR Q 19 -26.53 85.83 15.42
C THR Q 19 -27.25 85.29 16.65
N LEU Q 20 -27.28 83.97 16.79
CA LEU Q 20 -27.88 83.26 17.92
C LEU Q 20 -26.82 82.40 18.60
N THR Q 21 -26.74 82.50 19.93
CA THR Q 21 -25.80 81.72 20.72
C THR Q 21 -26.58 80.82 21.67
N CYS Q 22 -26.24 79.53 21.67
CA CYS Q 22 -26.86 78.55 22.58
C CYS Q 22 -25.80 78.01 23.54
N THR Q 23 -26.07 78.18 24.83
CA THR Q 23 -25.21 77.74 25.91
C THR Q 23 -25.70 76.39 26.43
N PHE Q 24 -24.78 75.46 26.68
CA PHE Q 24 -25.12 74.11 27.14
C PHE Q 24 -24.84 74.01 28.63
N SER Q 25 -25.67 73.21 29.31
CA SER Q 25 -25.45 72.87 30.71
C SER Q 25 -25.85 71.41 30.88
N GLY Q 26 -24.97 70.63 31.51
CA GLY Q 26 -25.20 69.22 31.72
C GLY Q 26 -24.54 68.31 30.71
N PHE Q 27 -24.01 68.87 29.61
CA PHE Q 27 -23.35 68.10 28.58
C PHE Q 27 -22.34 69.02 27.91
N SER Q 28 -21.42 68.42 27.16
CA SER Q 28 -20.45 69.20 26.41
C SER Q 28 -20.06 68.43 25.16
N LEU Q 29 -19.66 69.18 24.14
CA LEU Q 29 -19.26 68.65 22.85
C LEU Q 29 -17.77 68.31 22.88
N SER Q 30 -17.39 67.34 22.06
CA SER Q 30 -16.02 66.85 21.92
C SER Q 30 -15.57 66.10 23.17
N THR Q 31 -16.49 65.75 24.07
CA THR Q 31 -16.21 64.98 25.27
C THR Q 31 -17.16 63.78 25.21
N ASN Q 32 -18.46 64.07 25.20
CA ASN Q 32 -19.50 63.06 25.04
C ASN Q 32 -19.77 62.94 23.54
N TYR Q 33 -20.72 62.07 23.16
CA TYR Q 33 -21.01 61.83 21.75
C TYR Q 33 -22.30 62.49 21.28
N MET Q 34 -22.77 63.51 22.00
CA MET Q 34 -24.01 64.21 21.71
C MET Q 34 -23.72 65.36 20.76
N GLY Q 35 -24.68 65.68 19.89
CA GLY Q 35 -24.58 66.83 19.02
C GLY Q 35 -25.60 67.88 19.38
N VAL Q 36 -25.61 68.97 18.61
CA VAL Q 36 -26.57 70.06 18.78
C VAL Q 36 -26.98 70.57 17.42
N ASP Q 37 -28.25 70.96 17.28
CA ASP Q 37 -28.70 71.58 16.04
C ASP Q 37 -29.62 72.76 16.35
N TRP Q 38 -30.05 73.42 15.29
CA TRP Q 38 -30.95 74.56 15.33
C TRP Q 38 -32.13 74.33 14.41
N ILE Q 39 -33.29 74.74 14.92
CA ILE Q 39 -34.59 74.65 14.27
C ILE Q 39 -35.28 76.00 14.43
N ARG Q 40 -36.06 76.40 13.44
CA ARG Q 40 -36.87 77.62 13.55
C ARG Q 40 -38.32 77.27 13.27
N GLN Q 41 -39.22 78.06 13.87
CA GLN Q 41 -40.66 77.93 13.68
C GLN Q 41 -41.34 79.27 13.44
N PRO Q 42 -41.59 79.65 12.19
CA PRO Q 42 -42.28 80.92 11.95
C PRO Q 42 -43.64 80.90 12.63
N PRO Q 43 -44.16 82.05 13.06
CA PRO Q 43 -45.47 82.03 13.75
C PRO Q 43 -46.59 81.39 12.94
N GLY Q 44 -47.27 80.43 13.57
CA GLY Q 44 -48.39 79.73 13.00
C GLY Q 44 -48.04 78.65 12.00
N LYS Q 45 -46.75 78.38 11.80
CA LYS Q 45 -46.24 77.43 10.83
C LYS Q 45 -45.55 76.26 11.51
N ALA Q 46 -45.34 75.19 10.75
CA ALA Q 46 -44.62 74.01 11.21
C ALA Q 46 -43.14 74.30 11.38
N LEU Q 47 -42.47 73.44 12.15
CA LEU Q 47 -41.06 73.60 12.43
C LEU Q 47 -40.22 73.39 11.17
N GLU Q 48 -39.22 74.25 10.99
CA GLU Q 48 -38.27 74.16 9.88
C GLU Q 48 -36.88 73.90 10.44
N TRP Q 49 -36.26 72.81 9.99
CA TRP Q 49 -34.92 72.48 10.44
C TRP Q 49 -33.91 73.40 9.77
N LEU Q 50 -32.95 73.89 10.55
CA LEU Q 50 -31.93 74.77 9.98
C LEU Q 50 -30.62 74.04 9.75
N ALA Q 51 -29.98 73.58 10.83
CA ALA Q 51 -28.67 72.95 10.62
C ALA Q 51 -28.21 72.22 11.89
N ARG Q 52 -27.26 71.29 11.72
CA ARG Q 52 -26.76 70.48 12.83
C ARG Q 52 -25.23 70.38 12.85
N ILE Q 53 -24.68 70.34 14.07
CA ILE Q 53 -23.28 70.06 14.35
C ILE Q 53 -23.18 68.84 15.25
N TYR Q 54 -22.32 67.89 14.87
CA TYR Q 54 -22.09 66.69 15.65
C TYR Q 54 -20.85 66.85 16.53
N TRP Q 55 -20.78 65.96 17.52
CA TRP Q 55 -19.68 65.87 18.49
C TRP Q 55 -18.30 65.75 17.84
N ASN Q 56 -18.25 65.30 16.58
CA ASN Q 56 -17.02 65.05 15.84
C ASN Q 56 -16.70 66.15 14.81
N ASP Q 57 -17.25 67.35 15.00
CA ASP Q 57 -17.05 68.55 14.18
C ASP Q 57 -17.70 68.40 12.79
N ASP Q 58 -18.50 67.36 12.56
CA ASP Q 58 -19.25 67.33 11.31
C ASP Q 58 -20.29 68.44 11.34
N LYS Q 59 -20.52 69.07 10.19
CA LYS Q 59 -21.50 70.14 10.03
C LYS Q 59 -22.42 69.90 8.85
N TYR Q 60 -23.73 70.02 9.06
CA TYR Q 60 -24.72 69.83 8.00
C TYR Q 60 -25.70 70.99 8.01
N TYR Q 61 -26.16 71.36 6.82
CA TYR Q 61 -27.07 72.50 6.63
C TYR Q 61 -28.28 72.08 5.81
N SER Q 62 -29.39 72.78 6.04
CA SER Q 62 -30.56 72.62 5.19
C SER Q 62 -30.24 73.09 3.78
N THR Q 63 -30.80 72.41 2.78
CA THR Q 63 -30.52 72.76 1.39
C THR Q 63 -31.11 74.10 1.00
N SER Q 64 -32.08 74.61 1.76
CA SER Q 64 -32.71 75.89 1.48
C SER Q 64 -31.89 77.09 1.98
N LEU Q 65 -30.95 76.87 2.90
CA LEU Q 65 -30.20 77.95 3.53
C LEU Q 65 -28.69 77.81 3.38
N LYS Q 66 -28.21 76.97 2.45
CA LYS Q 66 -26.78 76.74 2.32
C LYS Q 66 -26.00 78.03 2.02
N SER Q 67 -26.59 78.94 1.27
CA SER Q 67 -25.92 80.20 0.92
C SER Q 67 -25.99 81.27 2.01
N ARG Q 68 -26.83 81.09 3.02
CA ARG Q 68 -27.05 82.08 4.07
C ARG Q 68 -26.66 81.66 5.48
N LEU Q 69 -26.73 80.37 5.81
CA LEU Q 69 -26.55 79.90 7.17
C LEU Q 69 -25.15 79.38 7.44
N THR Q 70 -24.54 79.84 8.54
CA THR Q 70 -23.22 79.38 9.00
C THR Q 70 -23.31 79.05 10.49
N ILE Q 71 -22.69 77.94 10.89
CA ILE Q 71 -22.63 77.55 12.31
C ILE Q 71 -21.19 77.27 12.71
N SER Q 72 -20.90 77.48 13.99
CA SER Q 72 -19.59 77.22 14.55
C SER Q 72 -19.77 76.77 15.99
N LYS Q 73 -18.73 76.15 16.53
CA LYS Q 73 -18.73 75.62 17.89
C LYS Q 73 -17.51 76.09 18.64
N ASP Q 74 -17.66 76.34 19.94
CA ASP Q 74 -16.51 76.66 20.78
C ASP Q 74 -16.71 75.89 22.10
N THR Q 75 -15.88 74.86 22.29
CA THR Q 75 -15.99 73.94 23.41
C THR Q 75 -15.34 74.46 24.70
N SER Q 76 -14.64 75.59 24.64
CA SER Q 76 -14.05 76.18 25.85
C SER Q 76 -15.08 77.04 26.57
N LYS Q 77 -16.04 77.56 25.82
CA LYS Q 77 -17.17 78.37 26.28
C LYS Q 77 -18.39 77.52 26.51
N ASN Q 78 -18.44 76.30 25.94
CA ASN Q 78 -19.62 75.46 25.98
C ASN Q 78 -20.73 76.22 25.28
N GLN Q 79 -20.38 76.72 24.10
CA GLN Q 79 -21.30 77.47 23.25
C GLN Q 79 -21.31 77.02 21.78
N VAL Q 80 -22.47 77.19 21.15
CA VAL Q 80 -22.66 77.03 19.71
C VAL Q 80 -23.25 78.33 19.13
N VAL Q 81 -22.74 78.77 17.97
CA VAL Q 81 -23.21 80.01 17.31
C VAL Q 81 -23.78 79.69 15.95
N LEU Q 82 -24.96 80.22 15.70
CA LEU Q 82 -25.69 80.15 14.44
C LEU Q 82 -25.71 81.57 13.91
N THR Q 83 -25.41 81.74 12.63
CA THR Q 83 -25.54 83.05 12.00
C THR Q 83 -26.31 82.85 10.70
N MET Q 84 -27.08 83.88 10.36
CA MET Q 84 -27.80 83.91 9.09
C MET Q 84 -27.70 85.27 8.43
N SER Q 85 -27.21 85.29 7.19
CA SER Q 85 -27.10 86.52 6.43
C SER Q 85 -28.44 86.89 5.79
N ASN Q 86 -28.55 88.15 5.37
CA ASN Q 86 -29.68 88.64 4.58
C ASN Q 86 -31.04 88.33 5.24
N MET Q 87 -31.17 88.67 6.52
CA MET Q 87 -32.44 88.40 7.17
C MET Q 87 -33.57 89.16 6.47
N ASP Q 88 -34.68 88.47 6.23
CA ASP Q 88 -35.87 88.96 5.55
C ASP Q 88 -37.09 88.95 6.47
N PRO Q 89 -38.09 89.82 6.24
CA PRO Q 89 -39.34 89.72 7.03
C PRO Q 89 -39.95 88.32 7.05
N VAL Q 90 -39.74 87.52 6.01
CA VAL Q 90 -40.26 86.16 5.99
C VAL Q 90 -39.56 85.26 7.01
N ASP Q 91 -38.42 85.71 7.55
CA ASP Q 91 -37.64 84.93 8.48
C ASP Q 91 -38.03 85.17 9.94
N THR Q 92 -39.12 85.89 10.19
CA THR Q 92 -39.58 86.05 11.56
C THR Q 92 -39.93 84.67 12.10
N ALA Q 93 -39.37 84.32 13.26
CA ALA Q 93 -39.66 82.99 13.79
C ALA Q 93 -39.15 82.87 15.20
N THR Q 94 -39.66 81.86 15.90
CA THR Q 94 -39.05 81.48 17.16
C THR Q 94 -37.91 80.53 16.79
N TYR Q 95 -36.72 80.81 17.30
CA TYR Q 95 -35.53 80.03 17.03
C TYR Q 95 -35.18 79.21 18.26
N TYR Q 96 -34.88 77.92 18.05
CA TYR Q 96 -34.55 76.99 19.11
C TYR Q 96 -33.26 76.27 18.76
N CYS Q 97 -32.52 75.93 19.81
CA CYS Q 97 -31.39 75.01 19.74
C CYS Q 97 -31.84 73.76 20.46
N ALA Q 98 -31.33 72.61 20.04
CA ALA Q 98 -31.67 71.38 20.73
C ALA Q 98 -30.53 70.38 20.64
N ARG Q 99 -30.51 69.48 21.61
CA ARG Q 99 -29.49 68.45 21.71
C ARG Q 99 -29.87 67.26 20.86
N VAL Q 100 -28.94 66.80 20.03
CA VAL Q 100 -29.14 65.65 19.18
C VAL Q 100 -28.53 64.48 19.93
N LYS Q 101 -29.37 63.63 20.53
CA LYS Q 101 -28.88 62.54 21.35
C LYS Q 101 -28.73 61.33 20.44
N LEU Q 102 -27.57 60.67 20.51
CA LEU Q 102 -27.29 59.48 19.72
C LEU Q 102 -27.13 58.28 20.63
N SER Q 103 -27.77 57.17 20.26
CA SER Q 103 -27.66 55.92 21.00
C SER Q 103 -26.55 55.12 20.34
N VAL Q 104 -25.47 54.89 21.07
CA VAL Q 104 -24.29 54.22 20.57
C VAL Q 104 -24.23 52.82 21.15
N TRP Q 105 -24.14 51.80 20.27
CA TRP Q 105 -24.08 50.42 20.70
C TRP Q 105 -22.78 49.73 20.33
N GLY Q 106 -22.08 50.18 19.28
CA GLY Q 106 -20.88 49.54 18.80
C GLY Q 106 -19.72 50.51 18.68
N VAL Q 107 -18.90 50.26 17.67
CA VAL Q 107 -17.68 51.02 17.43
C VAL Q 107 -18.02 52.33 16.72
N LEU Q 108 -17.55 53.45 17.27
CA LEU Q 108 -17.83 54.76 16.67
C LEU Q 108 -17.18 54.88 15.30
N GLN Q 109 -16.02 54.25 15.11
CA GLN Q 109 -15.30 54.29 13.84
C GLN Q 109 -16.14 53.72 12.71
N PHE Q 110 -17.10 52.85 13.03
CA PHE Q 110 -17.94 52.18 12.05
C PHE Q 110 -19.34 52.76 11.99
N PHE Q 111 -19.56 53.93 12.61
CA PHE Q 111 -20.87 54.59 12.60
C PHE Q 111 -21.94 53.72 13.24
N GLU Q 112 -21.55 53.00 14.30
CA GLU Q 112 -22.48 52.10 14.98
C GLU Q 112 -23.30 52.86 16.02
N TRP Q 113 -24.21 53.70 15.52
CA TRP Q 113 -25.09 54.48 16.38
C TRP Q 113 -26.39 54.75 15.64
N SER Q 114 -27.37 55.24 16.39
CA SER Q 114 -28.68 55.61 15.87
C SER Q 114 -29.06 56.99 16.38
N ASP Q 115 -29.77 57.72 15.54
CA ASP Q 115 -30.27 59.05 15.88
C ASP Q 115 -31.51 58.88 16.72
N TYR Q 116 -31.41 59.25 18.00
CA TYR Q 116 -32.48 59.02 18.97
C TYR Q 116 -33.54 60.10 18.92
N GLY Q 117 -33.27 61.23 18.27
CA GLY Q 117 -34.17 62.37 18.22
C GLY Q 117 -33.74 63.46 19.17
N LEU Q 118 -34.58 64.50 19.26
CA LEU Q 118 -34.28 65.69 20.07
C LEU Q 118 -35.10 65.57 21.36
N ASP Q 119 -34.48 65.01 22.39
CA ASP Q 119 -35.19 64.79 23.64
C ASP Q 119 -35.23 66.04 24.52
N SER Q 120 -34.19 66.87 24.46
CA SER Q 120 -34.08 68.07 25.26
C SER Q 120 -33.90 69.29 24.38
N TRP Q 121 -34.81 70.25 24.49
CA TRP Q 121 -34.87 71.46 23.71
C TRP Q 121 -34.68 72.65 24.63
N GLY Q 122 -34.20 73.76 24.08
CA GLY Q 122 -34.13 74.99 24.84
C GLY Q 122 -35.48 75.68 24.78
N GLN Q 123 -35.52 76.90 25.31
CA GLN Q 123 -36.79 77.63 25.33
C GLN Q 123 -36.95 78.49 24.08
N GLY Q 124 -35.85 78.89 23.47
CA GLY Q 124 -35.87 79.66 22.26
C GLY Q 124 -35.99 81.16 22.48
N VAL Q 125 -35.80 81.88 21.38
CA VAL Q 125 -35.92 83.33 21.33
C VAL Q 125 -36.85 83.63 20.16
N VAL Q 126 -37.46 84.81 20.17
CA VAL Q 126 -38.33 85.22 19.07
C VAL Q 126 -37.60 86.31 18.33
N VAL Q 127 -37.39 86.11 17.02
CA VAL Q 127 -36.69 87.05 16.17
C VAL Q 127 -37.68 87.62 15.16
N THR Q 128 -37.82 88.95 15.17
CA THR Q 128 -38.67 89.65 14.22
C THR Q 128 -37.76 90.51 13.36
N VAL Q 129 -37.93 90.43 12.04
CA VAL Q 129 -37.07 91.16 11.12
C VAL Q 129 -37.77 92.46 10.74
N TYR R 2 -38.18 63.26 -1.60
CA TYR R 2 -38.60 62.79 -0.28
C TYR R 2 -39.33 63.93 0.44
N VAL R 3 -40.63 63.75 0.66
CA VAL R 3 -41.47 64.71 1.36
C VAL R 3 -42.29 63.98 2.42
N LEU R 4 -42.39 64.54 3.62
CA LEU R 4 -43.20 63.98 4.70
C LEU R 4 -44.56 64.68 4.68
N THR R 5 -45.62 63.89 4.46
CA THR R 5 -46.97 64.41 4.33
C THR R 5 -47.76 63.94 5.52
N GLN R 6 -48.36 64.89 6.24
CA GLN R 6 -49.16 64.67 7.43
C GLN R 6 -50.57 65.19 7.16
N PRO R 7 -51.60 64.64 7.81
CA PRO R 7 -52.92 65.26 7.67
C PRO R 7 -52.95 66.58 8.40
N PRO R 8 -53.79 67.53 7.96
CA PRO R 8 -53.86 68.80 8.71
C PRO R 8 -54.47 68.67 10.09
N SER R 9 -55.30 67.67 10.32
CA SER R 9 -55.87 67.50 11.65
C SER R 9 -56.48 66.12 11.80
N VAL R 10 -56.62 65.71 13.06
CA VAL R 10 -57.36 64.53 13.46
C VAL R 10 -58.28 64.99 14.58
N SER R 11 -59.58 64.76 14.43
CA SER R 11 -60.57 65.15 15.41
C SER R 11 -61.13 63.90 16.07
N VAL R 12 -61.03 63.82 17.40
CA VAL R 12 -61.51 62.64 18.12
C VAL R 12 -62.37 63.02 19.31
N SER R 13 -63.15 62.04 19.76
CA SER R 13 -63.94 62.15 20.96
C SER R 13 -63.03 61.94 22.16
N PRO R 14 -63.42 62.40 23.35
CA PRO R 14 -62.63 62.06 24.53
C PRO R 14 -62.53 60.55 24.68
N GLY R 15 -61.32 60.06 24.89
CA GLY R 15 -61.06 58.66 25.12
C GLY R 15 -60.91 57.81 23.88
N GLN R 16 -61.14 58.36 22.69
CA GLN R 16 -61.04 57.60 21.46
C GLN R 16 -59.60 57.68 20.99
N THR R 17 -59.15 56.64 20.29
CA THR R 17 -57.80 56.61 19.75
C THR R 17 -57.69 57.42 18.47
N ALA R 18 -56.67 58.28 18.43
CA ALA R 18 -56.33 59.08 17.27
C ALA R 18 -55.18 58.42 16.53
N ARG R 19 -55.21 58.52 15.20
CA ARG R 19 -54.18 57.98 14.32
C ARG R 19 -53.59 59.12 13.49
N ILE R 20 -52.36 59.53 13.81
CA ILE R 20 -51.69 60.62 13.11
C ILE R 20 -50.65 59.96 12.20
N THR R 21 -50.79 60.14 10.89
CA THR R 21 -49.89 59.47 9.96
C THR R 21 -48.82 60.43 9.44
N CYS R 22 -47.77 59.84 8.87
CA CYS R 22 -46.69 60.58 8.22
C CYS R 22 -46.20 59.72 7.06
N GLY R 23 -46.60 60.08 5.84
CA GLY R 23 -46.24 59.32 4.66
C GLY R 23 -45.09 59.96 3.90
N ALA R 24 -44.31 59.11 3.24
CA ALA R 24 -43.23 59.51 2.36
C ALA R 24 -42.80 58.24 1.64
N ASP R 25 -42.21 58.41 0.47
CA ASP R 25 -41.69 57.26 -0.26
C ASP R 25 -40.63 56.56 0.56
N ASN R 26 -40.83 55.26 0.79
CA ASN R 26 -39.92 54.42 1.56
C ASN R 26 -39.67 54.95 2.97
N ILE R 27 -40.72 55.47 3.63
CA ILE R 27 -40.58 55.94 5.00
C ILE R 27 -40.27 54.78 5.94
N GLY R 28 -40.69 53.56 5.59
CA GLY R 28 -40.40 52.42 6.44
C GLY R 28 -38.94 52.04 6.52
N SER R 29 -38.09 52.60 5.66
CA SER R 29 -36.67 52.33 5.67
C SER R 29 -35.88 53.31 6.55
N GLN R 30 -36.54 54.31 7.12
CA GLN R 30 -35.89 55.31 7.95
C GLN R 30 -36.65 55.42 9.28
N SER R 31 -35.93 55.82 10.32
CA SER R 31 -36.56 56.00 11.63
C SER R 31 -37.32 57.32 11.65
N VAL R 32 -38.55 57.28 12.15
CA VAL R 32 -39.41 58.46 12.25
C VAL R 32 -39.58 58.81 13.73
N HIS R 33 -39.27 60.06 14.07
CA HIS R 33 -39.42 60.58 15.41
C HIS R 33 -40.72 61.38 15.45
N TRP R 34 -41.39 61.38 16.60
CA TRP R 34 -42.61 62.17 16.76
C TRP R 34 -42.46 63.11 17.95
N TYR R 35 -42.95 64.33 17.76
CA TYR R 35 -42.90 65.41 18.74
C TYR R 35 -44.30 65.97 18.98
N GLN R 36 -44.54 66.42 20.23
CA GLN R 36 -45.81 67.01 20.68
C GLN R 36 -45.64 68.47 21.10
N GLN R 37 -46.29 69.41 20.40
CA GLN R 37 -46.22 70.83 20.72
C GLN R 37 -47.58 71.34 21.17
N LYS R 38 -47.63 71.91 22.38
CA LYS R 38 -48.87 72.43 22.94
C LYS R 38 -48.83 73.95 22.91
N SER R 39 -48.27 74.61 23.92
CA SER R 39 -48.06 76.04 23.98
C SER R 39 -46.97 76.41 22.99
N PRO R 40 -46.80 77.70 22.65
CA PRO R 40 -45.73 78.05 21.69
C PRO R 40 -44.34 77.98 22.35
N GLN R 41 -43.98 76.76 22.74
CA GLN R 41 -42.76 76.38 23.42
C GLN R 41 -42.18 75.23 22.62
N ALA R 42 -40.89 74.96 22.80
CA ALA R 42 -40.27 73.85 22.09
C ALA R 42 -41.04 72.56 22.37
N PRO R 43 -41.20 71.68 21.38
CA PRO R 43 -41.93 70.43 21.62
C PRO R 43 -41.14 69.44 22.45
N VAL R 44 -41.88 68.45 22.96
CA VAL R 44 -41.31 67.32 23.70
C VAL R 44 -41.34 66.11 22.79
N LEU R 45 -40.28 65.31 22.83
CA LEU R 45 -40.23 64.09 22.03
C LEU R 45 -41.20 63.07 22.63
N VAL R 46 -42.11 62.54 21.81
CA VAL R 46 -43.07 61.55 22.26
C VAL R 46 -42.75 60.16 21.74
N ILE R 47 -42.24 60.02 20.51
CA ILE R 47 -41.84 58.70 20.01
C ILE R 47 -40.44 58.79 19.44
N SER R 48 -39.57 57.89 19.88
CA SER R 48 -38.20 57.79 19.40
C SER R 48 -38.03 56.52 18.56
N ALA R 49 -37.59 56.70 17.32
CA ALA R 49 -37.34 55.62 16.37
C ALA R 49 -38.54 54.66 16.26
N ASP R 50 -39.71 55.26 16.01
CA ASP R 50 -40.97 54.57 15.76
C ASP R 50 -41.61 53.83 16.94
N THR R 51 -40.84 53.00 17.65
CA THR R 51 -41.38 52.15 18.71
C THR R 51 -40.96 52.49 20.15
N GLU R 52 -39.95 53.33 20.37
CA GLU R 52 -39.48 53.59 21.73
C GLU R 52 -40.21 54.79 22.32
N ARG R 53 -40.77 54.58 23.52
CA ARG R 53 -41.44 55.62 24.27
C ARG R 53 -40.45 56.26 25.23
N PRO R 54 -40.13 57.55 25.10
CA PRO R 54 -39.17 58.15 26.04
C PRO R 54 -39.72 58.11 27.46
N SER R 55 -38.83 58.02 28.43
CA SER R 55 -39.28 58.02 29.82
C SER R 55 -40.03 59.30 30.14
N GLY R 56 -41.11 59.18 30.90
CA GLY R 56 -41.90 60.32 31.28
C GLY R 56 -43.13 60.53 30.42
N ILE R 57 -43.24 59.82 29.29
CA ILE R 57 -44.36 59.93 28.37
C ILE R 57 -45.44 58.91 28.70
N PRO R 58 -46.72 59.30 28.80
CA PRO R 58 -47.78 58.33 29.11
C PRO R 58 -47.85 57.16 28.14
N GLU R 59 -48.31 56.01 28.67
CA GLU R 59 -48.42 54.75 27.93
C GLU R 59 -49.43 54.88 26.77
N ARG R 60 -50.19 55.97 26.72
CA ARG R 60 -51.14 56.22 25.65
C ARG R 60 -50.45 56.37 24.30
N PHE R 61 -49.16 56.74 24.29
CA PHE R 61 -48.39 56.98 23.08
C PHE R 61 -47.72 55.70 22.58
N SER R 62 -47.95 55.37 21.31
CA SER R 62 -47.35 54.20 20.68
C SER R 62 -47.29 54.48 19.18
N GLY R 63 -46.66 53.59 18.43
CA GLY R 63 -46.60 53.81 17.01
C GLY R 63 -45.92 52.68 16.28
N SER R 64 -45.89 52.83 14.95
CA SER R 64 -45.29 51.85 14.06
C SER R 64 -44.92 52.55 12.77
N ASN R 65 -44.16 51.84 11.92
CA ASN R 65 -43.70 52.41 10.66
C ASN R 65 -43.45 51.30 9.66
N SER R 66 -44.21 51.29 8.57
CA SER R 66 -44.06 50.24 7.58
C SER R 66 -44.45 50.75 6.18
N GLY R 67 -43.70 50.29 5.19
CA GLY R 67 -44.03 50.65 3.82
C GLY R 67 -43.93 52.14 3.59
N ASN R 68 -45.04 52.68 3.09
CA ASN R 68 -45.18 54.09 2.75
C ASN R 68 -45.85 54.90 3.85
N THR R 69 -46.15 54.29 5.01
CA THR R 69 -46.80 55.01 6.10
C THR R 69 -46.18 54.79 7.48
N ALA R 70 -45.90 55.89 8.19
CA ALA R 70 -45.52 55.84 9.59
C ALA R 70 -46.78 56.27 10.33
N THR R 71 -47.06 55.66 11.48
CA THR R 71 -48.24 56.04 12.25
C THR R 71 -47.95 56.20 13.75
N LEU R 72 -48.47 57.31 14.29
CA LEU R 72 -48.51 57.59 15.72
C LEU R 72 -49.91 57.29 16.23
N THR R 73 -50.03 56.35 17.14
CA THR R 73 -51.33 55.96 17.69
C THR R 73 -51.37 56.48 19.12
N ILE R 74 -52.38 57.30 19.42
CA ILE R 74 -52.56 57.83 20.77
C ILE R 74 -53.95 57.44 21.26
N SER R 75 -53.99 56.49 22.19
CA SER R 75 -55.21 55.96 22.75
C SER R 75 -55.61 56.85 23.92
N GLY R 76 -56.87 56.77 24.32
CA GLY R 76 -57.24 57.47 25.56
C GLY R 76 -57.10 58.98 25.51
N VAL R 77 -57.41 59.60 24.38
CA VAL R 77 -57.17 61.04 24.22
C VAL R 77 -58.07 61.82 25.17
N GLU R 78 -57.46 62.74 25.92
CA GLU R 78 -58.13 63.65 26.85
C GLU R 78 -57.86 65.08 26.41
N ALA R 79 -58.45 66.04 27.15
CA ALA R 79 -58.24 67.45 26.87
C ALA R 79 -56.77 67.83 26.99
N GLY R 80 -56.03 67.15 27.87
CA GLY R 80 -54.62 67.39 28.11
C GLY R 80 -53.67 66.84 27.08
N ASP R 81 -54.16 66.04 26.12
CA ASP R 81 -53.31 65.44 25.10
C ASP R 81 -53.31 66.19 23.78
N GLU R 82 -54.43 66.80 23.39
CA GLU R 82 -54.53 67.46 22.08
C GLU R 82 -53.39 68.45 21.89
N ALA R 83 -52.74 68.35 20.74
CA ALA R 83 -51.55 69.14 20.45
C ALA R 83 -51.28 69.06 18.96
N ASP R 84 -50.34 69.89 18.51
CA ASP R 84 -49.85 69.79 17.14
C ASP R 84 -48.69 68.81 17.16
N TYR R 85 -48.83 67.69 16.47
CA TYR R 85 -47.83 66.65 16.45
C TYR R 85 -47.06 66.70 15.15
N TYR R 86 -45.74 66.52 15.23
CA TYR R 86 -44.88 66.57 14.06
C TYR R 86 -44.06 65.30 13.94
N CYS R 87 -43.80 64.89 12.69
CA CYS R 87 -42.88 63.81 12.37
C CYS R 87 -41.58 64.41 11.85
N GLN R 88 -40.44 63.81 12.24
CA GLN R 88 -39.12 64.23 11.78
C GLN R 88 -38.29 63.01 11.42
N VAL R 89 -37.54 63.09 10.31
CA VAL R 89 -36.66 62.00 9.87
C VAL R 89 -35.30 62.57 9.49
N TRP R 90 -34.24 61.94 9.99
CA TRP R 90 -32.88 62.29 9.58
C TRP R 90 -32.50 61.37 8.43
N ASP R 91 -32.25 61.95 7.26
CA ASP R 91 -31.92 61.21 6.06
C ASP R 91 -30.40 61.20 5.87
N SER R 92 -29.80 60.07 6.28
CA SER R 92 -28.36 59.89 6.19
C SER R 92 -27.87 59.98 4.75
N ASP R 93 -28.73 59.59 3.80
CA ASP R 93 -28.30 59.56 2.39
C ASP R 93 -27.93 60.96 1.94
N SER R 94 -28.73 61.94 2.35
CA SER R 94 -28.51 63.33 2.00
C SER R 94 -27.98 64.11 3.20
N LYS R 95 -27.85 63.46 4.36
CA LYS R 95 -27.25 64.03 5.57
C LYS R 95 -27.99 65.28 6.05
N TYR R 96 -29.33 65.23 6.10
CA TYR R 96 -30.08 66.36 6.67
C TYR R 96 -31.37 65.85 7.30
N ALA R 97 -31.96 66.67 8.18
CA ALA R 97 -33.24 66.34 8.79
C ALA R 97 -34.38 66.99 7.99
N LEU R 98 -35.38 66.18 7.66
CA LEU R 98 -36.57 66.59 6.95
C LEU R 98 -37.76 66.53 7.91
N PHE R 99 -38.54 67.62 7.96
CA PHE R 99 -39.71 67.77 8.83
C PHE R 99 -41.02 67.82 8.06
N GLY R 100 -42.06 67.26 8.69
CA GLY R 100 -43.41 67.30 8.15
C GLY R 100 -44.13 68.60 8.46
N GLY R 101 -45.38 68.71 7.98
CA GLY R 101 -46.15 69.93 8.18
C GLY R 101 -46.95 70.04 9.47
N GLY R 102 -47.00 68.99 10.29
CA GLY R 102 -47.76 69.03 11.53
C GLY R 102 -49.19 68.58 11.38
N THR R 103 -49.71 67.95 12.44
CA THR R 103 -51.10 67.51 12.52
C THR R 103 -51.65 68.02 13.84
N ARG R 104 -52.79 68.72 13.78
CA ARG R 104 -53.44 69.23 14.99
C ARG R 104 -54.51 68.26 15.47
N LEU R 105 -54.41 67.84 16.73
CA LEU R 105 -55.46 67.03 17.32
C LEU R 105 -56.58 67.92 17.86
N THR R 106 -57.82 67.46 17.74
CA THR R 106 -58.98 68.13 18.33
C THR R 106 -59.80 67.11 19.11
N VAL R 107 -60.13 67.45 20.37
CA VAL R 107 -60.97 66.59 21.18
C VAL R 107 -62.42 66.86 20.78
#